data_7P60
#
_entry.id   7P60
#
_cell.length_a   1.00
_cell.length_b   1.00
_cell.length_c   1.00
_cell.angle_alpha   90.00
_cell.angle_beta   90.00
_cell.angle_gamma   90.00
#
_symmetry.space_group_name_H-M   'P 1'
#
loop_
_entity.id
_entity.type
_entity.pdbx_description
1 polymer 'Volume-regulated anion channel subunit LRRC8A'
2 polymer 'synthetic nanobody Sb4'
#
loop_
_entity_poly.entity_id
_entity_poly.type
_entity_poly.pdbx_seq_one_letter_code
_entity_poly.pdbx_strand_id
1 'polypeptide(L)'
;MIPVTELRYFADTQPAYRILKPWWDVFTDYISIVMLMIAVFGGTLQVTQDKMICLPCKWVTKDSCNDSFRGWAASSPEPT
YPNSTVLPTPDTGPTGIKYDLDRHQYNYVDAVCYENRLHWFAKYFPYLVLLHTLIFLACSNFWFKFPRTSSKLEHFVSIL
LKCFDSPWTTRALSETVVEESDPKPAFSKMNGSMDKKSSTVSEDVEATVPMLQRTKSRIEQGIVDRSETGVLDKKEGEQA
KALFEKVKKFRTHVEEGDIVYRLYMRQTIIKVIKFALIICYTVYYVHNIKFDVDCTVDIESLTGYRTYRCAHPLATLFKI
LASFYISLVIFYGLICMYTLWWMLRRSLKKYSFESIREESSYSDIPDVKNDFAFMLHLIDQYDPLYSKRFAVFLSEVSEN
KLRQLNLNNEWTLDKLRQRLTKNAQDKLELHLFMLSGIPDTVFDLVELEVLKLELIPDVTIPPSIAQLTGLKELWLYHTA
AKIEAPALAFLRENLRALHIKFTDIKEIPLWIYSLKTLEELHLTGNLSAENNRYIVIDGLRELKRLKVLRLKSNLSKLPQ
VVTDVGVHLQKLSINNEGTKLIVLNSLKKMVNLTELELIRCDLERIPHSIFSLHNLQEIDLKDNNLKTIEEIISFQHLHR
LTCLKLWYNHIAYIPIQIGNLTNLERLYLNRNKIEKIPTQLFYCRKLRYLDLSHNNLTFLPADIGLLQNLQNLAVTANRI
EALPPELFQCRKLRALHLGNNVLQSLPSRVGELTNLTQIELRGNRLECLPVELGECPLLKRSGLVVEEDLFSTLPPEVKE
RLWRADKEQA
;
A,B,C,D,E,F
2 'polypeptide(L)'
;GSSSQVQLVESGGGSVQAGGSLRLSCAASGYIYQIEYLGWFRQAPGKEREGVAALATWNGQTYYADSVKGRFTVSLDNAK
NTVYLQMNSLKPEDTALYYCAAAYEGDTSPLYYEEYGYWGQGTQVTVSAGRAGEQKLISEEDLNSAVDHHHHHH
;
G,I,H
#
# COMPACT_ATOMS: atom_id res chain seq x y z
N PRO A 15 6.26 30.95 9.79
CA PRO A 15 6.64 32.26 10.33
C PRO A 15 5.45 33.14 10.65
N ALA A 16 4.42 32.55 11.25
CA ALA A 16 3.23 33.31 11.65
C ALA A 16 3.36 33.81 13.09
N TYR A 17 4.46 34.48 13.39
CA TYR A 17 4.66 35.05 14.71
C TYR A 17 3.83 36.30 14.92
N ARG A 18 3.37 36.94 13.85
CA ARG A 18 2.61 38.18 13.91
C ARG A 18 1.24 38.01 14.55
N ILE A 19 0.79 36.77 14.74
CA ILE A 19 -0.53 36.54 15.32
C ILE A 19 -0.60 37.10 16.74
N LEU A 20 0.55 37.20 17.41
CA LEU A 20 0.62 37.83 18.72
C LEU A 20 0.75 39.34 18.66
N LYS A 21 0.82 39.90 17.45
CA LYS A 21 0.92 41.35 17.31
C LYS A 21 -0.45 41.92 17.01
N PRO A 22 -1.04 42.68 17.92
CA PRO A 22 -2.34 43.30 17.62
C PRO A 22 -2.21 44.36 16.54
N TRP A 23 -3.32 44.97 16.14
CA TRP A 23 -3.25 46.02 15.13
C TRP A 23 -2.38 47.17 15.61
N TRP A 24 -2.44 47.50 16.90
CA TRP A 24 -1.71 48.66 17.38
C TRP A 24 -0.21 48.40 17.43
N ASP A 25 0.19 47.16 17.70
CA ASP A 25 1.61 46.84 17.62
C ASP A 25 2.12 47.01 16.20
N VAL A 26 1.33 46.59 15.21
CA VAL A 26 1.73 46.77 13.81
C VAL A 26 1.82 48.25 13.47
N PHE A 27 0.84 49.03 13.93
CA PHE A 27 0.87 50.46 13.63
C PHE A 27 2.06 51.14 14.29
N THR A 28 2.40 50.75 15.52
CA THR A 28 3.59 51.29 16.16
C THR A 28 4.84 50.88 15.40
N ASP A 29 4.87 49.65 14.89
CA ASP A 29 6.01 49.22 14.10
C ASP A 29 6.18 50.09 12.86
N TYR A 30 5.09 50.34 12.13
CA TYR A 30 5.18 51.16 10.93
C TYR A 30 5.53 52.61 11.27
N ILE A 31 4.95 53.14 12.35
CA ILE A 31 5.28 54.49 12.77
C ILE A 31 6.75 54.59 13.14
N SER A 32 7.27 53.58 13.84
CA SER A 32 8.68 53.58 14.19
C SER A 32 9.55 53.46 12.94
N ILE A 33 9.10 52.72 11.93
CA ILE A 33 9.85 52.65 10.68
C ILE A 33 9.93 54.04 10.05
N VAL A 34 8.82 54.77 10.04
CA VAL A 34 8.84 56.10 9.44
C VAL A 34 9.71 57.05 10.26
N MET A 35 9.62 56.96 11.58
CA MET A 35 10.49 57.79 12.42
C MET A 35 11.95 57.49 12.16
N LEU A 36 12.28 56.21 12.02
CA LEU A 36 13.65 55.82 11.69
C LEU A 36 14.08 56.37 10.34
N MET A 37 13.18 56.33 9.36
CA MET A 37 13.49 56.86 8.04
C MET A 37 13.82 58.34 8.12
N ILE A 38 12.97 59.11 8.81
CA ILE A 38 13.24 60.55 8.88
C ILE A 38 14.46 60.81 9.75
N ALA A 39 14.74 59.96 10.73
CA ALA A 39 15.95 60.13 11.53
C ALA A 39 17.19 59.93 10.69
N VAL A 40 17.21 58.90 9.85
CA VAL A 40 18.35 58.67 8.98
C VAL A 40 18.47 59.80 7.98
N PHE A 41 17.34 60.26 7.44
CA PHE A 41 17.37 61.36 6.48
C PHE A 41 17.95 62.61 7.12
N GLY A 42 17.44 62.98 8.30
CA GLY A 42 17.97 64.16 8.97
C GLY A 42 19.42 64.00 9.36
N GLY A 43 19.80 62.80 9.80
CA GLY A 43 21.19 62.59 10.19
C GLY A 43 22.15 62.72 9.03
N THR A 44 21.82 62.09 7.91
CA THR A 44 22.70 62.18 6.75
C THR A 44 22.69 63.60 6.18
N LEU A 45 21.57 64.29 6.29
CA LEU A 45 21.52 65.68 5.83
C LEU A 45 22.41 66.56 6.70
N GLN A 46 22.32 66.38 8.02
CA GLN A 46 23.13 67.18 8.93
C GLN A 46 24.62 66.88 8.76
N VAL A 47 24.97 65.61 8.55
CA VAL A 47 26.36 65.27 8.34
C VAL A 47 26.86 65.86 7.03
N THR A 48 26.10 65.68 5.95
CA THR A 48 26.56 66.14 4.63
C THR A 48 26.63 67.65 4.58
N GLN A 49 25.59 68.34 5.02
CA GLN A 49 25.58 69.78 4.98
C GLN A 49 24.86 70.33 6.20
N ASP A 50 25.62 70.95 7.11
CA ASP A 50 25.02 71.67 8.22
C ASP A 50 25.73 72.98 8.47
N LYS A 51 26.44 73.49 7.46
CA LYS A 51 27.21 74.71 7.61
C LYS A 51 26.32 75.85 8.09
N MET A 52 26.88 76.73 8.88
CA MET A 52 26.21 77.96 9.28
C MET A 52 27.03 79.11 8.73
N ILE A 53 26.38 79.99 7.98
CA ILE A 53 27.07 81.05 7.25
C ILE A 53 27.00 82.32 8.10
N CYS A 54 28.16 82.79 8.58
CA CYS A 54 28.21 83.89 9.53
C CYS A 54 28.90 85.10 8.91
N LEU A 55 28.39 86.29 9.23
CA LEU A 55 29.00 87.54 8.86
C LEU A 55 29.05 88.47 10.06
N PRO A 56 30.11 89.25 10.20
CA PRO A 56 30.25 90.11 11.38
C PRO A 56 29.38 91.35 11.27
N CYS A 57 28.98 91.86 12.44
CA CYS A 57 28.17 93.05 12.54
C CYS A 57 29.07 94.26 12.73
N LYS A 58 29.02 95.19 11.78
CA LYS A 58 29.87 96.38 11.87
C LYS A 58 29.52 97.23 13.08
N TRP A 59 28.24 97.43 13.34
CA TRP A 59 27.79 98.25 14.45
C TRP A 59 26.92 97.40 15.36
N VAL A 60 27.33 97.28 16.62
CA VAL A 60 26.73 96.37 17.57
C VAL A 60 26.04 97.16 18.66
N THR A 61 24.76 96.88 18.89
CA THR A 61 24.00 97.45 20.01
C THR A 61 23.32 96.33 20.76
N LYS A 62 23.60 96.21 22.05
CA LYS A 62 23.02 95.17 22.89
C LYS A 62 23.35 93.78 22.36
N ASP A 63 24.58 93.61 21.87
CA ASP A 63 25.08 92.34 21.36
C ASP A 63 24.24 91.84 20.18
N SER A 64 24.05 92.70 19.20
CA SER A 64 23.37 92.34 17.96
C SER A 64 23.65 93.42 16.93
N CYS A 65 23.38 93.09 15.67
CA CYS A 65 23.51 94.07 14.60
C CYS A 65 22.57 95.25 14.86
N ASN A 66 23.13 96.47 14.75
CA ASN A 66 22.31 97.66 14.90
C ASN A 66 21.37 97.86 13.73
N ASP A 67 21.64 97.20 12.60
CA ASP A 67 20.83 97.32 11.38
C ASP A 67 20.78 98.78 10.92
N SER A 68 21.95 99.30 10.57
CA SER A 68 22.06 100.66 10.05
C SER A 68 23.30 100.80 9.16
N THR A 92 27.88 107.58 -6.39
CA THR A 92 26.95 107.71 -5.27
C THR A 92 26.17 106.41 -5.07
N GLY A 93 26.44 105.43 -5.93
CA GLY A 93 25.76 104.16 -5.87
C GLY A 93 26.23 103.32 -4.71
N PRO A 94 25.45 102.29 -4.37
CA PRO A 94 25.83 101.43 -3.25
C PRO A 94 27.07 100.62 -3.58
N THR A 95 27.79 100.23 -2.53
CA THR A 95 28.96 99.39 -2.66
C THR A 95 29.07 98.49 -1.44
N GLY A 96 29.73 97.35 -1.63
CA GLY A 96 29.84 96.40 -0.55
C GLY A 96 30.64 96.95 0.61
N ILE A 97 30.41 96.38 1.79
CA ILE A 97 31.16 96.72 2.98
C ILE A 97 32.24 95.66 3.16
N LYS A 98 33.48 96.12 3.30
CA LYS A 98 34.64 95.22 3.36
C LYS A 98 34.94 94.90 4.81
N TYR A 99 34.82 93.61 5.15
CA TYR A 99 35.14 93.18 6.51
C TYR A 99 36.60 92.83 6.69
N ASP A 100 37.36 92.68 5.60
CA ASP A 100 38.78 92.37 5.66
C ASP A 100 39.03 91.08 6.44
N LEU A 101 38.42 90.01 5.95
CA LEU A 101 38.58 88.68 6.53
C LEU A 101 38.94 87.68 5.44
N ASP A 102 39.93 86.85 5.71
CA ASP A 102 40.23 85.77 4.80
C ASP A 102 39.13 84.73 4.85
N ARG A 103 39.12 83.84 3.86
CA ARG A 103 38.11 82.79 3.83
C ARG A 103 38.21 81.90 5.05
N HIS A 104 39.43 81.55 5.44
CA HIS A 104 39.61 80.71 6.61
C HIS A 104 39.12 81.35 7.89
N GLN A 105 39.22 82.68 8.01
CA GLN A 105 38.64 83.35 9.17
C GLN A 105 37.13 83.17 9.20
N TYR A 106 36.50 83.26 8.03
CA TYR A 106 35.07 82.99 7.97
C TYR A 106 34.78 81.56 8.38
N ASN A 107 35.61 80.61 7.94
CA ASN A 107 35.39 79.22 8.34
C ASN A 107 35.51 79.06 9.85
N TYR A 108 36.49 79.72 10.45
CA TYR A 108 36.64 79.64 11.89
C TYR A 108 35.43 80.23 12.61
N VAL A 109 34.93 81.37 12.13
CA VAL A 109 33.77 81.98 12.75
C VAL A 109 32.57 81.06 12.63
N ASP A 110 32.39 80.46 11.45
CA ASP A 110 31.28 79.53 11.25
C ASP A 110 31.38 78.36 12.21
N ALA A 111 32.56 77.77 12.32
CA ALA A 111 32.74 76.62 13.19
C ALA A 111 32.47 76.97 14.64
N VAL A 112 32.98 78.13 15.09
CA VAL A 112 32.84 78.46 16.50
C VAL A 112 31.39 78.82 16.82
N CYS A 113 30.70 79.50 15.90
CA CYS A 113 29.29 79.79 16.14
C CYS A 113 28.45 78.52 16.10
N TYR A 114 28.77 77.61 15.18
CA TYR A 114 28.05 76.34 15.12
C TYR A 114 28.25 75.56 16.41
N GLU A 115 29.46 75.57 16.95
CA GLU A 115 29.73 74.86 18.19
C GLU A 115 29.01 75.51 19.36
N ASN A 116 29.06 76.83 19.45
CA ASN A 116 28.67 77.50 20.68
C ASN A 116 27.26 78.10 20.62
N ARG A 117 27.02 79.00 19.68
CA ARG A 117 25.81 79.80 19.73
C ARG A 117 24.65 79.21 18.96
N LEU A 118 24.81 78.03 18.38
CA LEU A 118 23.70 77.33 17.76
C LEU A 118 23.10 76.40 18.79
N HIS A 119 21.78 76.40 18.89
CA HIS A 119 21.12 75.62 19.93
C HIS A 119 21.35 74.13 19.71
N TRP A 120 21.64 73.42 20.80
CA TRP A 120 22.02 72.02 20.71
C TRP A 120 20.93 71.19 20.05
N PHE A 121 19.67 71.58 20.19
CA PHE A 121 18.60 70.80 19.61
C PHE A 121 18.68 70.79 18.09
N ALA A 122 18.96 71.94 17.48
CA ALA A 122 19.09 71.97 16.03
C ALA A 122 20.26 71.10 15.57
N LYS A 123 21.32 71.02 16.38
CA LYS A 123 22.47 70.22 15.99
C LYS A 123 22.17 68.72 16.09
N TYR A 124 21.54 68.31 17.18
CA TYR A 124 21.44 66.89 17.52
C TYR A 124 20.02 66.35 17.41
N PHE A 125 19.15 67.04 16.69
CA PHE A 125 17.79 66.53 16.52
C PHE A 125 17.75 65.15 15.87
N PRO A 126 18.38 64.90 14.73
CA PRO A 126 18.26 63.57 14.12
C PRO A 126 18.81 62.45 15.00
N TYR A 127 19.88 62.71 15.73
CA TYR A 127 20.44 61.67 16.58
C TYR A 127 19.51 61.35 17.74
N LEU A 128 18.88 62.37 18.32
CA LEU A 128 17.90 62.11 19.36
C LEU A 128 16.71 61.34 18.81
N VAL A 129 16.26 61.69 17.61
CA VAL A 129 15.16 60.93 17.00
C VAL A 129 15.55 59.48 16.80
N LEU A 130 16.77 59.24 16.31
CA LEU A 130 17.24 57.87 16.12
C LEU A 130 17.28 57.12 17.44
N LEU A 131 17.80 57.77 18.48
CA LEU A 131 17.90 57.12 19.78
C LEU A 131 16.53 56.77 20.33
N HIS A 132 15.58 57.70 20.23
CA HIS A 132 14.23 57.44 20.73
C HIS A 132 13.56 56.34 19.94
N THR A 133 13.75 56.32 18.62
CA THR A 133 13.16 55.26 17.82
C THR A 133 13.76 53.90 18.19
N LEU A 134 15.06 53.87 18.43
CA LEU A 134 15.67 52.61 18.87
C LEU A 134 15.11 52.18 20.22
N ILE A 135 14.91 53.11 21.14
CA ILE A 135 14.34 52.74 22.44
C ILE A 135 12.93 52.20 22.26
N PHE A 136 12.14 52.83 21.39
CA PHE A 136 10.79 52.34 21.14
C PHE A 136 10.80 50.94 20.56
N LEU A 137 11.69 50.69 19.59
CA LEU A 137 11.77 49.35 19.01
C LEU A 137 12.24 48.33 20.03
N ALA A 138 13.18 48.72 20.89
CA ALA A 138 13.62 47.83 21.95
C ALA A 138 12.49 47.48 22.88
N CYS A 139 11.68 48.47 23.25
CA CYS A 139 10.52 48.20 24.08
C CYS A 139 9.55 47.26 23.36
N SER A 140 9.34 47.49 22.06
CA SER A 140 8.41 46.65 21.32
C SER A 140 8.86 45.20 21.26
N ASN A 141 10.15 44.97 21.05
CA ASN A 141 10.67 43.63 20.83
C ASN A 141 11.32 43.03 22.08
N PHE A 142 11.18 43.69 23.23
CA PHE A 142 11.71 43.15 24.47
C PHE A 142 11.21 41.73 24.73
N TRP A 143 9.91 41.58 24.89
CA TRP A 143 9.35 40.28 25.22
C TRP A 143 9.62 39.23 24.15
N PHE A 144 9.75 39.65 22.89
CA PHE A 144 10.12 38.70 21.84
C PHE A 144 11.56 38.23 21.99
N LYS A 145 12.45 39.11 22.42
CA LYS A 145 13.86 38.76 22.54
C LYS A 145 14.29 38.41 23.95
N PHE A 146 13.44 38.65 24.95
CA PHE A 146 13.75 38.21 26.29
C PHE A 146 13.55 36.70 26.38
N PRO A 147 14.59 35.91 26.63
CA PRO A 147 14.45 34.45 26.48
C PRO A 147 13.39 33.85 27.37
N ARG A 148 13.26 34.32 28.61
CA ARG A 148 12.30 33.73 29.54
C ARG A 148 10.88 33.81 28.98
N THR A 149 10.45 35.01 28.58
CA THR A 149 9.12 35.17 28.03
C THR A 149 9.01 34.68 26.60
N SER A 150 10.09 34.80 25.82
CA SER A 150 10.05 34.29 24.45
C SER A 150 9.79 32.81 24.44
N SER A 151 10.33 32.08 25.42
CA SER A 151 10.10 30.64 25.49
C SER A 151 8.61 30.34 25.65
N LYS A 152 7.96 30.98 26.63
CA LYS A 152 6.55 30.73 26.83
C LYS A 152 5.74 31.16 25.61
N LEU A 153 6.12 32.28 24.99
CA LEU A 153 5.37 32.73 23.82
C LEU A 153 5.46 31.74 22.67
N GLU A 154 6.66 31.24 22.39
CA GLU A 154 6.80 30.28 21.29
C GLU A 154 6.13 28.97 21.63
N HIS A 155 6.19 28.55 22.89
CA HIS A 155 5.48 27.35 23.32
C HIS A 155 3.99 27.49 23.07
N PHE A 156 3.42 28.64 23.48
CA PHE A 156 1.99 28.88 23.27
C PHE A 156 1.64 28.91 21.79
N VAL A 157 2.44 29.62 20.99
CA VAL A 157 2.08 29.72 19.58
C VAL A 157 2.20 28.36 18.90
N SER A 158 3.16 27.54 19.33
CA SER A 158 3.28 26.19 18.77
C SER A 158 2.04 25.35 19.10
N ILE A 159 1.64 25.34 20.37
CA ILE A 159 0.50 24.51 20.74
C ILE A 159 -0.77 25.04 20.08
N LEU A 160 -0.89 26.35 19.96
CA LEU A 160 -2.08 26.93 19.32
C LEU A 160 -2.13 26.61 17.84
N LEU A 161 -0.99 26.68 17.15
CA LEU A 161 -1.00 26.34 15.73
C LEU A 161 -1.28 24.86 15.53
N LYS A 162 -0.80 24.00 16.44
CA LYS A 162 -1.18 22.59 16.36
C LYS A 162 -2.68 22.42 16.54
N CYS A 163 -3.26 23.13 17.52
CA CYS A 163 -4.69 23.01 17.77
C CYS A 163 -5.51 23.55 16.61
N PHE A 164 -4.97 24.51 15.87
CA PHE A 164 -5.74 25.10 14.78
C PHE A 164 -5.98 24.11 13.65
N ASP A 165 -4.99 23.27 13.35
CA ASP A 165 -5.09 22.34 12.24
C ASP A 165 -5.73 21.02 12.62
N SER A 166 -6.22 20.88 13.85
CA SER A 166 -6.77 19.61 14.30
C SER A 166 -8.14 19.37 13.67
N PRO A 167 -8.33 18.25 12.95
CA PRO A 167 -9.69 17.90 12.50
C PRO A 167 -10.63 17.58 13.65
N TRP A 168 -10.09 17.23 14.82
CA TRP A 168 -10.90 17.06 16.01
C TRP A 168 -11.78 18.28 16.24
N THR A 169 -11.19 19.48 16.17
CA THR A 169 -11.95 20.70 16.38
C THR A 169 -13.02 20.88 15.30
N THR A 170 -12.69 20.52 14.05
CA THR A 170 -13.67 20.63 12.97
C THR A 170 -14.87 19.74 13.24
N ARG A 171 -14.63 18.49 13.65
CA ARG A 171 -15.74 17.60 13.97
C ARG A 171 -16.53 18.12 15.16
N ALA A 172 -15.84 18.64 16.18
CA ALA A 172 -16.52 19.13 17.38
C ALA A 172 -17.42 20.32 17.04
N LEU A 173 -16.95 21.23 16.20
CA LEU A 173 -17.77 22.38 15.83
C LEU A 173 -18.87 21.99 14.84
N SER A 174 -18.65 20.96 14.03
CA SER A 174 -19.71 20.47 13.15
C SER A 174 -20.78 19.70 13.91
N GLU A 175 -20.46 19.18 15.10
CA GLU A 175 -21.50 18.57 15.93
C GLU A 175 -22.56 19.59 16.32
N THR A 176 -22.14 20.80 16.67
CA THR A 176 -23.05 21.88 17.05
C THR A 176 -23.92 21.49 18.24
N GLY A 230 -17.65 9.34 9.38
CA GLY A 230 -18.10 8.71 10.61
C GLY A 230 -16.95 8.24 11.47
N VAL A 231 -16.01 7.53 10.87
CA VAL A 231 -14.86 6.98 11.57
C VAL A 231 -13.59 7.41 10.83
N LEU A 232 -12.63 7.91 11.59
CA LEU A 232 -11.36 8.38 11.04
C LEU A 232 -10.23 7.52 11.61
N ASP A 233 -9.00 7.84 11.23
CA ASP A 233 -7.88 7.01 11.60
C ASP A 233 -7.67 7.00 13.10
N LYS A 234 -7.21 5.86 13.60
CA LYS A 234 -6.94 5.73 15.04
C LYS A 234 -5.83 6.69 15.47
N LYS A 235 -4.82 6.86 14.62
CA LYS A 235 -3.75 7.80 14.94
C LYS A 235 -4.28 9.20 15.14
N GLU A 236 -5.39 9.54 14.48
CA GLU A 236 -5.99 10.86 14.67
C GLU A 236 -6.51 11.02 16.09
N GLY A 237 -7.24 10.02 16.59
CA GLY A 237 -7.67 10.07 17.98
C GLY A 237 -6.50 10.07 18.94
N GLU A 238 -5.46 9.29 18.62
CA GLU A 238 -4.28 9.25 19.49
C GLU A 238 -3.61 10.60 19.57
N GLN A 239 -3.41 11.27 18.42
CA GLN A 239 -2.78 12.58 18.43
C GLN A 239 -3.68 13.62 19.09
N ALA A 240 -5.00 13.47 18.95
CA ALA A 240 -5.91 14.37 19.64
C ALA A 240 -5.77 14.24 21.15
N LYS A 241 -5.71 13.00 21.64
CA LYS A 241 -5.53 12.79 23.07
C LYS A 241 -4.18 13.32 23.54
N ALA A 242 -3.14 13.11 22.73
CA ALA A 242 -1.83 13.66 23.08
C ALA A 242 -1.87 15.18 23.13
N LEU A 243 -2.58 15.80 22.19
CA LEU A 243 -2.79 17.24 22.21
C LEU A 243 -3.48 17.67 23.50
N PHE A 244 -4.50 16.92 23.91
CA PHE A 244 -5.18 17.24 25.16
C PHE A 244 -4.23 17.18 26.35
N GLU A 245 -3.43 16.12 26.40
CA GLU A 245 -2.51 15.96 27.53
C GLU A 245 -1.47 17.07 27.56
N LYS A 246 -0.89 17.40 26.40
CA LYS A 246 0.12 18.44 26.38
C LYS A 246 -0.49 19.81 26.66
N VAL A 247 -1.73 20.04 26.23
CA VAL A 247 -2.40 21.29 26.58
C VAL A 247 -2.61 21.39 28.08
N LYS A 248 -3.03 20.29 28.70
CA LYS A 248 -3.17 20.29 30.16
C LYS A 248 -1.84 20.59 30.83
N LYS A 249 -0.77 19.96 30.36
CA LYS A 249 0.54 20.19 30.98
C LYS A 249 1.00 21.62 30.81
N PHE A 250 0.80 22.19 29.61
CA PHE A 250 1.15 23.59 29.38
C PHE A 250 0.36 24.49 30.31
N ARG A 251 -0.95 24.25 30.42
CA ARG A 251 -1.79 25.10 31.26
C ARG A 251 -1.35 25.04 32.71
N THR A 252 -1.01 23.84 33.19
CA THR A 252 -0.47 23.73 34.54
C THR A 252 0.85 24.47 34.65
N HIS A 253 1.65 24.46 33.59
CA HIS A 253 2.95 25.10 33.61
C HIS A 253 2.84 26.62 33.72
N VAL A 254 2.00 27.24 32.87
CA VAL A 254 2.05 28.68 32.70
C VAL A 254 1.00 29.44 33.49
N GLU A 255 0.02 28.76 34.07
CA GLU A 255 -1.01 29.46 34.82
C GLU A 255 -0.48 30.08 36.10
N GLU A 256 0.73 29.74 36.53
CA GLU A 256 1.29 30.26 37.77
C GLU A 256 2.45 31.22 37.54
N GLY A 257 2.94 31.34 36.31
CA GLY A 257 4.10 32.17 36.03
C GLY A 257 3.87 33.65 36.28
N ASP A 258 2.92 34.24 35.54
CA ASP A 258 2.65 35.67 35.60
C ASP A 258 3.92 36.49 35.38
N ILE A 259 4.50 36.33 34.19
CA ILE A 259 5.68 37.08 33.80
C ILE A 259 5.46 37.86 32.51
N VAL A 260 4.78 37.28 31.52
CA VAL A 260 4.60 37.98 30.26
C VAL A 260 3.66 39.16 30.44
N TYR A 261 2.66 39.02 31.33
CA TYR A 261 1.75 40.13 31.57
C TYR A 261 2.47 41.29 32.24
N ARG A 262 3.22 41.01 33.31
CA ARG A 262 3.91 42.09 34.01
C ARG A 262 4.98 42.71 33.12
N LEU A 263 5.67 41.90 32.32
CA LEU A 263 6.67 42.43 31.41
C LEU A 263 6.03 43.33 30.35
N TYR A 264 4.91 42.88 29.77
CA TYR A 264 4.23 43.69 28.77
C TYR A 264 3.72 44.98 29.38
N MET A 265 3.19 44.91 30.60
CA MET A 265 2.72 46.11 31.27
C MET A 265 3.86 47.09 31.50
N ARG A 266 5.01 46.59 31.97
CA ARG A 266 6.14 47.46 32.21
C ARG A 266 6.64 48.06 30.90
N GLN A 267 6.67 47.27 29.83
CA GLN A 267 7.13 47.77 28.55
C GLN A 267 6.21 48.87 28.02
N THR A 268 4.89 48.67 28.15
CA THR A 268 3.97 49.69 27.65
C THR A 268 4.00 50.93 28.53
N ILE A 269 4.18 50.76 29.84
CA ILE A 269 4.35 51.92 30.71
C ILE A 269 5.60 52.69 30.32
N ILE A 270 6.68 51.99 30.01
CA ILE A 270 7.91 52.66 29.58
C ILE A 270 7.67 53.41 28.28
N LYS A 271 6.96 52.77 27.34
CA LYS A 271 6.66 53.45 26.08
C LYS A 271 5.88 54.74 26.33
N VAL A 272 4.86 54.68 27.18
CA VAL A 272 4.02 55.86 27.41
C VAL A 272 4.81 56.97 28.11
N ILE A 273 5.59 56.62 29.14
CA ILE A 273 6.31 57.65 29.85
C ILE A 273 7.40 58.25 28.97
N LYS A 274 8.04 57.42 28.14
CA LYS A 274 9.02 57.94 27.20
C LYS A 274 8.37 58.86 26.20
N PHE A 275 7.17 58.51 25.72
CA PHE A 275 6.42 59.40 24.85
C PHE A 275 6.15 60.73 25.52
N ALA A 276 5.74 60.69 26.79
CA ALA A 276 5.47 61.92 27.52
C ALA A 276 6.72 62.79 27.59
N LEU A 277 7.84 62.21 28.02
CA LEU A 277 9.06 63.00 28.17
C LEU A 277 9.51 63.58 26.84
N ILE A 278 9.49 62.76 25.79
CA ILE A 278 9.99 63.23 24.50
C ILE A 278 9.09 64.31 23.94
N ILE A 279 7.77 64.15 24.05
CA ILE A 279 6.89 65.19 23.53
C ILE A 279 7.08 66.47 24.31
N CYS A 280 7.27 66.37 25.64
CA CYS A 280 7.51 67.55 26.43
C CYS A 280 8.73 68.31 25.95
N TYR A 281 9.90 67.66 25.98
CA TYR A 281 11.11 68.40 25.65
C TYR A 281 11.13 68.81 24.19
N THR A 282 10.61 67.99 23.29
CA THR A 282 10.64 68.34 21.88
C THR A 282 9.75 69.54 21.60
N VAL A 283 8.54 69.56 22.15
CA VAL A 283 7.67 70.72 21.91
C VAL A 283 8.29 71.95 22.54
N TYR A 284 8.92 71.82 23.71
CA TYR A 284 9.50 73.00 24.33
C TYR A 284 10.67 73.55 23.53
N TYR A 285 11.50 72.68 22.98
CA TYR A 285 12.77 73.10 22.39
C TYR A 285 12.72 73.26 20.88
N VAL A 286 11.65 72.87 20.20
CA VAL A 286 11.61 73.00 18.76
C VAL A 286 11.61 74.46 18.32
N HIS A 287 11.32 75.38 19.23
CA HIS A 287 11.30 76.78 18.87
C HIS A 287 12.69 77.35 18.63
N ASN A 288 13.73 76.69 19.11
CA ASN A 288 15.09 77.19 18.95
C ASN A 288 15.67 76.87 17.58
N ILE A 289 14.90 76.26 16.69
CA ILE A 289 15.35 75.99 15.32
C ILE A 289 14.96 77.21 14.49
N LYS A 290 15.81 78.23 14.51
CA LYS A 290 15.60 79.45 13.76
C LYS A 290 16.53 79.46 12.56
N PHE A 291 16.09 80.10 11.47
CA PHE A 291 16.93 80.17 10.29
C PHE A 291 18.19 80.98 10.54
N ASP A 292 18.04 82.16 11.13
CA ASP A 292 19.17 83.03 11.39
C ASP A 292 19.30 83.29 12.88
N VAL A 293 20.53 83.15 13.38
CA VAL A 293 20.82 83.30 14.80
C VAL A 293 21.81 84.44 14.97
N ASP A 294 21.92 84.93 16.20
CA ASP A 294 22.90 85.93 16.57
C ASP A 294 23.95 85.26 17.43
N CYS A 295 25.21 85.53 17.13
CA CYS A 295 26.33 84.80 17.72
C CYS A 295 27.29 85.80 18.34
N THR A 296 27.60 85.62 19.62
CA THR A 296 28.63 86.38 20.29
C THR A 296 29.61 85.41 20.92
N VAL A 297 30.89 85.52 20.57
CA VAL A 297 31.85 84.50 20.96
C VAL A 297 32.98 85.08 21.79
N ASP A 298 33.25 86.36 21.64
CA ASP A 298 34.45 86.99 22.16
C ASP A 298 35.70 86.23 21.70
N ILE A 299 35.88 86.23 20.38
CA ILE A 299 37.14 85.87 19.76
C ILE A 299 37.59 87.12 19.01
N GLU A 300 38.32 87.98 19.69
CA GLU A 300 38.82 89.20 19.09
C GLU A 300 40.21 89.03 18.51
N SER A 301 41.07 88.30 19.21
CA SER A 301 42.45 88.13 18.76
C SER A 301 42.55 87.32 17.48
N LEU A 302 41.47 86.65 17.07
CA LEU A 302 41.51 85.83 15.87
C LEU A 302 40.78 86.45 14.69
N THR A 303 39.75 87.26 14.94
CA THR A 303 39.01 87.87 13.83
C THR A 303 38.85 89.36 14.00
N GLY A 304 38.79 89.82 15.24
CA GLY A 304 38.65 91.24 15.50
C GLY A 304 37.24 91.77 15.47
N TYR A 305 36.23 90.91 15.37
CA TYR A 305 34.84 91.32 15.44
C TYR A 305 34.17 90.71 16.65
N ARG A 306 33.29 91.48 17.27
CA ARG A 306 32.61 91.03 18.48
C ARG A 306 31.55 89.99 18.17
N THR A 307 30.56 90.36 17.37
CA THR A 307 29.36 89.56 17.18
C THR A 307 29.10 89.37 15.69
N TYR A 308 28.35 88.30 15.39
CA TYR A 308 28.10 87.86 14.03
C TYR A 308 26.62 87.55 13.90
N ARG A 309 26.08 87.75 12.70
CA ARG A 309 24.70 87.41 12.41
C ARG A 309 24.70 86.19 11.51
N CYS A 310 24.67 85.01 12.12
CA CYS A 310 24.81 83.77 11.37
C CYS A 310 23.45 83.41 10.79
N ALA A 311 23.47 82.62 9.73
CA ALA A 311 22.27 82.04 9.16
C ALA A 311 22.46 80.54 9.07
N HIS A 312 21.44 79.79 9.48
CA HIS A 312 21.45 78.33 9.45
C HIS A 312 20.60 77.91 8.27
N PRO A 313 21.18 77.70 7.09
CA PRO A 313 20.34 77.47 5.89
C PRO A 313 19.45 76.25 6.00
N LEU A 314 19.89 75.21 6.68
CA LEU A 314 19.15 73.98 6.79
C LEU A 314 18.06 74.05 7.85
N ALA A 315 17.92 75.19 8.52
CA ALA A 315 17.08 75.26 9.71
C ALA A 315 15.62 74.98 9.40
N THR A 316 15.09 75.54 8.32
CA THR A 316 13.66 75.37 8.06
C THR A 316 13.33 73.92 7.74
N LEU A 317 14.19 73.23 7.00
CA LEU A 317 13.94 71.83 6.71
C LEU A 317 13.96 71.00 7.98
N PHE A 318 14.91 71.28 8.87
CA PHE A 318 14.91 70.60 10.16
C PHE A 318 13.66 70.94 10.97
N LYS A 319 13.17 72.18 10.87
CA LYS A 319 11.98 72.55 11.62
C LYS A 319 10.79 71.74 11.15
N ILE A 320 10.62 71.61 9.83
CA ILE A 320 9.48 70.83 9.35
C ILE A 320 9.68 69.35 9.66
N LEU A 321 10.92 68.87 9.63
CA LEU A 321 11.17 67.48 10.03
C LEU A 321 10.81 67.27 11.50
N ALA A 322 11.15 68.23 12.35
CA ALA A 322 10.82 68.10 13.77
C ALA A 322 9.31 68.18 14.00
N SER A 323 8.62 69.03 13.25
CA SER A 323 7.17 69.06 13.34
C SER A 323 6.57 67.72 12.93
N PHE A 324 7.05 67.16 11.82
CA PHE A 324 6.56 65.85 11.38
C PHE A 324 6.87 64.79 12.42
N TYR A 325 8.05 64.84 13.02
CA TYR A 325 8.40 63.88 14.06
C TYR A 325 7.52 64.04 15.28
N ILE A 326 7.18 65.27 15.63
CA ILE A 326 6.27 65.49 16.75
C ILE A 326 4.92 64.90 16.45
N SER A 327 4.44 65.06 15.22
CA SER A 327 3.16 64.45 14.86
C SER A 327 3.22 62.94 14.96
N LEU A 328 4.31 62.34 14.48
CA LEU A 328 4.44 60.89 14.58
C LEU A 328 4.49 60.43 16.03
N VAL A 329 5.21 61.17 16.88
CA VAL A 329 5.28 60.81 18.28
C VAL A 329 3.91 60.97 18.94
N ILE A 330 3.13 61.96 18.50
CA ILE A 330 1.78 62.12 19.01
C ILE A 330 0.94 60.90 18.67
N PHE A 331 1.01 60.43 17.42
CA PHE A 331 0.27 59.23 17.05
C PHE A 331 0.75 58.02 17.85
N TYR A 332 2.07 57.88 17.98
CA TYR A 332 2.63 56.76 18.73
C TYR A 332 2.16 56.77 20.18
N GLY A 333 2.18 57.94 20.81
CA GLY A 333 1.74 58.05 22.18
C GLY A 333 0.25 57.81 22.34
N LEU A 334 -0.55 58.29 21.40
CA LEU A 334 -1.98 58.00 21.46
C LEU A 334 -2.24 56.51 21.35
N ILE A 335 -1.52 55.83 20.46
CA ILE A 335 -1.70 54.38 20.34
C ILE A 335 -1.28 53.69 21.63
N CYS A 336 -0.15 54.11 22.21
CA CYS A 336 0.29 53.48 23.46
C CYS A 336 -0.69 53.76 24.59
N MET A 337 -1.26 54.96 24.64
CA MET A 337 -2.28 55.25 25.64
C MET A 337 -3.52 54.38 25.44
N TYR A 338 -3.90 54.17 24.18
CA TYR A 338 -5.02 53.27 23.91
C TYR A 338 -4.72 51.86 24.40
N THR A 339 -3.50 51.39 24.17
CA THR A 339 -3.13 50.07 24.65
C THR A 339 -3.17 50.02 26.17
N LEU A 340 -2.71 51.09 26.82
CA LEU A 340 -2.77 51.14 28.28
C LEU A 340 -4.21 51.07 28.77
N TRP A 341 -5.11 51.81 28.11
CA TRP A 341 -6.52 51.73 28.45
C TRP A 341 -7.04 50.31 28.28
N TRP A 342 -6.75 49.71 27.12
CA TRP A 342 -7.22 48.36 26.83
C TRP A 342 -6.66 47.36 27.83
N MET A 343 -5.52 47.67 28.44
CA MET A 343 -4.91 46.78 29.42
C MET A 343 -5.40 47.04 30.84
N LEU A 344 -5.92 48.23 31.12
CA LEU A 344 -6.26 48.61 32.49
C LEU A 344 -7.77 48.66 32.74
N ARG A 345 -8.55 48.05 31.86
CA ARG A 345 -9.99 48.01 32.10
C ARG A 345 -10.54 46.60 32.16
N ARG A 346 -10.05 45.69 31.30
CA ARG A 346 -10.59 44.34 31.23
C ARG A 346 -10.04 43.41 32.29
N SER A 347 -9.03 43.83 33.05
CA SER A 347 -8.41 43.02 34.10
C SER A 347 -7.96 41.67 33.53
N LEU A 348 -6.97 41.75 32.63
CA LEU A 348 -6.58 40.62 31.81
C LEU A 348 -6.02 39.44 32.58
N LYS A 349 -5.95 39.53 33.92
CA LYS A 349 -5.48 38.39 34.70
C LYS A 349 -6.38 37.18 34.52
N LYS A 350 -7.68 37.40 34.37
CA LYS A 350 -8.65 36.32 34.27
C LYS A 350 -9.39 36.41 32.95
N TYR A 351 -9.47 35.30 32.23
CA TYR A 351 -10.12 35.26 30.94
C TYR A 351 -11.59 34.93 31.11
N SER A 352 -12.40 35.38 30.15
CA SER A 352 -13.84 35.26 30.28
C SER A 352 -14.30 33.82 30.04
N PHE A 353 -14.10 33.32 28.82
CA PHE A 353 -14.56 31.99 28.42
C PHE A 353 -16.05 31.82 28.67
N GLU A 354 -16.79 32.92 28.56
CA GLU A 354 -18.21 32.88 28.88
C GLU A 354 -19.05 32.57 27.65
N SER A 355 -18.65 33.06 26.48
CA SER A 355 -19.44 32.88 25.28
C SER A 355 -19.60 31.41 24.91
N ILE A 356 -18.67 30.55 25.35
CA ILE A 356 -18.67 29.16 24.95
C ILE A 356 -19.93 28.46 25.42
N ARG A 357 -20.31 28.65 26.69
CA ARG A 357 -21.45 27.92 27.22
C ARG A 357 -22.78 28.38 26.67
N GLU A 358 -22.81 29.48 25.92
CA GLU A 358 -24.03 29.88 25.21
C GLU A 358 -23.99 29.61 23.72
N GLU A 359 -22.82 29.55 23.11
CA GLU A 359 -22.76 29.24 21.68
C GLU A 359 -22.71 27.74 21.41
N SER A 360 -22.04 26.96 22.26
CA SER A 360 -21.94 25.52 22.07
C SER A 360 -22.28 24.73 23.33
N SER A 361 -22.78 25.38 24.38
CA SER A 361 -23.29 24.70 25.57
C SER A 361 -22.23 23.81 26.22
N TYR A 362 -21.00 24.30 26.31
CA TYR A 362 -19.91 23.57 26.95
C TYR A 362 -19.52 24.34 28.21
N SER A 363 -20.18 24.04 29.32
CA SER A 363 -19.84 24.64 30.60
C SER A 363 -18.64 23.98 31.26
N ASP A 364 -17.95 23.10 30.55
CA ASP A 364 -16.76 22.44 31.07
C ASP A 364 -15.49 23.21 30.70
N ILE A 365 -15.48 24.51 31.02
CA ILE A 365 -14.36 25.38 30.70
C ILE A 365 -14.06 26.24 31.94
N PRO A 366 -12.87 26.16 32.49
CA PRO A 366 -12.58 26.91 33.73
C PRO A 366 -12.23 28.36 33.43
N ASP A 367 -12.17 29.14 34.52
CA ASP A 367 -11.69 30.50 34.44
C ASP A 367 -10.17 30.51 34.45
N VAL A 368 -9.57 30.94 33.34
CA VAL A 368 -8.13 30.84 33.16
C VAL A 368 -7.46 31.94 33.97
N LYS A 369 -6.45 31.56 34.76
CA LYS A 369 -5.75 32.49 35.63
C LYS A 369 -4.72 33.28 34.82
N ASN A 370 -3.82 33.96 35.53
CA ASN A 370 -2.89 34.90 34.92
C ASN A 370 -1.91 34.18 34.00
N ASP A 371 -1.26 34.99 33.15
CA ASP A 371 -0.17 34.60 32.27
C ASP A 371 -0.65 33.68 31.15
N PHE A 372 -1.91 33.30 31.18
CA PHE A 372 -2.56 32.59 30.10
C PHE A 372 -3.81 33.28 29.63
N ALA A 373 -4.56 33.91 30.54
CA ALA A 373 -5.64 34.78 30.12
C ALA A 373 -5.13 35.91 29.24
N PHE A 374 -3.93 36.41 29.56
CA PHE A 374 -3.35 37.49 28.77
C PHE A 374 -3.07 37.04 27.34
N MET A 375 -2.47 35.86 27.19
CA MET A 375 -2.15 35.35 25.86
C MET A 375 -3.42 35.14 25.04
N LEU A 376 -4.45 34.58 25.66
CA LEU A 376 -5.72 34.39 24.96
C LEU A 376 -6.36 35.71 24.60
N HIS A 377 -6.25 36.70 25.48
CA HIS A 377 -6.75 38.03 25.15
C HIS A 377 -6.07 38.58 23.91
N LEU A 378 -4.74 38.45 23.84
CA LEU A 378 -4.02 38.93 22.65
C LEU A 378 -4.45 38.19 21.41
N ILE A 379 -4.59 36.86 21.52
CA ILE A 379 -5.00 36.07 20.36
C ILE A 379 -6.38 36.50 19.90
N ASP A 380 -7.29 36.72 20.84
CA ASP A 380 -8.60 37.26 20.50
C ASP A 380 -8.47 38.60 19.79
N GLN A 381 -7.57 39.47 20.28
CA GLN A 381 -7.35 40.74 19.62
C GLN A 381 -6.90 40.56 18.18
N TYR A 382 -6.19 39.47 17.89
CA TYR A 382 -5.99 39.12 16.49
C TYR A 382 -7.30 38.72 15.84
N ASP A 383 -7.92 37.66 16.34
CA ASP A 383 -9.29 37.29 15.98
C ASP A 383 -9.76 36.23 16.96
N PRO A 384 -11.08 36.13 17.21
CA PRO A 384 -11.56 35.16 18.20
C PRO A 384 -11.73 33.75 17.66
N LEU A 385 -11.59 33.53 16.35
CA LEU A 385 -11.80 32.20 15.81
C LEU A 385 -10.79 31.22 16.38
N TYR A 386 -9.53 31.64 16.49
CA TYR A 386 -8.49 30.78 17.06
C TYR A 386 -8.78 30.47 18.52
N SER A 387 -9.19 31.48 19.29
CA SER A 387 -9.51 31.25 20.69
C SER A 387 -10.67 30.27 20.83
N LYS A 388 -11.70 30.41 19.99
CA LYS A 388 -12.84 29.51 20.05
C LYS A 388 -12.44 28.09 19.68
N ARG A 389 -11.72 27.92 18.56
CA ARG A 389 -11.31 26.58 18.13
C ARG A 389 -10.24 25.98 19.02
N PHE A 390 -9.64 26.77 19.91
CA PHE A 390 -8.68 26.24 20.87
C PHE A 390 -9.32 25.95 22.22
N ALA A 391 -10.42 26.63 22.56
CA ALA A 391 -11.06 26.41 23.85
C ALA A 391 -11.55 24.99 24.02
N VAL A 392 -11.83 24.29 22.92
CA VAL A 392 -12.36 22.94 23.01
C VAL A 392 -11.38 21.99 23.66
N PHE A 393 -10.08 22.26 23.58
CA PHE A 393 -9.11 21.34 24.19
C PHE A 393 -8.99 21.55 25.69
N LEU A 394 -9.57 22.63 26.23
CA LEU A 394 -9.72 22.71 27.67
C LEU A 394 -10.96 21.94 28.14
N SER A 395 -11.94 21.79 27.25
CA SER A 395 -13.18 21.13 27.61
C SER A 395 -12.98 19.62 27.73
N GLU A 396 -13.07 19.12 28.97
CA GLU A 396 -12.86 17.69 29.19
C GLU A 396 -14.02 16.83 28.72
N VAL A 397 -15.23 17.38 28.67
CA VAL A 397 -16.37 16.58 28.22
C VAL A 397 -16.27 16.30 26.73
N SER A 398 -15.89 17.31 25.94
CA SER A 398 -15.68 17.08 24.52
C SER A 398 -14.55 16.09 24.27
N GLU A 399 -13.48 16.21 25.06
CA GLU A 399 -12.39 15.23 24.97
C GLU A 399 -12.89 13.83 25.25
N ASN A 400 -13.69 13.69 26.31
CA ASN A 400 -14.23 12.37 26.65
C ASN A 400 -15.10 11.82 25.54
N LYS A 401 -15.98 12.66 24.98
CA LYS A 401 -16.91 12.15 23.98
C LYS A 401 -16.18 11.78 22.69
N LEU A 402 -15.19 12.56 22.27
CA LEU A 402 -14.48 12.18 21.05
C LEU A 402 -13.46 11.06 21.29
N ARG A 403 -12.94 10.93 22.51
CA ARG A 403 -12.15 9.75 22.84
C ARG A 403 -13.03 8.50 22.81
N GLN A 404 -14.27 8.61 23.28
CA GLN A 404 -15.23 7.53 23.14
C GLN A 404 -15.50 7.24 21.68
N LEU A 405 -15.58 8.29 20.86
CA LEU A 405 -15.67 8.08 19.41
C LEU A 405 -14.48 7.27 18.90
N ASN A 406 -13.28 7.58 19.38
CA ASN A 406 -12.10 6.83 18.97
C ASN A 406 -12.20 5.38 19.40
N LEU A 407 -12.69 5.14 20.62
CA LEU A 407 -12.90 3.77 21.08
C LEU A 407 -13.87 3.03 20.17
N ASN A 408 -14.97 3.69 19.79
CA ASN A 408 -15.89 3.12 18.83
C ASN A 408 -15.20 2.83 17.51
N ASN A 409 -14.28 3.70 17.11
CA ASN A 409 -13.49 3.45 15.91
C ASN A 409 -12.70 2.17 16.03
N GLU A 410 -12.12 1.92 17.21
CA GLU A 410 -11.39 0.67 17.42
C GLU A 410 -12.33 -0.53 17.40
N TRP A 411 -13.41 -0.46 18.18
CA TRP A 411 -14.36 -1.57 18.28
C TRP A 411 -15.60 -1.22 17.48
N THR A 412 -15.53 -1.50 16.17
CA THR A 412 -16.68 -1.32 15.30
C THR A 412 -17.73 -2.38 15.59
N LEU A 413 -18.96 -2.12 15.14
CA LEU A 413 -20.05 -3.05 15.38
C LEU A 413 -19.79 -4.39 14.71
N ASP A 414 -19.23 -4.38 13.50
CA ASP A 414 -18.90 -5.64 12.83
C ASP A 414 -17.87 -6.44 13.62
N LYS A 415 -16.80 -5.78 14.07
CA LYS A 415 -15.81 -6.44 14.91
C LYS A 415 -16.44 -6.89 16.23
N LEU A 416 -17.33 -6.07 16.77
CA LEU A 416 -17.97 -6.39 18.05
C LEU A 416 -18.80 -7.67 17.91
N ARG A 417 -19.60 -7.79 16.85
CA ARG A 417 -20.42 -8.98 16.68
C ARG A 417 -19.59 -10.17 16.22
N GLN A 418 -18.46 -9.92 15.57
CA GLN A 418 -17.52 -11.00 15.30
C GLN A 418 -16.98 -11.58 16.61
N ARG A 419 -16.62 -10.72 17.55
CA ARG A 419 -16.17 -11.17 18.86
C ARG A 419 -17.31 -11.72 19.71
N LEU A 420 -18.56 -11.52 19.29
CA LEU A 420 -19.70 -11.98 20.07
C LEU A 420 -19.71 -13.50 20.16
N THR A 421 -20.07 -14.01 21.33
CA THR A 421 -20.13 -15.44 21.60
C THR A 421 -21.42 -15.78 22.32
N LYS A 422 -21.59 -17.07 22.61
CA LYS A 422 -22.69 -17.55 23.44
C LYS A 422 -22.12 -18.37 24.58
N ASN A 423 -22.62 -18.13 25.79
CA ASN A 423 -22.14 -18.86 26.96
C ASN A 423 -22.89 -20.18 27.09
N ALA A 424 -22.47 -20.98 28.08
CA ALA A 424 -22.99 -22.34 28.25
C ALA A 424 -24.47 -22.37 28.62
N GLN A 425 -25.04 -21.24 29.05
CA GLN A 425 -26.45 -21.18 29.39
C GLN A 425 -27.32 -20.83 28.20
N ASP A 426 -26.79 -21.00 26.98
CA ASP A 426 -27.55 -20.77 25.74
C ASP A 426 -28.11 -19.35 25.68
N LYS A 427 -27.30 -18.38 26.08
CA LYS A 427 -27.67 -16.97 26.02
C LYS A 427 -26.57 -16.20 25.33
N LEU A 428 -26.95 -15.31 24.40
CA LEU A 428 -25.96 -14.54 23.67
C LEU A 428 -25.22 -13.62 24.63
N GLU A 429 -23.90 -13.71 24.63
CA GLU A 429 -23.08 -13.07 25.64
C GLU A 429 -21.90 -12.37 24.99
N LEU A 430 -21.66 -11.12 25.40
CA LEU A 430 -20.46 -10.39 25.01
C LEU A 430 -19.68 -10.04 26.26
N HIS A 431 -18.39 -10.34 26.25
CA HIS A 431 -17.51 -10.14 27.39
C HIS A 431 -16.68 -8.89 27.16
N LEU A 432 -16.83 -7.91 28.06
CA LEU A 432 -16.06 -6.68 28.02
C LEU A 432 -14.98 -6.79 29.08
N PHE A 433 -13.74 -6.96 28.63
CA PHE A 433 -12.61 -7.20 29.52
C PHE A 433 -11.51 -6.19 29.22
N MET A 434 -11.10 -5.44 30.25
CA MET A 434 -9.99 -4.50 30.16
C MET A 434 -10.18 -3.50 29.01
N LEU A 435 -11.25 -2.72 29.13
CA LEU A 435 -11.52 -1.64 28.21
C LEU A 435 -11.53 -0.32 28.95
N SER A 436 -11.06 0.72 28.27
CA SER A 436 -11.03 2.06 28.88
C SER A 436 -12.44 2.55 29.19
N GLY A 437 -13.38 2.32 28.30
CA GLY A 437 -14.76 2.72 28.53
C GLY A 437 -15.70 1.83 27.75
N ILE A 438 -16.98 2.07 27.93
CA ILE A 438 -18.01 1.31 27.21
C ILE A 438 -18.13 1.88 25.81
N PRO A 439 -17.90 1.09 24.77
CA PRO A 439 -18.14 1.59 23.41
C PRO A 439 -19.61 1.90 23.22
N ASP A 440 -19.89 2.99 22.49
CA ASP A 440 -21.26 3.38 22.27
C ASP A 440 -21.97 2.45 21.29
N THR A 441 -21.22 1.81 20.39
CA THR A 441 -21.81 0.92 19.41
C THR A 441 -22.39 -0.35 20.02
N VAL A 442 -22.03 -0.67 21.28
CA VAL A 442 -22.51 -1.90 21.90
C VAL A 442 -24.02 -1.88 22.08
N PHE A 443 -24.63 -0.71 22.03
CA PHE A 443 -26.08 -0.62 22.16
C PHE A 443 -26.79 -0.75 20.83
N ASP A 444 -26.06 -1.01 19.75
CA ASP A 444 -26.68 -1.29 18.46
C ASP A 444 -27.17 -2.73 18.34
N LEU A 445 -26.82 -3.60 19.28
CA LEU A 445 -27.21 -5.01 19.23
C LEU A 445 -28.21 -5.26 20.36
N VAL A 446 -29.49 -5.33 19.99
CA VAL A 446 -30.52 -5.69 20.97
C VAL A 446 -30.54 -7.18 21.27
N GLU A 447 -29.91 -7.99 20.43
CA GLU A 447 -29.96 -9.44 20.57
C GLU A 447 -29.07 -9.97 21.69
N LEU A 448 -28.44 -9.09 22.47
CA LEU A 448 -27.61 -9.53 23.57
C LEU A 448 -28.44 -9.63 24.85
N GLU A 449 -28.17 -10.68 25.62
CA GLU A 449 -28.85 -10.90 26.90
C GLU A 449 -27.90 -11.09 28.07
N VAL A 450 -26.62 -11.36 27.82
CA VAL A 450 -25.62 -11.47 28.87
C VAL A 450 -24.49 -10.51 28.54
N LEU A 451 -24.12 -9.66 29.50
CA LEU A 451 -23.00 -8.75 29.35
C LEU A 451 -22.11 -8.86 30.58
N LYS A 452 -20.82 -9.04 30.37
CA LYS A 452 -19.85 -9.11 31.43
C LYS A 452 -18.95 -7.88 31.39
N LEU A 453 -18.90 -7.15 32.50
CA LEU A 453 -18.13 -5.91 32.61
C LEU A 453 -16.95 -6.19 33.54
N GLU A 454 -15.80 -6.45 32.95
CA GLU A 454 -14.59 -6.81 33.69
C GLU A 454 -13.54 -5.74 33.48
N LEU A 455 -13.25 -4.99 34.53
CA LEU A 455 -12.17 -4.01 34.55
C LEU A 455 -12.36 -2.94 33.46
N ILE A 456 -13.43 -2.18 33.59
CA ILE A 456 -13.64 -0.97 32.81
C ILE A 456 -13.81 0.17 33.80
N PRO A 457 -12.90 1.14 33.83
CA PRO A 457 -12.92 2.15 34.90
C PRO A 457 -14.10 3.09 34.76
N ASP A 458 -14.54 3.60 35.92
CA ASP A 458 -15.54 4.66 36.07
C ASP A 458 -16.68 4.57 35.06
N VAL A 459 -17.38 3.43 35.04
CA VAL A 459 -18.51 3.29 34.14
C VAL A 459 -19.70 4.03 34.72
N THR A 460 -20.31 4.87 33.90
CA THR A 460 -21.59 5.52 34.21
C THR A 460 -22.61 4.93 33.25
N ILE A 461 -23.58 4.20 33.80
CA ILE A 461 -24.50 3.44 32.98
C ILE A 461 -25.36 4.43 32.19
N PRO A 462 -25.30 4.39 30.86
CA PRO A 462 -26.03 5.37 30.06
C PRO A 462 -27.49 5.00 29.92
N PRO A 463 -28.36 5.96 29.64
CA PRO A 463 -29.76 5.62 29.34
C PRO A 463 -29.91 4.80 28.08
N SER A 464 -28.88 4.75 27.23
CA SER A 464 -28.95 3.98 25.99
C SER A 464 -29.06 2.48 26.23
N ILE A 465 -28.86 2.03 27.48
CA ILE A 465 -29.15 0.64 27.82
C ILE A 465 -30.62 0.32 27.57
N ALA A 466 -31.49 1.33 27.57
CA ALA A 466 -32.88 1.09 27.23
C ALA A 466 -33.04 0.56 25.82
N GLN A 467 -32.07 0.85 24.94
CA GLN A 467 -32.11 0.31 23.59
C GLN A 467 -32.06 -1.21 23.59
N LEU A 468 -31.47 -1.81 24.62
CA LEU A 468 -31.32 -3.26 24.70
C LEU A 468 -32.48 -3.82 25.51
N THR A 469 -33.49 -4.30 24.79
CA THR A 469 -34.72 -4.78 25.43
C THR A 469 -34.53 -6.16 26.03
N GLY A 470 -33.96 -7.09 25.27
CA GLY A 470 -33.88 -8.48 25.67
C GLY A 470 -32.82 -8.82 26.69
N LEU A 471 -32.00 -7.86 27.07
CA LEU A 471 -30.99 -8.09 28.10
C LEU A 471 -31.65 -8.55 29.40
N LYS A 472 -31.07 -9.58 30.02
CA LYS A 472 -31.66 -10.15 31.21
C LYS A 472 -30.74 -10.04 32.42
N GLU A 473 -29.42 -10.19 32.20
CA GLU A 473 -28.48 -10.22 33.31
C GLU A 473 -27.22 -9.44 32.95
N LEU A 474 -26.65 -8.78 33.95
CA LEU A 474 -25.40 -8.07 33.81
C LEU A 474 -24.45 -8.53 34.91
N TRP A 475 -23.20 -8.75 34.55
CA TRP A 475 -22.18 -9.22 35.49
C TRP A 475 -21.09 -8.19 35.64
N LEU A 476 -20.80 -7.81 36.88
CA LEU A 476 -19.82 -6.77 37.20
C LEU A 476 -18.60 -7.43 37.83
N TYR A 477 -17.49 -7.41 37.11
CA TYR A 477 -16.22 -7.94 37.59
C TYR A 477 -15.29 -6.77 37.87
N HIS A 478 -15.17 -6.42 39.16
CA HIS A 478 -14.26 -5.36 39.60
C HIS A 478 -14.51 -4.07 38.86
N THR A 479 -15.79 -3.76 38.63
CA THR A 479 -16.19 -2.64 37.79
C THR A 479 -17.19 -1.81 38.58
N ALA A 480 -16.70 -0.80 39.30
CA ALA A 480 -17.57 0.07 40.07
C ALA A 480 -18.39 0.94 39.11
N ALA A 481 -19.72 0.83 39.23
CA ALA A 481 -20.63 1.46 38.29
C ALA A 481 -21.47 2.50 39.00
N LYS A 482 -21.51 3.71 38.42
CA LYS A 482 -22.44 4.74 38.82
C LYS A 482 -23.61 4.73 37.86
N ILE A 483 -24.83 4.69 38.39
CA ILE A 483 -26.02 4.51 37.57
C ILE A 483 -26.73 5.85 37.43
N GLU A 484 -27.43 6.01 36.31
CA GLU A 484 -28.24 7.18 36.03
C GLU A 484 -29.71 6.86 36.22
N ALA A 485 -30.51 7.91 36.41
CA ALA A 485 -31.93 7.72 36.68
C ALA A 485 -32.64 6.94 35.58
N PRO A 486 -32.50 7.28 34.29
CA PRO A 486 -33.07 6.38 33.27
C PRO A 486 -32.44 5.00 33.30
N ALA A 487 -31.12 4.91 33.50
CA ALA A 487 -30.46 3.62 33.61
C ALA A 487 -30.97 2.84 34.81
N LEU A 488 -31.12 3.52 35.95
CA LEU A 488 -31.63 2.86 37.15
C LEU A 488 -33.05 2.36 36.93
N ALA A 489 -33.88 3.17 36.29
CA ALA A 489 -35.25 2.75 36.02
C ALA A 489 -35.28 1.54 35.09
N PHE A 490 -34.47 1.55 34.04
CA PHE A 490 -34.47 0.42 33.11
C PHE A 490 -33.96 -0.85 33.79
N LEU A 491 -32.94 -0.72 34.64
CA LEU A 491 -32.39 -1.89 35.31
C LEU A 491 -33.32 -2.44 36.38
N ARG A 492 -34.05 -1.57 37.09
CA ARG A 492 -34.95 -2.04 38.12
C ARG A 492 -36.17 -2.75 37.57
N GLU A 493 -36.32 -2.85 36.25
CA GLU A 493 -37.47 -3.53 35.67
C GLU A 493 -37.14 -4.45 34.50
N ASN A 494 -35.91 -4.43 33.99
CA ASN A 494 -35.52 -5.31 32.89
C ASN A 494 -34.23 -6.06 33.22
N LEU A 495 -34.17 -6.61 34.43
CA LEU A 495 -33.02 -7.40 34.87
C LEU A 495 -33.51 -8.63 35.60
N ARG A 496 -32.83 -9.75 35.39
CA ARG A 496 -33.17 -11.02 36.05
C ARG A 496 -32.07 -11.53 36.97
N ALA A 497 -30.82 -11.50 36.52
CA ALA A 497 -29.69 -12.02 37.28
C ALA A 497 -28.59 -10.97 37.36
N LEU A 498 -27.82 -11.04 38.44
CA LEU A 498 -26.75 -10.06 38.68
C LEU A 498 -25.58 -10.77 39.35
N HIS A 499 -24.42 -10.71 38.70
CA HIS A 499 -23.17 -11.21 39.28
C HIS A 499 -22.24 -10.01 39.49
N ILE A 500 -22.03 -9.63 40.74
CA ILE A 500 -21.16 -8.51 41.08
C ILE A 500 -19.96 -9.04 41.82
N LYS A 501 -18.76 -8.72 41.31
CA LYS A 501 -17.52 -9.17 41.90
C LYS A 501 -16.75 -7.96 42.38
N PHE A 502 -16.47 -7.90 43.67
CA PHE A 502 -15.84 -6.74 44.29
C PHE A 502 -14.64 -7.17 45.11
N THR A 503 -13.55 -6.41 44.99
CA THR A 503 -12.38 -6.63 45.82
C THR A 503 -12.40 -5.80 47.10
N ASP A 504 -13.37 -4.90 47.26
CA ASP A 504 -13.43 -4.04 48.43
C ASP A 504 -14.87 -3.60 48.65
N ILE A 505 -15.14 -3.18 49.89
CA ILE A 505 -16.49 -2.73 50.24
C ILE A 505 -16.86 -1.48 49.47
N LYS A 506 -15.95 -0.51 49.40
CA LYS A 506 -16.27 0.77 48.77
C LYS A 506 -16.55 0.64 47.29
N GLU A 507 -16.10 -0.43 46.65
CA GLU A 507 -16.38 -0.63 45.23
C GLU A 507 -17.82 -1.03 44.96
N ILE A 508 -18.51 -1.61 45.94
CA ILE A 508 -19.89 -2.04 45.77
C ILE A 508 -20.78 -0.83 45.55
N PRO A 509 -21.49 -0.74 44.43
CA PRO A 509 -22.43 0.37 44.24
C PRO A 509 -23.60 0.25 45.21
N LEU A 510 -24.03 1.40 45.73
CA LEU A 510 -25.07 1.43 46.75
C LEU A 510 -26.47 1.27 46.18
N TRP A 511 -26.66 1.54 44.90
CA TRP A 511 -27.99 1.49 44.29
C TRP A 511 -28.46 0.07 44.01
N ILE A 512 -27.57 -0.93 44.11
CA ILE A 512 -27.91 -2.28 43.67
C ILE A 512 -29.03 -2.88 44.50
N TYR A 513 -29.13 -2.49 45.78
CA TYR A 513 -30.21 -2.99 46.61
C TYR A 513 -31.57 -2.45 46.19
N SER A 514 -31.60 -1.30 45.50
CA SER A 514 -32.86 -0.67 45.16
C SER A 514 -33.70 -1.49 44.19
N LEU A 515 -33.08 -2.39 43.43
CA LEU A 515 -33.82 -3.16 42.44
C LEU A 515 -34.82 -4.08 43.11
N LYS A 516 -35.97 -4.27 42.45
CA LYS A 516 -37.04 -5.11 42.98
C LYS A 516 -37.29 -6.37 42.17
N THR A 517 -37.02 -6.34 40.86
CA THR A 517 -37.27 -7.47 39.98
C THR A 517 -36.08 -8.42 39.92
N LEU A 518 -35.04 -8.16 40.70
CA LEU A 518 -33.84 -8.98 40.64
C LEU A 518 -34.10 -10.36 41.22
N GLU A 519 -34.08 -11.37 40.36
CA GLU A 519 -34.29 -12.75 40.78
C GLU A 519 -33.03 -13.43 41.27
N GLU A 520 -31.87 -13.10 40.69
CA GLU A 520 -30.62 -13.75 41.02
C GLU A 520 -29.54 -12.71 41.30
N LEU A 521 -29.03 -12.74 42.53
CA LEU A 521 -27.91 -11.91 42.93
C LEU A 521 -26.72 -12.82 43.25
N HIS A 522 -25.58 -12.53 42.65
CA HIS A 522 -24.36 -13.31 42.86
C HIS A 522 -23.30 -12.39 43.46
N LEU A 523 -22.94 -12.65 44.70
CA LEU A 523 -21.90 -11.90 45.40
C LEU A 523 -20.59 -12.66 45.32
N THR A 524 -19.51 -11.92 45.04
CA THR A 524 -18.17 -12.50 44.94
C THR A 524 -17.18 -11.48 45.50
N GLY A 525 -16.71 -11.72 46.71
CA GLY A 525 -15.78 -10.81 47.35
C GLY A 525 -15.90 -10.80 48.85
N ASN A 526 -14.76 -10.80 49.54
CA ASN A 526 -14.75 -10.92 51.00
C ASN A 526 -15.30 -9.65 51.62
N LEU A 527 -16.56 -9.69 52.05
CA LEU A 527 -17.20 -8.56 52.69
C LEU A 527 -17.09 -8.60 54.21
N SER A 528 -16.35 -9.56 54.76
CA SER A 528 -16.24 -9.69 56.21
C SER A 528 -15.56 -8.46 56.79
N ALA A 529 -16.20 -7.85 57.79
CA ALA A 529 -15.67 -6.68 58.47
C ALA A 529 -15.82 -6.87 59.97
N GLU A 530 -14.99 -6.17 60.72
CA GLU A 530 -14.96 -6.31 62.17
C GLU A 530 -15.82 -5.22 62.81
N ASN A 531 -16.69 -5.62 63.74
CA ASN A 531 -17.49 -4.74 64.58
C ASN A 531 -18.61 -4.06 63.81
N ASN A 532 -18.63 -4.18 62.48
CA ASN A 532 -19.76 -3.71 61.69
C ASN A 532 -20.04 -4.69 60.56
N ARG A 533 -19.96 -6.00 60.84
CA ARG A 533 -20.17 -6.99 59.82
C ARG A 533 -21.64 -7.04 59.40
N TYR A 534 -21.86 -7.47 58.15
CA TYR A 534 -23.20 -7.67 57.61
C TYR A 534 -24.01 -6.38 57.60
N ILE A 535 -23.32 -5.25 57.46
CA ILE A 535 -23.96 -3.95 57.42
C ILE A 535 -23.93 -3.34 56.02
N VAL A 536 -22.85 -3.55 55.26
CA VAL A 536 -22.77 -3.03 53.90
C VAL A 536 -23.89 -3.61 53.03
N ILE A 537 -24.32 -4.83 53.31
CA ILE A 537 -25.36 -5.48 52.53
C ILE A 537 -26.71 -5.41 53.26
N ASP A 538 -26.89 -4.43 54.15
CA ASP A 538 -28.17 -4.30 54.85
C ASP A 538 -29.32 -3.92 53.92
N GLY A 539 -29.01 -3.51 52.69
CA GLY A 539 -30.04 -3.31 51.69
C GLY A 539 -30.56 -4.59 51.07
N LEU A 540 -29.97 -5.72 51.44
CA LEU A 540 -30.34 -7.02 50.89
C LEU A 540 -31.82 -7.33 51.06
N ARG A 541 -32.44 -6.84 52.13
CA ARG A 541 -33.87 -7.11 52.35
C ARG A 541 -34.75 -6.50 51.27
N GLU A 542 -34.22 -5.56 50.49
CA GLU A 542 -35.01 -4.90 49.46
C GLU A 542 -35.21 -5.76 48.22
N LEU A 543 -34.58 -6.93 48.15
CA LEU A 543 -34.71 -7.83 47.00
C LEU A 543 -35.83 -8.83 47.30
N LYS A 544 -37.07 -8.41 47.06
CA LYS A 544 -38.22 -9.26 47.38
C LYS A 544 -38.42 -10.38 46.34
N ARG A 545 -38.08 -10.13 45.08
CA ARG A 545 -38.21 -11.14 44.05
C ARG A 545 -37.01 -12.09 44.01
N LEU A 546 -36.02 -11.90 44.87
CA LEU A 546 -34.85 -12.75 44.87
C LEU A 546 -35.24 -14.20 45.11
N LYS A 547 -34.70 -15.09 44.28
CA LYS A 547 -34.93 -16.53 44.39
C LYS A 547 -33.64 -17.32 44.36
N VAL A 548 -32.62 -16.86 43.63
CA VAL A 548 -31.34 -17.54 43.52
C VAL A 548 -30.27 -16.59 44.04
N LEU A 549 -29.47 -17.04 45.00
CA LEU A 549 -28.53 -16.16 45.68
C LEU A 549 -27.20 -16.87 45.82
N ARG A 550 -26.14 -16.27 45.29
CA ARG A 550 -24.78 -16.81 45.36
C ARG A 550 -23.92 -15.86 46.19
N LEU A 551 -23.51 -16.33 47.38
CA LEU A 551 -22.76 -15.52 48.32
C LEU A 551 -21.42 -16.20 48.59
N LYS A 552 -20.39 -15.80 47.86
CA LYS A 552 -19.03 -16.32 48.02
C LYS A 552 -18.20 -15.16 48.56
N SER A 553 -18.20 -15.00 49.88
CA SER A 553 -17.57 -13.85 50.49
C SER A 553 -16.64 -14.22 51.64
N ASN A 554 -16.10 -15.43 51.64
CA ASN A 554 -15.29 -15.94 52.74
C ASN A 554 -16.06 -15.83 54.06
N LEU A 555 -17.31 -16.31 54.02
CA LEU A 555 -18.23 -16.13 55.14
C LEU A 555 -17.84 -17.00 56.32
N SER A 556 -17.94 -16.43 57.52
CA SER A 556 -17.71 -17.15 58.77
C SER A 556 -19.00 -17.66 59.39
N LYS A 557 -20.00 -16.79 59.55
CA LYS A 557 -21.32 -17.20 59.99
C LYS A 557 -22.35 -16.53 59.09
N LEU A 558 -23.48 -17.21 58.91
CA LEU A 558 -24.51 -16.72 58.00
C LEU A 558 -25.10 -15.42 58.51
N PRO A 559 -25.09 -14.34 57.73
CA PRO A 559 -25.66 -13.07 58.21
C PRO A 559 -27.14 -13.20 58.51
N GLN A 560 -27.56 -12.48 59.55
CA GLN A 560 -28.98 -12.50 59.92
C GLN A 560 -29.85 -11.88 58.84
N VAL A 561 -29.32 -10.91 58.09
CA VAL A 561 -30.08 -10.30 57.00
C VAL A 561 -30.32 -11.32 55.89
N VAL A 562 -29.36 -12.21 55.66
CA VAL A 562 -29.54 -13.26 54.66
C VAL A 562 -30.67 -14.18 55.06
N THR A 563 -30.73 -14.58 56.34
CA THR A 563 -31.85 -15.38 56.80
C THR A 563 -33.15 -14.60 56.71
N ASP A 564 -33.11 -13.29 56.96
CA ASP A 564 -34.30 -12.47 56.84
C ASP A 564 -34.85 -12.53 55.42
N VAL A 565 -33.98 -12.37 54.43
CA VAL A 565 -34.44 -12.43 53.04
C VAL A 565 -34.76 -13.85 52.61
N GLY A 566 -34.22 -14.86 53.30
CA GLY A 566 -34.43 -16.24 52.94
C GLY A 566 -35.80 -16.79 53.23
N VAL A 567 -36.69 -16.00 53.82
CA VAL A 567 -38.04 -16.46 54.10
C VAL A 567 -38.83 -16.69 52.82
N HIS A 568 -38.39 -16.13 51.69
CA HIS A 568 -39.06 -16.27 50.42
C HIS A 568 -38.15 -16.67 49.27
N LEU A 569 -36.90 -17.04 49.55
CA LEU A 569 -35.98 -17.39 48.49
C LEU A 569 -36.23 -18.80 47.98
N GLN A 570 -35.57 -19.14 46.87
CA GLN A 570 -35.66 -20.47 46.28
C GLN A 570 -34.35 -21.25 46.30
N LYS A 571 -33.24 -20.64 45.89
CA LYS A 571 -31.95 -21.32 45.82
C LYS A 571 -30.90 -20.50 46.53
N LEU A 572 -30.11 -21.15 47.38
CA LEU A 572 -29.03 -20.49 48.10
C LEU A 572 -27.78 -21.35 47.99
N SER A 573 -26.67 -20.74 47.55
CA SER A 573 -25.42 -21.45 47.35
C SER A 573 -24.31 -20.73 48.09
N ILE A 574 -23.58 -21.47 48.93
CA ILE A 574 -22.57 -20.89 49.82
C ILE A 574 -21.24 -21.60 49.59
N ASN A 575 -20.19 -20.82 49.34
CA ASN A 575 -18.83 -21.32 49.34
C ASN A 575 -17.96 -20.34 50.11
N ASN A 576 -17.49 -20.75 51.29
CA ASN A 576 -16.64 -19.90 52.11
C ASN A 576 -15.16 -20.10 51.84
N GLU A 577 -14.82 -20.93 50.84
CA GLU A 577 -13.43 -21.15 50.43
C GLU A 577 -12.57 -21.62 51.60
N GLY A 578 -13.08 -22.62 52.33
CA GLY A 578 -12.36 -23.22 53.42
C GLY A 578 -12.75 -22.67 54.79
N THR A 579 -13.36 -21.49 54.84
CA THR A 579 -13.77 -20.93 56.11
C THR A 579 -14.96 -21.70 56.67
N LYS A 580 -14.90 -22.01 57.97
CA LYS A 580 -15.99 -22.74 58.60
C LYS A 580 -17.25 -21.89 58.64
N LEU A 581 -18.37 -22.52 58.33
CA LEU A 581 -19.68 -21.88 58.39
C LEU A 581 -20.33 -22.22 59.71
N ILE A 582 -20.90 -21.22 60.36
CA ILE A 582 -21.59 -21.38 61.64
C ILE A 582 -23.08 -21.19 61.40
N VAL A 583 -23.87 -22.18 61.83
CA VAL A 583 -25.31 -22.14 61.61
C VAL A 583 -26.00 -21.63 62.87
N LEU A 584 -25.90 -22.39 63.96
CA LEU A 584 -26.46 -22.03 65.26
C LEU A 584 -27.90 -21.54 65.14
N ASN A 585 -28.76 -22.42 64.63
CA ASN A 585 -30.20 -22.17 64.53
C ASN A 585 -30.50 -20.91 63.72
N SER A 586 -29.72 -20.69 62.66
CA SER A 586 -29.96 -19.59 61.73
C SER A 586 -30.14 -20.08 60.30
N LEU A 587 -30.41 -21.37 60.12
CA LEU A 587 -30.51 -21.97 58.80
C LEU A 587 -31.84 -22.64 58.51
N LYS A 588 -32.64 -22.95 59.53
CA LYS A 588 -33.90 -23.64 59.31
C LYS A 588 -35.06 -22.71 58.99
N LYS A 589 -34.82 -21.39 58.95
CA LYS A 589 -35.89 -20.45 58.67
C LYS A 589 -36.13 -20.24 57.18
N MET A 590 -35.27 -20.78 56.32
CA MET A 590 -35.44 -20.68 54.87
C MET A 590 -36.40 -21.78 54.39
N VAL A 591 -37.66 -21.62 54.78
CA VAL A 591 -38.66 -22.64 54.51
C VAL A 591 -38.91 -22.85 53.03
N ASN A 592 -38.68 -21.83 52.21
CA ASN A 592 -38.98 -21.91 50.78
C ASN A 592 -37.78 -22.23 49.92
N LEU A 593 -36.62 -22.52 50.52
CA LEU A 593 -35.45 -22.88 49.74
C LEU A 593 -35.67 -24.22 49.05
N THR A 594 -35.29 -24.30 47.77
CA THR A 594 -35.53 -25.48 46.96
C THR A 594 -34.28 -26.28 46.64
N GLU A 595 -33.12 -25.64 46.50
CA GLU A 595 -31.87 -26.34 46.22
C GLU A 595 -30.77 -25.72 47.07
N LEU A 596 -30.24 -26.48 48.02
CA LEU A 596 -29.25 -26.01 48.96
C LEU A 596 -27.88 -26.58 48.60
N GLU A 597 -26.87 -25.71 48.53
CA GLU A 597 -25.51 -26.10 48.19
C GLU A 597 -24.55 -25.48 49.21
N LEU A 598 -23.70 -26.31 49.79
CA LEU A 598 -22.70 -25.88 50.77
C LEU A 598 -21.34 -26.38 50.28
N ILE A 599 -20.51 -25.45 49.81
CA ILE A 599 -19.21 -25.78 49.24
C ILE A 599 -18.13 -25.32 50.19
N ARG A 600 -17.30 -26.27 50.64
CA ARG A 600 -16.15 -25.98 51.49
C ARG A 600 -16.51 -25.10 52.68
N CYS A 601 -17.73 -25.27 53.19
CA CYS A 601 -18.18 -24.52 54.34
C CYS A 601 -17.56 -25.03 55.64
N ASP A 602 -16.78 -26.11 55.57
CA ASP A 602 -16.00 -26.62 56.70
C ASP A 602 -16.89 -26.88 57.91
N LEU A 603 -18.09 -27.40 57.68
CA LEU A 603 -18.96 -27.78 58.77
C LEU A 603 -18.38 -28.96 59.55
N GLU A 604 -17.89 -29.96 58.83
CA GLU A 604 -17.37 -31.22 59.37
C GLU A 604 -18.43 -32.01 60.11
N ARG A 605 -19.66 -31.50 60.17
CA ARG A 605 -20.78 -32.10 60.87
C ARG A 605 -22.04 -31.42 60.38
N ILE A 606 -22.99 -32.20 59.90
CA ILE A 606 -24.16 -31.64 59.21
C ILE A 606 -25.04 -30.90 60.22
N PRO A 607 -25.40 -29.65 59.96
CA PRO A 607 -26.38 -28.98 60.83
C PRO A 607 -27.75 -29.61 60.72
N HIS A 608 -28.50 -29.52 61.81
CA HIS A 608 -29.84 -30.11 61.85
C HIS A 608 -30.87 -29.27 61.10
N SER A 609 -30.57 -28.00 60.85
CA SER A 609 -31.57 -27.08 60.29
C SER A 609 -32.11 -27.58 58.96
N ILE A 610 -31.25 -28.18 58.14
CA ILE A 610 -31.67 -28.67 56.83
C ILE A 610 -32.85 -29.61 56.95
N PHE A 611 -32.96 -30.33 58.08
CA PHE A 611 -33.99 -31.33 58.25
C PHE A 611 -35.38 -30.73 58.42
N SER A 612 -35.47 -29.44 58.72
CA SER A 612 -36.76 -28.77 58.86
C SER A 612 -37.27 -28.19 57.55
N LEU A 613 -36.49 -28.29 56.48
CA LEU A 613 -36.87 -27.77 55.17
C LEU A 613 -37.34 -28.94 54.32
N HIS A 614 -38.63 -29.31 54.51
CA HIS A 614 -39.16 -30.49 53.85
C HIS A 614 -39.21 -30.34 52.33
N ASN A 615 -39.56 -29.16 51.82
CA ASN A 615 -39.68 -28.95 50.39
C ASN A 615 -38.33 -28.95 49.67
N LEU A 616 -37.24 -28.93 50.41
CA LEU A 616 -35.91 -28.91 49.81
C LEU A 616 -35.73 -30.11 48.89
N GLN A 617 -35.10 -29.87 47.74
CA GLN A 617 -34.91 -30.91 46.73
C GLN A 617 -33.49 -31.44 46.67
N GLU A 618 -32.49 -30.59 46.48
CA GLU A 618 -31.13 -31.03 46.22
C GLU A 618 -30.17 -30.47 47.27
N ILE A 619 -29.34 -31.35 47.81
CA ILE A 619 -28.38 -31.01 48.85
C ILE A 619 -26.98 -31.29 48.33
N ASP A 620 -26.09 -30.32 48.45
CA ASP A 620 -24.68 -30.49 48.13
C ASP A 620 -23.85 -30.06 49.34
N LEU A 621 -23.00 -30.97 49.80
CA LEU A 621 -22.04 -30.72 50.87
C LEU A 621 -20.63 -30.90 50.34
N LYS A 622 -20.39 -30.36 49.15
CA LYS A 622 -19.14 -30.57 48.45
C LYS A 622 -17.95 -30.09 49.27
N ASP A 623 -17.03 -31.02 49.55
CA ASP A 623 -15.75 -30.70 50.18
C ASP A 623 -15.94 -29.96 51.49
N ASN A 624 -16.91 -30.40 52.29
CA ASN A 624 -17.18 -29.80 53.59
C ASN A 624 -16.50 -30.57 54.72
N ASN A 625 -15.49 -31.38 54.38
CA ASN A 625 -14.69 -32.10 55.38
C ASN A 625 -15.57 -32.99 56.26
N LEU A 626 -16.58 -33.60 55.66
CA LEU A 626 -17.49 -34.46 56.41
C LEU A 626 -16.89 -35.86 56.56
N LYS A 627 -17.14 -36.46 57.73
CA LYS A 627 -16.77 -37.84 58.00
C LYS A 627 -17.99 -38.71 58.28
N THR A 628 -18.86 -38.28 59.19
CA THR A 628 -20.01 -39.05 59.62
C THR A 628 -21.27 -38.49 58.96
N ILE A 629 -22.05 -39.38 58.35
CA ILE A 629 -23.26 -38.99 57.64
C ILE A 629 -24.47 -39.72 58.20
N GLU A 630 -24.46 -39.99 59.51
CA GLU A 630 -25.60 -40.66 60.13
C GLU A 630 -26.88 -39.84 59.98
N GLU A 631 -26.77 -38.51 60.11
CA GLU A 631 -27.92 -37.63 60.12
C GLU A 631 -28.76 -37.74 58.85
N ILE A 632 -28.29 -38.44 57.81
CA ILE A 632 -29.09 -38.68 56.62
C ILE A 632 -30.37 -39.43 56.94
N ILE A 633 -30.42 -40.11 58.10
CA ILE A 633 -31.66 -40.74 58.52
C ILE A 633 -32.75 -39.67 58.67
N SER A 634 -32.41 -38.52 59.23
CA SER A 634 -33.35 -37.42 59.35
C SER A 634 -33.82 -36.90 58.00
N PHE A 635 -33.17 -37.31 56.91
CA PHE A 635 -33.68 -36.99 55.58
C PHE A 635 -35.04 -37.59 55.32
N GLN A 636 -35.46 -38.59 56.11
CA GLN A 636 -36.84 -39.05 56.03
C GLN A 636 -37.83 -37.94 56.33
N HIS A 637 -37.42 -36.92 57.09
CA HIS A 637 -38.24 -35.74 57.24
C HIS A 637 -38.43 -35.01 55.92
N LEU A 638 -37.36 -34.94 55.12
CA LEU A 638 -37.44 -34.31 53.80
C LEU A 638 -38.17 -35.28 52.87
N HIS A 639 -39.48 -35.06 52.72
CA HIS A 639 -40.26 -35.86 51.78
C HIS A 639 -39.98 -35.45 50.35
N ARG A 640 -39.49 -34.23 50.13
CA ARG A 640 -39.24 -33.70 48.79
C ARG A 640 -37.78 -33.76 48.40
N LEU A 641 -36.97 -34.53 49.13
CA LEU A 641 -35.54 -34.64 48.84
C LEU A 641 -35.35 -35.39 47.53
N THR A 642 -34.70 -34.75 46.56
CA THR A 642 -34.55 -35.31 45.23
C THR A 642 -33.14 -35.75 44.89
N CYS A 643 -32.13 -34.98 45.27
CA CYS A 643 -30.76 -35.26 44.88
C CYS A 643 -29.83 -35.07 46.07
N LEU A 644 -28.66 -35.70 45.98
CA LEU A 644 -27.66 -35.63 47.04
C LEU A 644 -26.28 -35.59 46.43
N LYS A 645 -25.46 -34.61 46.84
CA LYS A 645 -24.09 -34.47 46.38
C LYS A 645 -23.19 -34.36 47.60
N LEU A 646 -22.43 -35.41 47.88
CA LEU A 646 -21.50 -35.42 49.00
C LEU A 646 -20.09 -35.74 48.53
N TRP A 647 -19.77 -35.39 47.29
CA TRP A 647 -18.48 -35.71 46.71
C TRP A 647 -17.38 -34.88 47.35
N TYR A 648 -16.13 -35.22 47.03
CA TYR A 648 -14.97 -34.47 47.47
C TYR A 648 -14.92 -34.38 49.00
N ASN A 649 -15.47 -35.39 49.65
CA ASN A 649 -15.49 -35.48 51.10
C ASN A 649 -14.58 -36.62 51.56
N HIS A 650 -14.61 -36.88 52.86
CA HIS A 650 -13.77 -37.90 53.47
C HIS A 650 -14.59 -39.02 54.08
N ILE A 651 -15.73 -39.33 53.47
CA ILE A 651 -16.61 -40.38 53.96
C ILE A 651 -15.95 -41.73 53.68
N ALA A 652 -15.81 -42.55 54.72
CA ALA A 652 -15.17 -43.85 54.56
C ALA A 652 -16.20 -44.96 54.32
N TYR A 653 -17.31 -44.92 55.04
CA TYR A 653 -18.33 -45.95 54.93
C TYR A 653 -19.69 -45.28 54.75
N ILE A 654 -20.59 -45.98 54.07
CA ILE A 654 -21.95 -45.49 53.83
C ILE A 654 -22.87 -46.21 54.82
N PRO A 655 -23.54 -45.50 55.71
CA PRO A 655 -24.57 -46.14 56.54
C PRO A 655 -25.68 -46.71 55.66
N ILE A 656 -26.24 -47.84 56.10
CA ILE A 656 -27.27 -48.52 55.32
C ILE A 656 -28.53 -47.67 55.21
N GLN A 657 -28.86 -46.90 56.26
CA GLN A 657 -30.15 -46.22 56.34
C GLN A 657 -30.38 -45.25 55.19
N ILE A 658 -29.36 -44.97 54.39
CA ILE A 658 -29.53 -44.15 53.19
C ILE A 658 -30.58 -44.75 52.26
N GLY A 659 -30.79 -46.06 52.32
CA GLY A 659 -31.81 -46.69 51.50
C GLY A 659 -33.22 -46.27 51.85
N ASN A 660 -33.42 -45.65 53.02
CA ASN A 660 -34.74 -45.15 53.37
C ASN A 660 -35.19 -44.04 52.41
N LEU A 661 -34.24 -43.27 51.88
CA LEU A 661 -34.55 -42.17 50.96
C LEU A 661 -34.67 -42.72 49.55
N THR A 662 -35.87 -43.20 49.23
CA THR A 662 -36.11 -43.70 47.88
C THR A 662 -36.48 -42.60 46.89
N ASN A 663 -36.71 -41.39 47.38
CA ASN A 663 -37.03 -40.26 46.52
C ASN A 663 -35.83 -39.77 45.72
N LEU A 664 -34.62 -40.19 46.08
CA LEU A 664 -33.42 -39.68 45.43
C LEU A 664 -33.36 -40.12 43.97
N GLU A 665 -32.86 -39.24 43.12
CA GLU A 665 -32.68 -39.61 41.72
C GLU A 665 -31.22 -39.57 41.27
N ARG A 666 -30.52 -38.47 41.52
CA ARG A 666 -29.12 -38.34 41.13
C ARG A 666 -28.28 -38.20 42.40
N LEU A 667 -27.26 -39.05 42.52
CA LEU A 667 -26.42 -39.09 43.71
C LEU A 667 -24.99 -39.35 43.29
N TYR A 668 -24.10 -38.41 43.60
CA TYR A 668 -22.68 -38.52 43.28
C TYR A 668 -21.89 -38.70 44.57
N LEU A 669 -21.04 -39.73 44.61
CA LEU A 669 -20.24 -39.97 45.80
C LEU A 669 -18.79 -40.28 45.46
N ASN A 670 -18.25 -39.73 44.38
CA ASN A 670 -16.88 -40.02 44.00
C ASN A 670 -15.91 -39.29 44.93
N ARG A 671 -14.62 -39.64 44.78
CA ARG A 671 -13.53 -38.99 45.51
C ARG A 671 -13.74 -39.08 47.03
N ASN A 672 -14.14 -40.26 47.49
CA ASN A 672 -14.32 -40.53 48.90
C ASN A 672 -13.59 -41.83 49.25
N LYS A 673 -13.56 -42.14 50.54
CA LYS A 673 -12.91 -43.34 51.03
C LYS A 673 -13.85 -44.53 51.09
N ILE A 674 -14.89 -44.55 50.27
CA ILE A 674 -15.85 -45.63 50.29
C ILE A 674 -15.24 -46.88 49.71
N GLU A 675 -15.28 -47.97 50.48
CA GLU A 675 -14.76 -49.26 50.04
C GLU A 675 -15.84 -50.31 49.87
N LYS A 676 -17.03 -50.09 50.43
CA LYS A 676 -18.12 -51.05 50.33
C LYS A 676 -19.43 -50.30 50.10
N ILE A 677 -20.22 -50.79 49.15
CA ILE A 677 -21.51 -50.18 48.82
C ILE A 677 -22.58 -50.93 49.61
N PRO A 678 -23.25 -50.29 50.57
CA PRO A 678 -24.24 -51.01 51.38
C PRO A 678 -25.41 -51.50 50.56
N THR A 679 -25.91 -52.68 50.93
CA THR A 679 -27.05 -53.26 50.24
C THR A 679 -28.30 -52.41 50.40
N GLN A 680 -28.52 -51.85 51.60
CA GLN A 680 -29.72 -51.07 51.83
C GLN A 680 -29.76 -49.83 50.93
N LEU A 681 -28.59 -49.31 50.54
CA LEU A 681 -28.55 -48.18 49.63
C LEU A 681 -29.26 -48.49 48.31
N PHE A 682 -29.33 -49.76 47.92
CA PHE A 682 -30.01 -50.13 46.69
C PHE A 682 -31.53 -50.14 46.83
N TYR A 683 -32.07 -49.69 47.96
CA TYR A 683 -33.50 -49.52 48.12
C TYR A 683 -34.03 -48.26 47.45
N CYS A 684 -33.15 -47.32 47.09
CA CYS A 684 -33.53 -46.07 46.44
C CYS A 684 -33.81 -46.36 44.96
N ARG A 685 -34.95 -47.01 44.72
CA ARG A 685 -35.26 -47.49 43.37
C ARG A 685 -35.40 -46.35 42.38
N LYS A 686 -35.80 -45.17 42.83
CA LYS A 686 -35.97 -44.03 41.94
C LYS A 686 -34.65 -43.30 41.66
N LEU A 687 -33.52 -43.92 41.99
CA LEU A 687 -32.22 -43.34 41.65
C LEU A 687 -31.99 -43.41 40.14
N ARG A 688 -31.39 -42.34 39.60
CA ARG A 688 -31.13 -42.24 38.16
C ARG A 688 -29.64 -42.15 37.84
N TYR A 689 -28.89 -41.37 38.61
CA TYR A 689 -27.48 -41.10 38.33
C TYR A 689 -26.63 -41.43 39.55
N LEU A 690 -25.57 -42.20 39.34
CA LEU A 690 -24.68 -42.62 40.41
C LEU A 690 -23.24 -42.39 40.01
N ASP A 691 -22.45 -41.84 40.93
CA ASP A 691 -21.02 -41.61 40.71
C ASP A 691 -20.27 -42.16 41.91
N LEU A 692 -19.37 -43.11 41.67
CA LEU A 692 -18.57 -43.70 42.73
C LEU A 692 -17.08 -43.74 42.35
N SER A 693 -16.66 -42.85 41.47
CA SER A 693 -15.29 -42.90 40.96
C SER A 693 -14.29 -42.52 42.05
N HIS A 694 -13.04 -42.94 41.82
CA HIS A 694 -11.92 -42.57 42.69
C HIS A 694 -12.21 -42.91 44.15
N ASN A 695 -12.77 -44.10 44.37
CA ASN A 695 -12.95 -44.65 45.70
C ASN A 695 -12.18 -45.96 45.79
N ASN A 696 -12.10 -46.50 47.00
CA ASN A 696 -11.35 -47.74 47.24
C ASN A 696 -12.23 -48.97 47.23
N LEU A 697 -13.30 -48.96 46.43
CA LEU A 697 -14.12 -50.14 46.26
C LEU A 697 -13.36 -51.20 45.48
N THR A 698 -13.66 -52.47 45.77
CA THR A 698 -13.11 -53.58 45.01
C THR A 698 -14.18 -54.50 44.44
N PHE A 699 -15.45 -54.29 44.77
CA PHE A 699 -16.52 -55.19 44.34
C PHE A 699 -17.79 -54.37 44.17
N LEU A 700 -18.71 -54.91 43.37
CA LEU A 700 -20.00 -54.28 43.17
C LEU A 700 -21.10 -55.22 43.65
N PRO A 701 -21.91 -54.82 44.62
CA PRO A 701 -22.94 -55.73 45.15
C PRO A 701 -23.97 -56.08 44.09
N ALA A 702 -24.55 -57.27 44.23
CA ALA A 702 -25.52 -57.75 43.25
C ALA A 702 -26.76 -56.88 43.21
N ASP A 703 -27.09 -56.22 44.33
CA ASP A 703 -28.31 -55.44 44.40
C ASP A 703 -28.29 -54.22 43.47
N ILE A 704 -27.14 -53.89 42.90
CA ILE A 704 -27.10 -52.84 41.89
C ILE A 704 -27.97 -53.21 40.69
N GLY A 705 -28.15 -54.51 40.45
CA GLY A 705 -29.05 -54.93 39.39
C GLY A 705 -30.51 -54.60 39.67
N LEU A 706 -30.87 -54.41 40.94
CA LEU A 706 -32.26 -54.19 41.29
C LEU A 706 -32.78 -52.82 40.87
N LEU A 707 -31.88 -51.86 40.62
CA LEU A 707 -32.27 -50.51 40.22
C LEU A 707 -32.20 -50.42 38.70
N GLN A 708 -33.21 -50.99 38.05
CA GLN A 708 -33.22 -51.07 36.59
C GLN A 708 -33.27 -49.71 35.93
N ASN A 709 -33.61 -48.66 36.68
CA ASN A 709 -33.82 -47.33 36.14
C ASN A 709 -32.58 -46.46 36.22
N LEU A 710 -31.39 -47.05 36.18
CA LEU A 710 -30.16 -46.28 36.22
C LEU A 710 -29.79 -45.79 34.82
N GLN A 711 -29.21 -44.60 34.74
CA GLN A 711 -28.79 -44.04 33.47
C GLN A 711 -27.29 -43.87 33.33
N ASN A 712 -26.63 -43.30 34.34
CA ASN A 712 -25.19 -43.06 34.30
C ASN A 712 -24.54 -43.63 35.54
N LEU A 713 -23.48 -44.41 35.34
CA LEU A 713 -22.68 -44.98 36.42
C LEU A 713 -21.24 -44.51 36.25
N ALA A 714 -20.62 -44.09 37.34
CA ALA A 714 -19.26 -43.57 37.31
C ALA A 714 -18.43 -44.25 38.40
N VAL A 715 -17.55 -45.15 37.99
CA VAL A 715 -16.63 -45.81 38.91
C VAL A 715 -15.21 -45.65 38.40
N THR A 716 -14.95 -44.53 37.73
CA THR A 716 -13.66 -44.32 37.08
C THR A 716 -12.53 -44.35 38.09
N ALA A 717 -11.42 -45.00 37.72
CA ALA A 717 -10.20 -45.02 38.51
C ALA A 717 -10.43 -45.60 39.90
N ASN A 718 -10.79 -46.88 39.94
CA ASN A 718 -11.00 -47.56 41.22
C ASN A 718 -10.31 -48.91 41.24
N ARG A 719 -10.54 -49.69 42.30
CA ARG A 719 -9.93 -51.00 42.46
C ARG A 719 -10.95 -52.11 42.21
N ILE A 720 -11.95 -51.85 41.37
CA ILE A 720 -12.94 -52.86 41.06
C ILE A 720 -12.27 -53.91 40.18
N GLU A 721 -12.18 -55.14 40.68
CA GLU A 721 -11.46 -56.18 39.95
C GLU A 721 -12.26 -56.66 38.74
N ALA A 722 -13.55 -56.93 38.92
CA ALA A 722 -14.35 -57.52 37.86
C ALA A 722 -15.71 -56.84 37.79
N LEU A 723 -16.31 -56.88 36.60
CA LEU A 723 -17.63 -56.32 36.40
C LEU A 723 -18.68 -57.39 36.64
N PRO A 724 -19.54 -57.26 37.64
CA PRO A 724 -20.55 -58.29 37.90
C PRO A 724 -21.61 -58.29 36.81
N PRO A 725 -22.00 -59.47 36.32
CA PRO A 725 -23.04 -59.52 35.28
C PRO A 725 -24.38 -58.94 35.69
N GLU A 726 -24.74 -59.02 36.97
CA GLU A 726 -26.06 -58.54 37.40
C GLU A 726 -26.25 -57.06 37.09
N LEU A 727 -25.16 -56.29 37.11
CA LEU A 727 -25.26 -54.87 36.80
C LEU A 727 -25.82 -54.62 35.41
N PHE A 728 -25.67 -55.60 34.50
CA PHE A 728 -26.22 -55.45 33.15
C PHE A 728 -27.74 -55.41 33.14
N GLN A 729 -28.41 -55.75 34.24
CA GLN A 729 -29.86 -55.72 34.26
C GLN A 729 -30.44 -54.32 34.09
N CYS A 730 -29.69 -53.28 34.41
CA CYS A 730 -30.18 -51.92 34.27
C CYS A 730 -30.22 -51.54 32.79
N ARG A 731 -31.39 -51.71 32.16
CA ARG A 731 -31.47 -51.60 30.71
C ARG A 731 -31.29 -50.16 30.23
N LYS A 732 -31.89 -49.20 30.94
CA LYS A 732 -31.88 -47.82 30.47
C LYS A 732 -30.57 -47.10 30.76
N LEU A 733 -29.52 -47.84 31.12
CA LEU A 733 -28.22 -47.24 31.34
C LEU A 733 -27.66 -46.73 30.02
N ARG A 734 -27.16 -45.50 30.02
CA ARG A 734 -26.61 -44.89 28.82
C ARG A 734 -25.14 -44.52 28.93
N ALA A 735 -24.52 -44.73 30.09
CA ALA A 735 -23.11 -44.42 30.26
C ALA A 735 -22.47 -45.38 31.25
N LEU A 736 -21.18 -45.61 31.07
CA LEU A 736 -20.41 -46.45 31.99
C LEU A 736 -19.00 -45.85 32.11
N HIS A 737 -18.74 -45.21 33.24
CA HIS A 737 -17.48 -44.49 33.45
C HIS A 737 -16.54 -45.42 34.22
N LEU A 738 -15.94 -46.35 33.48
CA LEU A 738 -15.15 -47.42 34.06
C LEU A 738 -13.66 -47.29 33.73
N GLY A 739 -13.23 -46.11 33.29
CA GLY A 739 -11.84 -45.95 32.92
C GLY A 739 -10.90 -46.06 34.11
N ASN A 740 -9.66 -46.48 33.81
CA ASN A 740 -8.55 -46.49 34.77
C ASN A 740 -8.83 -47.41 35.95
N ASN A 741 -9.53 -48.51 35.72
CA ASN A 741 -9.76 -49.50 36.76
C ASN A 741 -8.77 -50.65 36.62
N VAL A 742 -8.94 -51.68 37.44
CA VAL A 742 -8.08 -52.85 37.39
C VAL A 742 -8.82 -54.00 36.74
N LEU A 743 -9.78 -53.67 35.88
CA LEU A 743 -10.56 -54.68 35.18
C LEU A 743 -9.65 -55.55 34.33
N GLN A 744 -9.85 -56.86 34.41
CA GLN A 744 -9.05 -57.82 33.64
C GLN A 744 -9.74 -58.24 32.34
N SER A 745 -10.97 -58.72 32.44
CA SER A 745 -11.74 -59.15 31.28
C SER A 745 -13.12 -58.52 31.33
N LEU A 746 -13.54 -57.94 30.23
CA LEU A 746 -14.87 -57.34 30.19
C LEU A 746 -15.92 -58.41 29.93
N PRO A 747 -16.93 -58.54 30.79
CA PRO A 747 -18.00 -59.51 30.54
C PRO A 747 -18.70 -59.23 29.21
N SER A 748 -19.04 -60.31 28.51
CA SER A 748 -19.63 -60.20 27.19
C SER A 748 -21.01 -59.57 27.20
N ARG A 749 -21.70 -59.56 28.35
CA ARG A 749 -23.06 -59.03 28.43
C ARG A 749 -23.12 -57.52 28.20
N VAL A 750 -22.00 -56.87 27.86
CA VAL A 750 -22.03 -55.45 27.55
C VAL A 750 -22.92 -55.17 26.35
N GLY A 751 -23.06 -56.13 25.44
CA GLY A 751 -23.97 -55.97 24.32
C GLY A 751 -25.42 -55.89 24.73
N GLU A 752 -25.75 -56.33 25.94
CA GLU A 752 -27.11 -56.20 26.44
C GLU A 752 -27.51 -54.75 26.67
N LEU A 753 -26.53 -53.85 26.79
CA LEU A 753 -26.82 -52.43 27.02
C LEU A 753 -27.01 -51.77 25.67
N THR A 754 -28.26 -51.81 25.18
CA THR A 754 -28.59 -51.13 23.93
C THR A 754 -28.64 -49.63 24.13
N ASN A 755 -29.10 -49.17 25.29
CA ASN A 755 -29.22 -47.75 25.57
C ASN A 755 -27.88 -47.10 25.88
N LEU A 756 -26.82 -47.87 26.05
CA LEU A 756 -25.51 -47.29 26.34
C LEU A 756 -25.06 -46.45 25.16
N THR A 757 -24.58 -45.24 25.46
CA THR A 757 -24.07 -44.32 24.45
C THR A 757 -22.58 -44.11 24.55
N GLN A 758 -22.05 -43.88 25.75
CA GLN A 758 -20.65 -43.56 25.96
C GLN A 758 -20.08 -44.45 27.05
N ILE A 759 -18.83 -44.88 26.88
CA ILE A 759 -18.13 -45.68 27.88
C ILE A 759 -16.64 -45.42 27.77
N GLU A 760 -15.96 -45.35 28.91
CA GLU A 760 -14.52 -45.15 28.94
C GLU A 760 -13.85 -46.34 29.62
N LEU A 761 -12.78 -46.84 28.99
CA LEU A 761 -12.06 -48.00 29.49
C LEU A 761 -10.55 -47.83 29.41
N ARG A 762 -10.07 -46.62 29.16
CA ARG A 762 -8.64 -46.37 29.18
C ARG A 762 -8.09 -46.57 30.58
N GLY A 763 -6.86 -47.09 30.66
CA GLY A 763 -6.22 -47.31 31.94
C GLY A 763 -6.59 -48.60 32.63
N ASN A 764 -7.08 -49.60 31.90
CA ASN A 764 -7.46 -50.88 32.47
C ASN A 764 -6.59 -51.99 31.91
N ARG A 765 -6.34 -53.00 32.76
CA ARG A 765 -5.58 -54.18 32.33
C ARG A 765 -6.52 -55.16 31.61
N LEU A 766 -7.07 -54.68 30.51
CA LEU A 766 -7.99 -55.45 29.69
C LEU A 766 -7.23 -55.98 28.48
N GLU A 767 -7.16 -57.31 28.34
CA GLU A 767 -6.39 -57.89 27.25
C GLU A 767 -7.21 -57.96 25.96
N CYS A 768 -8.45 -58.42 26.05
CA CYS A 768 -9.25 -58.64 24.85
C CYS A 768 -10.66 -58.09 25.07
N LEU A 769 -11.25 -57.59 23.99
CA LEU A 769 -12.54 -56.92 23.96
C LEU A 769 -13.66 -57.90 23.62
N PRO A 770 -14.80 -57.79 24.31
CA PRO A 770 -15.96 -58.59 23.92
C PRO A 770 -16.54 -58.12 22.59
N VAL A 771 -17.15 -59.06 21.87
CA VAL A 771 -17.68 -58.71 20.55
C VAL A 771 -19.09 -58.13 20.67
N GLU A 772 -19.86 -58.55 21.69
CA GLU A 772 -21.22 -58.05 21.86
C GLU A 772 -21.26 -56.54 22.02
N LEU A 773 -20.16 -55.94 22.48
CA LEU A 773 -20.10 -54.49 22.62
C LEU A 773 -20.36 -53.78 21.29
N GLY A 774 -20.10 -54.45 20.17
CA GLY A 774 -20.35 -53.85 18.88
C GLY A 774 -21.79 -53.90 18.41
N GLU A 775 -22.69 -54.52 19.17
CA GLU A 775 -24.09 -54.60 18.77
C GLU A 775 -24.93 -53.47 19.39
N CYS A 776 -24.29 -52.55 20.11
CA CYS A 776 -25.01 -51.48 20.78
C CYS A 776 -25.38 -50.41 19.75
N PRO A 777 -26.67 -50.15 19.53
CA PRO A 777 -27.05 -49.16 18.49
C PRO A 777 -26.56 -47.76 18.76
N LEU A 778 -26.50 -47.33 20.03
CA LEU A 778 -26.22 -45.95 20.37
C LEU A 778 -24.80 -45.73 20.84
N LEU A 779 -23.95 -46.76 20.79
CA LEU A 779 -22.55 -46.63 21.15
C LEU A 779 -21.73 -46.32 19.90
N LYS A 780 -20.89 -45.28 19.99
CA LYS A 780 -20.09 -44.83 18.86
C LYS A 780 -18.61 -44.79 19.22
N ARG A 781 -17.77 -44.65 18.20
CA ARG A 781 -16.32 -44.71 18.41
C ARG A 781 -15.83 -43.60 19.32
N SER A 782 -16.32 -42.37 19.13
CA SER A 782 -15.95 -41.29 20.04
C SER A 782 -16.42 -41.58 21.45
N GLY A 783 -17.66 -42.07 21.60
CA GLY A 783 -18.16 -42.44 22.91
C GLY A 783 -17.42 -43.62 23.51
N LEU A 784 -16.87 -44.48 22.66
CA LEU A 784 -16.09 -45.63 23.13
C LEU A 784 -14.65 -45.18 23.34
N VAL A 785 -14.25 -45.00 24.59
CA VAL A 785 -12.91 -44.52 24.93
C VAL A 785 -12.05 -45.75 25.16
N VAL A 786 -11.42 -46.22 24.09
CA VAL A 786 -10.54 -47.39 24.13
C VAL A 786 -9.27 -47.05 23.37
N GLU A 787 -8.14 -47.53 23.89
CA GLU A 787 -6.85 -47.30 23.24
C GLU A 787 -6.83 -47.94 21.87
N GLU A 788 -6.11 -47.32 20.94
CA GLU A 788 -6.11 -47.77 19.56
C GLU A 788 -5.49 -49.16 19.41
N ASP A 789 -4.44 -49.45 20.17
CA ASP A 789 -3.85 -50.79 20.12
C ASP A 789 -4.84 -51.83 20.60
N LEU A 790 -5.58 -51.53 21.67
CA LEU A 790 -6.68 -52.40 22.08
C LEU A 790 -7.85 -52.33 21.09
N PHE A 791 -8.06 -51.16 20.49
CA PHE A 791 -9.11 -51.01 19.48
C PHE A 791 -8.89 -51.94 18.29
N SER A 792 -7.62 -52.25 17.99
CA SER A 792 -7.31 -53.17 16.90
C SER A 792 -7.61 -54.61 17.26
N THR A 793 -7.71 -54.95 18.55
CA THR A 793 -8.12 -56.28 18.95
C THR A 793 -9.57 -56.56 18.56
N LEU A 794 -10.39 -55.53 18.45
CA LEU A 794 -11.79 -55.70 18.06
C LEU A 794 -11.87 -56.22 16.63
N PRO A 795 -12.87 -57.04 16.32
CA PRO A 795 -13.00 -57.54 14.95
C PRO A 795 -13.24 -56.39 13.98
N PRO A 796 -12.79 -56.54 12.74
CA PRO A 796 -12.87 -55.41 11.79
C PRO A 796 -14.30 -54.92 11.53
N GLU A 797 -15.27 -55.82 11.48
CA GLU A 797 -16.65 -55.40 11.25
C GLU A 797 -17.14 -54.52 12.39
N VAL A 798 -16.80 -54.87 13.64
CA VAL A 798 -17.20 -54.07 14.78
C VAL A 798 -16.63 -52.66 14.69
N LYS A 799 -15.33 -52.56 14.37
CA LYS A 799 -14.68 -51.26 14.25
C LYS A 799 -15.29 -50.44 13.13
N GLU A 800 -15.55 -51.07 11.98
CA GLU A 800 -16.16 -50.38 10.86
C GLU A 800 -17.56 -49.88 11.23
N ARG A 801 -18.35 -50.71 11.90
CA ARG A 801 -19.70 -50.32 12.29
C ARG A 801 -19.66 -49.14 13.25
N LEU A 802 -18.77 -49.18 14.24
CA LEU A 802 -18.67 -48.06 15.18
C LEU A 802 -18.23 -46.78 14.48
N TRP A 803 -17.26 -46.89 13.56
CA TRP A 803 -16.82 -45.71 12.81
C TRP A 803 -17.95 -45.14 11.96
N ARG A 804 -18.71 -46.01 11.28
CA ARG A 804 -19.82 -45.53 10.47
C ARG A 804 -20.89 -44.88 11.32
N ALA A 805 -21.22 -45.49 12.46
CA ALA A 805 -22.21 -44.89 13.35
C ALA A 805 -21.76 -43.53 13.85
N ASP A 806 -20.47 -43.41 14.18
CA ASP A 806 -19.96 -42.13 14.67
C ASP A 806 -19.92 -41.09 13.55
N LYS A 807 -19.72 -41.53 12.31
CA LYS A 807 -19.47 -40.59 11.21
C LYS A 807 -20.65 -39.65 10.98
N GLU A 808 -21.86 -40.18 10.96
CA GLU A 808 -23.05 -39.37 10.75
C GLU A 808 -24.16 -39.74 11.72
N PRO B 15 19.71 30.12 15.18
CA PRO B 15 18.44 29.48 14.90
C PRO B 15 18.22 28.25 15.76
N ALA B 16 19.30 27.66 16.23
CA ALA B 16 19.23 26.47 17.07
C ALA B 16 19.90 26.63 18.43
N TYR B 17 20.99 27.39 18.52
CA TYR B 17 21.66 27.62 19.79
C TYR B 17 21.06 28.78 20.57
N ARG B 18 20.04 29.44 20.02
CA ARG B 18 19.40 30.54 20.71
C ARG B 18 18.80 30.13 22.05
N ILE B 19 18.52 28.84 22.22
CA ILE B 19 18.09 28.34 23.52
C ILE B 19 19.20 28.49 24.54
N LEU B 20 20.45 28.37 24.09
CA LEU B 20 21.61 28.42 24.97
C LEU B 20 22.07 29.83 25.29
N LYS B 21 21.35 30.85 24.82
CA LYS B 21 21.75 32.22 25.08
C LYS B 21 20.83 32.82 26.13
N PRO B 22 21.26 32.96 27.37
CA PRO B 22 20.42 33.62 28.37
C PRO B 22 20.22 35.09 28.05
N TRP B 23 19.45 35.79 28.88
CA TRP B 23 19.16 37.19 28.57
C TRP B 23 20.41 38.04 28.57
N TRP B 24 21.35 37.76 29.47
CA TRP B 24 22.58 38.54 29.47
C TRP B 24 23.34 38.37 28.16
N ASP B 25 23.37 37.16 27.61
CA ASP B 25 24.12 36.91 26.39
C ASP B 25 23.52 37.66 25.20
N VAL B 26 22.20 37.58 25.04
CA VAL B 26 21.58 38.27 23.91
C VAL B 26 21.67 39.79 24.10
N PHE B 27 21.55 40.26 25.34
CA PHE B 27 21.71 41.68 25.61
C PHE B 27 23.12 42.15 25.23
N THR B 28 24.14 41.38 25.60
CA THR B 28 25.49 41.75 25.22
C THR B 28 25.66 41.70 23.71
N ASP B 29 25.01 40.77 23.04
CA ASP B 29 25.07 40.74 21.58
C ASP B 29 24.51 42.02 20.99
N TYR B 30 23.35 42.45 21.48
CA TYR B 30 22.75 43.67 20.94
C TYR B 30 23.57 44.90 21.29
N ILE B 31 24.12 44.95 22.50
CA ILE B 31 24.99 46.06 22.87
C ILE B 31 26.21 46.09 21.96
N SER B 32 26.74 44.92 21.62
CA SER B 32 27.88 44.88 20.71
C SER B 32 27.48 45.35 19.32
N ILE B 33 26.27 45.02 18.87
CA ILE B 33 25.82 45.51 17.58
C ILE B 33 25.73 47.04 17.60
N VAL B 34 25.21 47.61 18.69
CA VAL B 34 25.12 49.06 18.78
C VAL B 34 26.52 49.68 18.83
N MET B 35 27.44 49.05 19.55
CA MET B 35 28.82 49.54 19.57
C MET B 35 29.44 49.51 18.18
N LEU B 36 29.15 48.45 17.42
CA LEU B 36 29.65 48.38 16.06
C LEU B 36 29.07 49.49 15.20
N MET B 37 27.78 49.78 15.37
CA MET B 37 27.18 50.89 14.64
C MET B 37 27.84 52.20 15.02
N ILE B 38 28.11 52.41 16.30
CA ILE B 38 28.83 53.60 16.73
C ILE B 38 30.19 53.66 16.05
N ALA B 39 30.90 52.54 16.03
CA ALA B 39 32.24 52.52 15.46
C ALA B 39 32.22 52.86 13.98
N VAL B 40 31.30 52.24 13.23
CA VAL B 40 31.27 52.49 11.80
C VAL B 40 30.82 53.92 11.51
N PHE B 41 29.86 54.43 12.28
CA PHE B 41 29.43 55.81 12.08
C PHE B 41 30.55 56.78 12.37
N GLY B 42 31.25 56.58 13.49
CA GLY B 42 32.36 57.45 13.82
C GLY B 42 33.48 57.35 12.81
N GLY B 43 33.76 56.14 12.32
CA GLY B 43 34.79 55.98 11.33
C GLY B 43 34.48 56.68 10.03
N THR B 44 33.25 56.51 9.53
CA THR B 44 32.91 57.16 8.28
C THR B 44 32.81 58.67 8.45
N LEU B 45 32.43 59.13 9.65
CA LEU B 45 32.39 60.55 9.91
C LEU B 45 33.79 61.15 9.93
N GLN B 46 34.71 60.49 10.62
CA GLN B 46 36.07 61.01 10.69
C GLN B 46 36.77 60.94 9.34
N VAL B 47 36.52 59.87 8.59
CA VAL B 47 37.14 59.74 7.27
C VAL B 47 36.58 60.79 6.32
N THR B 48 35.26 60.95 6.31
CA THR B 48 34.64 61.86 5.35
C THR B 48 35.09 63.30 5.60
N GLN B 49 34.99 63.77 6.83
CA GLN B 49 35.49 65.11 7.15
C GLN B 49 35.78 65.18 8.64
N ASP B 50 37.05 65.32 8.99
CA ASP B 50 37.48 65.54 10.37
C ASP B 50 38.55 66.61 10.39
N LYS B 51 38.33 67.68 9.64
CA LYS B 51 39.33 68.72 9.48
C LYS B 51 39.46 69.52 10.77
N MET B 52 40.53 70.30 10.84
CA MET B 52 40.66 71.38 11.80
C MET B 52 40.56 72.70 11.07
N ILE B 53 40.31 73.77 11.83
CA ILE B 53 40.33 75.12 11.31
C ILE B 53 41.23 75.90 12.24
N CYS B 54 42.43 76.24 11.78
CA CYS B 54 43.45 76.84 12.63
C CYS B 54 43.70 78.28 12.20
N LEU B 55 43.74 79.18 13.18
CA LEU B 55 44.13 80.55 12.95
C LEU B 55 45.33 80.90 13.82
N PRO B 56 46.30 81.62 13.29
CA PRO B 56 47.46 82.01 14.09
C PRO B 56 47.12 83.03 15.16
N CYS B 57 47.88 82.97 16.24
CA CYS B 57 47.80 83.94 17.32
C CYS B 57 48.70 85.12 16.97
N LYS B 58 48.10 86.30 16.81
CA LYS B 58 48.92 87.49 16.54
C LYS B 58 49.87 87.77 17.70
N TRP B 59 49.36 87.78 18.91
CA TRP B 59 50.17 88.00 20.11
C TRP B 59 50.02 86.76 20.98
N VAL B 60 51.10 86.01 21.11
CA VAL B 60 51.09 84.74 21.84
C VAL B 60 52.04 84.85 23.02
N THR B 61 51.56 84.47 24.19
CA THR B 61 52.39 84.34 25.37
C THR B 61 52.07 83.03 26.05
N LYS B 62 53.11 82.30 26.46
CA LYS B 62 52.97 80.96 27.01
C LYS B 62 52.22 80.05 26.05
N ASP B 63 52.54 80.17 24.76
CA ASP B 63 52.02 79.29 23.70
C ASP B 63 50.50 79.32 23.63
N SER B 64 49.93 80.52 23.78
CA SER B 64 48.48 80.70 23.63
C SER B 64 48.22 82.20 23.56
N CYS B 65 47.44 82.64 22.58
CA CYS B 65 47.14 84.06 22.49
C CYS B 65 46.27 84.48 23.67
N ASN B 66 46.55 85.67 24.19
CA ASN B 66 45.93 86.13 25.43
C ASN B 66 44.62 86.87 25.23
N ASP B 67 44.01 86.76 24.05
CA ASP B 67 42.71 87.37 23.76
C ASP B 67 42.75 88.88 23.98
N SER B 68 43.80 89.51 23.45
CA SER B 68 43.94 90.95 23.56
C SER B 68 44.70 91.52 22.38
N THR B 92 37.09 104.07 13.37
CA THR B 92 35.93 104.07 14.25
C THR B 92 35.43 102.65 14.52
N GLY B 93 34.76 102.06 13.52
CA GLY B 93 34.22 100.74 13.66
C GLY B 93 35.29 99.67 13.65
N PRO B 94 34.97 98.50 14.18
CA PRO B 94 35.93 97.40 14.19
C PRO B 94 36.22 96.91 12.78
N THR B 95 37.43 96.39 12.60
CA THR B 95 37.87 95.90 11.30
C THR B 95 38.54 94.55 11.48
N GLY B 96 38.62 93.80 10.39
CA GLY B 96 39.20 92.48 10.44
C GLY B 96 40.69 92.52 10.71
N ILE B 97 41.26 91.33 10.91
CA ILE B 97 42.67 91.18 11.21
C ILE B 97 43.37 90.59 9.99
N LYS B 98 44.40 91.28 9.52
CA LYS B 98 45.16 90.79 8.38
C LYS B 98 46.18 89.77 8.83
N TYR B 99 46.13 88.58 8.25
CA TYR B 99 47.18 87.59 8.45
C TYR B 99 48.05 87.40 7.22
N ASP B 100 47.58 87.82 6.05
CA ASP B 100 48.34 87.70 4.80
C ASP B 100 48.75 86.25 4.55
N LEU B 101 47.80 85.34 4.67
CA LEU B 101 48.05 83.92 4.48
C LEU B 101 47.29 83.41 3.28
N ASP B 102 47.98 82.73 2.37
CA ASP B 102 47.33 82.08 1.26
C ASP B 102 46.46 80.93 1.77
N ARG B 103 45.44 80.60 0.98
CA ARG B 103 44.55 79.51 1.36
C ARG B 103 45.33 78.23 1.59
N HIS B 104 46.34 77.97 0.74
CA HIS B 104 47.12 76.76 0.92
C HIS B 104 47.94 76.80 2.20
N GLN B 105 48.35 77.99 2.65
CA GLN B 105 49.02 78.07 3.93
C GLN B 105 48.09 77.67 5.06
N TYR B 106 46.84 78.12 5.00
CA TYR B 106 45.87 77.69 6.00
C TYR B 106 45.66 76.18 5.94
N ASN B 107 45.59 75.61 4.74
CA ASN B 107 45.40 74.16 4.64
C ASN B 107 46.60 73.41 5.20
N TYR B 108 47.80 73.91 4.92
CA TYR B 108 48.99 73.25 5.45
C TYR B 108 49.01 73.31 6.97
N VAL B 109 48.69 74.47 7.54
CA VAL B 109 48.64 74.58 8.98
C VAL B 109 47.58 73.66 9.56
N ASP B 110 46.42 73.58 8.91
CA ASP B 110 45.37 72.69 9.37
C ASP B 110 45.85 71.25 9.37
N ALA B 111 46.49 70.81 8.29
CA ALA B 111 46.98 69.45 8.23
C ALA B 111 48.00 69.18 9.32
N VAL B 112 48.97 70.09 9.48
CA VAL B 112 50.04 69.85 10.45
C VAL B 112 49.47 69.81 11.86
N CYS B 113 48.61 70.76 12.21
CA CYS B 113 48.03 70.76 13.54
C CYS B 113 47.13 69.56 13.76
N TYR B 114 46.37 69.15 12.75
CA TYR B 114 45.53 67.98 12.90
C TYR B 114 46.36 66.74 13.17
N GLU B 115 47.48 66.61 12.45
CA GLU B 115 48.27 65.40 12.61
C GLU B 115 49.06 65.40 13.91
N ASN B 116 49.56 66.57 14.33
CA ASN B 116 50.45 66.65 15.47
C ASN B 116 49.72 66.95 16.77
N ARG B 117 49.03 68.08 16.85
CA ARG B 117 48.53 68.56 18.13
C ARG B 117 47.13 68.06 18.46
N LEU B 118 46.54 67.22 17.63
CA LEU B 118 45.27 66.61 17.99
C LEU B 118 45.53 65.35 18.80
N HIS B 119 44.77 65.19 19.87
CA HIS B 119 44.97 64.05 20.76
C HIS B 119 44.68 62.75 20.02
N TRP B 120 45.52 61.74 20.27
CA TRP B 120 45.39 60.47 19.56
C TRP B 120 44.02 59.84 19.79
N PHE B 121 43.41 60.09 20.95
CA PHE B 121 42.08 59.57 21.20
C PHE B 121 41.09 60.11 20.19
N ALA B 122 41.17 61.42 19.90
CA ALA B 122 40.25 61.98 18.92
C ALA B 122 40.44 61.33 17.56
N LYS B 123 41.69 61.08 17.16
CA LYS B 123 41.94 60.54 15.84
C LYS B 123 41.50 59.08 15.75
N TYR B 124 41.65 58.32 16.83
CA TYR B 124 41.51 56.87 16.75
C TYR B 124 40.38 56.32 17.61
N PHE B 125 39.46 57.16 18.06
CA PHE B 125 38.32 56.66 18.80
C PHE B 125 37.49 55.65 18.02
N PRO B 126 37.07 55.91 16.77
CA PRO B 126 36.24 54.90 16.09
C PRO B 126 36.94 53.58 15.88
N TYR B 127 38.23 53.59 15.54
CA TYR B 127 38.95 52.33 15.38
C TYR B 127 39.10 51.62 16.71
N LEU B 128 39.32 52.38 17.79
CA LEU B 128 39.41 51.77 19.10
C LEU B 128 38.11 51.08 19.49
N VAL B 129 36.98 51.75 19.30
CA VAL B 129 35.72 51.12 19.69
C VAL B 129 35.40 49.94 18.77
N LEU B 130 35.76 50.03 17.48
CA LEU B 130 35.58 48.89 16.59
C LEU B 130 36.38 47.69 17.10
N LEU B 131 37.63 47.91 17.46
CA LEU B 131 38.46 46.82 17.96
C LEU B 131 37.88 46.25 19.26
N HIS B 132 37.46 47.13 20.16
CA HIS B 132 36.92 46.66 21.44
C HIS B 132 35.67 45.82 21.23
N THR B 133 34.77 46.27 20.36
CA THR B 133 33.55 45.51 20.15
C THR B 133 33.81 44.22 19.38
N LEU B 134 34.81 44.21 18.49
CA LEU B 134 35.17 42.95 17.85
C LEU B 134 35.71 41.96 18.86
N ILE B 135 36.54 42.43 19.80
CA ILE B 135 37.02 41.54 20.83
C ILE B 135 35.88 41.06 21.73
N PHE B 136 34.91 41.93 22.03
CA PHE B 136 33.79 41.48 22.84
C PHE B 136 32.96 40.42 22.12
N LEU B 137 32.75 40.60 20.81
CA LEU B 137 32.06 39.58 20.04
C LEU B 137 32.83 38.26 20.03
N ALA B 138 34.16 38.34 19.88
CA ALA B 138 34.96 37.14 19.89
C ALA B 138 34.90 36.45 21.24
N CYS B 139 34.91 37.22 22.33
CA CYS B 139 34.80 36.63 23.65
C CYS B 139 33.44 35.95 23.83
N SER B 140 32.38 36.57 23.31
CA SER B 140 31.07 35.95 23.41
C SER B 140 31.01 34.64 22.65
N ASN B 141 31.58 34.60 21.44
CA ASN B 141 31.45 33.44 20.57
C ASN B 141 32.63 32.47 20.67
N PHE B 142 33.56 32.69 21.61
CA PHE B 142 34.75 31.84 21.67
C PHE B 142 34.41 30.40 21.99
N TRP B 143 33.56 30.17 22.98
CA TRP B 143 33.15 28.80 23.27
C TRP B 143 32.27 28.19 22.18
N PHE B 144 31.62 29.03 21.36
CA PHE B 144 30.86 28.50 20.24
C PHE B 144 31.77 28.09 19.10
N LYS B 145 32.88 28.81 18.91
CA LYS B 145 33.82 28.50 17.85
C LYS B 145 34.97 27.62 18.32
N PHE B 146 35.03 27.32 19.62
CA PHE B 146 36.03 26.38 20.14
C PHE B 146 35.48 24.97 19.94
N PRO B 147 36.03 24.19 19.00
CA PRO B 147 35.38 22.91 18.66
C PRO B 147 35.21 21.97 19.82
N ARG B 148 36.14 21.98 20.78
CA ARG B 148 36.07 21.05 21.90
C ARG B 148 34.78 21.20 22.68
N THR B 149 34.37 22.43 22.96
CA THR B 149 33.09 22.67 23.60
C THR B 149 31.96 22.88 22.60
N SER B 150 32.28 23.23 21.36
CA SER B 150 31.22 23.37 20.35
C SER B 150 30.52 22.04 20.11
N SER B 151 31.30 20.95 20.01
CA SER B 151 30.69 19.64 19.83
C SER B 151 29.79 19.29 21.00
N LYS B 152 30.25 19.53 22.22
CA LYS B 152 29.44 19.24 23.39
C LYS B 152 28.16 20.05 23.38
N LEU B 153 28.25 21.35 23.04
CA LEU B 153 27.07 22.20 23.03
C LEU B 153 26.06 21.75 21.98
N GLU B 154 26.53 21.46 20.76
CA GLU B 154 25.59 21.06 19.72
C GLU B 154 24.96 19.71 20.05
N HIS B 155 25.74 18.78 20.60
CA HIS B 155 25.18 17.51 21.05
C HIS B 155 24.12 17.74 22.11
N PHE B 156 24.42 18.59 23.08
CA PHE B 156 23.49 18.88 24.16
C PHE B 156 22.20 19.48 23.62
N VAL B 157 22.30 20.42 22.69
CA VAL B 157 21.11 21.07 22.16
C VAL B 157 20.27 20.09 21.36
N SER B 158 20.91 19.28 20.51
CA SER B 158 20.16 18.31 19.72
C SER B 158 19.44 17.32 20.63
N ILE B 159 20.14 16.80 21.64
CA ILE B 159 19.54 15.83 22.55
C ILE B 159 18.41 16.46 23.36
N LEU B 160 18.60 17.71 23.78
CA LEU B 160 17.56 18.40 24.55
C LEU B 160 16.33 18.62 23.71
N LEU B 161 16.51 18.98 22.43
CA LEU B 161 15.37 19.10 21.54
C LEU B 161 14.66 17.75 21.37
N LYS B 162 15.43 16.68 21.22
CA LYS B 162 14.83 15.35 21.10
C LYS B 162 13.99 15.03 22.33
N CYS B 163 14.54 15.24 23.52
CA CYS B 163 13.81 14.94 24.75
C CYS B 163 12.63 15.87 24.95
N PHE B 164 12.68 17.09 24.42
CA PHE B 164 11.55 18.01 24.56
C PHE B 164 10.42 17.60 23.63
N ASP B 165 10.74 17.19 22.41
CA ASP B 165 9.73 16.92 21.40
C ASP B 165 9.31 15.46 21.35
N SER B 166 9.87 14.62 22.20
CA SER B 166 9.49 13.21 22.21
C SER B 166 8.07 13.05 22.72
N PRO B 167 7.30 12.08 22.20
CA PRO B 167 5.99 11.80 22.80
C PRO B 167 6.06 10.88 24.00
N TRP B 168 7.18 10.21 24.22
CA TRP B 168 7.30 9.31 25.36
C TRP B 168 7.39 10.09 26.66
N THR B 169 8.15 11.20 26.67
CA THR B 169 8.24 12.00 27.87
C THR B 169 6.89 12.61 28.24
N THR B 170 6.07 12.97 27.24
CA THR B 170 4.75 13.50 27.53
C THR B 170 3.92 12.51 28.33
N ARG B 171 3.85 11.26 27.86
CA ARG B 171 3.07 10.27 28.58
C ARG B 171 3.71 9.90 29.91
N ALA B 172 5.05 9.93 29.99
CA ALA B 172 5.71 9.64 31.26
C ALA B 172 5.35 10.70 32.31
N LEU B 173 5.34 11.98 31.92
CA LEU B 173 4.94 13.02 32.85
C LEU B 173 3.45 12.93 33.17
N SER B 174 2.64 12.54 32.18
CA SER B 174 1.21 12.40 32.42
C SER B 174 0.92 11.35 33.48
N GLU B 175 1.59 10.19 33.38
CA GLU B 175 1.39 9.15 34.38
C GLU B 175 1.89 9.60 35.75
N THR B 176 3.06 10.22 35.79
CA THR B 176 3.70 10.68 37.03
C THR B 176 3.75 9.57 38.08
N GLY B 230 -0.58 1.38 28.66
CA GLY B 230 -0.66 2.02 27.36
C GLY B 230 -0.08 1.18 26.25
N VAL B 231 -0.27 1.62 25.00
CA VAL B 231 0.23 0.93 23.83
C VAL B 231 1.15 1.87 23.06
N LEU B 232 2.24 1.34 22.52
CA LEU B 232 3.22 2.16 21.82
C LEU B 232 3.58 1.50 20.49
N ASP B 233 3.79 2.32 19.48
CA ASP B 233 4.21 1.80 18.18
C ASP B 233 5.67 1.35 18.24
N LYS B 234 6.02 0.46 17.32
CA LYS B 234 7.35 -0.13 17.34
C LYS B 234 8.42 0.90 17.03
N LYS B 235 8.25 1.66 15.94
CA LYS B 235 9.26 2.64 15.56
C LYS B 235 9.44 3.69 16.65
N GLU B 236 8.34 4.16 17.25
CA GLU B 236 8.46 5.11 18.34
C GLU B 236 9.21 4.51 19.52
N GLY B 237 8.92 3.25 19.86
CA GLY B 237 9.60 2.63 20.99
C GLY B 237 11.09 2.48 20.77
N GLU B 238 11.48 2.02 19.58
CA GLU B 238 12.91 1.86 19.31
C GLU B 238 13.60 3.22 19.23
N GLN B 239 12.91 4.23 18.70
CA GLN B 239 13.46 5.57 18.70
C GLN B 239 13.67 6.09 20.11
N ALA B 240 12.71 5.83 21.00
CA ALA B 240 12.85 6.27 22.39
C ALA B 240 13.98 5.54 23.09
N LYS B 241 14.14 4.24 22.80
CA LYS B 241 15.27 3.50 23.37
C LYS B 241 16.60 4.06 22.88
N ALA B 242 16.68 4.38 21.59
CA ALA B 242 17.88 5.00 21.06
C ALA B 242 18.14 6.34 21.75
N LEU B 243 17.08 7.11 21.98
CA LEU B 243 17.24 8.39 22.67
C LEU B 243 17.75 8.19 24.09
N PHE B 244 17.23 7.18 24.80
CA PHE B 244 17.70 6.92 26.15
C PHE B 244 19.17 6.54 26.17
N GLU B 245 19.60 5.66 25.27
CA GLU B 245 21.01 5.27 25.28
C GLU B 245 21.90 6.42 24.83
N LYS B 246 21.44 7.26 23.90
CA LYS B 246 22.17 8.47 23.56
C LYS B 246 22.31 9.37 24.76
N VAL B 247 21.25 9.51 25.55
CA VAL B 247 21.31 10.33 26.75
C VAL B 247 22.36 9.78 27.70
N LYS B 248 22.38 8.47 27.90
CA LYS B 248 23.32 7.89 28.86
C LYS B 248 24.76 8.07 28.38
N LYS B 249 25.02 7.80 27.10
CA LYS B 249 26.38 7.96 26.60
C LYS B 249 26.81 9.42 26.60
N PHE B 250 25.89 10.34 26.29
CA PHE B 250 26.18 11.75 26.36
C PHE B 250 26.51 12.18 27.78
N ARG B 251 25.75 11.68 28.76
CA ARG B 251 26.05 12.00 30.15
C ARG B 251 27.42 11.49 30.54
N THR B 252 27.75 10.27 30.11
CA THR B 252 29.09 9.75 30.38
C THR B 252 30.16 10.62 29.77
N HIS B 253 29.95 11.07 28.54
CA HIS B 253 30.94 11.89 27.84
C HIS B 253 31.13 13.24 28.52
N VAL B 254 30.03 13.95 28.77
CA VAL B 254 30.09 15.30 29.31
C VAL B 254 30.42 15.30 30.80
N GLU B 255 30.30 14.14 31.46
CA GLU B 255 30.49 14.10 32.90
C GLU B 255 31.91 14.50 33.30
N GLU B 256 32.91 13.98 32.60
CA GLU B 256 34.30 14.15 32.98
C GLU B 256 34.97 15.32 32.29
N GLY B 257 34.24 16.10 31.50
CA GLY B 257 34.85 17.19 30.76
C GLY B 257 35.31 18.36 31.61
N ASP B 258 34.35 19.05 32.21
CA ASP B 258 34.60 20.26 33.00
C ASP B 258 35.43 21.28 32.23
N ILE B 259 35.11 21.43 30.96
CA ILE B 259 35.72 22.44 30.10
C ILE B 259 34.78 23.60 29.82
N VAL B 260 33.48 23.32 29.73
CA VAL B 260 32.51 24.37 29.44
C VAL B 260 32.43 25.36 30.59
N TYR B 261 32.33 24.87 31.82
CA TYR B 261 32.21 25.77 32.96
C TYR B 261 33.45 26.64 33.09
N ARG B 262 34.62 26.04 32.98
CA ARG B 262 35.86 26.79 33.09
C ARG B 262 35.99 27.80 31.96
N LEU B 263 35.62 27.40 30.74
CA LEU B 263 35.67 28.33 29.62
C LEU B 263 34.72 29.50 29.83
N TYR B 264 33.53 29.22 30.34
CA TYR B 264 32.57 30.29 30.59
C TYR B 264 33.08 31.25 31.66
N MET B 265 33.68 30.71 32.72
CA MET B 265 34.28 31.56 33.74
C MET B 265 35.38 32.42 33.14
N ARG B 266 36.23 31.82 32.29
CA ARG B 266 37.30 32.58 31.65
C ARG B 266 36.75 33.70 30.79
N GLN B 267 35.72 33.42 29.99
CA GLN B 267 35.14 34.44 29.14
C GLN B 267 34.53 35.56 29.97
N THR B 268 33.80 35.20 31.02
CA THR B 268 33.19 36.23 31.87
C THR B 268 34.25 37.12 32.51
N ILE B 269 35.33 36.51 33.01
CA ILE B 269 36.37 37.32 33.66
C ILE B 269 37.11 38.16 32.63
N ILE B 270 37.34 37.62 31.44
CA ILE B 270 37.96 38.40 30.37
C ILE B 270 37.12 39.62 30.05
N LYS B 271 35.82 39.42 29.87
CA LYS B 271 34.94 40.54 29.57
C LYS B 271 34.94 41.56 30.70
N VAL B 272 34.91 41.08 31.96
CA VAL B 272 34.86 42.00 33.09
C VAL B 272 36.13 42.84 33.17
N ILE B 273 37.29 42.21 33.03
CA ILE B 273 38.54 42.97 33.15
C ILE B 273 38.71 43.90 31.96
N LYS B 274 38.30 43.46 30.77
CA LYS B 274 38.38 44.34 29.60
C LYS B 274 37.47 45.54 29.79
N PHE B 275 36.27 45.32 30.31
CA PHE B 275 35.37 46.43 30.61
C PHE B 275 35.99 47.37 31.63
N ALA B 276 36.65 46.80 32.65
CA ALA B 276 37.24 47.64 33.69
C ALA B 276 38.31 48.55 33.11
N LEU B 277 39.24 47.98 32.34
CA LEU B 277 40.32 48.78 31.77
C LEU B 277 39.78 49.79 30.77
N ILE B 278 38.79 49.39 29.96
CA ILE B 278 38.20 50.31 29.00
C ILE B 278 37.55 51.48 29.72
N ILE B 279 36.77 51.20 30.76
CA ILE B 279 36.13 52.27 31.50
C ILE B 279 37.18 53.22 32.07
N CYS B 280 38.20 52.68 32.71
CA CYS B 280 39.23 53.52 33.30
C CYS B 280 39.85 54.43 32.26
N TYR B 281 40.46 53.86 31.22
CA TYR B 281 41.23 54.68 30.29
C TYR B 281 40.33 55.59 29.47
N THR B 282 39.14 55.12 29.09
CA THR B 282 38.25 55.94 28.29
C THR B 282 37.73 57.13 29.09
N VAL B 283 37.32 56.90 30.34
CA VAL B 283 36.88 58.02 31.16
C VAL B 283 38.04 58.98 31.40
N TYR B 284 39.25 58.46 31.51
CA TYR B 284 40.38 59.35 31.71
C TYR B 284 40.71 60.19 30.48
N TYR B 285 40.56 59.63 29.28
CA TYR B 285 41.00 60.30 28.07
C TYR B 285 39.89 61.01 27.29
N VAL B 286 38.62 60.82 27.68
CA VAL B 286 37.54 61.49 26.94
C VAL B 286 37.69 63.00 27.04
N HIS B 287 38.02 63.51 28.23
CA HIS B 287 38.13 64.95 28.40
C HIS B 287 39.25 65.55 27.58
N ASN B 288 40.04 64.75 26.88
CA ASN B 288 41.13 65.28 26.07
C ASN B 288 40.73 65.61 24.65
N ILE B 289 39.44 65.50 24.30
CA ILE B 289 38.94 65.98 23.03
C ILE B 289 38.05 67.19 23.31
N LYS B 290 38.28 68.26 22.58
CA LYS B 290 37.56 69.50 22.83
C LYS B 290 37.56 70.33 21.55
N PHE B 291 36.52 71.15 21.41
CA PHE B 291 36.34 71.93 20.19
C PHE B 291 37.50 72.90 20.02
N ASP B 292 37.78 73.71 21.04
CA ASP B 292 38.95 74.56 21.03
C ASP B 292 40.18 73.70 21.28
N VAL B 293 41.28 74.02 20.61
CA VAL B 293 42.55 73.37 20.89
C VAL B 293 43.66 74.34 20.52
N ASP B 294 44.82 74.17 21.14
CA ASP B 294 45.98 74.98 20.82
C ASP B 294 46.98 74.15 20.02
N CYS B 295 47.69 74.82 19.13
CA CYS B 295 48.67 74.15 18.29
C CYS B 295 49.95 74.97 18.32
N THR B 296 51.09 74.29 18.47
CA THR B 296 52.40 74.95 18.41
C THR B 296 53.33 73.93 17.78
N VAL B 297 53.47 74.00 16.46
CA VAL B 297 54.16 72.97 15.69
C VAL B 297 55.52 73.43 15.19
N ASP B 298 55.93 74.65 15.50
CA ASP B 298 57.25 75.16 15.17
C ASP B 298 57.51 75.08 13.67
N ILE B 299 56.60 75.67 12.90
CA ILE B 299 56.81 75.94 11.49
C ILE B 299 56.58 77.43 11.31
N GLU B 300 57.64 78.22 11.45
CA GLU B 300 57.59 79.62 11.11
C GLU B 300 58.20 79.91 9.76
N SER B 301 59.07 79.00 9.29
CA SER B 301 59.68 79.16 7.99
C SER B 301 58.70 79.05 6.85
N LEU B 302 57.52 78.50 7.09
CA LEU B 302 56.51 78.32 6.04
C LEU B 302 55.32 79.26 6.20
N THR B 303 55.06 79.75 7.38
CA THR B 303 53.96 80.68 7.59
C THR B 303 54.39 81.98 8.24
N GLY B 304 55.31 81.92 9.18
CA GLY B 304 55.69 83.10 9.93
C GLY B 304 54.98 83.27 11.25
N TYR B 305 54.15 82.32 11.65
CA TYR B 305 53.47 82.35 12.93
C TYR B 305 53.87 81.14 13.75
N ARG B 306 53.96 81.34 15.07
CA ARG B 306 54.42 80.29 15.97
C ARG B 306 53.29 79.39 16.44
N THR B 307 52.23 79.97 16.96
CA THR B 307 51.15 79.22 17.56
C THR B 307 49.83 79.52 16.86
N TYR B 308 48.91 78.57 16.96
CA TYR B 308 47.62 78.65 16.27
C TYR B 308 46.53 78.22 17.24
N ARG B 309 45.38 78.88 17.16
CA ARG B 309 44.18 78.41 17.83
C ARG B 309 43.37 77.63 16.81
N CYS B 310 43.14 76.35 17.06
CA CYS B 310 42.46 75.51 16.11
C CYS B 310 41.08 75.16 16.66
N ALA B 311 40.12 75.01 15.76
CA ALA B 311 38.77 74.57 16.12
C ALA B 311 38.50 73.23 15.47
N HIS B 312 38.11 72.26 16.29
CA HIS B 312 37.82 70.91 15.81
C HIS B 312 36.31 70.74 15.75
N PRO B 313 35.66 71.02 14.62
CA PRO B 313 34.19 71.06 14.61
C PRO B 313 33.52 69.76 15.02
N LEU B 314 34.16 68.63 14.78
CA LEU B 314 33.60 67.34 15.13
C LEU B 314 33.95 66.91 16.55
N ALA B 315 34.62 67.76 17.32
CA ALA B 315 35.02 67.36 18.66
C ALA B 315 33.81 67.08 19.53
N THR B 316 32.79 67.92 19.47
CA THR B 316 31.65 67.73 20.34
C THR B 316 30.85 66.49 19.97
N LEU B 317 30.70 66.22 18.67
CA LEU B 317 30.00 65.02 18.25
C LEU B 317 30.77 63.79 18.68
N PHE B 318 32.09 63.81 18.56
CA PHE B 318 32.89 62.68 19.01
C PHE B 318 32.79 62.52 20.51
N LYS B 319 32.73 63.62 21.26
CA LYS B 319 32.56 63.52 22.69
C LYS B 319 31.22 62.89 23.04
N ILE B 320 30.17 63.26 22.31
CA ILE B 320 28.86 62.66 22.55
C ILE B 320 28.89 61.17 22.24
N LEU B 321 29.52 60.80 21.11
CA LEU B 321 29.63 59.38 20.78
C LEU B 321 30.45 58.65 21.83
N ALA B 322 31.49 59.28 22.35
CA ALA B 322 32.31 58.64 23.37
C ALA B 322 31.53 58.43 24.65
N SER B 323 30.73 59.42 25.05
CA SER B 323 29.91 59.23 26.25
C SER B 323 28.85 58.16 26.02
N PHE B 324 28.25 58.13 24.83
CA PHE B 324 27.29 57.09 24.51
C PHE B 324 27.93 55.71 24.56
N TYR B 325 29.13 55.59 23.99
CA TYR B 325 29.84 54.32 24.02
C TYR B 325 30.26 53.94 25.43
N ILE B 326 30.63 54.92 26.24
CA ILE B 326 31.00 54.64 27.63
C ILE B 326 29.79 54.12 28.39
N SER B 327 28.62 54.72 28.17
CA SER B 327 27.42 54.21 28.81
C SER B 327 27.11 52.80 28.34
N LEU B 328 27.30 52.53 27.04
CA LEU B 328 27.10 51.17 26.56
C LEU B 328 28.06 50.19 27.21
N VAL B 329 29.32 50.59 27.36
CA VAL B 329 30.30 49.72 28.01
C VAL B 329 29.94 49.51 29.47
N ILE B 330 29.39 50.54 30.11
CA ILE B 330 28.95 50.38 31.50
C ILE B 330 27.82 49.36 31.57
N PHE B 331 26.87 49.41 30.64
CA PHE B 331 25.82 48.40 30.61
C PHE B 331 26.42 47.00 30.38
N TYR B 332 27.37 46.90 29.46
CA TYR B 332 28.04 45.63 29.19
C TYR B 332 28.70 45.10 30.46
N GLY B 333 29.41 45.97 31.18
CA GLY B 333 30.10 45.54 32.38
C GLY B 333 29.15 45.14 33.48
N LEU B 334 28.06 45.89 33.66
CA LEU B 334 27.07 45.51 34.67
C LEU B 334 26.46 44.15 34.34
N ILE B 335 26.16 43.91 33.07
CA ILE B 335 25.60 42.63 32.68
C ILE B 335 26.61 41.52 32.93
N CYS B 336 27.87 41.73 32.56
CA CYS B 336 28.87 40.69 32.77
C CYS B 336 29.12 40.45 34.25
N MET B 337 29.03 41.50 35.08
CA MET B 337 29.22 41.32 36.51
C MET B 337 28.03 40.58 37.13
N TYR B 338 26.81 40.85 36.67
CA TYR B 338 25.69 40.05 37.13
C TYR B 338 25.86 38.59 36.72
N THR B 339 26.34 38.35 35.50
CA THR B 339 26.62 36.98 35.08
C THR B 339 27.66 36.33 35.99
N LEU B 340 28.72 37.07 36.32
CA LEU B 340 29.74 36.55 37.23
C LEU B 340 29.16 36.20 38.59
N TRP B 341 28.40 37.13 39.18
CA TRP B 341 27.82 36.88 40.49
C TRP B 341 26.89 35.67 40.46
N TRP B 342 26.06 35.57 39.42
CA TRP B 342 25.22 34.40 39.25
C TRP B 342 26.06 33.13 39.12
N MET B 343 27.28 33.25 38.58
CA MET B 343 28.13 32.08 38.43
C MET B 343 28.87 31.73 39.71
N LEU B 344 28.88 32.62 40.71
CA LEU B 344 29.65 32.38 41.93
C LEU B 344 28.79 32.43 43.18
N ARG B 345 27.49 32.14 43.07
CA ARG B 345 26.62 32.20 44.23
C ARG B 345 25.95 30.87 44.57
N ARG B 346 25.91 29.91 43.65
CA ARG B 346 25.25 28.64 43.92
C ARG B 346 26.08 27.42 43.56
N SER B 347 27.36 27.60 43.24
CA SER B 347 28.25 26.49 42.91
C SER B 347 27.65 25.63 41.79
N LEU B 348 27.60 26.24 40.60
CA LEU B 348 26.93 25.63 39.46
C LEU B 348 27.58 24.33 39.02
N LYS B 349 28.68 23.95 39.68
CA LYS B 349 29.28 22.65 39.44
C LYS B 349 28.37 21.49 39.81
N LYS B 350 27.33 21.74 40.61
CA LYS B 350 26.45 20.67 41.05
C LYS B 350 25.01 21.13 40.89
N TYR B 351 24.16 20.23 40.41
CA TYR B 351 22.74 20.50 40.22
C TYR B 351 21.96 19.78 41.30
N SER B 352 21.11 20.52 42.01
CA SER B 352 20.29 19.90 43.05
C SER B 352 19.28 18.94 42.45
N PHE B 353 18.52 19.39 41.45
CA PHE B 353 17.57 18.55 40.74
C PHE B 353 16.52 17.98 41.68
N GLU B 354 16.47 18.48 42.91
CA GLU B 354 15.62 17.89 43.94
C GLU B 354 14.15 18.20 43.71
N SER B 355 13.83 19.41 43.25
CA SER B 355 12.43 19.79 43.09
C SER B 355 11.73 18.89 42.08
N ILE B 356 12.36 18.65 40.93
CA ILE B 356 11.74 17.83 39.90
C ILE B 356 11.56 16.39 40.38
N ARG B 357 12.59 15.82 41.01
CA ARG B 357 12.51 14.45 41.48
C ARG B 357 11.57 14.29 42.66
N GLU B 358 11.20 15.37 43.34
CA GLU B 358 10.23 15.27 44.43
C GLU B 358 8.81 15.57 43.99
N GLU B 359 8.61 16.40 42.95
CA GLU B 359 7.24 16.66 42.50
C GLU B 359 6.67 15.53 41.67
N SER B 360 7.49 14.84 40.87
CA SER B 360 7.02 13.83 39.95
C SER B 360 7.13 12.41 40.51
N SER B 361 7.55 12.27 41.76
CA SER B 361 7.70 10.97 42.44
C SER B 361 8.75 10.08 41.80
N TYR B 362 9.61 10.64 40.93
CA TYR B 362 10.73 9.90 40.39
C TYR B 362 11.98 10.20 41.23
N SER B 363 11.92 9.73 42.48
CA SER B 363 12.94 10.09 43.46
C SER B 363 14.33 9.72 43.00
N ASP B 364 14.45 8.66 42.20
CA ASP B 364 15.76 8.18 41.74
C ASP B 364 16.19 8.94 40.48
N ILE B 365 16.18 10.26 40.57
CA ILE B 365 16.78 11.12 39.56
C ILE B 365 18.07 11.68 40.13
N PRO B 366 19.23 11.36 39.55
CA PRO B 366 20.49 11.76 40.17
C PRO B 366 20.67 13.27 40.19
N ASP B 367 21.25 13.76 41.29
CA ASP B 367 21.75 15.12 41.29
C ASP B 367 23.00 15.19 40.43
N VAL B 368 22.95 16.02 39.39
CA VAL B 368 24.01 16.02 38.38
C VAL B 368 25.13 16.94 38.83
N LYS B 369 26.31 16.73 38.26
CA LYS B 369 27.55 17.35 38.72
C LYS B 369 28.25 18.06 37.57
N ASN B 370 29.53 18.35 37.78
CA ASN B 370 30.31 19.26 36.96
C ASN B 370 30.08 19.07 35.47
N ASP B 371 30.03 20.19 34.74
CA ASP B 371 30.01 20.25 33.29
C ASP B 371 28.69 19.72 32.71
N PHE B 372 27.85 19.18 33.57
CA PHE B 372 26.50 18.77 33.20
C PHE B 372 25.46 19.51 34.00
N ALA B 373 25.75 19.83 35.27
CA ALA B 373 24.92 20.75 36.02
C ALA B 373 24.93 22.13 35.39
N PHE B 374 26.06 22.54 34.82
CA PHE B 374 26.19 23.90 34.30
C PHE B 374 25.32 24.12 33.07
N MET B 375 25.37 23.19 32.12
CA MET B 375 24.53 23.32 30.94
C MET B 375 23.05 23.31 31.30
N LEU B 376 22.68 22.47 32.27
CA LEU B 376 21.30 22.47 32.74
C LEU B 376 20.94 23.80 33.39
N HIS B 377 21.89 24.40 34.12
CA HIS B 377 21.66 25.71 34.69
C HIS B 377 21.39 26.74 33.60
N LEU B 378 22.18 26.71 32.52
CA LEU B 378 21.96 27.64 31.42
C LEU B 378 20.60 27.44 30.80
N ILE B 379 20.21 26.19 30.56
CA ILE B 379 18.91 25.93 29.96
C ILE B 379 17.79 26.40 30.90
N ASP B 380 17.98 26.21 32.20
CA ASP B 380 17.02 26.75 33.16
C ASP B 380 16.89 28.25 33.03
N GLN B 381 18.03 28.95 32.93
CA GLN B 381 17.99 30.37 32.69
C GLN B 381 17.23 30.70 31.42
N TYR B 382 17.30 29.82 30.41
CA TYR B 382 16.40 29.98 29.26
C TYR B 382 14.98 29.58 29.63
N ASP B 383 14.78 28.29 29.95
CA ASP B 383 13.47 27.80 30.38
C ASP B 383 13.61 26.50 31.17
N PRO B 384 13.17 26.47 32.43
CA PRO B 384 13.27 25.23 33.21
C PRO B 384 12.43 24.08 32.64
N LEU B 385 11.48 24.38 31.76
CA LEU B 385 10.65 23.33 31.20
C LEU B 385 11.47 22.31 30.43
N TYR B 386 12.48 22.77 29.69
CA TYR B 386 13.35 21.84 28.97
C TYR B 386 14.07 20.89 29.94
N SER B 387 14.58 21.44 31.04
CA SER B 387 15.24 20.59 32.03
C SER B 387 14.25 19.60 32.65
N LYS B 388 13.03 20.03 32.92
CA LYS B 388 12.03 19.13 33.47
C LYS B 388 11.73 18.00 32.49
N ARG B 389 11.61 18.32 31.20
CA ARG B 389 11.39 17.28 30.20
C ARG B 389 12.59 16.34 30.12
N PHE B 390 13.80 16.88 30.29
CA PHE B 390 14.99 16.06 30.22
C PHE B 390 15.20 15.20 31.46
N ALA B 391 14.54 15.56 32.56
CA ALA B 391 14.73 14.81 33.81
C ALA B 391 14.35 13.34 33.65
N VAL B 392 13.26 13.07 32.93
CA VAL B 392 12.75 11.71 32.84
C VAL B 392 13.67 10.77 32.06
N PHE B 393 14.75 11.27 31.48
CA PHE B 393 15.69 10.40 30.80
C PHE B 393 16.90 10.05 31.67
N LEU B 394 16.85 10.40 32.96
CA LEU B 394 17.81 9.93 33.94
C LEU B 394 17.13 9.23 35.11
N SER B 395 15.84 8.96 35.00
CA SER B 395 15.04 8.56 36.15
C SER B 395 15.34 7.15 36.64
N GLU B 396 15.90 6.29 35.78
CA GLU B 396 16.23 4.90 36.11
C GLU B 396 14.96 4.04 36.19
N VAL B 397 13.79 4.66 36.12
CA VAL B 397 12.52 3.93 36.07
C VAL B 397 11.95 3.94 34.66
N SER B 398 12.02 5.09 34.00
CA SER B 398 11.60 5.19 32.62
C SER B 398 12.33 4.17 31.74
N GLU B 399 13.55 3.81 32.11
CA GLU B 399 14.26 2.77 31.39
C GLU B 399 13.52 1.44 31.52
N ASN B 400 13.07 1.11 32.72
CA ASN B 400 12.29 -0.12 32.90
C ASN B 400 11.01 -0.06 32.10
N LYS B 401 10.33 1.09 32.12
CA LYS B 401 9.05 1.19 31.41
C LYS B 401 9.24 1.07 29.91
N LEU B 402 10.27 1.72 29.37
CA LEU B 402 10.53 1.61 27.93
C LEU B 402 10.93 0.19 27.57
N ARG B 403 11.72 -0.47 28.42
CA ARG B 403 12.07 -1.86 28.14
C ARG B 403 10.83 -2.74 28.10
N GLN B 404 9.93 -2.55 29.05
CA GLN B 404 8.69 -3.32 29.07
C GLN B 404 7.88 -3.07 27.80
N LEU B 405 7.74 -1.80 27.43
CA LEU B 405 6.97 -1.48 26.22
C LEU B 405 7.60 -2.11 24.99
N ASN B 406 8.92 -2.01 24.87
CA ASN B 406 9.59 -2.52 23.68
C ASN B 406 9.51 -4.04 23.60
N LEU B 407 9.65 -4.72 24.74
CA LEU B 407 9.54 -6.17 24.72
C LEU B 407 8.11 -6.62 24.43
N ASN B 408 7.13 -5.86 24.89
CA ASN B 408 5.75 -6.10 24.46
C ASN B 408 5.64 -5.94 22.95
N ASN B 409 6.28 -4.92 22.40
CA ASN B 409 6.19 -4.66 20.97
C ASN B 409 6.80 -5.80 20.16
N GLU B 410 8.01 -6.24 20.53
CA GLU B 410 8.74 -7.15 19.65
C GLU B 410 8.07 -8.52 19.58
N TRP B 411 7.70 -9.09 20.72
CA TRP B 411 7.05 -10.39 20.73
C TRP B 411 5.64 -10.27 20.17
N THR B 412 5.30 -11.19 19.28
CA THR B 412 3.99 -11.21 18.64
C THR B 412 3.28 -12.50 19.00
N LEU B 413 1.96 -12.48 18.88
CA LEU B 413 1.16 -13.67 19.14
C LEU B 413 1.67 -14.86 18.33
N ASP B 414 1.96 -14.65 17.05
CA ASP B 414 2.46 -15.73 16.21
C ASP B 414 3.81 -16.24 16.70
N LYS B 415 4.71 -15.33 17.08
CA LYS B 415 6.03 -15.75 17.56
C LYS B 415 5.90 -16.58 18.83
N LEU B 416 5.05 -16.15 19.77
CA LEU B 416 4.86 -16.91 20.99
C LEU B 416 4.22 -18.25 20.72
N ARG B 417 3.25 -18.30 19.80
CA ARG B 417 2.64 -19.57 19.44
C ARG B 417 3.66 -20.53 18.84
N GLN B 418 4.54 -20.02 17.98
CA GLN B 418 5.60 -20.86 17.45
C GLN B 418 6.56 -21.31 18.53
N ARG B 419 6.81 -20.45 19.52
CA ARG B 419 7.67 -20.82 20.64
C ARG B 419 6.98 -21.77 21.62
N LEU B 420 5.68 -21.97 21.49
CA LEU B 420 4.96 -22.84 22.41
C LEU B 420 5.42 -24.29 22.27
N THR B 421 5.51 -24.98 23.40
CA THR B 421 5.96 -26.36 23.47
C THR B 421 5.03 -27.16 24.35
N LYS B 422 5.21 -28.48 24.32
CA LYS B 422 4.47 -29.41 25.16
C LYS B 422 5.40 -30.03 26.19
N ASN B 423 4.97 -30.07 27.44
CA ASN B 423 5.80 -30.57 28.51
C ASN B 423 5.77 -32.09 28.55
N ALA B 424 6.32 -32.68 29.61
CA ALA B 424 6.26 -34.13 29.79
C ALA B 424 4.83 -34.61 30.02
N GLN B 425 4.03 -33.86 30.77
CA GLN B 425 2.66 -34.23 31.06
C GLN B 425 1.71 -33.86 29.93
N ASP B 426 2.24 -33.61 28.73
CA ASP B 426 1.42 -33.26 27.57
C ASP B 426 0.56 -32.05 27.86
N LYS B 427 1.15 -31.05 28.51
CA LYS B 427 0.46 -29.81 28.87
C LYS B 427 1.11 -28.67 28.11
N LEU B 428 0.28 -27.83 27.50
CA LEU B 428 0.81 -26.75 26.67
C LEU B 428 1.57 -25.74 27.53
N GLU B 429 2.82 -25.48 27.14
CA GLU B 429 3.76 -24.78 28.00
C GLU B 429 4.56 -23.77 27.18
N LEU B 430 4.92 -22.66 27.83
CA LEU B 430 5.81 -21.67 27.25
C LEU B 430 6.77 -21.23 28.34
N HIS B 431 8.07 -21.42 28.11
CA HIS B 431 9.09 -21.13 29.11
C HIS B 431 9.76 -19.82 28.76
N LEU B 432 9.67 -18.85 29.68
CA LEU B 432 10.26 -17.53 29.52
C LEU B 432 11.44 -17.40 30.47
N PHE B 433 12.63 -17.19 29.92
CA PHE B 433 13.84 -17.11 30.72
C PHE B 433 14.63 -15.87 30.34
N MET B 434 15.28 -15.26 31.33
CA MET B 434 16.20 -14.14 31.11
C MET B 434 15.53 -13.02 30.32
N LEU B 435 14.34 -12.64 30.76
CA LEU B 435 13.65 -11.47 30.23
C LEU B 435 13.44 -10.47 31.36
N SER B 436 13.61 -9.19 31.04
CA SER B 436 13.47 -8.15 32.05
C SER B 436 12.05 -8.04 32.58
N GLY B 437 11.06 -8.50 31.81
CA GLY B 437 9.68 -8.46 32.25
C GLY B 437 8.85 -9.38 31.38
N ILE B 438 7.67 -9.69 31.88
CA ILE B 438 6.74 -10.56 31.17
C ILE B 438 6.12 -9.80 30.00
N PRO B 439 6.24 -10.28 28.78
CA PRO B 439 5.52 -9.66 27.66
C PRO B 439 4.02 -9.70 27.90
N ASP B 440 3.35 -8.59 27.59
CA ASP B 440 1.91 -8.55 27.72
C ASP B 440 1.22 -9.21 26.53
N THR B 441 1.97 -9.54 25.49
CA THR B 441 1.42 -10.27 24.36
C THR B 441 1.32 -11.77 24.62
N VAL B 442 1.84 -12.25 25.75
CA VAL B 442 1.67 -13.66 26.10
C VAL B 442 0.29 -13.97 26.63
N PHE B 443 -0.49 -12.96 26.97
CA PHE B 443 -1.78 -13.16 27.59
C PHE B 443 -2.92 -13.27 26.59
N ASP B 444 -2.62 -13.38 25.30
CA ASP B 444 -3.63 -13.69 24.31
C ASP B 444 -3.60 -15.16 23.88
N LEU B 445 -2.62 -15.93 24.36
CA LEU B 445 -2.54 -17.36 24.06
C LEU B 445 -3.60 -18.06 24.89
N VAL B 446 -4.84 -18.04 24.41
CA VAL B 446 -5.94 -18.61 25.17
C VAL B 446 -5.75 -20.11 25.36
N GLU B 447 -4.94 -20.74 24.50
CA GLU B 447 -4.63 -22.15 24.62
C GLU B 447 -3.56 -22.43 25.67
N LEU B 448 -2.95 -21.41 26.26
CA LEU B 448 -1.89 -21.63 27.23
C LEU B 448 -2.46 -22.26 28.51
N GLU B 449 -1.68 -23.14 29.12
CA GLU B 449 -2.00 -23.71 30.41
C GLU B 449 -0.83 -23.76 31.37
N VAL B 450 0.40 -23.58 30.88
CA VAL B 450 1.60 -23.62 31.71
C VAL B 450 2.44 -22.38 31.43
N LEU B 451 2.83 -21.68 32.48
CA LEU B 451 3.64 -20.47 32.35
C LEU B 451 4.88 -20.60 33.23
N LYS B 452 6.04 -20.49 32.62
CA LYS B 452 7.32 -20.62 33.33
C LYS B 452 8.07 -19.31 33.31
N LEU B 453 8.58 -18.90 34.47
CA LEU B 453 9.32 -17.66 34.63
C LEU B 453 10.69 -17.96 35.21
N GLU B 454 11.73 -17.83 34.40
CA GLU B 454 13.10 -18.11 34.81
C GLU B 454 13.90 -16.82 34.81
N LEU B 455 14.19 -16.31 36.00
CA LEU B 455 14.99 -15.10 36.18
C LEU B 455 14.37 -13.91 35.44
N ILE B 456 13.16 -13.56 35.87
CA ILE B 456 12.47 -12.38 35.37
C ILE B 456 12.43 -11.36 36.51
N PRO B 457 13.24 -10.31 36.46
CA PRO B 457 13.32 -9.40 37.59
C PRO B 457 12.11 -8.49 37.71
N ASP B 458 11.81 -8.12 38.96
CA ASP B 458 10.80 -7.13 39.34
C ASP B 458 9.54 -7.16 38.49
N VAL B 459 8.91 -8.32 38.38
CA VAL B 459 7.71 -8.48 37.57
C VAL B 459 6.50 -8.53 38.49
N THR B 460 5.46 -7.81 38.11
CA THR B 460 4.16 -7.87 38.78
C THR B 460 3.15 -8.36 37.76
N ILE B 461 2.32 -9.32 38.16
CA ILE B 461 1.39 -9.97 37.26
C ILE B 461 0.31 -8.98 36.85
N PRO B 462 0.15 -8.70 35.57
CA PRO B 462 -0.92 -7.80 35.12
C PRO B 462 -2.27 -8.48 35.21
N PRO B 463 -3.35 -7.70 35.31
CA PRO B 463 -4.70 -8.29 35.33
C PRO B 463 -5.04 -9.02 34.05
N SER B 464 -4.31 -8.72 32.97
CA SER B 464 -4.60 -9.33 31.68
C SER B 464 -4.45 -10.84 31.70
N ILE B 465 -3.77 -11.37 32.72
CA ILE B 465 -3.67 -12.81 32.90
C ILE B 465 -5.05 -13.47 32.99
N ALA B 466 -6.09 -12.69 33.28
CA ALA B 466 -7.44 -13.24 33.31
C ALA B 466 -7.85 -13.83 31.96
N GLN B 467 -7.19 -13.41 30.87
CA GLN B 467 -7.54 -13.92 29.56
C GLN B 467 -7.08 -15.36 29.33
N LEU B 468 -6.21 -15.90 30.19
CA LEU B 468 -5.74 -17.27 30.04
C LEU B 468 -6.61 -18.20 30.87
N THR B 469 -7.63 -18.76 30.22
CA THR B 469 -8.52 -19.69 30.89
C THR B 469 -7.79 -20.96 31.33
N GLY B 470 -6.95 -21.51 30.46
CA GLY B 470 -6.37 -22.81 30.68
C GLY B 470 -5.26 -22.88 31.70
N LEU B 471 -4.80 -21.74 32.20
CA LEU B 471 -3.67 -21.70 33.11
C LEU B 471 -3.96 -22.53 34.36
N LYS B 472 -3.09 -23.50 34.63
CA LYS B 472 -3.21 -24.34 35.82
C LYS B 472 -1.88 -24.44 36.55
N GLU B 473 -0.78 -24.27 35.83
CA GLU B 473 0.56 -24.39 36.40
C GLU B 473 1.31 -23.08 36.22
N LEU B 474 1.90 -22.58 37.30
CA LEU B 474 2.73 -21.40 37.27
C LEU B 474 4.09 -21.74 37.85
N TRP B 475 5.15 -21.35 37.15
CA TRP B 475 6.51 -21.72 37.52
C TRP B 475 7.31 -20.47 37.83
N LEU B 476 7.92 -20.43 39.01
CA LEU B 476 8.74 -19.31 39.45
C LEU B 476 10.16 -19.80 39.64
N TYR B 477 10.97 -19.68 38.59
CA TYR B 477 12.38 -20.05 38.66
C TYR B 477 13.16 -18.83 39.12
N HIS B 478 13.31 -18.68 40.43
CA HIS B 478 14.11 -17.62 41.03
C HIS B 478 13.66 -16.25 40.52
N THR B 479 12.37 -15.98 40.66
CA THR B 479 11.79 -14.69 40.30
C THR B 479 10.88 -14.26 41.45
N ALA B 480 11.21 -13.13 42.07
CA ALA B 480 10.34 -12.54 43.10
C ALA B 480 9.32 -11.67 42.37
N ALA B 481 8.10 -12.19 42.23
CA ALA B 481 7.06 -11.55 41.45
C ALA B 481 5.92 -11.12 42.35
N LYS B 482 5.46 -9.89 42.15
CA LYS B 482 4.30 -9.37 42.85
C LYS B 482 3.05 -9.56 41.99
N ILE B 483 1.90 -9.16 42.55
CA ILE B 483 0.63 -9.30 41.85
C ILE B 483 -0.34 -8.27 42.39
N GLU B 484 -1.27 -7.86 41.54
CA GLU B 484 -2.35 -6.94 41.90
C GLU B 484 -3.64 -7.71 42.16
N ALA B 485 -4.60 -6.99 42.75
CA ALA B 485 -5.81 -7.64 43.25
C ALA B 485 -6.59 -8.43 42.20
N PRO B 486 -6.87 -7.90 41.01
CA PRO B 486 -7.69 -8.69 40.07
C PRO B 486 -7.00 -9.96 39.61
N ALA B 487 -5.73 -9.88 39.21
CA ALA B 487 -4.98 -11.07 38.86
C ALA B 487 -4.86 -12.01 40.06
N LEU B 488 -4.71 -11.44 41.26
CA LEU B 488 -4.62 -12.28 42.45
C LEU B 488 -5.88 -13.11 42.64
N ALA B 489 -7.05 -12.48 42.48
CA ALA B 489 -8.29 -13.22 42.62
C ALA B 489 -8.46 -14.22 41.48
N PHE B 490 -8.09 -13.83 40.27
CA PHE B 490 -8.21 -14.74 39.13
C PHE B 490 -7.38 -16.00 39.33
N LEU B 491 -6.15 -15.84 39.83
CA LEU B 491 -5.31 -17.01 40.09
C LEU B 491 -5.77 -17.76 41.35
N ARG B 492 -6.35 -17.04 42.30
CA ARG B 492 -6.94 -17.69 43.46
C ARG B 492 -8.03 -18.66 43.05
N GLU B 493 -8.83 -18.26 42.07
CA GLU B 493 -9.94 -19.10 41.61
C GLU B 493 -9.60 -19.94 40.39
N ASN B 494 -8.40 -19.83 39.84
CA ASN B 494 -8.12 -20.57 38.61
C ASN B 494 -6.85 -21.41 38.67
N LEU B 495 -5.80 -20.93 39.33
CA LEU B 495 -4.53 -21.64 39.34
C LEU B 495 -4.63 -22.91 40.19
N ARG B 496 -4.03 -24.00 39.68
CA ARG B 496 -4.02 -25.27 40.38
C ARG B 496 -2.65 -25.69 40.87
N ALA B 497 -1.60 -25.55 40.06
CA ALA B 497 -0.27 -26.01 40.43
C ALA B 497 0.71 -24.85 40.37
N LEU B 498 1.68 -24.88 41.29
CA LEU B 498 2.65 -23.82 41.41
C LEU B 498 4.03 -24.41 41.71
N HIS B 499 5.03 -23.98 40.96
CA HIS B 499 6.40 -24.43 41.12
C HIS B 499 7.25 -23.26 41.59
N ILE B 500 7.94 -23.43 42.72
CA ILE B 500 8.71 -22.36 43.33
C ILE B 500 10.16 -22.82 43.45
N LYS B 501 11.05 -22.16 42.73
CA LYS B 501 12.49 -22.35 42.87
C LYS B 501 13.09 -21.05 43.34
N PHE B 502 13.61 -21.03 44.57
CA PHE B 502 14.06 -19.79 45.17
C PHE B 502 15.44 -20.00 45.79
N THR B 503 16.23 -18.93 45.78
CA THR B 503 17.52 -18.90 46.45
C THR B 503 17.47 -18.18 47.78
N ASP B 504 16.40 -17.42 48.04
CA ASP B 504 16.27 -16.66 49.27
C ASP B 504 14.81 -16.64 49.70
N ILE B 505 14.61 -16.53 51.01
CA ILE B 505 13.25 -16.61 51.56
C ILE B 505 12.43 -15.41 51.11
N LYS B 506 13.04 -14.23 51.05
CA LYS B 506 12.31 -13.03 50.66
C LYS B 506 11.84 -13.07 49.22
N GLU B 507 12.39 -13.98 48.40
CA GLU B 507 11.95 -14.13 47.02
C GLU B 507 10.58 -14.80 46.91
N ILE B 508 10.10 -15.44 47.98
CA ILE B 508 8.81 -16.12 47.97
C ILE B 508 7.70 -15.08 47.93
N PRO B 509 6.80 -15.14 46.95
CA PRO B 509 5.64 -14.25 46.95
C PRO B 509 4.72 -14.58 48.12
N LEU B 510 4.59 -13.62 49.04
CA LEU B 510 3.79 -13.85 50.23
C LEU B 510 2.32 -14.02 49.93
N TRP B 511 1.88 -13.63 48.73
CA TRP B 511 0.46 -13.70 48.40
C TRP B 511 0.00 -15.08 47.98
N ILE B 512 0.92 -16.05 47.87
CA ILE B 512 0.53 -17.38 47.44
C ILE B 512 -0.42 -18.03 48.43
N TYR B 513 -0.39 -17.63 49.69
CA TYR B 513 -1.23 -18.24 50.71
C TYR B 513 -2.72 -17.98 50.49
N SER B 514 -3.08 -17.01 49.65
CA SER B 514 -4.46 -16.74 49.33
C SER B 514 -4.99 -17.58 48.18
N LEU B 515 -4.12 -18.31 47.48
CA LEU B 515 -4.54 -19.15 46.35
C LEU B 515 -5.22 -20.39 46.92
N LYS B 516 -6.46 -20.20 47.38
CA LYS B 516 -7.14 -21.27 48.10
C LYS B 516 -7.52 -22.44 47.22
N THR B 517 -7.44 -22.32 45.90
CA THR B 517 -7.69 -23.43 44.99
C THR B 517 -6.40 -24.14 44.59
N LEU B 518 -5.26 -23.75 45.16
CA LEU B 518 -4.01 -24.40 44.85
C LEU B 518 -4.01 -25.84 45.40
N GLU B 519 -3.49 -26.75 44.60
CA GLU B 519 -3.42 -28.15 44.97
C GLU B 519 -2.02 -28.74 44.91
N GLU B 520 -1.15 -28.19 44.07
CA GLU B 520 0.20 -28.71 43.89
C GLU B 520 1.19 -27.58 44.13
N LEU B 521 2.14 -27.81 45.03
CA LEU B 521 3.16 -26.82 45.36
C LEU B 521 4.52 -27.49 45.35
N HIS B 522 5.49 -26.84 44.73
CA HIS B 522 6.85 -27.38 44.62
C HIS B 522 7.82 -26.35 45.18
N LEU B 523 8.41 -26.65 46.33
CA LEU B 523 9.32 -25.74 47.01
C LEU B 523 10.74 -26.22 46.79
N THR B 524 11.52 -25.46 46.03
CA THR B 524 12.94 -25.71 45.84
C THR B 524 13.72 -24.56 46.44
N GLY B 525 14.55 -24.86 47.43
CA GLY B 525 15.31 -23.83 48.11
C GLY B 525 15.38 -24.06 49.61
N ASN B 526 16.58 -23.91 50.16
CA ASN B 526 16.78 -24.06 51.59
C ASN B 526 16.00 -22.99 52.34
N LEU B 527 15.46 -23.35 53.50
CA LEU B 527 14.65 -22.42 54.28
C LEU B 527 15.04 -22.34 55.74
N SER B 528 15.96 -23.17 56.21
CA SER B 528 16.37 -23.10 57.61
C SER B 528 17.05 -21.76 57.88
N ALA B 529 16.56 -21.06 58.91
CA ALA B 529 17.04 -19.74 59.25
C ALA B 529 17.44 -19.70 60.72
N GLU B 530 18.44 -18.88 61.01
CA GLU B 530 18.97 -18.76 62.37
C GLU B 530 17.94 -18.10 63.26
N ASN B 531 17.28 -18.89 64.12
CA ASN B 531 16.23 -18.49 65.04
C ASN B 531 14.93 -18.13 64.34
N ASN B 532 14.84 -18.28 63.01
CA ASN B 532 13.63 -17.96 62.28
C ASN B 532 13.32 -19.02 61.22
N ARG B 533 13.69 -20.26 61.47
CA ARG B 533 13.36 -21.35 60.56
C ARG B 533 11.89 -21.73 60.71
N TYR B 534 11.30 -22.22 59.62
CA TYR B 534 9.93 -22.72 59.61
C TYR B 534 8.93 -21.66 60.06
N ILE B 535 9.14 -20.41 59.63
CA ILE B 535 8.30 -19.30 60.01
C ILE B 535 7.44 -18.81 58.85
N VAL B 536 8.04 -18.58 57.69
CA VAL B 536 7.28 -18.13 56.53
C VAL B 536 6.28 -19.19 56.09
N ILE B 537 6.66 -20.47 56.18
CA ILE B 537 5.81 -21.55 55.66
C ILE B 537 4.56 -21.76 56.52
N ASP B 538 4.47 -21.08 57.67
CA ASP B 538 3.34 -21.25 58.57
C ASP B 538 2.00 -21.00 57.88
N GLY B 539 1.98 -20.14 56.86
CA GLY B 539 0.75 -19.85 56.16
C GLY B 539 0.19 -20.99 55.34
N LEU B 540 0.88 -22.13 55.26
CA LEU B 540 0.38 -23.25 54.48
C LEU B 540 -0.94 -23.78 55.03
N ARG B 541 -1.27 -23.46 56.29
CA ARG B 541 -2.57 -23.84 56.83
C ARG B 541 -3.71 -23.28 56.01
N GLU B 542 -3.46 -22.19 55.27
CA GLU B 542 -4.50 -21.58 54.45
C GLU B 542 -4.81 -22.39 53.19
N LEU B 543 -3.85 -23.16 52.70
CA LEU B 543 -4.03 -23.94 51.47
C LEU B 543 -4.81 -25.21 51.79
N LYS B 544 -6.13 -25.07 51.84
CA LYS B 544 -6.99 -26.20 52.20
C LYS B 544 -7.07 -27.26 51.11
N ARG B 545 -7.00 -26.87 49.84
CA ARG B 545 -7.10 -27.82 48.72
C ARG B 545 -5.74 -28.36 48.31
N LEU B 546 -4.72 -28.20 49.14
CA LEU B 546 -3.40 -28.72 48.81
C LEU B 546 -3.42 -30.24 48.82
N LYS B 547 -2.79 -30.83 47.79
CA LYS B 547 -2.73 -32.28 47.68
C LYS B 547 -1.33 -32.77 47.39
N VAL B 548 -0.50 -31.93 46.78
CA VAL B 548 0.86 -32.27 46.40
C VAL B 548 1.80 -31.22 46.94
N LEU B 549 2.90 -31.65 47.54
CA LEU B 549 3.92 -30.74 48.06
C LEU B 549 5.29 -31.36 47.84
N ARG B 550 6.13 -30.70 47.05
CA ARG B 550 7.47 -31.17 46.74
C ARG B 550 8.46 -30.18 47.36
N LEU B 551 9.36 -30.70 48.18
CA LEU B 551 10.26 -29.88 48.98
C LEU B 551 11.70 -30.19 48.63
N LYS B 552 12.55 -29.16 48.60
CA LYS B 552 14.00 -29.31 48.48
C LYS B 552 14.64 -28.21 49.32
N SER B 553 14.91 -28.51 50.60
CA SER B 553 15.37 -27.45 51.50
C SER B 553 16.46 -27.88 52.48
N ASN B 554 17.03 -29.07 52.34
CA ASN B 554 18.08 -29.55 53.26
C ASN B 554 17.61 -29.54 54.71
N LEU B 555 16.37 -29.97 54.92
CA LEU B 555 15.78 -29.88 56.25
C LEU B 555 16.20 -31.05 57.12
N SER B 556 16.56 -30.75 58.37
CA SER B 556 16.90 -31.76 59.36
C SER B 556 15.74 -32.08 60.30
N LYS B 557 14.79 -31.16 60.44
CA LYS B 557 13.61 -31.39 61.25
C LYS B 557 12.39 -30.91 60.46
N LEU B 558 11.39 -31.76 60.37
CA LEU B 558 10.23 -31.47 59.53
C LEU B 558 9.40 -30.36 60.15
N PRO B 559 9.02 -29.34 59.39
CA PRO B 559 8.21 -28.25 59.95
C PRO B 559 6.89 -28.77 60.49
N GLN B 560 6.46 -28.21 61.61
CA GLN B 560 5.20 -28.64 62.22
C GLN B 560 4.02 -28.27 61.35
N VAL B 561 4.12 -27.16 60.62
CA VAL B 561 3.01 -26.71 59.78
C VAL B 561 2.73 -27.73 58.68
N VAL B 562 3.77 -28.37 58.15
CA VAL B 562 3.58 -29.44 57.18
C VAL B 562 2.80 -30.59 57.82
N THR B 563 3.19 -30.96 59.04
CA THR B 563 2.50 -32.03 59.74
C THR B 563 1.03 -31.69 59.95
N ASP B 564 0.74 -30.42 60.25
CA ASP B 564 -0.65 -30.00 60.44
C ASP B 564 -1.43 -30.08 59.13
N VAL B 565 -0.89 -29.51 58.06
CA VAL B 565 -1.62 -29.47 56.79
C VAL B 565 -1.73 -30.84 56.15
N GLY B 566 -0.90 -31.80 56.57
CA GLY B 566 -0.99 -33.14 56.01
C GLY B 566 -2.30 -33.85 56.26
N VAL B 567 -3.22 -33.25 57.04
CA VAL B 567 -4.51 -33.87 57.31
C VAL B 567 -5.30 -34.14 56.05
N HIS B 568 -5.03 -33.40 54.98
CA HIS B 568 -5.65 -33.63 53.69
C HIS B 568 -4.66 -33.93 52.58
N LEU B 569 -3.36 -33.83 52.85
CA LEU B 569 -2.36 -34.15 51.84
C LEU B 569 -2.48 -35.60 51.42
N GLN B 570 -2.28 -35.85 50.12
CA GLN B 570 -2.30 -37.20 49.59
C GLN B 570 -0.97 -37.66 49.02
N LYS B 571 -0.09 -36.73 48.66
CA LYS B 571 1.23 -37.06 48.13
C LYS B 571 2.23 -36.03 48.62
N LEU B 572 3.34 -36.51 49.19
CA LEU B 572 4.35 -35.63 49.77
C LEU B 572 5.73 -36.12 49.33
N SER B 573 6.56 -35.19 48.86
CA SER B 573 7.92 -35.50 48.43
C SER B 573 8.88 -34.49 49.04
N ILE B 574 9.96 -34.99 49.65
CA ILE B 574 10.93 -34.16 50.34
C ILE B 574 12.32 -34.51 49.84
N ASN B 575 13.14 -33.49 49.58
CA ASN B 575 14.51 -33.67 49.14
C ASN B 575 15.43 -32.88 50.06
N ASN B 576 16.40 -33.56 50.66
CA ASN B 576 17.36 -32.93 51.57
C ASN B 576 18.75 -32.80 50.98
N GLU B 577 19.02 -33.47 49.87
CA GLU B 577 20.30 -33.44 49.16
C GLU B 577 21.49 -33.40 50.10
N GLY B 578 21.57 -34.43 50.95
CA GLY B 578 22.70 -34.61 51.84
C GLY B 578 22.40 -34.33 53.30
N THR B 579 21.26 -33.76 53.63
CA THR B 579 20.92 -33.47 55.02
C THR B 579 20.18 -34.65 55.64
N LYS B 580 20.64 -35.06 56.80
CA LYS B 580 19.96 -36.11 57.55
C LYS B 580 18.64 -35.57 58.10
N LEU B 581 17.57 -36.31 57.87
CA LEU B 581 16.23 -35.89 58.28
C LEU B 581 15.80 -36.68 59.51
N ILE B 582 15.35 -35.97 60.54
CA ILE B 582 14.85 -36.58 61.75
C ILE B 582 13.33 -36.43 61.75
N VAL B 583 12.62 -37.55 61.60
CA VAL B 583 11.16 -37.49 61.62
C VAL B 583 10.65 -37.16 63.02
N LEU B 584 11.31 -37.69 64.05
CA LEU B 584 10.91 -37.59 65.46
C LEU B 584 9.39 -37.74 65.61
N ASN B 585 8.86 -38.76 64.93
CA ASN B 585 7.44 -39.10 64.99
C ASN B 585 6.56 -37.89 64.66
N SER B 586 6.70 -37.37 63.44
CA SER B 586 5.90 -36.27 62.96
C SER B 586 5.09 -36.65 61.72
N LEU B 587 4.70 -37.92 61.61
CA LEU B 587 3.95 -38.41 60.46
C LEU B 587 2.59 -38.98 60.81
N LYS B 588 2.27 -39.13 62.10
CA LYS B 588 1.01 -39.73 62.52
C LYS B 588 -0.12 -38.73 62.62
N LYS B 589 -0.01 -37.59 61.92
CA LYS B 589 -1.11 -36.66 61.78
C LYS B 589 -1.52 -36.44 60.32
N MET B 590 -0.67 -36.84 59.37
CA MET B 590 -0.97 -36.74 57.95
C MET B 590 -1.56 -38.07 57.48
N VAL B 591 -2.65 -38.46 58.14
CA VAL B 591 -3.25 -39.77 57.90
C VAL B 591 -3.88 -39.88 56.52
N ASN B 592 -4.14 -38.77 55.85
CA ASN B 592 -4.71 -38.81 54.51
C ASN B 592 -3.70 -39.14 53.44
N LEU B 593 -2.40 -39.14 53.77
CA LEU B 593 -1.37 -39.33 52.77
C LEU B 593 -1.49 -40.71 52.13
N THR B 594 -1.36 -40.76 50.80
CA THR B 594 -1.36 -42.01 50.08
C THR B 594 -0.04 -42.32 49.40
N GLU B 595 0.82 -41.32 49.21
CA GLU B 595 2.15 -41.51 48.65
C GLU B 595 3.16 -40.73 49.47
N LEU B 596 4.22 -41.41 49.89
CA LEU B 596 5.28 -40.81 50.69
C LEU B 596 6.60 -40.97 49.95
N GLU B 597 7.25 -39.86 49.65
CA GLU B 597 8.52 -39.86 48.93
C GLU B 597 9.59 -39.17 49.77
N LEU B 598 10.66 -39.92 50.08
CA LEU B 598 11.75 -39.44 50.93
C LEU B 598 13.05 -39.72 50.18
N ILE B 599 13.47 -38.77 49.37
CA ILE B 599 14.62 -38.92 48.49
C ILE B 599 15.76 -38.07 49.02
N ARG B 600 16.94 -38.68 49.15
CA ARG B 600 18.15 -38.01 49.63
C ARG B 600 17.94 -37.40 51.00
N CYS B 601 17.08 -38.02 51.80
CA CYS B 601 16.84 -37.57 53.16
C CYS B 601 17.72 -38.27 54.18
N ASP B 602 18.44 -39.32 53.78
CA ASP B 602 19.49 -39.96 54.57
C ASP B 602 18.94 -40.43 55.93
N LEU B 603 18.04 -41.39 55.85
CA LEU B 603 17.41 -41.92 57.06
C LEU B 603 18.26 -42.99 57.73
N GLU B 604 18.83 -43.89 56.93
CA GLU B 604 19.55 -45.06 57.42
C GLU B 604 18.64 -45.98 58.22
N ARG B 605 17.35 -45.65 58.27
CA ARG B 605 16.36 -46.45 58.98
C ARG B 605 14.95 -46.01 58.60
N ILE B 606 14.09 -46.95 58.26
CA ILE B 606 12.71 -46.63 57.93
C ILE B 606 11.97 -46.20 59.20
N PRO B 607 11.30 -45.06 59.21
CA PRO B 607 10.63 -44.60 60.44
C PRO B 607 9.43 -45.48 60.77
N HIS B 608 9.11 -45.53 62.07
CA HIS B 608 8.02 -46.36 62.54
C HIS B 608 6.65 -45.78 62.20
N SER B 609 6.53 -44.47 62.07
CA SER B 609 5.25 -43.84 61.79
C SER B 609 4.75 -44.11 60.37
N ILE B 610 5.59 -44.66 59.51
CA ILE B 610 5.14 -45.03 58.17
C ILE B 610 4.05 -46.11 58.26
N PHE B 611 4.29 -47.14 59.08
CA PHE B 611 3.36 -48.25 59.15
C PHE B 611 2.00 -47.85 59.71
N SER B 612 1.93 -46.74 60.44
CA SER B 612 0.65 -46.23 60.93
C SER B 612 -0.22 -45.67 59.82
N LEU B 613 0.36 -45.39 58.64
CA LEU B 613 -0.38 -44.81 57.52
C LEU B 613 -0.89 -45.94 56.64
N HIS B 614 -2.01 -46.54 57.07
CA HIS B 614 -2.60 -47.61 56.28
C HIS B 614 -3.19 -47.12 54.96
N ASN B 615 -3.32 -45.81 54.78
CA ASN B 615 -3.73 -45.24 53.51
C ASN B 615 -2.60 -45.18 52.51
N LEU B 616 -1.36 -45.44 52.94
CA LEU B 616 -0.22 -45.39 52.04
C LEU B 616 -0.34 -46.43 50.95
N GLN B 617 0.16 -46.08 49.76
CA GLN B 617 0.10 -47.00 48.63
C GLN B 617 1.47 -47.20 48.00
N GLU B 618 2.27 -46.15 47.93
CA GLU B 618 3.59 -46.20 47.31
C GLU B 618 4.60 -45.51 48.21
N ILE B 619 5.83 -46.01 48.22
CA ILE B 619 6.87 -45.55 49.12
C ILE B 619 8.11 -45.20 48.30
N ASP B 620 8.99 -44.37 48.88
CA ASP B 620 10.24 -43.98 48.24
C ASP B 620 11.30 -43.77 49.31
N LEU B 621 12.43 -44.45 49.17
CA LEU B 621 13.50 -44.36 50.15
C LEU B 621 14.86 -44.29 49.48
N LYS B 622 14.98 -43.56 48.37
CA LYS B 622 16.25 -43.46 47.67
C LYS B 622 17.27 -42.72 48.50
N ASP B 623 18.53 -43.11 48.36
CA ASP B 623 19.67 -42.33 48.86
C ASP B 623 19.56 -42.07 50.37
N ASN B 624 18.93 -42.98 51.09
CA ASN B 624 18.86 -42.90 52.55
C ASN B 624 19.89 -43.78 53.22
N ASN B 625 20.81 -44.38 52.47
CA ASN B 625 21.87 -45.22 53.01
C ASN B 625 21.29 -46.41 53.78
N LEU B 626 20.13 -46.89 53.33
CA LEU B 626 19.51 -48.03 54.00
C LEU B 626 20.30 -49.31 53.74
N LYS B 627 20.39 -50.15 54.77
CA LYS B 627 21.05 -51.44 54.66
C LYS B 627 20.17 -52.60 55.08
N THR B 628 19.34 -52.44 56.11
CA THR B 628 18.48 -53.49 56.61
C THR B 628 17.02 -53.08 56.42
N ILE B 629 16.25 -53.91 55.75
CA ILE B 629 14.85 -53.63 55.48
C ILE B 629 13.97 -54.73 56.07
N GLU B 630 14.44 -55.35 57.16
CA GLU B 630 13.62 -56.31 57.87
C GLU B 630 12.34 -55.69 58.39
N GLU B 631 12.31 -54.37 58.55
CA GLU B 631 11.14 -53.64 59.01
C GLU B 631 9.92 -53.86 58.13
N ILE B 632 10.06 -54.58 57.02
CA ILE B 632 8.95 -55.01 56.18
C ILE B 632 7.98 -55.82 57.03
N ILE B 633 8.46 -56.36 58.16
CA ILE B 633 7.59 -57.09 59.08
C ILE B 633 6.47 -56.19 59.59
N SER B 634 6.76 -54.90 59.80
CA SER B 634 5.75 -53.95 60.23
C SER B 634 4.91 -53.42 59.07
N PHE B 635 5.28 -53.74 57.83
CA PHE B 635 4.51 -53.29 56.68
C PHE B 635 3.29 -54.16 56.40
N GLN B 636 3.17 -55.32 57.05
CA GLN B 636 2.00 -56.16 56.83
C GLN B 636 0.72 -55.45 57.24
N HIS B 637 0.81 -54.51 58.19
CA HIS B 637 -0.34 -53.69 58.52
C HIS B 637 -0.83 -52.88 57.33
N LEU B 638 0.08 -52.52 56.43
CA LEU B 638 -0.26 -51.71 55.26
C LEU B 638 -0.96 -52.58 54.24
N HIS B 639 -2.28 -52.69 54.36
CA HIS B 639 -3.08 -53.44 53.41
C HIS B 639 -3.23 -52.74 52.07
N ARG B 640 -2.97 -51.44 52.01
CA ARG B 640 -3.14 -50.68 50.77
C ARG B 640 -1.81 -50.33 50.12
N LEU B 641 -0.73 -50.98 50.53
CA LEU B 641 0.58 -50.79 49.90
C LEU B 641 0.62 -51.59 48.62
N THR B 642 0.73 -50.90 47.48
CA THR B 642 0.75 -51.59 46.19
C THR B 642 2.16 -51.66 45.60
N CYS B 643 2.85 -50.53 45.48
CA CYS B 643 4.17 -50.49 44.87
C CYS B 643 5.20 -50.06 45.92
N LEU B 644 6.37 -50.69 45.90
CA LEU B 644 7.47 -50.37 46.80
C LEU B 644 8.73 -50.19 45.97
N LYS B 645 9.45 -49.09 46.21
CA LYS B 645 10.72 -48.81 45.55
C LYS B 645 11.79 -48.59 46.61
N LEU B 646 12.91 -49.29 46.47
CA LEU B 646 13.97 -49.21 47.46
C LEU B 646 15.35 -49.21 46.80
N TRP B 647 15.42 -48.73 45.57
CA TRP B 647 16.69 -48.77 44.85
C TRP B 647 17.55 -47.56 45.23
N TYR B 648 18.76 -47.52 44.68
CA TYR B 648 19.77 -46.52 45.03
C TYR B 648 20.01 -46.48 46.55
N ASN B 649 20.38 -47.64 47.08
CA ASN B 649 20.67 -47.78 48.50
C ASN B 649 21.80 -48.78 48.68
N HIS B 650 22.01 -49.20 49.92
CA HIS B 650 23.06 -50.14 50.28
C HIS B 650 22.51 -51.48 50.73
N ILE B 651 21.46 -51.96 50.08
CA ILE B 651 20.83 -53.21 50.47
C ILE B 651 21.59 -54.38 49.85
N ALA B 652 21.91 -55.38 50.67
CA ALA B 652 22.62 -56.56 50.19
C ALA B 652 21.79 -57.84 50.25
N TYR B 653 20.64 -57.81 50.91
CA TYR B 653 19.84 -59.02 51.07
C TYR B 653 18.35 -58.66 50.98
N ILE B 654 17.55 -59.65 50.64
CA ILE B 654 16.10 -59.51 50.56
C ILE B 654 15.49 -60.29 51.72
N PRO B 655 14.78 -59.66 52.64
CA PRO B 655 14.20 -60.39 53.77
C PRO B 655 13.14 -61.37 53.33
N ILE B 656 12.98 -62.43 54.13
CA ILE B 656 11.95 -63.42 53.86
C ILE B 656 10.55 -62.83 54.05
N GLN B 657 10.41 -61.88 54.97
CA GLN B 657 9.09 -61.37 55.34
C GLN B 657 8.35 -60.76 54.16
N ILE B 658 9.06 -60.30 53.13
CA ILE B 658 8.40 -59.72 51.97
C ILE B 658 7.48 -60.72 51.30
N GLY B 659 7.71 -62.01 51.51
CA GLY B 659 6.80 -63.02 50.98
C GLY B 659 5.40 -62.93 51.55
N ASN B 660 5.28 -62.52 52.81
CA ASN B 660 3.97 -62.40 53.43
C ASN B 660 3.15 -61.26 52.85
N LEU B 661 3.79 -60.17 52.41
CA LEU B 661 3.08 -59.06 51.79
C LEU B 661 2.95 -59.34 50.30
N THR B 662 1.94 -60.15 49.96
CA THR B 662 1.67 -60.42 48.55
C THR B 662 1.10 -59.21 47.83
N ASN B 663 0.72 -58.16 48.54
CA ASN B 663 0.06 -56.99 47.98
C ASN B 663 0.90 -56.24 46.96
N LEU B 664 2.15 -56.64 46.76
CA LEU B 664 3.05 -55.89 45.89
C LEU B 664 2.61 -55.96 44.44
N GLU B 665 2.78 -54.86 43.72
CA GLU B 665 2.46 -54.80 42.30
C GLU B 665 3.61 -54.31 41.45
N ARG B 666 4.40 -53.35 41.94
CA ARG B 666 5.59 -52.86 41.26
C ARG B 666 6.75 -52.82 42.25
N LEU B 667 7.93 -53.25 41.79
CA LEU B 667 9.10 -53.36 42.65
C LEU B 667 10.35 -53.10 41.84
N TYR B 668 11.18 -52.17 42.30
CA TYR B 668 12.45 -51.85 41.66
C TYR B 668 13.54 -51.79 42.71
N LEU B 669 14.62 -52.54 42.51
CA LEU B 669 15.72 -52.56 43.46
C LEU B 669 17.07 -52.50 42.75
N ASN B 670 17.12 -51.88 41.57
CA ASN B 670 18.36 -51.88 40.80
C ASN B 670 19.39 -50.98 41.45
N ARG B 671 20.64 -51.13 41.00
CA ARG B 671 21.77 -50.37 41.52
C ARG B 671 21.88 -50.52 43.04
N ASN B 672 21.84 -51.78 43.49
CA ASN B 672 22.03 -52.13 44.88
C ASN B 672 23.04 -53.26 44.98
N LYS B 673 23.48 -53.55 46.21
CA LYS B 673 24.47 -54.59 46.47
C LYS B 673 23.81 -55.93 46.80
N ILE B 674 22.58 -56.16 46.33
CA ILE B 674 21.91 -57.42 46.58
C ILE B 674 22.44 -58.47 45.63
N GLU B 675 22.65 -59.69 46.13
CA GLU B 675 23.23 -60.77 45.34
C GLU B 675 22.33 -61.98 45.15
N LYS B 676 21.33 -62.19 46.02
CA LYS B 676 20.52 -63.39 45.97
C LYS B 676 19.05 -63.05 46.16
N ILE B 677 18.19 -63.76 45.44
CA ILE B 677 16.74 -63.64 45.59
C ILE B 677 16.25 -64.86 46.37
N PRO B 678 15.81 -64.70 47.62
CA PRO B 678 15.20 -65.83 48.32
C PRO B 678 13.86 -66.19 47.70
N THR B 679 13.45 -67.45 47.91
CA THR B 679 12.20 -67.92 47.33
C THR B 679 10.99 -67.13 47.85
N GLN B 680 11.10 -66.57 49.05
CA GLN B 680 9.97 -65.87 49.66
C GLN B 680 9.49 -64.71 48.80
N LEU B 681 10.43 -63.99 48.16
CA LEU B 681 10.04 -62.89 47.29
C LEU B 681 9.09 -63.33 46.19
N PHE B 682 9.20 -64.58 45.73
CA PHE B 682 8.34 -65.10 44.68
C PHE B 682 6.92 -65.36 45.15
N TYR B 683 6.57 -64.95 46.37
CA TYR B 683 5.26 -65.25 46.92
C TYR B 683 4.22 -64.17 46.65
N CYS B 684 4.59 -63.12 45.93
CA CYS B 684 3.66 -62.06 45.55
C CYS B 684 3.29 -62.28 44.08
N ARG B 685 2.24 -63.06 43.86
CA ARG B 685 1.85 -63.44 42.49
C ARG B 685 1.28 -62.28 41.69
N LYS B 686 0.81 -61.22 42.35
CA LYS B 686 0.25 -60.06 41.67
C LYS B 686 1.31 -59.04 41.28
N LEU B 687 2.58 -59.35 41.51
CA LEU B 687 3.66 -58.45 41.10
C LEU B 687 3.70 -58.33 39.57
N ARG B 688 3.95 -57.12 39.10
CA ARG B 688 3.88 -56.84 37.67
C ARG B 688 5.13 -56.19 37.10
N TYR B 689 5.96 -55.56 37.93
CA TYR B 689 7.20 -54.93 37.48
C TYR B 689 8.34 -55.35 38.38
N LEU B 690 9.52 -55.52 37.79
CA LEU B 690 10.71 -55.92 38.56
C LEU B 690 11.96 -55.48 37.80
N ASP B 691 12.74 -54.58 38.42
CA ASP B 691 14.02 -54.14 37.89
C ASP B 691 15.11 -54.47 38.91
N LEU B 692 16.14 -55.19 38.46
CA LEU B 692 17.24 -55.59 39.34
C LEU B 692 18.58 -55.41 38.66
N SER B 693 18.75 -54.31 37.94
CA SER B 693 20.02 -54.05 37.27
C SER B 693 21.09 -53.64 38.28
N HIS B 694 22.34 -53.69 37.84
CA HIS B 694 23.50 -53.21 38.60
C HIS B 694 23.53 -53.81 40.01
N ASN B 695 23.43 -55.14 40.06
CA ASN B 695 23.43 -55.85 41.33
C ASN B 695 24.43 -56.99 41.27
N ASN B 696 24.71 -57.57 42.43
CA ASN B 696 25.63 -58.70 42.55
C ASN B 696 24.93 -60.02 42.29
N LEU B 697 23.77 -60.01 41.64
CA LEU B 697 23.05 -61.23 41.36
C LEU B 697 23.83 -62.12 40.39
N THR B 698 23.86 -63.42 40.69
CA THR B 698 24.58 -64.38 39.87
C THR B 698 23.68 -65.41 39.21
N PHE B 699 22.47 -65.60 39.71
CA PHE B 699 21.63 -66.71 39.27
C PHE B 699 20.18 -66.26 39.30
N LEU B 700 19.34 -67.04 38.63
CA LEU B 700 17.91 -66.84 38.65
C LEU B 700 17.22 -68.11 39.12
N PRO B 701 16.54 -68.08 40.26
CA PRO B 701 15.84 -69.28 40.73
C PRO B 701 14.72 -69.68 39.77
N ALA B 702 14.39 -70.97 39.80
CA ALA B 702 13.36 -71.50 38.93
C ALA B 702 11.98 -70.94 39.25
N ASP B 703 11.82 -70.27 40.39
CA ASP B 703 10.54 -69.69 40.78
C ASP B 703 10.17 -68.45 39.97
N ILE B 704 11.10 -67.92 39.17
CA ILE B 704 10.84 -66.72 38.39
C ILE B 704 9.64 -66.88 37.48
N GLY B 705 9.40 -68.09 36.96
CA GLY B 705 8.27 -68.31 36.08
C GLY B 705 6.93 -68.36 36.76
N LEU B 706 6.91 -68.42 38.09
CA LEU B 706 5.64 -68.47 38.81
C LEU B 706 4.98 -67.11 38.94
N LEU B 707 5.66 -66.03 38.55
CA LEU B 707 5.07 -64.70 38.54
C LEU B 707 4.61 -64.39 37.13
N GLN B 708 3.43 -64.92 36.79
CA GLN B 708 2.94 -64.86 35.43
C GLN B 708 2.66 -63.44 34.95
N ASN B 709 2.14 -62.58 35.81
CA ASN B 709 1.66 -61.26 35.40
C ASN B 709 2.79 -60.26 35.17
N LEU B 710 4.05 -60.68 35.31
CA LEU B 710 5.16 -59.77 35.12
C LEU B 710 5.20 -59.28 33.68
N GLN B 711 5.37 -57.97 33.52
CA GLN B 711 5.41 -57.33 32.20
C GLN B 711 6.79 -56.90 31.78
N ASN B 712 7.62 -56.41 32.71
CA ASN B 712 8.96 -55.95 32.39
C ASN B 712 9.94 -56.47 33.43
N LEU B 713 11.12 -56.86 32.96
CA LEU B 713 12.18 -57.35 33.83
C LEU B 713 13.50 -56.75 33.39
N ALA B 714 14.35 -56.41 34.35
CA ALA B 714 15.66 -55.82 34.07
C ALA B 714 16.69 -56.44 35.00
N VAL B 715 17.72 -57.05 34.41
CA VAL B 715 18.87 -57.56 35.17
C VAL B 715 20.13 -57.07 34.47
N THR B 716 20.00 -55.97 33.74
CA THR B 716 21.10 -55.43 32.95
C THR B 716 22.33 -55.14 33.81
N ALA B 717 23.50 -55.48 33.26
CA ALA B 717 24.80 -55.24 33.92
C ALA B 717 24.88 -55.98 35.25
N ASN B 718 24.80 -57.31 35.17
CA ASN B 718 24.86 -58.17 36.34
C ASN B 718 25.81 -59.32 36.02
N ARG B 719 25.81 -60.33 36.88
CA ARG B 719 26.66 -61.50 36.74
C ARG B 719 25.83 -62.75 36.47
N ILE B 720 24.83 -62.62 35.59
CA ILE B 720 23.98 -63.72 35.20
C ILE B 720 24.62 -64.39 34.01
N GLU B 721 25.35 -65.50 34.24
CA GLU B 721 26.03 -66.17 33.15
C GLU B 721 25.05 -66.93 32.27
N ALA B 722 24.06 -67.58 32.86
CA ALA B 722 23.10 -68.36 32.10
C ALA B 722 21.70 -68.06 32.59
N LEU B 723 20.73 -68.16 31.68
CA LEU B 723 19.34 -67.89 31.99
C LEU B 723 18.58 -69.19 32.08
N PRO B 724 17.97 -69.51 33.23
CA PRO B 724 17.08 -70.66 33.30
C PRO B 724 15.81 -70.40 32.51
N PRO B 725 15.41 -71.32 31.63
CA PRO B 725 14.24 -71.06 30.76
C PRO B 725 12.93 -70.89 31.52
N GLU B 726 12.91 -71.09 32.84
CA GLU B 726 11.70 -70.84 33.61
C GLU B 726 11.21 -69.41 33.43
N LEU B 727 12.11 -68.47 33.16
CA LEU B 727 11.71 -67.08 32.95
C LEU B 727 10.68 -66.96 31.84
N PHE B 728 10.70 -67.89 30.88
CA PHE B 728 9.79 -67.81 29.74
C PHE B 728 8.40 -68.37 30.06
N GLN B 729 8.15 -68.79 31.31
CA GLN B 729 6.80 -69.20 31.68
C GLN B 729 5.82 -68.04 31.61
N CYS B 730 6.29 -66.80 31.68
CA CYS B 730 5.43 -65.62 31.66
C CYS B 730 5.36 -65.08 30.23
N ARG B 731 4.26 -65.37 29.55
CA ARG B 731 4.11 -64.97 28.15
C ARG B 731 3.84 -63.49 27.99
N LYS B 732 3.34 -62.82 29.04
CA LYS B 732 3.01 -61.40 28.98
C LYS B 732 4.16 -60.52 29.44
N LEU B 733 5.39 -61.00 29.33
CA LEU B 733 6.56 -60.19 29.65
C LEU B 733 6.86 -59.32 28.44
N ARG B 734 6.57 -58.02 28.55
CA ARG B 734 6.64 -57.14 27.39
C ARG B 734 8.07 -56.77 27.03
N ALA B 735 8.94 -56.60 28.03
CA ALA B 735 10.30 -56.15 27.78
C ALA B 735 11.29 -56.91 28.66
N LEU B 736 12.50 -57.07 28.13
CA LEU B 736 13.61 -57.67 28.85
C LEU B 736 14.83 -56.76 28.74
N HIS B 737 15.54 -56.60 29.86
CA HIS B 737 16.74 -55.77 29.92
C HIS B 737 17.89 -56.65 30.37
N LEU B 738 18.52 -57.32 29.40
CA LEU B 738 19.62 -58.23 29.66
C LEU B 738 20.97 -57.63 29.24
N GLY B 739 21.00 -56.37 28.87
CA GLY B 739 22.20 -55.80 28.30
C GLY B 739 23.33 -55.70 29.32
N ASN B 740 24.54 -55.51 28.79
CA ASN B 740 25.76 -55.34 29.58
C ASN B 740 25.98 -56.48 30.58
N ASN B 741 25.37 -57.64 30.35
CA ASN B 741 25.45 -58.77 31.25
C ASN B 741 26.49 -59.77 30.75
N VAL B 742 26.54 -60.93 31.40
CA VAL B 742 27.50 -61.97 31.05
C VAL B 742 26.78 -63.21 30.57
N LEU B 743 25.58 -63.03 30.00
CA LEU B 743 24.80 -64.15 29.49
C LEU B 743 25.56 -64.89 28.40
N GLN B 744 25.95 -66.14 28.68
CA GLN B 744 26.68 -66.93 27.68
C GLN B 744 25.81 -67.19 26.45
N SER B 745 24.57 -67.64 26.68
CA SER B 745 23.69 -67.98 25.58
C SER B 745 22.24 -67.71 25.99
N LEU B 746 21.47 -67.18 25.05
CA LEU B 746 20.06 -66.88 25.30
C LEU B 746 19.21 -68.12 25.03
N PRO B 747 18.45 -68.59 26.01
CA PRO B 747 17.59 -69.77 25.79
C PRO B 747 16.57 -69.54 24.69
N SER B 748 16.28 -70.61 23.96
CA SER B 748 15.47 -70.54 22.76
C SER B 748 13.98 -70.47 23.04
N ARG B 749 13.56 -70.55 24.29
CA ARG B 749 12.14 -70.43 24.62
C ARG B 749 11.59 -69.01 24.42
N VAL B 750 12.43 -68.10 23.91
CA VAL B 750 12.07 -66.69 23.81
C VAL B 750 10.83 -66.50 22.95
N GLY B 751 10.71 -67.24 21.86
CA GLY B 751 9.55 -67.10 20.98
C GLY B 751 8.24 -67.47 21.65
N GLU B 752 8.31 -68.15 22.80
CA GLU B 752 7.08 -68.47 23.52
C GLU B 752 6.43 -67.24 24.12
N LEU B 753 7.18 -66.15 24.24
CA LEU B 753 6.65 -64.89 24.78
C LEU B 753 6.00 -64.12 23.64
N THR B 754 4.70 -64.36 23.45
CA THR B 754 3.99 -63.72 22.35
C THR B 754 3.79 -62.23 22.62
N ASN B 755 3.44 -61.87 23.86
CA ASN B 755 3.22 -60.48 24.23
C ASN B 755 4.52 -59.70 24.35
N LEU B 756 5.66 -60.32 24.06
CA LEU B 756 6.94 -59.63 24.13
C LEU B 756 7.02 -58.58 23.04
N THR B 757 7.45 -57.38 23.41
CA THR B 757 7.54 -56.27 22.48
C THR B 757 8.91 -55.59 22.47
N GLN B 758 9.65 -55.67 23.57
CA GLN B 758 10.95 -55.02 23.69
C GLN B 758 11.95 -55.98 24.33
N ILE B 759 13.23 -55.83 23.99
CA ILE B 759 14.33 -56.57 24.61
C ILE B 759 15.56 -55.70 24.64
N GLU B 760 16.41 -55.92 25.64
CA GLU B 760 17.74 -55.31 25.69
C GLU B 760 18.78 -56.41 25.86
N LEU B 761 19.79 -56.42 24.98
CA LEU B 761 20.83 -57.44 25.01
C LEU B 761 22.24 -56.91 24.76
N ARG B 762 22.41 -55.61 24.54
CA ARG B 762 23.73 -55.09 24.16
C ARG B 762 24.71 -55.18 25.32
N GLY B 763 25.91 -55.66 25.03
CA GLY B 763 26.96 -55.75 26.02
C GLY B 763 27.13 -57.10 26.69
N ASN B 764 26.59 -58.16 26.11
CA ASN B 764 26.64 -59.48 26.72
C ASN B 764 27.49 -60.42 25.86
N ARG B 765 28.11 -61.39 26.52
CA ARG B 765 28.96 -62.36 25.84
C ARG B 765 28.12 -63.50 25.25
N LEU B 766 27.33 -63.14 24.25
CA LEU B 766 26.50 -64.08 23.52
C LEU B 766 27.11 -64.36 22.15
N GLU B 767 27.18 -65.64 21.79
CA GLU B 767 27.78 -66.05 20.53
C GLU B 767 26.82 -66.00 19.36
N CYS B 768 25.53 -66.32 19.59
CA CYS B 768 24.56 -66.32 18.51
C CYS B 768 23.17 -66.20 19.10
N LEU B 769 22.38 -65.27 18.56
CA LEU B 769 21.01 -65.09 19.03
C LEU B 769 20.15 -66.27 18.59
N PRO B 770 19.25 -66.76 19.45
CA PRO B 770 18.35 -67.83 19.03
C PRO B 770 17.46 -67.39 17.87
N VAL B 771 17.22 -68.32 16.96
CA VAL B 771 16.37 -68.03 15.80
C VAL B 771 14.92 -67.88 16.23
N GLU B 772 14.52 -68.61 17.29
CA GLU B 772 13.15 -68.54 17.78
C GLU B 772 12.79 -67.13 18.25
N LEU B 773 13.79 -66.32 18.56
CA LEU B 773 13.55 -64.92 18.89
C LEU B 773 12.79 -64.21 17.79
N GLY B 774 12.96 -64.64 16.55
CA GLY B 774 12.28 -64.08 15.41
C GLY B 774 10.86 -64.53 15.19
N GLU B 775 10.32 -65.41 16.03
CA GLU B 775 8.93 -65.82 15.91
C GLU B 775 8.00 -65.01 16.81
N CYS B 776 8.53 -64.03 17.54
CA CYS B 776 7.70 -63.20 18.41
C CYS B 776 6.81 -62.30 17.57
N PRO B 777 5.49 -62.29 17.78
CA PRO B 777 4.60 -61.51 16.92
C PRO B 777 4.75 -60.00 17.05
N LEU B 778 4.95 -59.49 18.27
CA LEU B 778 4.96 -58.05 18.48
C LEU B 778 6.35 -57.48 18.73
N LEU B 779 7.33 -58.31 19.05
CA LEU B 779 8.69 -57.81 19.22
C LEU B 779 9.23 -57.32 17.88
N LYS B 780 9.80 -56.11 17.89
CA LYS B 780 10.28 -55.48 16.68
C LYS B 780 11.75 -55.11 16.83
N ARG B 781 12.36 -54.72 15.72
CA ARG B 781 13.74 -54.22 15.77
C ARG B 781 13.83 -53.01 16.69
N SER B 782 12.84 -52.12 16.63
CA SER B 782 12.80 -51.01 17.56
C SER B 782 12.77 -51.51 19.01
N GLY B 783 12.04 -52.59 19.25
CA GLY B 783 12.09 -53.26 20.54
C GLY B 783 13.27 -54.18 20.73
N LEU B 784 14.11 -54.34 19.70
CA LEU B 784 15.25 -55.25 19.73
C LEU B 784 16.51 -54.41 19.94
N VAL B 785 17.08 -54.51 21.14
CA VAL B 785 18.31 -53.80 21.48
C VAL B 785 19.42 -54.83 21.55
N VAL B 786 20.39 -54.72 20.63
CA VAL B 786 21.52 -55.64 20.58
C VAL B 786 22.60 -55.01 19.73
N GLU B 787 23.83 -55.48 19.90
CA GLU B 787 24.94 -55.01 19.08
C GLU B 787 24.74 -55.45 17.63
N GLU B 788 25.34 -54.69 16.71
CA GLU B 788 25.14 -54.96 15.29
C GLU B 788 25.72 -56.30 14.87
N ASP B 789 26.84 -56.72 15.46
CA ASP B 789 27.45 -57.98 15.08
C ASP B 789 26.53 -59.16 15.37
N LEU B 790 25.92 -59.18 16.56
CA LEU B 790 24.96 -60.24 16.88
C LEU B 790 23.67 -60.06 16.11
N PHE B 791 23.31 -58.82 15.78
CA PHE B 791 22.13 -58.58 14.96
C PHE B 791 22.32 -59.12 13.56
N SER B 792 23.56 -59.21 13.09
CA SER B 792 23.85 -59.74 11.76
C SER B 792 23.74 -61.26 11.69
N THR B 793 23.73 -61.95 12.83
CA THR B 793 23.62 -63.40 12.83
C THR B 793 22.21 -63.88 12.52
N LEU B 794 21.22 -63.00 12.60
CA LEU B 794 19.85 -63.39 12.26
C LEU B 794 19.75 -63.68 10.76
N PRO B 795 18.96 -64.68 10.38
CA PRO B 795 18.78 -64.97 8.97
C PRO B 795 18.09 -63.81 8.27
N PRO B 796 18.29 -63.66 6.96
CA PRO B 796 17.70 -62.51 6.25
C PRO B 796 16.18 -62.45 6.36
N GLU B 797 15.51 -63.58 6.55
CA GLU B 797 14.08 -63.55 6.84
C GLU B 797 13.80 -62.77 8.12
N VAL B 798 14.55 -63.07 9.18
CA VAL B 798 14.35 -62.39 10.45
C VAL B 798 14.75 -60.92 10.34
N LYS B 799 15.85 -60.65 9.63
CA LYS B 799 16.25 -59.27 9.39
C LYS B 799 15.13 -58.48 8.72
N GLU B 800 14.58 -59.04 7.63
CA GLU B 800 13.53 -58.36 6.89
C GLU B 800 12.27 -58.17 7.74
N ARG B 801 11.90 -59.20 8.51
CA ARG B 801 10.71 -59.10 9.34
C ARG B 801 10.86 -58.01 10.40
N LEU B 802 12.02 -57.98 11.08
CA LEU B 802 12.24 -56.96 12.09
C LEU B 802 12.26 -55.55 11.48
N TRP B 803 12.94 -55.41 10.33
CA TRP B 803 13.00 -54.10 9.71
C TRP B 803 11.63 -53.63 9.24
N ARG B 804 10.83 -54.54 8.67
CA ARG B 804 9.49 -54.17 8.22
C ARG B 804 8.59 -53.85 9.40
N ALA B 805 8.79 -54.53 10.54
CA ALA B 805 8.08 -54.15 11.74
C ALA B 805 8.47 -52.74 12.18
N ASP B 806 9.76 -52.40 12.04
CA ASP B 806 10.20 -51.05 12.37
C ASP B 806 9.56 -50.01 11.43
N LYS B 807 9.50 -50.31 10.14
CA LYS B 807 8.94 -49.36 9.17
C LYS B 807 7.47 -49.09 9.45
N GLU B 808 6.70 -50.12 9.76
CA GLU B 808 5.28 -49.97 10.00
C GLU B 808 4.92 -50.40 11.42
N PRO C 15 24.95 21.47 0.06
CA PRO C 15 26.19 22.18 -0.26
C PRO C 15 27.23 22.07 0.85
N ALA C 16 27.61 20.85 1.20
CA ALA C 16 28.64 20.63 2.21
C ALA C 16 30.03 20.51 1.57
N TYR C 17 30.38 21.49 0.74
CA TYR C 17 31.68 21.48 0.10
C TYR C 17 32.81 21.84 1.05
N ARG C 18 32.51 22.49 2.17
CA ARG C 18 33.50 22.93 3.12
C ARG C 18 34.14 21.79 3.89
N ILE C 19 33.61 20.57 3.75
CA ILE C 19 34.18 19.43 4.47
C ILE C 19 35.61 19.18 4.03
N LEU C 20 35.97 19.60 2.83
CA LEU C 20 37.34 19.51 2.35
C LEU C 20 38.19 20.69 2.78
N LYS C 21 37.61 21.67 3.47
CA LYS C 21 38.36 22.82 3.94
C LYS C 21 38.78 22.59 5.37
N PRO C 22 40.06 22.45 5.65
CA PRO C 22 40.50 22.32 7.04
C PRO C 22 40.29 23.61 7.81
N TRP C 23 40.62 23.61 9.09
CA TRP C 23 40.50 24.84 9.87
C TRP C 23 41.38 25.93 9.30
N TRP C 24 42.57 25.58 8.81
CA TRP C 24 43.49 26.60 8.34
C TRP C 24 43.02 27.20 7.02
N ASP C 25 42.36 26.42 6.18
CA ASP C 25 41.78 27.01 4.98
C ASP C 25 40.71 28.03 5.33
N VAL C 26 39.88 27.71 6.34
CA VAL C 26 38.87 28.66 6.78
C VAL C 26 39.51 29.92 7.34
N PHE C 27 40.56 29.75 8.15
CA PHE C 27 41.23 30.92 8.71
C PHE C 27 41.87 31.78 7.64
N THR C 28 42.49 31.14 6.63
CA THR C 28 43.03 31.90 5.52
C THR C 28 41.93 32.62 4.76
N ASP C 29 40.78 31.98 4.60
CA ASP C 29 39.66 32.65 3.94
C ASP C 29 39.24 33.90 4.69
N TYR C 30 39.07 33.77 6.02
CA TYR C 30 38.66 34.93 6.80
C TYR C 30 39.73 36.02 6.82
N ILE C 31 41.00 35.62 6.92
CA ILE C 31 42.08 36.59 6.89
C ILE C 31 42.12 37.30 5.54
N SER C 32 41.91 36.57 4.46
CA SER C 32 41.86 37.19 3.15
C SER C 32 40.67 38.13 3.03
N ILE C 33 39.55 37.78 3.66
CA ILE C 33 38.41 38.68 3.65
C ILE C 33 38.77 39.98 4.35
N VAL C 34 39.44 39.90 5.50
CA VAL C 34 39.80 41.11 6.21
C VAL C 34 40.82 41.93 5.42
N MET C 35 41.79 41.25 4.79
CA MET C 35 42.77 41.96 3.98
C MET C 35 42.09 42.67 2.82
N LEU C 36 41.17 42.00 2.15
CA LEU C 36 40.43 42.61 1.06
C LEU C 36 39.60 43.79 1.56
N MET C 37 39.03 43.66 2.75
CA MET C 37 38.24 44.76 3.31
C MET C 37 39.11 45.98 3.53
N ILE C 38 40.27 45.81 4.16
CA ILE C 38 41.13 46.97 4.36
C ILE C 38 41.70 47.45 3.03
N ALA C 39 41.84 46.56 2.04
CA ALA C 39 42.31 46.98 0.74
C ALA C 39 41.31 47.91 0.08
N VAL C 40 40.03 47.53 0.09
CA VAL C 40 39.03 48.39 -0.54
C VAL C 40 38.85 49.67 0.26
N PHE C 41 38.98 49.59 1.58
CA PHE C 41 38.91 50.79 2.40
C PHE C 41 40.03 51.76 2.04
N GLY C 42 41.26 51.26 2.03
CA GLY C 42 42.38 52.11 1.65
C GLY C 42 42.27 52.64 0.23
N GLY C 43 41.78 51.80 -0.68
CA GLY C 43 41.66 52.23 -2.06
C GLY C 43 40.63 53.35 -2.24
N THR C 44 39.45 53.17 -1.65
CA THR C 44 38.46 54.23 -1.75
C THR C 44 38.91 55.48 -1.01
N LEU C 45 39.68 55.32 0.06
CA LEU C 45 40.20 56.48 0.77
C LEU C 45 41.21 57.24 -0.09
N GLN C 46 42.11 56.51 -0.73
CA GLN C 46 43.11 57.15 -1.57
C GLN C 46 42.48 57.81 -2.78
N VAL C 47 41.45 57.18 -3.34
CA VAL C 47 40.76 57.79 -4.48
C VAL C 47 40.03 59.06 -4.03
N THR C 48 39.27 58.96 -2.94
CA THR C 48 38.48 60.11 -2.51
C THR C 48 39.34 61.27 -2.07
N GLN C 49 40.32 61.01 -1.21
CA GLN C 49 41.17 62.08 -0.70
C GLN C 49 42.59 61.56 -0.56
N ASP C 50 43.49 62.05 -1.43
CA ASP C 50 44.90 61.72 -1.29
C ASP C 50 45.76 62.95 -1.51
N LYS C 51 45.17 64.14 -1.42
CA LYS C 51 45.89 65.37 -1.68
C LYS C 51 47.15 65.45 -0.84
N MET C 52 48.17 66.09 -1.41
CA MET C 52 49.38 66.40 -0.68
C MET C 52 49.56 67.91 -0.71
N ILE C 53 49.56 68.54 0.46
CA ILE C 53 49.55 69.99 0.55
C ILE C 53 50.99 70.49 0.57
N CYS C 54 51.39 71.22 -0.46
CA CYS C 54 52.78 71.62 -0.63
C CYS C 54 52.91 73.13 -0.50
N LEU C 55 53.98 73.57 0.18
CA LEU C 55 54.32 74.97 0.27
C LEU C 55 55.79 75.16 -0.09
N PRO C 56 56.12 76.18 -0.87
CA PRO C 56 57.52 76.50 -1.11
C PRO C 56 58.15 77.13 0.12
N CYS C 57 59.45 76.91 0.26
CA CYS C 57 60.22 77.55 1.30
C CYS C 57 61.29 78.42 0.67
N LYS C 58 61.40 79.66 1.15
CA LYS C 58 62.20 80.66 0.47
C LYS C 58 63.70 80.42 0.68
N TRP C 59 64.08 79.84 1.80
CA TRP C 59 65.50 79.66 2.13
C TRP C 59 65.82 78.17 2.08
N VAL C 60 66.50 77.77 1.01
CA VAL C 60 66.79 76.38 0.72
C VAL C 60 68.27 76.11 0.92
N THR C 61 68.59 75.06 1.67
CA THR C 61 69.96 74.61 1.86
C THR C 61 70.01 73.11 1.56
N LYS C 62 70.75 72.73 0.54
CA LYS C 62 70.97 71.32 0.16
C LYS C 62 69.64 70.63 -0.15
N ASP C 63 68.87 71.26 -1.04
CA ASP C 63 67.59 70.74 -1.49
C ASP C 63 66.63 70.48 -0.34
N SER C 64 66.62 71.38 0.65
CA SER C 64 65.71 71.27 1.78
C SER C 64 65.56 72.63 2.40
N CYS C 65 64.47 72.82 3.13
CA CYS C 65 64.20 74.11 3.75
C CYS C 65 65.12 74.33 4.95
N ASN C 66 65.75 75.50 4.96
CA ASN C 66 66.72 75.82 6.01
C ASN C 66 66.08 75.99 7.38
N ASP C 67 64.76 76.19 7.43
CA ASP C 67 64.03 76.36 8.68
C ASP C 67 64.58 77.54 9.49
N SER C 68 64.45 78.71 8.88
CA SER C 68 64.87 79.96 9.51
C SER C 68 64.18 81.15 8.86
N THR C 92 55.51 95.30 15.36
CA THR C 92 56.64 94.40 15.59
C THR C 92 56.16 92.95 15.70
N GLY C 93 54.85 92.76 15.60
CA GLY C 93 54.26 91.45 15.71
C GLY C 93 54.50 90.62 14.46
N PRO C 94 54.31 89.31 14.57
CA PRO C 94 54.53 88.45 13.42
C PRO C 94 53.50 88.70 12.33
N THR C 95 53.90 88.40 11.10
CA THR C 95 53.01 88.49 9.96
C THR C 95 53.33 87.37 8.99
N GLY C 96 52.36 87.02 8.16
CA GLY C 96 52.51 85.88 7.28
C GLY C 96 53.58 86.08 6.24
N ILE C 97 53.89 85.01 5.53
CA ILE C 97 54.85 85.02 4.44
C ILE C 97 54.08 85.01 3.13
N LYS C 98 54.40 85.94 2.24
CA LYS C 98 53.68 86.09 0.99
C LYS C 98 54.46 85.39 -0.11
N TYR C 99 53.92 84.28 -0.60
CA TYR C 99 54.58 83.52 -1.65
C TYR C 99 54.20 83.97 -3.05
N ASP C 100 53.14 84.77 -3.19
CA ASP C 100 52.70 85.26 -4.49
C ASP C 100 52.43 84.12 -5.46
N LEU C 101 51.60 83.18 -5.04
CA LEU C 101 51.20 82.06 -5.86
C LEU C 101 49.68 81.99 -5.92
N ASP C 102 49.16 81.79 -7.13
CA ASP C 102 47.73 81.58 -7.26
C ASP C 102 47.35 80.23 -6.66
N ARG C 103 46.05 80.04 -6.46
CA ARG C 103 45.56 78.75 -6.01
C ARG C 103 45.94 77.66 -7.00
N HIS C 104 45.84 77.96 -8.29
CA HIS C 104 46.11 76.94 -9.29
C HIS C 104 47.58 76.57 -9.33
N GLN C 105 48.48 77.50 -9.05
CA GLN C 105 49.89 77.15 -8.98
C GLN C 105 50.13 76.21 -7.81
N TYR C 106 49.46 76.43 -6.69
CA TYR C 106 49.56 75.49 -5.58
C TYR C 106 49.03 74.13 -5.99
N ASN C 107 47.92 74.08 -6.73
CA ASN C 107 47.40 72.79 -7.16
C ASN C 107 48.39 72.09 -8.09
N TYR C 108 49.01 72.84 -8.98
CA TYR C 108 50.01 72.25 -9.87
C TYR C 108 51.19 71.70 -9.08
N VAL C 109 51.66 72.46 -8.09
CA VAL C 109 52.76 71.99 -7.27
C VAL C 109 52.38 70.73 -6.53
N ASP C 110 51.17 70.70 -5.97
CA ASP C 110 50.69 69.51 -5.29
C ASP C 110 50.66 68.32 -6.23
N ALA C 111 50.12 68.52 -7.43
CA ALA C 111 50.05 67.41 -8.38
C ALA C 111 51.43 66.90 -8.74
N VAL C 112 52.37 67.80 -9.03
CA VAL C 112 53.67 67.36 -9.50
C VAL C 112 54.45 66.69 -8.39
N CYS C 113 54.37 67.20 -7.16
CA CYS C 113 55.09 66.56 -6.08
C CYS C 113 54.44 65.25 -5.66
N TYR C 114 53.10 65.18 -5.72
CA TYR C 114 52.44 63.90 -5.48
C TYR C 114 52.84 62.87 -6.51
N GLU C 115 52.94 63.28 -7.77
CA GLU C 115 53.31 62.35 -8.82
C GLU C 115 54.75 61.89 -8.69
N ASN C 116 55.67 62.84 -8.48
CA ASN C 116 57.09 62.53 -8.62
C ASN C 116 57.75 62.15 -7.30
N ARG C 117 57.71 63.04 -6.32
CA ARG C 117 58.54 62.89 -5.13
C ARG C 117 57.80 62.28 -3.96
N LEU C 118 56.61 61.74 -4.17
CA LEU C 118 55.94 60.93 -3.17
C LEU C 118 56.25 59.47 -3.47
N HIS C 119 56.68 58.72 -2.45
CA HIS C 119 57.11 57.36 -2.69
C HIS C 119 55.97 56.50 -3.20
N TRP C 120 56.28 55.70 -4.22
CA TRP C 120 55.23 54.95 -4.90
C TRP C 120 54.47 54.03 -3.96
N PHE C 121 55.11 53.57 -2.89
CA PHE C 121 54.43 52.68 -1.97
C PHE C 121 53.26 53.37 -1.30
N ALA C 122 53.45 54.61 -0.85
CA ALA C 122 52.34 55.32 -0.23
C ALA C 122 51.21 55.57 -1.20
N LYS C 123 51.53 55.74 -2.49
CA LYS C 123 50.48 55.96 -3.48
C LYS C 123 49.70 54.70 -3.76
N TYR C 124 50.39 53.57 -3.93
CA TYR C 124 49.78 52.36 -4.48
C TYR C 124 49.70 51.22 -3.47
N PHE C 125 49.78 51.53 -2.18
CA PHE C 125 49.62 50.49 -1.18
C PHE C 125 48.29 49.75 -1.27
N PRO C 126 47.13 50.41 -1.30
CA PRO C 126 45.88 49.63 -1.35
C PRO C 126 45.73 48.78 -2.59
N TYR C 127 46.21 49.25 -3.74
CA TYR C 127 46.10 48.45 -4.94
C TYR C 127 46.99 47.21 -4.87
N LEU C 128 48.19 47.36 -4.32
CA LEU C 128 49.04 46.19 -4.10
C LEU C 128 48.39 45.21 -3.14
N VAL C 129 47.78 45.73 -2.07
CA VAL C 129 47.10 44.83 -1.14
C VAL C 129 45.97 44.08 -1.83
N LEU C 130 45.18 44.78 -2.63
CA LEU C 130 44.10 44.13 -3.37
C LEU C 130 44.64 43.07 -4.31
N LEU C 131 45.71 43.39 -5.02
CA LEU C 131 46.29 42.43 -5.95
C LEU C 131 46.77 41.18 -5.22
N HIS C 132 47.46 41.36 -4.10
CA HIS C 132 47.96 40.21 -3.36
C HIS C 132 46.83 39.39 -2.78
N THR C 133 45.79 40.04 -2.27
CA THR C 133 44.66 39.30 -1.74
C THR C 133 43.97 38.51 -2.83
N LEU C 134 43.83 39.10 -4.03
CA LEU C 134 43.25 38.35 -5.14
C LEU C 134 44.13 37.16 -5.52
N ILE C 135 45.46 37.34 -5.52
CA ILE C 135 46.33 36.22 -5.83
C ILE C 135 46.19 35.13 -4.80
N PHE C 136 46.09 35.50 -3.52
CA PHE C 136 45.91 34.49 -2.47
C PHE C 136 44.61 33.73 -2.65
N LEU C 137 43.52 34.45 -2.95
CA LEU C 137 42.24 33.78 -3.14
C LEU C 137 42.27 32.87 -4.36
N ALA C 138 42.93 33.32 -5.43
CA ALA C 138 43.07 32.49 -6.61
C ALA C 138 43.84 31.22 -6.29
N CYS C 139 44.93 31.35 -5.54
CA CYS C 139 45.67 30.16 -5.13
C CYS C 139 44.79 29.24 -4.28
N SER C 140 44.01 29.82 -3.37
CA SER C 140 43.20 28.99 -2.48
C SER C 140 42.13 28.23 -3.24
N ASN C 141 41.49 28.87 -4.22
CA ASN C 141 40.38 28.26 -4.93
C ASN C 141 40.76 27.69 -6.28
N PHE C 142 42.06 27.63 -6.59
CA PHE C 142 42.50 27.05 -7.86
C PHE C 142 42.03 25.62 -8.02
N TRP C 143 42.30 24.78 -7.03
CA TRP C 143 41.90 23.37 -7.15
C TRP C 143 40.39 23.20 -7.19
N PHE C 144 39.64 24.08 -6.53
CA PHE C 144 38.18 24.03 -6.66
C PHE C 144 37.73 24.39 -8.06
N LYS C 145 38.40 25.36 -8.69
CA LYS C 145 37.99 25.83 -10.00
C LYS C 145 38.79 25.22 -11.14
N PHE C 146 39.79 24.39 -10.85
CA PHE C 146 40.48 23.70 -11.93
C PHE C 146 39.69 22.46 -12.28
N PRO C 147 39.09 22.39 -13.47
CA PRO C 147 38.12 21.31 -13.74
C PRO C 147 38.71 19.92 -13.63
N ARG C 148 39.96 19.73 -14.02
CA ARG C 148 40.56 18.40 -13.97
C ARG C 148 40.49 17.81 -12.57
N THR C 149 40.91 18.59 -11.57
CA THR C 149 40.84 18.12 -10.19
C THR C 149 39.52 18.41 -9.53
N SER C 150 38.78 19.43 -10.00
CA SER C 150 37.45 19.66 -9.47
C SER C 150 36.57 18.44 -9.69
N SER C 151 36.75 17.77 -10.84
CA SER C 151 35.97 16.57 -11.11
C SER C 151 36.25 15.48 -10.08
N LYS C 152 37.52 15.19 -9.83
CA LYS C 152 37.86 14.15 -8.86
C LYS C 152 37.36 14.54 -7.47
N LEU C 153 37.50 15.81 -7.10
CA LEU C 153 37.07 16.23 -5.76
C LEU C 153 35.57 16.09 -5.59
N GLU C 154 34.79 16.52 -6.58
CA GLU C 154 33.34 16.39 -6.44
C GLU C 154 32.92 14.92 -6.47
N HIS C 155 33.61 14.10 -7.28
CA HIS C 155 33.35 12.67 -7.27
C HIS C 155 33.59 12.07 -5.89
N PHE C 156 34.71 12.43 -5.27
CA PHE C 156 35.05 11.91 -3.96
C PHE C 156 34.05 12.36 -2.91
N VAL C 157 33.70 13.65 -2.91
CA VAL C 157 32.78 14.12 -1.90
C VAL C 157 31.40 13.50 -2.09
N SER C 158 30.99 13.28 -3.35
CA SER C 158 29.71 12.64 -3.61
C SER C 158 29.68 11.22 -3.06
N ILE C 159 30.70 10.43 -3.39
CA ILE C 159 30.69 9.04 -2.92
C ILE C 159 30.82 8.99 -1.41
N LEU C 160 31.60 9.90 -0.83
CA LEU C 160 31.77 9.92 0.62
C LEU C 160 30.46 10.28 1.32
N LEU C 161 29.72 11.26 0.80
CA LEU C 161 28.44 11.59 1.40
C LEU C 161 27.44 10.47 1.21
N LYS C 162 27.51 9.76 0.10
CA LYS C 162 26.70 8.55 -0.05
C LYS C 162 27.02 7.53 1.04
N CYS C 163 28.31 7.30 1.28
CA CYS C 163 28.72 6.30 2.25
C CYS C 163 28.35 6.70 3.67
N PHE C 164 28.37 8.00 3.97
CA PHE C 164 28.14 8.42 5.35
C PHE C 164 26.72 8.15 5.80
N ASP C 165 25.75 8.29 4.91
CA ASP C 165 24.35 8.11 5.28
C ASP C 165 23.88 6.66 5.17
N SER C 166 24.77 5.73 4.85
CA SER C 166 24.35 4.35 4.63
C SER C 166 23.99 3.68 5.95
N PRO C 167 22.80 3.08 6.06
CA PRO C 167 22.50 2.28 7.26
C PRO C 167 23.38 1.05 7.37
N TRP C 168 23.97 0.61 6.26
CA TRP C 168 24.96 -0.46 6.31
C TRP C 168 26.06 -0.14 7.31
N THR C 169 26.56 1.10 7.28
CA THR C 169 27.57 1.51 8.25
C THR C 169 27.06 1.43 9.67
N THR C 170 25.81 1.87 9.90
CA THR C 170 25.25 1.82 11.23
C THR C 170 25.19 0.39 11.76
N ARG C 171 24.69 -0.53 10.94
CA ARG C 171 24.60 -1.92 11.36
C ARG C 171 25.99 -2.52 11.59
N ALA C 172 26.92 -2.27 10.68
CA ALA C 172 28.26 -2.85 10.80
C ALA C 172 28.98 -2.33 12.04
N LEU C 173 28.82 -1.04 12.34
CA LEU C 173 29.47 -0.49 13.52
C LEU C 173 28.75 -0.90 14.80
N SER C 174 27.44 -1.19 14.71
CA SER C 174 26.72 -1.69 15.86
C SER C 174 27.03 -3.15 16.15
N GLU C 175 27.47 -3.91 15.14
CA GLU C 175 27.89 -5.29 15.39
C GLU C 175 29.11 -5.33 16.31
N THR C 176 30.04 -4.41 16.12
CA THR C 176 31.24 -4.30 16.95
C THR C 176 32.07 -5.57 16.94
N GLY C 230 16.73 -7.40 12.49
CA GLY C 230 17.76 -8.28 11.96
C GLY C 230 17.75 -8.37 10.46
N VAL C 231 16.55 -8.30 9.87
CA VAL C 231 16.37 -8.37 8.42
C VAL C 231 15.75 -7.08 7.95
N LEU C 232 16.38 -6.47 6.94
CA LEU C 232 15.96 -5.18 6.42
C LEU C 232 15.67 -5.32 4.92
N ASP C 233 15.38 -4.19 4.29
CA ASP C 233 14.91 -4.23 2.90
C ASP C 233 15.99 -4.77 1.98
N LYS C 234 15.54 -5.52 0.97
CA LYS C 234 16.47 -6.09 -0.01
C LYS C 234 17.12 -4.97 -0.83
N LYS C 235 16.37 -3.93 -1.15
CA LYS C 235 16.95 -2.81 -1.89
C LYS C 235 18.08 -2.16 -1.11
N GLU C 236 18.04 -2.23 0.21
CA GLU C 236 19.13 -1.68 1.01
C GLU C 236 20.41 -2.49 0.82
N GLY C 237 20.31 -3.82 0.83
CA GLY C 237 21.46 -4.63 0.52
C GLY C 237 21.96 -4.40 -0.89
N GLU C 238 21.04 -4.25 -1.85
CA GLU C 238 21.44 -4.01 -3.24
C GLU C 238 22.18 -2.69 -3.39
N GLN C 239 21.67 -1.63 -2.77
CA GLN C 239 22.35 -0.34 -2.86
C GLN C 239 23.69 -0.39 -2.12
N ALA C 240 23.77 -1.15 -1.03
CA ALA C 240 25.05 -1.30 -0.36
C ALA C 240 26.07 -1.98 -1.26
N LYS C 241 25.66 -3.04 -1.96
CA LYS C 241 26.58 -3.72 -2.87
C LYS C 241 26.97 -2.82 -4.03
N ALA C 242 26.01 -2.05 -4.55
CA ALA C 242 26.31 -1.11 -5.62
C ALA C 242 27.30 -0.05 -5.15
N LEU C 243 27.13 0.42 -3.91
CA LEU C 243 28.08 1.37 -3.34
C LEU C 243 29.46 0.75 -3.23
N PHE C 244 29.53 -0.50 -2.80
CA PHE C 244 30.81 -1.20 -2.76
C PHE C 244 31.47 -1.23 -4.14
N GLU C 245 30.68 -1.58 -5.15
CA GLU C 245 31.24 -1.69 -6.50
C GLU C 245 31.71 -0.33 -7.01
N LYS C 246 30.92 0.71 -6.81
CA LYS C 246 31.33 2.02 -7.28
C LYS C 246 32.53 2.55 -6.51
N VAL C 247 32.62 2.21 -5.22
CA VAL C 247 33.81 2.58 -4.46
C VAL C 247 35.04 1.89 -5.03
N LYS C 248 34.92 0.60 -5.36
CA LYS C 248 36.03 -0.11 -5.97
C LYS C 248 36.44 0.55 -7.28
N LYS C 249 35.45 0.90 -8.12
CA LYS C 249 35.77 1.49 -9.41
C LYS C 249 36.41 2.85 -9.24
N PHE C 250 35.90 3.67 -8.31
CA PHE C 250 36.53 4.97 -8.07
C PHE C 250 37.95 4.80 -7.58
N ARG C 251 38.18 3.86 -6.66
CA ARG C 251 39.52 3.66 -6.13
C ARG C 251 40.47 3.26 -7.24
N THR C 252 40.02 2.35 -8.12
CA THR C 252 40.84 1.99 -9.28
C THR C 252 41.10 3.20 -10.16
N HIS C 253 40.13 4.10 -10.25
CA HIS C 253 40.26 5.29 -11.09
C HIS C 253 41.29 6.28 -10.54
N VAL C 254 41.24 6.53 -9.23
CA VAL C 254 41.92 7.70 -8.66
C VAL C 254 43.30 7.38 -8.10
N GLU C 255 43.59 6.14 -7.74
CA GLU C 255 44.86 5.83 -7.11
C GLU C 255 46.05 6.06 -8.02
N GLU C 256 45.84 6.18 -9.33
CA GLU C 256 46.93 6.31 -10.28
C GLU C 256 47.11 7.74 -10.79
N GLY C 257 46.18 8.64 -10.49
CA GLY C 257 46.24 9.98 -11.03
C GLY C 257 47.40 10.81 -10.49
N ASP C 258 47.43 11.02 -9.18
CA ASP C 258 48.41 11.87 -8.52
C ASP C 258 48.44 13.26 -9.16
N ILE C 259 47.31 13.97 -9.06
CA ILE C 259 47.20 15.33 -9.53
C ILE C 259 46.75 16.28 -8.42
N VAL C 260 45.83 15.86 -7.57
CA VAL C 260 45.33 16.76 -6.54
C VAL C 260 46.42 17.05 -5.51
N TYR C 261 47.25 16.06 -5.21
CA TYR C 261 48.32 16.28 -4.24
C TYR C 261 49.36 17.23 -4.79
N ARG C 262 49.84 16.98 -6.02
CA ARG C 262 50.88 17.85 -6.57
C ARG C 262 50.35 19.25 -6.81
N LEU C 263 49.09 19.37 -7.24
CA LEU C 263 48.50 20.69 -7.43
C LEU C 263 48.38 21.44 -6.12
N TYR C 264 47.89 20.75 -5.07
CA TYR C 264 47.76 21.39 -3.78
C TYR C 264 49.12 21.79 -3.22
N MET C 265 50.13 20.95 -3.44
CA MET C 265 51.48 21.25 -3.00
C MET C 265 51.99 22.49 -3.70
N ARG C 266 51.81 22.57 -5.02
CA ARG C 266 52.28 23.73 -5.75
C ARG C 266 51.52 24.99 -5.33
N GLN C 267 50.22 24.86 -5.09
CA GLN C 267 49.43 26.00 -4.65
C GLN C 267 49.90 26.51 -3.29
N THR C 268 50.17 25.61 -2.35
CA THR C 268 50.60 26.06 -1.03
C THR C 268 52.03 26.61 -1.08
N ILE C 269 52.88 26.02 -1.92
CA ILE C 269 54.21 26.58 -2.11
C ILE C 269 54.13 27.99 -2.67
N ILE C 270 53.23 28.21 -3.63
CA ILE C 270 53.06 29.54 -4.19
C ILE C 270 52.57 30.51 -3.12
N LYS C 271 51.61 30.07 -2.30
CA LYS C 271 51.14 30.92 -1.21
C LYS C 271 52.29 31.31 -0.29
N VAL C 272 53.12 30.34 0.10
CA VAL C 272 54.18 30.63 1.04
C VAL C 272 55.22 31.57 0.43
N ILE C 273 55.61 31.32 -0.83
CA ILE C 273 56.64 32.15 -1.43
C ILE C 273 56.11 33.56 -1.67
N LYS C 274 54.84 33.68 -2.05
CA LYS C 274 54.24 35.00 -2.20
C LYS C 274 54.21 35.73 -0.87
N PHE C 275 53.87 35.01 0.21
CA PHE C 275 53.91 35.62 1.53
C PHE C 275 55.31 36.11 1.87
N ALA C 276 56.33 35.31 1.56
CA ALA C 276 57.70 35.70 1.84
C ALA C 276 58.06 36.98 1.09
N LEU C 277 57.81 36.99 -0.22
CA LEU C 277 58.16 38.15 -1.03
C LEU C 277 57.42 39.39 -0.56
N ILE C 278 56.13 39.26 -0.28
CA ILE C 278 55.34 40.43 0.07
C ILE C 278 55.76 40.96 1.44
N ILE C 279 56.02 40.06 2.40
CA ILE C 279 56.44 40.55 3.71
C ILE C 279 57.79 41.22 3.61
N CYS C 280 58.70 40.66 2.80
CA CYS C 280 60.01 41.28 2.62
C CYS C 280 59.86 42.70 2.10
N TYR C 281 59.26 42.86 0.92
CA TYR C 281 59.21 44.19 0.33
C TYR C 281 58.35 45.15 1.13
N THR C 282 57.25 44.68 1.72
CA THR C 282 56.40 45.56 2.48
C THR C 282 57.11 46.08 3.74
N VAL C 283 57.77 45.18 4.47
CA VAL C 283 58.50 45.63 5.66
C VAL C 283 59.61 46.58 5.26
N TYR C 284 60.27 46.32 4.13
CA TYR C 284 61.36 47.20 3.72
C TYR C 284 60.84 48.59 3.34
N TYR C 285 59.72 48.65 2.64
CA TYR C 285 59.26 49.90 2.04
C TYR C 285 58.22 50.67 2.86
N VAL C 286 57.73 50.09 3.97
CA VAL C 286 56.72 50.80 4.74
C VAL C 286 57.29 52.02 5.43
N HIS C 287 58.61 52.12 5.54
CA HIS C 287 59.21 53.27 6.20
C HIS C 287 59.07 54.56 5.41
N ASN C 288 58.80 54.47 4.11
CA ASN C 288 58.68 55.65 3.26
C ASN C 288 57.30 56.29 3.34
N ILE C 289 56.43 55.82 4.22
CA ILE C 289 55.12 56.45 4.42
C ILE C 289 55.32 57.51 5.50
N LYS C 290 55.78 58.68 5.07
CA LYS C 290 56.02 59.79 5.98
C LYS C 290 54.93 60.84 5.82
N PHE C 291 54.61 61.52 6.93
CA PHE C 291 53.62 62.58 6.86
C PHE C 291 54.11 63.75 6.03
N ASP C 292 55.37 64.14 6.20
CA ASP C 292 55.93 65.27 5.49
C ASP C 292 57.04 64.81 4.57
N VAL C 293 57.11 65.41 3.38
CA VAL C 293 58.08 65.02 2.37
C VAL C 293 58.58 66.25 1.66
N ASP C 294 59.89 66.35 1.50
CA ASP C 294 60.50 67.45 0.76
C ASP C 294 60.62 67.05 -0.70
N CYS C 295 60.09 67.88 -1.60
CA CYS C 295 60.14 67.58 -3.03
C CYS C 295 60.89 68.68 -3.75
N THR C 296 61.94 68.30 -4.45
CA THR C 296 62.65 69.17 -5.37
C THR C 296 62.32 68.70 -6.79
N VAL C 297 61.65 69.55 -7.55
CA VAL C 297 61.05 69.10 -8.80
C VAL C 297 61.56 69.86 -10.02
N ASP C 298 62.26 70.97 -9.84
CA ASP C 298 62.77 71.78 -10.95
C ASP C 298 61.64 72.18 -11.90
N ILE C 299 60.70 72.94 -11.35
CA ILE C 299 59.72 73.67 -12.14
C ILE C 299 59.87 75.12 -11.74
N GLU C 300 60.77 75.83 -12.43
CA GLU C 300 61.01 77.23 -12.16
C GLU C 300 60.15 78.13 -13.03
N SER C 301 59.99 77.78 -14.31
CA SER C 301 59.23 78.64 -15.19
C SER C 301 57.75 78.65 -14.87
N LEU C 302 57.29 77.78 -13.97
CA LEU C 302 55.87 77.71 -13.66
C LEU C 302 55.54 78.28 -12.29
N THR C 303 56.45 78.21 -11.33
CA THR C 303 56.16 78.75 -10.00
C THR C 303 57.30 79.62 -9.50
N GLY C 304 58.51 79.39 -10.00
CA GLY C 304 59.64 80.18 -9.57
C GLY C 304 60.24 79.78 -8.26
N TYR C 305 59.78 78.68 -7.66
CA TYR C 305 60.35 78.16 -6.42
C TYR C 305 61.03 76.83 -6.70
N ARG C 306 62.21 76.65 -6.14
CA ARG C 306 63.00 75.46 -6.40
C ARG C 306 62.38 74.22 -5.77
N THR C 307 62.29 74.21 -4.45
CA THR C 307 61.89 73.03 -3.71
C THR C 307 60.78 73.38 -2.73
N TYR C 308 59.99 72.38 -2.39
CA TYR C 308 58.77 72.56 -1.61
C TYR C 308 58.75 71.56 -0.47
N ARG C 309 58.11 71.94 0.63
CA ARG C 309 57.81 71.02 1.72
C ARG C 309 56.35 70.65 1.59
N CYS C 310 56.05 69.37 1.61
CA CYS C 310 54.68 68.90 1.44
C CYS C 310 54.28 68.12 2.68
N ALA C 311 53.00 68.15 2.97
CA ALA C 311 52.40 67.32 4.02
C ALA C 311 51.43 66.36 3.37
N HIS C 312 51.54 65.09 3.72
CA HIS C 312 50.66 64.05 3.22
C HIS C 312 49.70 63.70 4.34
N PRO C 313 48.54 64.35 4.43
CA PRO C 313 47.71 64.18 5.63
C PRO C 313 47.26 62.76 5.87
N LEU C 314 47.07 61.98 4.83
CA LEU C 314 46.61 60.62 4.97
C LEU C 314 47.73 59.65 5.31
N ALA C 315 48.96 60.14 5.44
CA ALA C 315 50.10 59.25 5.56
C ALA C 315 50.03 58.39 6.81
N THR C 316 49.62 58.97 7.95
CA THR C 316 49.61 58.18 9.17
C THR C 316 48.54 57.11 9.14
N LEU C 317 47.38 57.41 8.57
CA LEU C 317 46.34 56.39 8.45
C LEU C 317 46.80 55.26 7.55
N PHE C 318 47.46 55.60 6.43
CA PHE C 318 48.02 54.56 5.59
C PHE C 318 49.09 53.77 6.32
N LYS C 319 49.87 54.43 7.18
CA LYS C 319 50.91 53.72 7.91
C LYS C 319 50.30 52.69 8.84
N ILE C 320 49.25 53.06 9.56
CA ILE C 320 48.63 52.08 10.44
C ILE C 320 47.93 51.00 9.64
N LEU C 321 47.36 51.35 8.48
CA LEU C 321 46.77 50.33 7.64
C LEU C 321 47.82 49.35 7.14
N ALA C 322 48.99 49.84 6.77
CA ALA C 322 50.05 48.97 6.29
C ALA C 322 50.59 48.11 7.43
N SER C 323 50.68 48.66 8.64
CA SER C 323 51.08 47.84 9.78
C SER C 323 50.07 46.72 10.01
N PHE C 324 48.78 47.05 9.97
CA PHE C 324 47.76 46.04 10.14
C PHE C 324 47.84 44.98 9.05
N TYR C 325 48.06 45.41 7.81
CA TYR C 325 48.17 44.47 6.71
C TYR C 325 49.39 43.58 6.87
N ILE C 326 50.50 44.14 7.36
CA ILE C 326 51.68 43.34 7.61
C ILE C 326 51.39 42.28 8.66
N SER C 327 50.68 42.66 9.72
CA SER C 327 50.31 41.68 10.74
C SER C 327 49.43 40.58 10.17
N LEU C 328 48.45 40.96 9.34
CA LEU C 328 47.60 39.94 8.74
C LEU C 328 48.39 39.03 7.82
N VAL C 329 49.31 39.59 7.04
CA VAL C 329 50.15 38.77 6.18
C VAL C 329 51.03 37.85 7.01
N ILE C 330 51.48 38.33 8.18
CA ILE C 330 52.26 37.47 9.05
C ILE C 330 51.43 36.28 9.50
N PHE C 331 50.19 36.51 9.92
CA PHE C 331 49.33 35.40 10.33
C PHE C 331 49.08 34.46 9.15
N TYR C 332 48.79 35.01 7.98
CA TYR C 332 48.52 34.20 6.80
C TYR C 332 49.72 33.34 6.45
N GLY C 333 50.92 33.93 6.48
CA GLY C 333 52.11 33.17 6.16
C GLY C 333 52.43 32.12 7.19
N LEU C 334 52.22 32.43 8.47
CA LEU C 334 52.43 31.40 9.49
C LEU C 334 51.47 30.23 9.29
N ILE C 335 50.22 30.52 8.97
CA ILE C 335 49.27 29.43 8.73
C ILE C 335 49.70 28.62 7.52
N CYS C 336 50.14 29.29 6.45
CA CYS C 336 50.60 28.56 5.27
C CYS C 336 51.84 27.73 5.58
N MET C 337 52.76 28.26 6.39
CA MET C 337 53.92 27.49 6.81
C MET C 337 53.51 26.26 7.61
N TYR C 338 52.51 26.42 8.49
CA TYR C 338 52.02 25.27 9.24
C TYR C 338 51.44 24.23 8.31
N THR C 339 50.67 24.66 7.30
CA THR C 339 50.12 23.70 6.33
C THR C 339 51.25 23.01 5.58
N LEU C 340 52.29 23.76 5.21
CA LEU C 340 53.43 23.15 4.53
C LEU C 340 54.10 22.10 5.41
N TRP C 341 54.29 22.41 6.69
CA TRP C 341 54.86 21.43 7.62
C TRP C 341 53.98 20.21 7.72
N TRP C 342 52.67 20.41 7.82
CA TRP C 342 51.74 19.29 7.90
C TRP C 342 51.81 18.43 6.64
N MET C 343 52.00 19.05 5.48
CA MET C 343 52.10 18.32 4.24
C MET C 343 53.47 17.70 4.00
N LEU C 344 54.48 18.09 4.78
CA LEU C 344 55.84 17.63 4.53
C LEU C 344 56.41 16.80 5.69
N ARG C 345 55.55 16.31 6.57
CA ARG C 345 56.03 15.48 7.67
C ARG C 345 55.32 14.14 7.68
N ARG C 346 54.09 14.08 7.17
CA ARG C 346 53.29 12.87 7.22
C ARG C 346 53.40 12.00 5.98
N SER C 347 54.04 12.48 4.91
CA SER C 347 54.18 11.72 3.66
C SER C 347 52.81 11.27 3.15
N LEU C 348 51.99 12.27 2.81
CA LEU C 348 50.56 12.07 2.58
C LEU C 348 50.24 11.17 1.39
N LYS C 349 51.27 10.73 0.66
CA LYS C 349 51.02 9.86 -0.49
C LYS C 349 50.37 8.55 -0.10
N LYS C 350 50.61 8.08 1.11
CA LYS C 350 50.09 6.79 1.56
C LYS C 350 49.33 6.98 2.85
N TYR C 351 48.13 6.40 2.91
CA TYR C 351 47.28 6.54 4.09
C TYR C 351 47.54 5.39 5.05
N SER C 352 47.20 5.62 6.32
CA SER C 352 47.55 4.68 7.37
C SER C 352 46.57 3.50 7.42
N PHE C 353 45.31 3.79 7.71
CA PHE C 353 44.29 2.75 7.90
C PHE C 353 44.70 1.75 8.96
N GLU C 354 45.51 2.20 9.92
CA GLU C 354 46.05 1.31 10.92
C GLU C 354 45.13 1.13 12.11
N SER C 355 44.45 2.20 12.54
CA SER C 355 43.60 2.11 13.73
C SER C 355 42.45 1.15 13.54
N ILE C 356 42.08 0.86 12.29
CA ILE C 356 40.92 0.03 12.01
C ILE C 356 41.11 -1.37 12.58
N ARG C 357 42.27 -1.98 12.34
CA ARG C 357 42.48 -3.36 12.78
C ARG C 357 42.62 -3.50 14.28
N GLU C 358 42.74 -2.40 15.03
CA GLU C 358 42.72 -2.48 16.48
C GLU C 358 41.41 -2.01 17.10
N GLU C 359 40.61 -1.22 16.38
CA GLU C 359 39.30 -0.83 16.90
C GLU C 359 38.18 -1.76 16.48
N SER C 360 38.25 -2.32 15.27
CA SER C 360 37.22 -3.24 14.79
C SER C 360 37.78 -4.55 14.26
N SER C 361 39.08 -4.82 14.46
CA SER C 361 39.69 -6.08 14.09
C SER C 361 39.49 -6.39 12.60
N TYR C 362 39.61 -5.35 11.77
CA TYR C 362 39.37 -5.45 10.34
C TYR C 362 40.69 -5.24 9.60
N SER C 363 41.45 -6.31 9.41
CA SER C 363 42.68 -6.24 8.63
C SER C 363 42.43 -6.33 7.14
N ASP C 364 41.17 -6.21 6.72
CA ASP C 364 40.79 -6.28 5.31
C ASP C 364 40.78 -4.90 4.65
N ILE C 365 41.87 -4.16 4.80
CA ILE C 365 41.97 -2.81 4.29
C ILE C 365 43.38 -2.58 3.75
N PRO C 366 43.55 -2.25 2.48
CA PRO C 366 44.89 -2.09 1.93
C PRO C 366 45.49 -0.75 2.32
N ASP C 367 46.77 -0.59 1.98
CA ASP C 367 47.42 0.70 2.09
C ASP C 367 47.08 1.54 0.87
N VAL C 368 46.38 2.64 1.08
CA VAL C 368 45.87 3.46 -0.02
C VAL C 368 47.01 4.25 -0.62
N LYS C 369 47.16 4.17 -1.94
CA LYS C 369 48.26 4.80 -2.64
C LYS C 369 47.98 6.28 -2.86
N ASN C 370 48.76 6.90 -3.73
CA ASN C 370 48.73 8.34 -3.93
C ASN C 370 47.39 8.77 -4.54
N ASP C 371 47.11 10.07 -4.39
CA ASP C 371 45.96 10.79 -4.93
C ASP C 371 44.65 10.36 -4.30
N PHE C 372 44.64 9.36 -3.44
CA PHE C 372 43.48 9.00 -2.65
C PHE C 372 43.73 9.13 -1.15
N ALA C 373 44.97 8.87 -0.71
CA ALA C 373 45.33 9.16 0.66
C ALA C 373 45.18 10.64 0.98
N PHE C 374 45.28 11.50 -0.02
CA PHE C 374 45.20 12.94 0.21
C PHE C 374 43.81 13.34 0.69
N MET C 375 42.77 12.92 -0.03
CA MET C 375 41.42 13.26 0.39
C MET C 375 41.10 12.64 1.73
N LEU C 376 41.62 11.43 1.99
CA LEU C 376 41.43 10.82 3.29
C LEU C 376 42.05 11.65 4.40
N HIS C 377 43.28 12.13 4.17
CA HIS C 377 43.93 12.97 5.17
C HIS C 377 43.14 14.24 5.41
N LEU C 378 42.65 14.87 4.34
CA LEU C 378 41.89 16.11 4.51
C LEU C 378 40.60 15.87 5.28
N ILE C 379 39.88 14.81 4.93
CA ILE C 379 38.64 14.51 5.63
C ILE C 379 38.92 14.21 7.10
N ASP C 380 40.01 13.49 7.37
CA ASP C 380 40.43 13.26 8.74
C ASP C 380 40.67 14.57 9.45
N GLN C 381 41.34 15.51 8.79
CA GLN C 381 41.57 16.83 9.37
C GLN C 381 40.27 17.54 9.69
N TYR C 382 39.23 17.31 8.88
CA TYR C 382 37.91 17.73 9.31
C TYR C 382 37.48 16.97 10.55
N ASP C 383 37.34 15.65 10.42
CA ASP C 383 37.14 14.75 11.55
C ASP C 383 37.31 13.31 11.08
N PRO C 384 37.79 12.40 11.95
CA PRO C 384 38.01 11.02 11.52
C PRO C 384 36.76 10.16 11.48
N LEU C 385 35.62 10.64 11.98
CA LEU C 385 34.42 9.82 11.99
C LEU C 385 34.01 9.46 10.57
N TYR C 386 34.09 10.42 9.64
CA TYR C 386 33.78 10.14 8.25
C TYR C 386 34.74 9.11 7.66
N SER C 387 36.03 9.25 7.96
CA SER C 387 37.01 8.30 7.45
C SER C 387 36.72 6.89 7.97
N LYS C 388 36.37 6.76 9.24
CA LYS C 388 36.05 5.45 9.79
C LYS C 388 34.78 4.89 9.16
N ARG C 389 33.70 5.67 9.13
CA ARG C 389 32.45 5.19 8.57
C ARG C 389 32.52 4.99 7.05
N PHE C 390 33.58 5.47 6.40
CA PHE C 390 33.78 5.20 4.98
C PHE C 390 34.71 4.03 4.74
N ALA C 391 35.63 3.76 5.67
CA ALA C 391 36.57 2.66 5.47
C ALA C 391 35.88 1.30 5.43
N VAL C 392 34.67 1.21 6.01
CA VAL C 392 33.97 -0.08 6.01
C VAL C 392 33.61 -0.49 4.58
N PHE C 393 33.28 0.48 3.72
CA PHE C 393 32.93 0.15 2.34
C PHE C 393 34.14 -0.22 1.51
N LEU C 394 35.35 -0.10 2.06
CA LEU C 394 36.53 -0.57 1.36
C LEU C 394 36.86 -2.01 1.73
N SER C 395 36.44 -2.46 2.92
CA SER C 395 36.78 -3.79 3.40
C SER C 395 35.88 -4.84 2.75
N GLU C 396 36.48 -5.75 2.00
CA GLU C 396 35.71 -6.76 1.28
C GLU C 396 35.07 -7.79 2.20
N VAL C 397 35.68 -8.06 3.36
CA VAL C 397 35.13 -9.08 4.25
C VAL C 397 33.81 -8.61 4.86
N SER C 398 33.75 -7.34 5.27
CA SER C 398 32.51 -6.80 5.79
C SER C 398 31.44 -6.77 4.70
N GLU C 399 31.84 -6.43 3.47
CA GLU C 399 30.91 -6.49 2.35
C GLU C 399 30.36 -7.90 2.19
N ASN C 400 31.25 -8.90 2.24
CA ASN C 400 30.81 -10.28 2.10
C ASN C 400 29.84 -10.67 3.20
N LYS C 401 30.16 -10.32 4.45
CA LYS C 401 29.31 -10.77 5.55
C LYS C 401 27.94 -10.10 5.52
N LEU C 402 27.89 -8.81 5.20
CA LEU C 402 26.56 -8.18 5.13
C LEU C 402 25.81 -8.53 3.85
N ARG C 403 26.51 -8.85 2.76
CA ARG C 403 25.84 -9.40 1.59
C ARG C 403 25.26 -10.77 1.89
N GLN C 404 25.97 -11.57 2.68
CA GLN C 404 25.43 -12.83 3.16
C GLN C 404 24.21 -12.59 4.05
N LEU C 405 24.26 -11.54 4.86
CA LEU C 405 23.07 -11.13 5.60
C LEU C 405 21.92 -10.83 4.66
N ASN C 406 22.20 -10.14 3.55
CA ASN C 406 21.15 -9.86 2.56
C ASN C 406 20.60 -11.15 1.96
N LEU C 407 21.48 -12.10 1.67
CA LEU C 407 21.04 -13.40 1.17
C LEU C 407 20.12 -14.08 2.17
N ASN C 408 20.49 -14.05 3.44
CA ASN C 408 19.63 -14.58 4.49
C ASN C 408 18.29 -13.84 4.52
N ASN C 409 18.31 -12.54 4.25
CA ASN C 409 17.08 -11.78 4.16
C ASN C 409 16.20 -12.32 3.05
N GLU C 410 16.80 -12.67 1.91
CA GLU C 410 16.02 -13.26 0.82
C GLU C 410 15.56 -14.67 1.18
N TRP C 411 16.48 -15.53 1.61
CA TRP C 411 16.16 -16.92 1.93
C TRP C 411 16.10 -17.09 3.44
N THR C 412 14.94 -16.77 4.00
CA THR C 412 14.69 -16.94 5.42
C THR C 412 14.46 -18.42 5.75
N LEU C 413 14.58 -18.74 7.04
CA LEU C 413 14.44 -20.13 7.48
C LEU C 413 13.05 -20.67 7.16
N ASP C 414 12.00 -19.88 7.39
CA ASP C 414 10.66 -20.32 7.06
C ASP C 414 10.51 -20.55 5.56
N LYS C 415 11.15 -19.69 4.76
CA LYS C 415 11.18 -19.92 3.31
C LYS C 415 11.89 -21.23 2.98
N LEU C 416 12.98 -21.53 3.68
CA LEU C 416 13.68 -22.79 3.47
C LEU C 416 12.78 -23.99 3.76
N ARG C 417 12.13 -23.98 4.93
CA ARG C 417 11.28 -25.11 5.28
C ARG C 417 10.05 -25.20 4.39
N GLN C 418 9.59 -24.06 3.86
CA GLN C 418 8.56 -24.09 2.83
C GLN C 418 9.05 -24.78 1.57
N ARG C 419 10.28 -24.48 1.15
CA ARG C 419 10.87 -25.15 -0.01
C ARG C 419 11.47 -26.50 0.35
N LEU C 420 11.43 -26.90 1.62
CA LEU C 420 11.98 -28.19 2.01
C LEU C 420 11.15 -29.31 1.42
N THR C 421 11.84 -30.36 0.97
CA THR C 421 11.22 -31.48 0.28
C THR C 421 11.78 -32.79 0.81
N LYS C 422 11.19 -33.89 0.35
CA LYS C 422 11.67 -35.23 0.63
C LYS C 422 12.07 -35.91 -0.67
N ASN C 423 13.25 -36.51 -0.68
CA ASN C 423 13.70 -37.21 -1.87
C ASN C 423 13.07 -38.60 -1.92
N ALA C 424 13.33 -39.33 -3.01
CA ALA C 424 12.71 -40.63 -3.24
C ALA C 424 13.14 -41.68 -2.22
N GLN C 425 14.20 -41.44 -1.46
CA GLN C 425 14.68 -42.40 -0.48
C GLN C 425 14.20 -42.09 0.93
N ASP C 426 13.15 -41.27 1.07
CA ASP C 426 12.57 -40.95 2.37
C ASP C 426 13.61 -40.28 3.29
N LYS C 427 14.32 -39.31 2.75
CA LYS C 427 15.32 -38.55 3.51
C LYS C 427 15.01 -37.07 3.35
N LEU C 428 14.99 -36.34 4.45
CA LEU C 428 14.71 -34.91 4.37
C LEU C 428 15.86 -34.20 3.66
N GLU C 429 15.54 -33.52 2.57
CA GLU C 429 16.55 -32.92 1.71
C GLU C 429 16.09 -31.55 1.24
N LEU C 430 17.02 -30.60 1.20
CA LEU C 430 16.77 -29.28 0.66
C LEU C 430 17.73 -29.02 -0.48
N HIS C 431 17.23 -28.39 -1.53
CA HIS C 431 17.98 -28.14 -2.75
C HIS C 431 18.41 -26.68 -2.80
N LEU C 432 19.71 -26.46 -2.98
CA LEU C 432 20.28 -25.12 -3.10
C LEU C 432 20.83 -24.99 -4.52
N PHE C 433 19.99 -24.50 -5.43
CA PHE C 433 20.30 -24.46 -6.85
C PHE C 433 20.63 -23.03 -7.26
N MET C 434 21.84 -22.85 -7.80
CA MET C 434 22.29 -21.57 -8.35
C MET C 434 22.09 -20.43 -7.35
N LEU C 435 22.80 -20.53 -6.23
CA LEU C 435 22.85 -19.47 -5.24
C LEU C 435 24.26 -18.91 -5.20
N SER C 436 24.35 -17.60 -4.94
CA SER C 436 25.66 -16.96 -4.86
C SER C 436 26.49 -17.50 -3.69
N GLY C 437 25.85 -17.81 -2.57
CA GLY C 437 26.56 -18.34 -1.42
C GLY C 437 25.60 -19.09 -0.52
N ILE C 438 26.18 -19.82 0.42
CA ILE C 438 25.37 -20.62 1.33
C ILE C 438 24.66 -19.70 2.32
N PRO C 439 23.34 -19.76 2.43
CA PRO C 439 22.66 -18.97 3.45
C PRO C 439 23.07 -19.43 4.83
N ASP C 440 23.26 -18.47 5.74
CA ASP C 440 23.66 -18.80 7.10
C ASP C 440 22.54 -19.44 7.90
N THR C 441 21.29 -19.11 7.60
CA THR C 441 20.16 -19.61 8.37
C THR C 441 19.94 -21.11 8.19
N VAL C 442 20.50 -21.72 7.14
CA VAL C 442 20.24 -23.12 6.86
C VAL C 442 20.70 -24.02 7.99
N PHE C 443 21.69 -23.59 8.77
CA PHE C 443 22.22 -24.40 9.84
C PHE C 443 21.37 -24.31 11.11
N ASP C 444 20.31 -23.52 11.10
CA ASP C 444 19.34 -23.54 12.18
C ASP C 444 18.42 -24.75 12.10
N LEU C 445 18.41 -25.48 10.99
CA LEU C 445 17.51 -26.60 10.77
C LEU C 445 18.33 -27.88 10.87
N VAL C 446 18.31 -28.51 12.04
CA VAL C 446 19.05 -29.75 12.25
C VAL C 446 18.33 -30.96 11.65
N GLU C 447 17.05 -30.82 11.31
CA GLU C 447 16.26 -31.95 10.81
C GLU C 447 16.66 -32.41 9.42
N LEU C 448 17.70 -31.81 8.83
CA LEU C 448 18.15 -32.22 7.51
C LEU C 448 19.20 -33.32 7.62
N GLU C 449 19.10 -34.30 6.72
CA GLU C 449 20.06 -35.38 6.64
C GLU C 449 20.74 -35.50 5.28
N VAL C 450 20.14 -34.95 4.23
CA VAL C 450 20.73 -34.93 2.89
C VAL C 450 20.67 -33.50 2.38
N LEU C 451 21.79 -33.02 1.83
CA LEU C 451 21.84 -31.70 1.22
C LEU C 451 22.54 -31.79 -0.13
N LYS C 452 22.04 -31.03 -1.10
CA LYS C 452 22.63 -30.98 -2.43
C LYS C 452 23.07 -29.56 -2.72
N LEU C 453 24.32 -29.41 -3.15
CA LEU C 453 24.91 -28.10 -3.45
C LEU C 453 25.30 -28.09 -4.92
N GLU C 454 24.54 -27.34 -5.72
CA GLU C 454 24.75 -27.26 -7.15
C GLU C 454 24.92 -25.81 -7.57
N LEU C 455 26.02 -25.52 -8.25
CA LEU C 455 26.27 -24.21 -8.84
C LEU C 455 26.20 -23.10 -7.79
N ILE C 456 26.94 -23.28 -6.71
CA ILE C 456 27.13 -22.25 -5.70
C ILE C 456 28.64 -21.95 -5.64
N PRO C 457 29.07 -20.79 -6.11
CA PRO C 457 30.51 -20.57 -6.30
C PRO C 457 31.26 -20.44 -4.99
N ASP C 458 32.54 -20.79 -5.04
CA ASP C 458 33.54 -20.60 -3.99
C ASP C 458 33.00 -20.87 -2.59
N VAL C 459 32.44 -22.04 -2.36
CA VAL C 459 31.94 -22.40 -1.05
C VAL C 459 33.10 -22.85 -0.17
N THR C 460 33.18 -22.28 1.03
CA THR C 460 34.08 -22.75 2.07
C THR C 460 33.22 -23.24 3.22
N ILE C 461 33.37 -24.51 3.56
CA ILE C 461 32.45 -25.17 4.48
C ILE C 461 32.62 -24.55 5.86
N PRO C 462 31.57 -23.97 6.43
CA PRO C 462 31.70 -23.30 7.72
C PRO C 462 31.72 -24.30 8.86
N PRO C 463 32.28 -23.93 10.00
CA PRO C 463 32.15 -24.79 11.19
C PRO C 463 30.72 -24.96 11.65
N SER C 464 29.81 -24.08 11.21
CA SER C 464 28.42 -24.16 11.62
C SER C 464 27.71 -25.40 11.08
N ILE C 465 28.34 -26.13 10.15
CA ILE C 465 27.81 -27.42 9.75
C ILE C 465 27.77 -28.37 10.94
N ALA C 466 28.60 -28.14 11.95
CA ALA C 466 28.53 -28.94 13.17
C ALA C 466 27.18 -28.81 13.85
N GLN C 467 26.44 -27.72 13.59
CA GLN C 467 25.11 -27.59 14.16
C GLN C 467 24.18 -28.70 13.69
N LEU C 468 24.39 -29.21 12.48
CA LEU C 468 23.50 -30.21 11.90
C LEU C 468 24.06 -31.60 12.23
N THR C 469 23.54 -32.16 13.32
CA THR C 469 24.05 -33.44 13.82
C THR C 469 23.63 -34.59 12.92
N GLY C 470 22.36 -34.62 12.53
CA GLY C 470 21.82 -35.75 11.80
C GLY C 470 22.13 -35.80 10.32
N LEU C 471 22.86 -34.82 9.81
CA LEU C 471 23.27 -34.83 8.41
C LEU C 471 24.13 -36.05 8.11
N LYS C 472 23.82 -36.74 7.02
CA LYS C 472 24.55 -37.95 6.67
C LYS C 472 25.05 -37.93 5.23
N GLU C 473 24.35 -37.22 4.35
CA GLU C 473 24.63 -37.24 2.92
C GLU C 473 24.79 -35.83 2.39
N LEU C 474 25.79 -35.63 1.53
CA LEU C 474 25.99 -34.36 0.85
C LEU C 474 26.22 -34.63 -0.63
N TRP C 475 25.64 -33.78 -1.48
CA TRP C 475 25.75 -33.92 -2.93
C TRP C 475 26.42 -32.67 -3.50
N LEU C 476 27.55 -32.86 -4.17
CA LEU C 476 28.32 -31.78 -4.77
C LEU C 476 28.11 -31.82 -6.27
N TYR C 477 27.46 -30.79 -6.81
CA TYR C 477 27.18 -30.69 -8.24
C TYR C 477 27.91 -29.47 -8.80
N HIS C 478 29.05 -29.73 -9.44
CA HIS C 478 29.85 -28.67 -10.07
C HIS C 478 30.16 -27.56 -9.08
N THR C 479 30.51 -27.96 -7.86
CA THR C 479 30.69 -27.02 -6.75
C THR C 479 32.03 -27.37 -6.09
N ALA C 480 33.09 -26.75 -6.57
CA ALA C 480 34.42 -26.94 -5.97
C ALA C 480 34.43 -26.32 -4.59
N ALA C 481 34.56 -27.15 -3.56
CA ALA C 481 34.39 -26.73 -2.18
C ALA C 481 35.72 -26.78 -1.45
N LYS C 482 36.03 -25.70 -0.73
CA LYS C 482 37.14 -25.68 0.21
C LYS C 482 36.58 -26.00 1.59
N ILE C 483 37.33 -26.74 2.38
CA ILE C 483 36.86 -27.18 3.69
C ILE C 483 37.70 -26.52 4.78
N GLU C 484 37.09 -26.36 5.95
CA GLU C 484 37.74 -25.81 7.13
C GLU C 484 38.02 -26.94 8.12
N ALA C 485 38.95 -26.68 9.04
CA ALA C 485 39.35 -27.70 9.99
C ALA C 485 38.19 -28.18 10.85
N PRO C 486 37.38 -27.32 11.49
CA PRO C 486 36.17 -27.83 12.14
C PRO C 486 35.21 -28.49 11.17
N ALA C 487 35.08 -27.95 9.96
CA ALA C 487 34.22 -28.55 8.96
C ALA C 487 34.72 -29.92 8.54
N LEU C 488 36.04 -30.03 8.30
CA LEU C 488 36.62 -31.32 7.94
C LEU C 488 36.46 -32.32 9.08
N ALA C 489 36.64 -31.87 10.31
CA ALA C 489 36.47 -32.76 11.46
C ALA C 489 35.04 -33.26 11.56
N PHE C 490 34.06 -32.37 11.36
CA PHE C 490 32.67 -32.79 11.44
C PHE C 490 32.32 -33.74 10.30
N LEU C 491 32.85 -33.50 9.11
CA LEU C 491 32.51 -34.32 7.97
C LEU C 491 33.19 -35.68 8.01
N ARG C 492 34.40 -35.76 8.59
CA ARG C 492 35.11 -37.04 8.64
C ARG C 492 34.51 -38.00 9.65
N GLU C 493 33.49 -37.59 10.41
CA GLU C 493 32.86 -38.45 11.39
C GLU C 493 31.34 -38.35 11.42
N ASN C 494 30.74 -37.48 10.62
CA ASN C 494 29.27 -37.40 10.54
C ASN C 494 28.81 -37.40 9.09
N LEU C 495 29.38 -38.27 8.27
CA LEU C 495 28.99 -38.40 6.86
C LEU C 495 28.88 -39.87 6.52
N ARG C 496 27.88 -40.22 5.72
CA ARG C 496 27.66 -41.59 5.29
C ARG C 496 27.78 -41.79 3.79
N ALA C 497 27.14 -40.93 2.99
CA ALA C 497 27.16 -41.04 1.53
C ALA C 497 27.50 -39.69 0.93
N LEU C 498 28.23 -39.73 -0.19
CA LEU C 498 28.70 -38.52 -0.86
C LEU C 498 28.50 -38.65 -2.36
N HIS C 499 27.92 -37.63 -2.97
CA HIS C 499 27.83 -37.52 -4.42
C HIS C 499 28.57 -36.28 -4.88
N ILE C 500 29.55 -36.46 -5.75
CA ILE C 500 30.32 -35.37 -6.30
C ILE C 500 30.33 -35.50 -7.82
N LYS C 501 29.88 -34.43 -8.50
CA LYS C 501 29.95 -34.40 -9.96
C LYS C 501 30.79 -33.20 -10.36
N PHE C 502 31.64 -33.38 -11.36
CA PHE C 502 32.63 -32.39 -11.72
C PHE C 502 32.82 -32.36 -13.23
N THR C 503 32.96 -31.17 -13.79
CA THR C 503 33.27 -31.00 -15.20
C THR C 503 34.75 -31.03 -15.50
N ASP C 504 35.61 -30.94 -14.48
CA ASP C 504 37.04 -30.89 -14.71
C ASP C 504 37.77 -31.45 -13.50
N ILE C 505 38.99 -31.94 -13.76
CA ILE C 505 39.82 -32.51 -12.71
C ILE C 505 40.16 -31.45 -11.66
N LYS C 506 40.50 -30.24 -12.10
CA LYS C 506 41.00 -29.22 -11.18
C LYS C 506 39.95 -28.79 -10.16
N GLU C 507 38.66 -29.06 -10.41
CA GLU C 507 37.61 -28.57 -9.53
C GLU C 507 37.16 -29.61 -8.51
N ILE C 508 37.79 -30.77 -8.47
CA ILE C 508 37.48 -31.75 -7.42
C ILE C 508 38.12 -31.28 -6.11
N PRO C 509 37.41 -31.33 -4.99
CA PRO C 509 38.05 -31.04 -3.71
C PRO C 509 39.02 -32.15 -3.33
N LEU C 510 40.22 -31.76 -2.92
CA LEU C 510 41.28 -32.72 -2.67
C LEU C 510 41.20 -33.36 -1.29
N TRP C 511 40.44 -32.78 -0.37
CA TRP C 511 40.37 -33.31 0.99
C TRP C 511 39.46 -34.52 1.12
N ILE C 512 38.67 -34.83 0.10
CA ILE C 512 37.61 -35.84 0.24
C ILE C 512 38.19 -37.21 0.53
N TYR C 513 39.36 -37.53 -0.03
CA TYR C 513 39.99 -38.81 0.26
C TYR C 513 40.33 -38.98 1.73
N SER C 514 40.57 -37.89 2.44
CA SER C 514 40.98 -37.99 3.84
C SER C 514 39.89 -38.53 4.74
N LEU C 515 38.63 -38.46 4.33
CA LEU C 515 37.54 -38.93 5.18
C LEU C 515 37.61 -40.43 5.36
N LYS C 516 37.26 -40.90 6.55
CA LYS C 516 37.33 -42.32 6.87
C LYS C 516 35.98 -42.97 7.13
N THR C 517 34.98 -42.21 7.56
CA THR C 517 33.66 -42.74 7.85
C THR C 517 32.77 -42.85 6.63
N LEU C 518 33.27 -42.48 5.46
CA LEU C 518 32.44 -42.44 4.27
C LEU C 518 32.15 -43.84 3.77
N GLU C 519 30.86 -44.20 3.78
CA GLU C 519 30.42 -45.51 3.29
C GLU C 519 30.11 -45.52 1.82
N GLU C 520 29.64 -44.39 1.26
CA GLU C 520 29.21 -44.32 -0.12
C GLU C 520 29.81 -43.10 -0.79
N LEU C 521 30.57 -43.32 -1.86
CA LEU C 521 31.12 -42.25 -2.69
C LEU C 521 30.55 -42.40 -4.09
N HIS C 522 30.09 -41.29 -4.65
CA HIS C 522 29.50 -41.28 -5.99
C HIS C 522 30.31 -40.33 -6.86
N LEU C 523 31.03 -40.88 -7.83
CA LEU C 523 31.82 -40.10 -8.78
C LEU C 523 31.04 -40.04 -10.10
N THR C 524 30.74 -38.82 -10.54
CA THR C 524 30.02 -38.59 -11.79
C THR C 524 30.72 -37.47 -12.56
N GLY C 525 31.70 -37.85 -13.36
CA GLY C 525 32.46 -36.87 -14.13
C GLY C 525 33.66 -37.48 -14.82
N ASN C 526 33.88 -37.10 -16.08
CA ASN C 526 34.92 -37.71 -16.90
C ASN C 526 36.30 -37.36 -16.33
N LEU C 527 36.94 -38.34 -15.71
CA LEU C 527 38.28 -38.17 -15.19
C LEU C 527 39.34 -38.78 -16.10
N SER C 528 38.97 -39.18 -17.31
CA SER C 528 39.92 -39.81 -18.21
C SER C 528 41.02 -38.83 -18.59
N ALA C 529 42.27 -39.22 -18.33
CA ALA C 529 43.42 -38.40 -18.65
C ALA C 529 44.47 -39.27 -19.30
N GLU C 530 45.32 -38.64 -20.10
CA GLU C 530 46.33 -39.35 -20.89
C GLU C 530 47.67 -39.31 -20.16
N ASN C 531 48.31 -40.48 -20.05
CA ASN C 531 49.66 -40.65 -19.54
C ASN C 531 49.75 -40.44 -18.03
N ASN C 532 48.68 -39.95 -17.41
CA ASN C 532 48.60 -39.88 -15.95
C ASN C 532 47.20 -40.26 -15.48
N ARG C 533 46.62 -41.27 -16.10
CA ARG C 533 45.26 -41.67 -15.77
C ARG C 533 45.20 -42.31 -14.38
N TYR C 534 44.06 -42.14 -13.72
CA TYR C 534 43.77 -42.78 -12.43
C TYR C 534 44.78 -42.36 -11.36
N ILE C 535 45.28 -41.13 -11.49
CA ILE C 535 46.24 -40.60 -10.52
C ILE C 535 45.54 -39.55 -9.67
N VAL C 536 44.58 -38.84 -10.27
CA VAL C 536 43.84 -37.82 -9.53
C VAL C 536 43.07 -38.46 -8.37
N ILE C 537 42.65 -39.71 -8.52
CA ILE C 537 41.91 -40.41 -7.48
C ILE C 537 42.79 -41.41 -6.74
N ASP C 538 44.11 -41.17 -6.70
CA ASP C 538 45.00 -42.08 -6.00
C ASP C 538 44.78 -42.05 -4.49
N GLY C 539 44.02 -41.08 -3.99
CA GLY C 539 43.60 -41.08 -2.61
C GLY C 539 42.44 -42.00 -2.30
N LEU C 540 41.93 -42.68 -3.33
CA LEU C 540 40.77 -43.56 -3.16
C LEU C 540 41.03 -44.66 -2.14
N ARG C 541 42.28 -45.11 -2.00
CA ARG C 541 42.58 -46.16 -1.05
C ARG C 541 42.37 -45.71 0.38
N GLU C 542 42.26 -44.41 0.63
CA GLU C 542 42.09 -43.92 2.00
C GLU C 542 40.68 -44.11 2.53
N LEU C 543 39.73 -44.53 1.70
CA LEU C 543 38.35 -44.76 2.13
C LEU C 543 38.22 -46.19 2.61
N LYS C 544 38.44 -46.39 3.92
CA LYS C 544 38.43 -47.73 4.47
C LYS C 544 37.05 -48.22 4.88
N ARG C 545 36.08 -47.31 5.03
CA ARG C 545 34.70 -47.71 5.32
C ARG C 545 33.84 -47.75 4.06
N LEU C 546 34.42 -47.50 2.89
CA LEU C 546 33.64 -47.51 1.65
C LEU C 546 33.03 -48.88 1.42
N LYS C 547 31.75 -48.89 1.12
CA LYS C 547 31.02 -50.11 0.79
C LYS C 547 30.22 -49.99 -0.51
N VAL C 548 29.69 -48.80 -0.80
CA VAL C 548 28.92 -48.54 -2.01
C VAL C 548 29.64 -47.46 -2.79
N LEU C 549 29.96 -47.75 -4.06
CA LEU C 549 30.77 -46.84 -4.87
C LEU C 549 30.14 -46.72 -6.25
N ARG C 550 29.81 -45.50 -6.65
CA ARG C 550 29.26 -45.20 -7.97
C ARG C 550 30.28 -44.41 -8.76
N LEU C 551 30.79 -45.01 -9.83
CA LEU C 551 31.83 -44.43 -10.66
C LEU C 551 31.29 -44.24 -12.08
N LYS C 552 30.92 -43.00 -12.41
CA LYS C 552 30.41 -42.66 -13.73
C LYS C 552 31.37 -41.62 -14.30
N SER C 553 32.44 -42.11 -14.92
CA SER C 553 33.53 -41.22 -15.32
C SER C 553 34.00 -41.47 -16.75
N ASN C 554 33.25 -42.25 -17.53
CA ASN C 554 33.59 -42.51 -18.93
C ASN C 554 35.00 -43.08 -19.05
N LEU C 555 35.31 -44.07 -18.22
CA LEU C 555 36.63 -44.67 -18.19
C LEU C 555 36.70 -45.85 -19.16
N SER C 556 37.84 -45.97 -19.86
CA SER C 556 38.05 -47.07 -20.78
C SER C 556 38.36 -48.38 -20.07
N LYS C 557 39.13 -48.34 -18.98
CA LYS C 557 39.42 -49.52 -18.19
C LYS C 557 39.26 -49.16 -16.72
N LEU C 558 38.97 -50.17 -15.91
CA LEU C 558 38.75 -49.95 -14.49
C LEU C 558 40.08 -49.60 -13.81
N PRO C 559 40.15 -48.49 -13.08
CA PRO C 559 41.41 -48.12 -12.43
C PRO C 559 41.87 -49.18 -11.43
N GLN C 560 43.18 -49.38 -11.39
CA GLN C 560 43.75 -50.36 -10.47
C GLN C 560 43.54 -49.96 -9.01
N VAL C 561 43.49 -48.65 -8.74
CA VAL C 561 43.21 -48.19 -7.37
C VAL C 561 41.81 -48.61 -6.95
N VAL C 562 40.86 -48.65 -7.89
CA VAL C 562 39.52 -49.12 -7.58
C VAL C 562 39.55 -50.58 -7.19
N THR C 563 40.33 -51.40 -7.90
CA THR C 563 40.48 -52.80 -7.50
C THR C 563 41.17 -52.90 -6.14
N ASP C 564 42.12 -52.00 -5.86
CA ASP C 564 42.79 -52.01 -4.57
C ASP C 564 41.79 -51.77 -3.44
N VAL C 565 40.90 -50.80 -3.62
CA VAL C 565 39.91 -50.52 -2.58
C VAL C 565 38.78 -51.56 -2.58
N GLY C 566 38.60 -52.28 -3.68
CA GLY C 566 37.51 -53.26 -3.79
C GLY C 566 37.71 -54.52 -3.00
N VAL C 567 38.84 -54.67 -2.30
CA VAL C 567 39.06 -55.84 -1.47
C VAL C 567 38.10 -55.89 -0.29
N HIS C 568 37.47 -54.76 0.05
CA HIS C 568 36.58 -54.68 1.20
C HIS C 568 35.27 -53.96 0.90
N LEU C 569 34.95 -53.73 -0.37
CA LEU C 569 33.73 -53.01 -0.71
C LEU C 569 32.53 -53.95 -0.71
N GLN C 570 31.35 -53.37 -0.88
CA GLN C 570 30.10 -54.12 -0.94
C GLN C 570 29.35 -53.97 -2.25
N LYS C 571 29.17 -52.74 -2.74
CA LYS C 571 28.40 -52.49 -3.96
C LYS C 571 29.19 -51.61 -4.91
N LEU C 572 29.25 -52.01 -6.18
CA LEU C 572 29.95 -51.24 -7.20
C LEU C 572 29.00 -51.02 -8.38
N SER C 573 28.87 -49.76 -8.80
CA SER C 573 28.00 -49.40 -9.92
C SER C 573 28.83 -48.65 -10.95
N ILE C 574 28.89 -49.21 -12.16
CA ILE C 574 29.72 -48.68 -13.25
C ILE C 574 28.82 -48.31 -14.40
N ASN C 575 28.90 -47.06 -14.85
CA ASN C 575 28.17 -46.58 -16.02
C ASN C 575 29.13 -45.80 -16.89
N ASN C 576 29.62 -46.44 -17.96
CA ASN C 576 30.58 -45.82 -18.85
C ASN C 576 29.93 -45.03 -19.98
N GLU C 577 28.61 -44.95 -20.01
CA GLU C 577 27.89 -44.16 -21.01
C GLU C 577 28.27 -44.61 -22.43
N GLY C 578 28.25 -45.91 -22.66
CA GLY C 578 28.55 -46.48 -23.95
C GLY C 578 30.00 -46.86 -24.15
N THR C 579 30.90 -46.36 -23.30
CA THR C 579 32.31 -46.68 -23.44
C THR C 579 32.56 -48.14 -23.07
N LYS C 580 33.36 -48.82 -23.88
CA LYS C 580 33.69 -50.21 -23.60
C LYS C 580 34.54 -50.31 -22.34
N LEU C 581 34.17 -51.23 -21.46
CA LEU C 581 34.90 -51.50 -20.24
C LEU C 581 35.84 -52.68 -20.47
N ILE C 582 37.10 -52.50 -20.12
CA ILE C 582 38.11 -53.53 -20.25
C ILE C 582 38.31 -54.16 -18.87
N VAL C 583 38.10 -55.48 -18.79
CA VAL C 583 38.19 -56.17 -17.51
C VAL C 583 39.61 -56.71 -17.33
N LEU C 584 40.00 -57.68 -18.17
CA LEU C 584 41.34 -58.24 -18.19
C LEU C 584 41.84 -58.56 -16.78
N ASN C 585 41.11 -59.48 -16.13
CA ASN C 585 41.48 -60.00 -14.81
C ASN C 585 41.61 -58.87 -13.78
N SER C 586 40.63 -57.97 -13.77
CA SER C 586 40.58 -56.89 -12.78
C SER C 586 39.26 -56.85 -12.03
N LEU C 587 38.46 -57.91 -12.11
CA LEU C 587 37.22 -57.99 -11.34
C LEU C 587 37.18 -59.16 -10.37
N LYS C 588 38.06 -60.16 -10.53
CA LYS C 588 38.06 -61.33 -9.66
C LYS C 588 38.56 -61.02 -8.26
N LYS C 589 39.13 -59.83 -8.03
CA LYS C 589 39.69 -59.47 -6.74
C LYS C 589 38.65 -58.87 -5.79
N MET C 590 37.48 -58.52 -6.28
CA MET C 590 36.44 -57.91 -5.44
C MET C 590 35.60 -59.02 -4.79
N VAL C 591 36.25 -59.72 -3.86
CA VAL C 591 35.63 -60.88 -3.23
C VAL C 591 34.41 -60.50 -2.39
N ASN C 592 34.41 -59.31 -1.79
CA ASN C 592 33.35 -58.92 -0.86
C ASN C 592 32.25 -58.11 -1.52
N LEU C 593 32.28 -57.92 -2.83
CA LEU C 593 31.22 -57.19 -3.50
C LEU C 593 29.91 -57.97 -3.41
N THR C 594 28.82 -57.25 -3.16
CA THR C 594 27.52 -57.87 -2.94
C THR C 594 26.50 -57.60 -4.04
N GLU C 595 26.56 -56.44 -4.70
CA GLU C 595 25.63 -56.11 -5.78
C GLU C 595 26.43 -55.44 -6.89
N LEU C 596 26.51 -56.09 -8.05
CA LEU C 596 27.29 -55.61 -9.18
C LEU C 596 26.35 -55.09 -10.26
N GLU C 597 26.66 -53.91 -10.79
CA GLU C 597 25.86 -53.27 -11.83
C GLU C 597 26.79 -52.72 -12.90
N LEU C 598 26.56 -53.12 -14.15
CA LEU C 598 27.34 -52.66 -15.29
C LEU C 598 26.37 -52.03 -16.29
N ILE C 599 26.39 -50.70 -16.39
CA ILE C 599 25.45 -49.97 -17.22
C ILE C 599 26.20 -49.46 -18.44
N ARG C 600 25.79 -49.92 -19.62
CA ARG C 600 26.36 -49.47 -20.90
C ARG C 600 27.88 -49.55 -20.89
N CYS C 601 28.42 -50.62 -20.31
CA CYS C 601 29.85 -50.83 -20.27
C CYS C 601 30.38 -51.42 -21.58
N ASP C 602 29.49 -51.73 -22.53
CA ASP C 602 29.87 -52.18 -23.87
C ASP C 602 30.80 -53.40 -23.81
N LEU C 603 30.44 -54.36 -22.94
CA LEU C 603 31.19 -55.61 -22.92
C LEU C 603 30.84 -56.47 -24.13
N GLU C 604 29.57 -56.54 -24.49
CA GLU C 604 29.00 -57.36 -25.55
C GLU C 604 29.15 -58.85 -25.27
N ARG C 605 29.81 -59.22 -24.18
CA ARG C 605 30.11 -60.60 -23.85
C ARG C 605 30.56 -60.65 -22.39
N ILE C 606 29.91 -61.50 -21.60
CA ILE C 606 30.13 -61.52 -20.15
C ILE C 606 31.53 -62.03 -19.84
N PRO C 607 32.35 -61.26 -19.12
CA PRO C 607 33.65 -61.77 -18.69
C PRO C 607 33.51 -62.84 -17.61
N HIS C 608 34.51 -63.72 -17.57
CA HIS C 608 34.51 -64.81 -16.59
C HIS C 608 34.74 -64.32 -15.17
N SER C 609 35.22 -63.08 -15.02
CA SER C 609 35.68 -62.62 -13.71
C SER C 609 34.59 -62.70 -12.65
N ILE C 610 33.37 -62.30 -13.00
CA ILE C 610 32.26 -62.28 -12.06
C ILE C 610 32.06 -63.65 -11.42
N PHE C 611 32.46 -64.72 -12.10
CA PHE C 611 32.23 -66.06 -11.59
C PHE C 611 33.06 -66.38 -10.36
N SER C 612 34.15 -65.64 -10.13
CA SER C 612 34.96 -65.86 -8.93
C SER C 612 34.38 -65.18 -7.70
N LEU C 613 33.30 -64.43 -7.85
CA LEU C 613 32.67 -63.70 -6.75
C LEU C 613 31.41 -64.47 -6.34
N HIS C 614 31.61 -65.48 -5.49
CA HIS C 614 30.51 -66.33 -5.08
C HIS C 614 29.47 -65.57 -4.27
N ASN C 615 29.90 -64.66 -3.41
CA ASN C 615 28.99 -63.96 -2.50
C ASN C 615 28.17 -62.89 -3.20
N LEU C 616 28.41 -62.63 -4.48
CA LEU C 616 27.63 -61.65 -5.21
C LEU C 616 26.16 -62.05 -5.23
N GLN C 617 25.27 -61.05 -5.13
CA GLN C 617 23.84 -61.30 -5.05
C GLN C 617 23.05 -60.84 -6.26
N GLU C 618 23.36 -59.65 -6.81
CA GLU C 618 22.58 -59.08 -7.90
C GLU C 618 23.50 -58.64 -9.02
N ILE C 619 23.13 -58.98 -10.25
CA ILE C 619 23.92 -58.68 -11.45
C ILE C 619 23.06 -57.86 -12.39
N ASP C 620 23.63 -56.76 -12.90
CA ASP C 620 22.97 -55.92 -13.89
C ASP C 620 23.90 -55.71 -15.08
N LEU C 621 23.34 -55.80 -16.28
CA LEU C 621 24.08 -55.56 -17.52
C LEU C 621 23.25 -54.68 -18.44
N LYS C 622 22.74 -53.57 -17.90
CA LYS C 622 21.85 -52.71 -18.65
C LYS C 622 22.50 -52.21 -19.93
N ASP C 623 21.98 -52.68 -21.07
CA ASP C 623 22.41 -52.24 -22.39
C ASP C 623 23.93 -52.31 -22.55
N ASN C 624 24.48 -53.49 -22.27
CA ASN C 624 25.89 -53.76 -22.55
C ASN C 624 26.09 -54.42 -23.89
N ASN C 625 25.11 -54.30 -24.79
CA ASN C 625 25.21 -54.82 -26.16
C ASN C 625 25.42 -56.33 -26.15
N LEU C 626 24.82 -57.00 -25.17
CA LEU C 626 25.00 -58.44 -25.02
C LEU C 626 24.23 -59.19 -26.10
N LYS C 627 24.86 -60.23 -26.64
CA LYS C 627 24.23 -61.12 -27.61
C LYS C 627 24.14 -62.55 -27.11
N THR C 628 25.23 -63.09 -26.58
CA THR C 628 25.28 -64.47 -26.11
C THR C 628 25.47 -64.48 -24.60
N ILE C 629 24.67 -65.30 -23.91
CA ILE C 629 24.72 -65.38 -22.46
C ILE C 629 24.98 -66.81 -22.01
N GLU C 630 25.75 -67.56 -22.79
CA GLU C 630 26.06 -68.94 -22.42
C GLU C 630 26.77 -69.02 -21.08
N GLU C 631 27.54 -67.98 -20.74
CA GLU C 631 28.32 -67.97 -19.50
C GLU C 631 27.47 -68.22 -18.25
N ILE C 632 26.14 -68.16 -18.38
CA ILE C 632 25.26 -68.47 -17.26
C ILE C 632 25.44 -69.89 -16.76
N ILE C 633 26.04 -70.78 -17.55
CA ILE C 633 26.36 -72.11 -17.05
C ILE C 633 27.27 -71.99 -15.83
N SER C 634 28.25 -71.09 -15.89
CA SER C 634 29.13 -70.84 -14.75
C SER C 634 28.43 -70.13 -13.60
N PHE C 635 27.20 -69.68 -13.80
CA PHE C 635 26.45 -69.02 -12.73
C PHE C 635 26.16 -69.95 -11.55
N GLN C 636 26.29 -71.26 -11.74
CA GLN C 636 26.19 -72.18 -10.61
C GLN C 636 27.30 -71.97 -9.60
N HIS C 637 28.41 -71.35 -10.01
CA HIS C 637 29.45 -70.98 -9.06
C HIS C 637 28.93 -69.99 -8.04
N LEU C 638 28.14 -69.02 -8.48
CA LEU C 638 27.48 -68.09 -7.57
C LEU C 638 26.32 -68.82 -6.90
N HIS C 639 26.52 -69.23 -5.65
CA HIS C 639 25.51 -70.00 -4.94
C HIS C 639 24.35 -69.15 -4.45
N ARG C 640 24.61 -67.90 -4.05
CA ARG C 640 23.59 -67.04 -3.46
C ARG C 640 23.06 -66.01 -4.44
N LEU C 641 23.31 -66.21 -5.74
CA LEU C 641 22.88 -65.27 -6.76
C LEU C 641 21.37 -65.37 -6.93
N THR C 642 20.64 -64.31 -6.55
CA THR C 642 19.18 -64.34 -6.54
C THR C 642 18.54 -63.37 -7.53
N CYS C 643 19.28 -62.40 -8.05
CA CYS C 643 18.71 -61.42 -8.97
C CYS C 643 19.61 -61.29 -10.19
N LEU C 644 18.97 -61.15 -11.35
CA LEU C 644 19.68 -61.02 -12.62
C LEU C 644 18.99 -59.92 -13.43
N LYS C 645 19.80 -59.00 -13.97
CA LYS C 645 19.30 -57.91 -14.80
C LYS C 645 20.10 -57.91 -16.10
N LEU C 646 19.46 -58.31 -17.20
CA LEU C 646 20.14 -58.40 -18.48
C LEU C 646 19.33 -57.70 -19.57
N TRP C 647 18.34 -56.91 -19.18
CA TRP C 647 17.44 -56.32 -20.15
C TRP C 647 18.09 -55.11 -20.82
N TYR C 648 17.32 -54.46 -21.70
CA TYR C 648 17.84 -53.40 -22.57
C TYR C 648 18.99 -53.90 -23.44
N ASN C 649 19.04 -55.21 -23.67
CA ASN C 649 20.09 -55.84 -24.45
C ASN C 649 19.49 -56.41 -25.73
N HIS C 650 20.32 -57.12 -26.49
CA HIS C 650 19.95 -57.67 -27.78
C HIS C 650 19.92 -59.19 -27.75
N ILE C 651 19.49 -59.75 -26.62
CA ILE C 651 19.41 -61.19 -26.45
C ILE C 651 18.18 -61.71 -27.20
N ALA C 652 18.39 -62.71 -28.05
CA ALA C 652 17.27 -63.25 -28.82
C ALA C 652 16.78 -64.58 -28.25
N TYR C 653 17.69 -65.48 -27.88
CA TYR C 653 17.32 -66.80 -27.39
C TYR C 653 17.84 -66.98 -25.98
N ILE C 654 16.96 -67.43 -25.09
CA ILE C 654 17.32 -67.73 -23.71
C ILE C 654 17.89 -69.14 -23.66
N PRO C 655 19.13 -69.31 -23.20
CA PRO C 655 19.64 -70.68 -22.97
C PRO C 655 18.84 -71.38 -21.88
N ILE C 656 18.75 -72.70 -21.99
CA ILE C 656 18.00 -73.50 -21.03
C ILE C 656 18.64 -73.49 -19.66
N GLN C 657 19.97 -73.60 -19.60
CA GLN C 657 20.69 -73.85 -18.36
C GLN C 657 20.44 -72.79 -17.28
N ILE C 658 19.81 -71.66 -17.63
CA ILE C 658 19.49 -70.66 -16.61
C ILE C 658 18.54 -71.23 -15.57
N GLY C 659 17.80 -72.29 -15.91
CA GLY C 659 16.96 -72.93 -14.91
C GLY C 659 17.73 -73.61 -13.81
N ASN C 660 19.03 -73.85 -14.02
CA ASN C 660 19.86 -74.44 -12.98
C ASN C 660 20.03 -73.50 -11.78
N LEU C 661 19.72 -72.21 -11.94
CA LEU C 661 19.80 -71.23 -10.86
C LEU C 661 18.45 -71.15 -10.16
N THR C 662 18.23 -72.07 -9.22
CA THR C 662 17.01 -72.03 -8.43
C THR C 662 17.02 -70.91 -7.40
N ASN C 663 18.18 -70.30 -7.15
CA ASN C 663 18.30 -69.23 -6.17
C ASN C 663 17.66 -67.93 -6.64
N LEU C 664 17.39 -67.78 -7.93
CA LEU C 664 16.93 -66.51 -8.48
C LEU C 664 15.59 -66.11 -7.85
N GLU C 665 15.45 -64.81 -7.60
CA GLU C 665 14.22 -64.28 -7.03
C GLU C 665 13.58 -63.20 -7.88
N ARG C 666 14.36 -62.30 -8.48
CA ARG C 666 13.82 -61.28 -9.36
C ARG C 666 14.68 -61.23 -10.62
N LEU C 667 14.02 -61.28 -11.78
CA LEU C 667 14.70 -61.34 -13.07
C LEU C 667 13.81 -60.65 -14.10
N TYR C 668 14.22 -59.49 -14.57
CA TYR C 668 13.53 -58.75 -15.61
C TYR C 668 14.31 -58.92 -16.90
N LEU C 669 13.62 -59.29 -17.98
CA LEU C 669 14.26 -59.49 -19.28
C LEU C 669 13.48 -58.79 -20.38
N ASN C 670 12.98 -57.59 -20.13
CA ASN C 670 12.20 -56.90 -21.15
C ASN C 670 13.14 -56.29 -22.20
N ARG C 671 12.51 -55.78 -23.27
CA ARG C 671 13.20 -54.99 -24.28
C ARG C 671 14.35 -55.77 -24.94
N ASN C 672 14.13 -57.06 -25.14
CA ASN C 672 15.07 -57.92 -25.85
C ASN C 672 14.35 -58.59 -27.00
N LYS C 673 15.12 -59.37 -27.77
CA LYS C 673 14.58 -60.10 -28.91
C LYS C 673 14.08 -61.49 -28.52
N ILE C 674 13.67 -61.67 -27.27
CA ILE C 674 13.20 -62.97 -26.81
C ILE C 674 11.86 -63.29 -27.47
N GLU C 675 11.77 -64.46 -28.09
CA GLU C 675 10.55 -64.89 -28.75
C GLU C 675 9.97 -66.17 -28.17
N LYS C 676 10.72 -66.90 -27.35
CA LYS C 676 10.18 -68.10 -26.72
C LYS C 676 10.97 -68.38 -25.45
N ILE C 677 10.25 -68.57 -24.35
CA ILE C 677 10.87 -68.81 -23.04
C ILE C 677 11.06 -70.32 -22.88
N PRO C 678 12.28 -70.81 -22.73
CA PRO C 678 12.49 -72.24 -22.57
C PRO C 678 11.88 -72.75 -21.27
N THR C 679 11.38 -73.98 -21.31
CA THR C 679 10.79 -74.57 -20.11
C THR C 679 11.82 -74.73 -19.00
N GLN C 680 13.10 -74.92 -19.36
CA GLN C 680 14.13 -75.09 -18.36
C GLN C 680 14.25 -73.86 -17.47
N LEU C 681 14.04 -72.67 -18.02
CA LEU C 681 14.08 -71.46 -17.21
C LEU C 681 13.08 -71.50 -16.06
N PHE C 682 12.00 -72.27 -16.18
CA PHE C 682 11.02 -72.38 -15.12
C PHE C 682 11.42 -73.39 -14.05
N TYR C 683 12.69 -73.78 -13.99
CA TYR C 683 13.21 -74.52 -12.85
C TYR C 683 13.63 -73.61 -11.70
N CYS C 684 13.65 -72.29 -11.93
CA CYS C 684 13.97 -71.31 -10.89
C CYS C 684 12.74 -71.09 -10.03
N ARG C 685 12.48 -72.05 -9.15
CA ARG C 685 11.23 -72.06 -8.39
C ARG C 685 11.11 -70.86 -7.46
N LYS C 686 12.22 -70.32 -6.97
CA LYS C 686 12.18 -69.21 -6.02
C LYS C 686 12.06 -67.85 -6.70
N LEU C 687 11.94 -67.82 -8.03
CA LEU C 687 11.75 -66.56 -8.74
C LEU C 687 10.45 -65.89 -8.32
N ARG C 688 10.50 -64.57 -8.18
CA ARG C 688 9.36 -63.80 -7.67
C ARG C 688 8.94 -62.67 -8.59
N TYR C 689 9.88 -62.05 -9.31
CA TYR C 689 9.59 -60.90 -10.17
C TYR C 689 10.13 -61.14 -11.56
N LEU C 690 9.27 -61.00 -12.56
CA LEU C 690 9.62 -61.25 -13.95
C LEU C 690 9.06 -60.15 -14.83
N ASP C 691 9.88 -59.64 -15.75
CA ASP C 691 9.45 -58.68 -16.77
C ASP C 691 9.92 -59.20 -18.13
N LEU C 692 8.98 -59.28 -19.07
CA LEU C 692 9.28 -59.73 -20.42
C LEU C 692 8.68 -58.80 -21.47
N SER C 693 8.51 -57.52 -21.12
CA SER C 693 7.86 -56.57 -22.01
C SER C 693 8.77 -56.27 -23.21
N HIS C 694 8.14 -55.73 -24.26
CA HIS C 694 8.86 -55.32 -25.47
C HIS C 694 9.70 -56.45 -26.04
N ASN C 695 9.12 -57.65 -26.04
CA ASN C 695 9.75 -58.82 -26.62
C ASN C 695 8.85 -59.40 -27.71
N ASN C 696 9.31 -60.49 -28.32
CA ASN C 696 8.66 -61.06 -29.49
C ASN C 696 7.95 -62.37 -29.18
N LEU C 697 7.34 -62.47 -28.00
CA LEU C 697 6.58 -63.67 -27.66
C LEU C 697 5.24 -63.69 -28.38
N THR C 698 4.69 -64.89 -28.52
CA THR C 698 3.38 -65.07 -29.14
C THR C 698 2.42 -65.75 -28.17
N PHE C 699 2.95 -66.65 -27.34
CA PHE C 699 2.17 -67.31 -26.30
C PHE C 699 3.14 -67.78 -25.24
N LEU C 700 2.58 -68.26 -24.12
CA LEU C 700 3.40 -68.53 -22.96
C LEU C 700 3.47 -70.02 -22.64
N PRO C 701 4.63 -70.53 -22.26
CA PRO C 701 4.74 -71.95 -21.90
C PRO C 701 3.96 -72.27 -20.63
N ALA C 702 3.56 -73.54 -20.51
CA ALA C 702 2.75 -73.94 -19.38
C ALA C 702 3.57 -73.99 -18.09
N ASP C 703 4.88 -74.20 -18.19
CA ASP C 703 5.71 -74.37 -17.01
C ASP C 703 5.70 -73.13 -16.10
N ILE C 704 5.37 -71.96 -16.65
CA ILE C 704 5.27 -70.76 -15.81
C ILE C 704 4.21 -70.92 -14.73
N GLY C 705 3.18 -71.74 -14.97
CA GLY C 705 2.18 -71.98 -13.95
C GLY C 705 2.74 -72.69 -12.72
N LEU C 706 3.91 -73.31 -12.84
CA LEU C 706 4.49 -74.08 -11.75
C LEU C 706 5.40 -73.24 -10.85
N LEU C 707 5.62 -71.98 -11.19
CA LEU C 707 6.44 -71.08 -10.37
C LEU C 707 5.51 -70.22 -9.53
N GLN C 708 4.97 -70.83 -8.47
CA GLN C 708 3.98 -70.17 -7.63
C GLN C 708 4.55 -68.95 -6.91
N ASN C 709 5.87 -68.82 -6.84
CA ASN C 709 6.52 -67.76 -6.07
C ASN C 709 6.53 -66.42 -6.80
N LEU C 710 6.06 -66.37 -8.04
CA LEU C 710 6.00 -65.11 -8.78
C LEU C 710 4.86 -64.24 -8.25
N GLN C 711 5.07 -62.92 -8.29
CA GLN C 711 4.02 -61.99 -7.91
C GLN C 711 3.80 -60.93 -8.99
N ASN C 712 4.86 -60.56 -9.70
CA ASN C 712 4.79 -59.51 -10.72
C ASN C 712 5.22 -60.08 -12.06
N LEU C 713 4.37 -59.92 -13.06
CA LEU C 713 4.64 -60.33 -14.43
C LEU C 713 4.45 -59.14 -15.34
N ALA C 714 5.32 -58.98 -16.33
CA ALA C 714 5.26 -57.85 -17.24
C ALA C 714 5.55 -58.33 -18.66
N VAL C 715 4.53 -58.27 -19.51
CA VAL C 715 4.69 -58.60 -20.93
C VAL C 715 4.14 -57.44 -21.76
N THR C 716 4.26 -56.23 -21.23
CA THR C 716 3.65 -55.07 -21.86
C THR C 716 4.18 -54.85 -23.27
N ALA C 717 3.28 -54.46 -24.18
CA ALA C 717 3.65 -54.12 -25.56
C ALA C 717 4.31 -55.30 -26.28
N ASN C 718 3.59 -56.41 -26.35
CA ASN C 718 4.12 -57.60 -27.01
C ASN C 718 3.09 -58.19 -27.97
N ARG C 719 3.38 -59.37 -28.51
CA ARG C 719 2.52 -60.05 -29.48
C ARG C 719 1.92 -61.31 -28.89
N ILE C 720 1.54 -61.28 -27.61
CA ILE C 720 0.89 -62.43 -27.01
C ILE C 720 -0.53 -62.51 -27.54
N GLU C 721 -0.83 -63.58 -28.29
CA GLU C 721 -2.15 -63.69 -28.91
C GLU C 721 -3.25 -63.88 -27.86
N ALA C 722 -3.00 -64.72 -26.85
CA ALA C 722 -4.01 -64.99 -25.85
C ALA C 722 -3.32 -65.35 -24.53
N LEU C 723 -4.06 -65.19 -23.44
CA LEU C 723 -3.54 -65.49 -22.11
C LEU C 723 -3.76 -66.96 -21.80
N PRO C 724 -2.71 -67.75 -21.56
CA PRO C 724 -2.92 -69.15 -21.21
C PRO C 724 -3.50 -69.26 -19.81
N PRO C 725 -4.47 -70.16 -19.60
CA PRO C 725 -5.09 -70.26 -18.28
C PRO C 725 -4.18 -70.83 -17.20
N GLU C 726 -3.14 -71.59 -17.55
CA GLU C 726 -2.31 -72.20 -16.52
C GLU C 726 -1.63 -71.14 -15.66
N LEU C 727 -1.43 -69.94 -16.21
CA LEU C 727 -0.80 -68.86 -15.45
C LEU C 727 -1.63 -68.48 -14.24
N PHE C 728 -2.93 -68.76 -14.26
CA PHE C 728 -3.77 -68.47 -13.10
C PHE C 728 -3.42 -69.33 -11.89
N GLN C 729 -2.61 -70.38 -12.07
CA GLN C 729 -2.24 -71.25 -10.96
C GLN C 729 -1.27 -70.58 -9.98
N CYS C 730 -0.54 -69.57 -10.41
CA CYS C 730 0.30 -68.79 -9.50
C CYS C 730 -0.60 -67.85 -8.71
N ARG C 731 -0.84 -68.17 -7.45
CA ARG C 731 -1.90 -67.49 -6.71
C ARG C 731 -1.49 -66.08 -6.30
N LYS C 732 -0.24 -65.90 -5.88
CA LYS C 732 0.19 -64.65 -5.25
C LYS C 732 0.61 -63.59 -6.26
N LEU C 733 0.11 -63.67 -7.49
CA LEU C 733 0.36 -62.61 -8.45
C LEU C 733 -0.39 -61.36 -8.03
N ARG C 734 0.34 -60.26 -7.89
CA ARG C 734 -0.25 -58.98 -7.51
C ARG C 734 -0.18 -57.93 -8.61
N ALA C 735 0.46 -58.24 -9.73
CA ALA C 735 0.54 -57.31 -10.84
C ALA C 735 0.74 -58.08 -12.13
N LEU C 736 0.02 -57.67 -13.17
CA LEU C 736 0.14 -58.26 -14.50
C LEU C 736 0.22 -57.12 -15.51
N HIS C 737 1.41 -56.88 -16.03
CA HIS C 737 1.66 -55.73 -16.90
C HIS C 737 1.49 -56.19 -18.34
N LEU C 738 0.22 -56.34 -18.73
CA LEU C 738 -0.14 -56.96 -20.01
C LEU C 738 -0.66 -55.94 -21.02
N GLY C 739 -0.45 -54.66 -20.77
CA GLY C 739 -0.98 -53.64 -21.67
C GLY C 739 -0.31 -53.68 -23.03
N ASN C 740 -1.04 -53.15 -24.02
CA ASN C 740 -0.52 -52.93 -25.37
C ASN C 740 -0.13 -54.24 -26.05
N ASN C 741 -0.87 -55.30 -25.77
CA ASN C 741 -0.70 -56.58 -26.44
C ASN C 741 -1.74 -56.74 -27.55
N VAL C 742 -1.77 -57.92 -28.16
CA VAL C 742 -2.75 -58.23 -29.19
C VAL C 742 -3.79 -59.18 -28.59
N LEU C 743 -4.00 -59.07 -27.28
CA LEU C 743 -4.98 -59.90 -26.59
C LEU C 743 -6.36 -59.67 -27.18
N GLN C 744 -7.05 -60.76 -27.50
CA GLN C 744 -8.38 -60.70 -28.10
C GLN C 744 -9.47 -60.79 -27.04
N SER C 745 -9.49 -61.87 -26.28
CA SER C 745 -10.47 -62.09 -25.24
C SER C 745 -9.76 -62.52 -23.97
N LEU C 746 -10.07 -61.86 -22.87
CA LEU C 746 -9.43 -62.17 -21.60
C LEU C 746 -10.08 -63.41 -20.99
N PRO C 747 -9.30 -64.44 -20.64
CA PRO C 747 -9.87 -65.60 -19.96
C PRO C 747 -10.55 -65.21 -18.65
N SER C 748 -11.69 -65.84 -18.38
CA SER C 748 -12.51 -65.47 -17.23
C SER C 748 -11.84 -65.78 -15.90
N ARG C 749 -10.84 -66.65 -15.86
CA ARG C 749 -10.24 -67.08 -14.61
C ARG C 749 -9.44 -65.98 -13.92
N VAL C 750 -9.48 -64.74 -14.42
CA VAL C 750 -8.76 -63.64 -13.80
C VAL C 750 -9.22 -63.39 -12.37
N GLY C 751 -10.48 -63.71 -12.05
CA GLY C 751 -10.95 -63.57 -10.68
C GLY C 751 -10.33 -64.55 -9.72
N GLU C 752 -9.65 -65.59 -10.24
CA GLU C 752 -8.96 -66.54 -9.38
C GLU C 752 -7.79 -65.92 -8.64
N LEU C 753 -7.29 -64.78 -9.12
CA LEU C 753 -6.16 -64.11 -8.48
C LEU C 753 -6.70 -63.17 -7.41
N THR C 754 -6.72 -63.65 -6.16
CA THR C 754 -7.18 -62.80 -5.06
C THR C 754 -6.13 -61.74 -4.72
N ASN C 755 -4.85 -62.10 -4.79
CA ASN C 755 -3.77 -61.16 -4.51
C ASN C 755 -3.55 -60.16 -5.63
N LEU C 756 -4.28 -60.29 -6.73
CA LEU C 756 -4.14 -59.37 -7.85
C LEU C 756 -4.45 -57.95 -7.41
N THR C 757 -3.50 -57.04 -7.63
CA THR C 757 -3.66 -55.65 -7.23
C THR C 757 -3.72 -54.70 -8.41
N GLN C 758 -2.73 -54.74 -9.30
CA GLN C 758 -2.60 -53.77 -10.39
C GLN C 758 -2.74 -54.49 -11.73
N ILE C 759 -3.57 -53.94 -12.61
CA ILE C 759 -3.77 -54.47 -13.95
C ILE C 759 -3.73 -53.33 -14.96
N GLU C 760 -2.90 -53.47 -15.99
CA GLU C 760 -2.83 -52.51 -17.07
C GLU C 760 -3.16 -53.21 -18.38
N LEU C 761 -4.16 -52.69 -19.09
CA LEU C 761 -4.65 -53.32 -20.32
C LEU C 761 -4.91 -52.31 -21.42
N ARG C 762 -4.28 -51.14 -21.36
CA ARG C 762 -4.37 -50.19 -22.46
C ARG C 762 -3.75 -50.77 -23.72
N GLY C 763 -4.31 -50.42 -24.86
CA GLY C 763 -3.74 -50.81 -26.13
C GLY C 763 -3.93 -52.26 -26.52
N ASN C 764 -4.96 -52.92 -26.00
CA ASN C 764 -5.24 -54.31 -26.33
C ASN C 764 -6.55 -54.40 -27.13
N ARG C 765 -6.55 -55.30 -28.11
CA ARG C 765 -7.73 -55.51 -28.95
C ARG C 765 -8.75 -56.39 -28.23
N LEU C 766 -9.16 -55.96 -27.04
CA LEU C 766 -10.10 -56.72 -26.22
C LEU C 766 -11.51 -56.16 -26.43
N GLU C 767 -12.45 -57.04 -26.79
CA GLU C 767 -13.81 -56.59 -27.03
C GLU C 767 -14.61 -56.53 -25.73
N CYS C 768 -14.60 -57.61 -24.95
CA CYS C 768 -15.44 -57.68 -23.76
C CYS C 768 -14.64 -58.24 -22.61
N LEU C 769 -15.00 -57.79 -21.40
CA LEU C 769 -14.26 -58.12 -20.18
C LEU C 769 -14.96 -59.23 -19.40
N PRO C 770 -14.20 -60.11 -18.77
CA PRO C 770 -14.81 -61.10 -17.88
C PRO C 770 -15.33 -60.44 -16.62
N VAL C 771 -16.38 -61.06 -16.06
CA VAL C 771 -17.00 -60.49 -14.86
C VAL C 771 -16.23 -60.83 -13.59
N GLU C 772 -15.48 -61.94 -13.59
CA GLU C 772 -14.68 -62.30 -12.43
C GLU C 772 -13.67 -61.23 -12.08
N LEU C 773 -13.31 -60.38 -13.04
CA LEU C 773 -12.41 -59.26 -12.76
C LEU C 773 -12.95 -58.36 -11.66
N GLY C 774 -14.26 -58.32 -11.46
CA GLY C 774 -14.84 -57.53 -10.40
C GLY C 774 -14.87 -58.18 -9.04
N GLU C 775 -14.47 -59.44 -8.93
CA GLU C 775 -14.53 -60.15 -7.65
C GLU C 775 -13.17 -60.18 -6.94
N CYS C 776 -12.16 -59.52 -7.50
CA CYS C 776 -10.84 -59.51 -6.90
C CYS C 776 -10.81 -58.51 -5.75
N PRO C 777 -10.56 -58.94 -4.51
CA PRO C 777 -10.59 -57.99 -3.39
C PRO C 777 -9.56 -56.88 -3.49
N LEU C 778 -8.39 -57.16 -4.03
CA LEU C 778 -7.29 -56.20 -4.04
C LEU C 778 -7.19 -55.42 -5.34
N LEU C 779 -8.14 -55.58 -6.24
CA LEU C 779 -8.16 -54.83 -7.49
C LEU C 779 -9.05 -53.60 -7.35
N LYS C 780 -8.53 -52.45 -7.75
CA LYS C 780 -9.24 -51.18 -7.64
C LYS C 780 -9.31 -50.50 -8.99
N ARG C 781 -10.13 -49.44 -9.06
CA ARG C 781 -10.35 -48.76 -10.33
C ARG C 781 -9.07 -48.17 -10.89
N SER C 782 -8.27 -47.53 -10.03
CA SER C 782 -6.95 -47.09 -10.46
C SER C 782 -6.05 -48.27 -10.76
N GLY C 783 -6.16 -49.34 -9.96
CA GLY C 783 -5.37 -50.52 -10.21
C GLY C 783 -5.66 -51.19 -11.53
N LEU C 784 -6.91 -51.09 -11.99
CA LEU C 784 -7.30 -51.62 -13.30
C LEU C 784 -7.18 -50.51 -14.33
N VAL C 785 -6.21 -50.64 -15.24
CA VAL C 785 -5.99 -49.65 -16.29
C VAL C 785 -6.69 -50.18 -17.54
N VAL C 786 -7.75 -49.47 -17.95
CA VAL C 786 -8.56 -49.90 -19.08
C VAL C 786 -9.28 -48.67 -19.63
N GLU C 787 -9.53 -48.66 -20.94
CA GLU C 787 -10.24 -47.56 -21.56
C GLU C 787 -11.63 -47.42 -20.97
N GLU C 788 -12.06 -46.16 -20.76
CA GLU C 788 -13.31 -45.91 -20.05
C GLU C 788 -14.51 -46.46 -20.82
N ASP C 789 -14.53 -46.28 -22.14
CA ASP C 789 -15.61 -46.88 -22.94
C ASP C 789 -15.57 -48.39 -22.87
N LEU C 790 -14.37 -48.97 -22.92
CA LEU C 790 -14.21 -50.40 -22.68
C LEU C 790 -14.48 -50.75 -21.22
N PHE C 791 -14.14 -49.84 -20.29
CA PHE C 791 -14.45 -50.06 -18.89
C PHE C 791 -15.95 -50.16 -18.64
N SER C 792 -16.75 -49.50 -19.49
CA SER C 792 -18.20 -49.57 -19.38
C SER C 792 -18.76 -50.91 -19.81
N THR C 793 -17.94 -51.79 -20.40
CA THR C 793 -18.41 -53.13 -20.73
C THR C 793 -18.72 -53.96 -19.51
N LEU C 794 -18.06 -53.69 -18.38
CA LEU C 794 -18.33 -54.45 -17.17
C LEU C 794 -19.74 -54.16 -16.67
N PRO C 795 -20.36 -55.12 -15.98
CA PRO C 795 -21.67 -54.87 -15.40
C PRO C 795 -21.60 -53.77 -14.36
N PRO C 796 -22.71 -53.07 -14.09
CA PRO C 796 -22.66 -51.93 -13.17
C PRO C 796 -22.17 -52.28 -11.77
N GLU C 797 -22.49 -53.47 -11.27
CA GLU C 797 -22.00 -53.86 -9.95
C GLU C 797 -20.47 -53.97 -9.93
N VAL C 798 -19.89 -54.51 -11.01
CA VAL C 798 -18.43 -54.61 -11.08
C VAL C 798 -17.80 -53.23 -11.00
N LYS C 799 -18.29 -52.29 -11.81
CA LYS C 799 -17.73 -50.95 -11.83
C LYS C 799 -17.93 -50.25 -10.49
N GLU C 800 -19.11 -50.39 -9.89
CA GLU C 800 -19.38 -49.77 -8.60
C GLU C 800 -18.45 -50.33 -7.53
N ARG C 801 -18.26 -51.65 -7.50
CA ARG C 801 -17.39 -52.25 -6.51
C ARG C 801 -15.95 -51.79 -6.69
N LEU C 802 -15.47 -51.72 -7.94
CA LEU C 802 -14.11 -51.25 -8.17
C LEU C 802 -13.94 -49.80 -7.75
N TRP C 803 -14.93 -48.95 -8.07
CA TRP C 803 -14.87 -47.55 -7.66
C TRP C 803 -14.87 -47.41 -6.14
N ARG C 804 -15.72 -48.20 -5.46
CA ARG C 804 -15.78 -48.13 -4.00
C ARG C 804 -14.47 -48.60 -3.38
N ALA C 805 -13.89 -49.68 -3.90
CA ALA C 805 -12.61 -50.16 -3.37
C ALA C 805 -11.52 -49.14 -3.60
N ASP C 806 -11.50 -48.49 -4.76
CA ASP C 806 -10.47 -47.50 -5.05
C ASP C 806 -10.66 -46.25 -4.19
N LYS C 807 -11.91 -45.91 -3.87
CA LYS C 807 -12.19 -44.62 -3.23
C LYS C 807 -11.51 -44.51 -1.87
N GLU C 808 -11.56 -45.56 -1.07
CA GLU C 808 -10.93 -45.55 0.26
C GLU C 808 -10.18 -46.84 0.52
N PRO D 15 25.77 25.79 -13.68
CA PRO D 15 25.38 24.73 -12.75
C PRO D 15 25.42 23.35 -13.42
N ALA D 16 25.15 23.33 -14.72
CA ALA D 16 25.18 22.09 -15.48
C ALA D 16 26.17 22.11 -16.63
N TYR D 17 26.33 23.24 -17.31
CA TYR D 17 27.26 23.34 -18.42
C TYR D 17 28.70 23.51 -17.96
N ARG D 18 28.93 23.67 -16.65
CA ARG D 18 30.28 23.80 -16.15
C ARG D 18 31.14 22.58 -16.46
N ILE D 19 30.51 21.42 -16.68
CA ILE D 19 31.24 20.25 -17.12
C ILE D 19 31.82 20.48 -18.52
N LEU D 20 31.16 21.31 -19.31
CA LEU D 20 31.60 21.59 -20.67
C LEU D 20 32.64 22.68 -20.77
N LYS D 21 33.09 23.24 -19.64
CA LYS D 21 34.04 24.33 -19.68
C LYS D 21 35.40 23.82 -19.27
N PRO D 22 36.34 23.65 -20.21
CA PRO D 22 37.70 23.24 -19.84
C PRO D 22 38.40 24.31 -19.02
N TRP D 23 39.63 24.04 -18.59
CA TRP D 23 40.32 25.00 -17.74
C TRP D 23 40.57 26.32 -18.46
N TRP D 24 40.89 26.26 -19.76
CA TRP D 24 41.11 27.50 -20.49
C TRP D 24 39.85 28.36 -20.52
N ASP D 25 38.68 27.74 -20.68
CA ASP D 25 37.45 28.51 -20.77
C ASP D 25 37.12 29.21 -19.44
N VAL D 26 37.23 28.49 -18.33
CA VAL D 26 36.94 29.12 -17.05
C VAL D 26 37.99 30.16 -16.70
N PHE D 27 39.25 29.92 -17.04
CA PHE D 27 40.27 30.93 -16.82
C PHE D 27 39.99 32.19 -17.61
N THR D 28 39.58 32.04 -18.87
CA THR D 28 39.24 33.23 -19.65
C THR D 28 38.02 33.93 -19.09
N ASP D 29 37.08 33.17 -18.53
CA ASP D 29 35.94 33.81 -17.88
C ASP D 29 36.39 34.66 -16.70
N TYR D 30 37.27 34.13 -15.87
CA TYR D 30 37.75 34.89 -14.72
C TYR D 30 38.58 36.09 -15.16
N ILE D 31 39.41 35.92 -16.19
CA ILE D 31 40.17 37.05 -16.72
C ILE D 31 39.23 38.12 -17.23
N SER D 32 38.13 37.73 -17.87
CA SER D 32 37.18 38.71 -18.35
C SER D 32 36.49 39.41 -17.19
N ILE D 33 36.19 38.69 -16.11
CA ILE D 33 35.63 39.35 -14.94
C ILE D 33 36.60 40.38 -14.39
N VAL D 34 37.88 40.03 -14.31
CA VAL D 34 38.88 40.97 -13.82
C VAL D 34 38.98 42.18 -14.74
N MET D 35 38.95 41.94 -16.05
CA MET D 35 38.98 43.06 -17.00
C MET D 35 37.77 43.96 -16.82
N LEU D 36 36.61 43.37 -16.56
CA LEU D 36 35.41 44.16 -16.32
C LEU D 36 35.57 45.01 -15.06
N MET D 37 36.14 44.43 -14.01
CA MET D 37 36.38 45.21 -12.80
C MET D 37 37.35 46.34 -13.07
N ILE D 38 38.39 46.08 -13.85
CA ILE D 38 39.32 47.14 -14.23
C ILE D 38 38.60 48.23 -14.99
N ALA D 39 37.73 47.84 -15.92
CA ALA D 39 37.03 48.82 -16.75
C ALA D 39 36.11 49.67 -15.90
N VAL D 40 35.35 49.06 -14.99
CA VAL D 40 34.42 49.85 -14.19
C VAL D 40 35.18 50.74 -13.23
N PHE D 41 36.29 50.26 -12.67
CA PHE D 41 37.09 51.09 -11.77
C PHE D 41 37.67 52.28 -12.53
N GLY D 42 38.23 52.05 -13.71
CA GLY D 42 38.77 53.14 -14.50
C GLY D 42 37.68 54.12 -14.93
N GLY D 43 36.51 53.60 -15.29
CA GLY D 43 35.42 54.47 -15.67
C GLY D 43 34.96 55.36 -14.54
N THR D 44 34.76 54.78 -13.36
CA THR D 44 34.31 55.61 -12.24
C THR D 44 35.40 56.57 -11.80
N LEU D 45 36.66 56.17 -11.92
CA LEU D 45 37.76 57.06 -11.59
C LEU D 45 37.80 58.26 -12.52
N GLN D 46 37.69 58.01 -13.83
CA GLN D 46 37.74 59.09 -14.79
C GLN D 46 36.52 59.98 -14.70
N VAL D 47 35.34 59.39 -14.47
CA VAL D 47 34.12 60.17 -14.36
C VAL D 47 34.17 61.04 -13.12
N THR D 48 34.56 60.46 -11.98
CA THR D 48 34.51 61.22 -10.73
C THR D 48 35.49 62.38 -10.75
N GLN D 49 36.75 62.11 -11.12
CA GLN D 49 37.69 63.22 -11.30
C GLN D 49 38.78 62.78 -12.28
N ASP D 50 38.89 63.50 -13.38
CA ASP D 50 39.96 63.27 -14.36
C ASP D 50 40.45 64.61 -14.89
N LYS D 51 40.65 65.57 -13.99
CA LYS D 51 40.98 66.92 -14.39
C LYS D 51 42.41 67.02 -14.90
N MET D 52 42.66 68.07 -15.66
CA MET D 52 44.01 68.53 -15.92
C MET D 52 44.31 69.74 -15.06
N ILE D 53 45.59 70.03 -14.90
CA ILE D 53 46.01 71.22 -14.19
C ILE D 53 47.04 71.94 -15.04
N CYS D 54 46.65 73.06 -15.62
CA CYS D 54 47.44 73.72 -16.66
C CYS D 54 47.94 75.06 -16.17
N LEU D 55 49.23 75.32 -16.38
CA LEU D 55 49.82 76.62 -16.15
C LEU D 55 50.46 77.13 -17.44
N PRO D 56 50.33 78.41 -17.73
CA PRO D 56 50.93 78.95 -18.95
C PRO D 56 52.44 79.07 -18.86
N CYS D 57 53.07 79.03 -20.03
CA CYS D 57 54.51 79.21 -20.15
C CYS D 57 54.80 80.68 -20.40
N LYS D 58 55.50 81.33 -19.47
CA LYS D 58 55.80 82.74 -19.64
C LYS D 58 56.74 82.96 -20.82
N TRP D 59 57.86 82.25 -20.84
CA TRP D 59 58.81 82.30 -21.95
C TRP D 59 58.73 80.97 -22.67
N VAL D 60 58.07 80.96 -23.83
CA VAL D 60 57.83 79.75 -24.59
C VAL D 60 58.37 79.92 -26.00
N THR D 61 59.11 78.92 -26.46
CA THR D 61 59.50 78.83 -27.86
C THR D 61 59.36 77.38 -28.31
N LYS D 62 59.01 77.19 -29.57
CA LYS D 62 58.72 75.86 -30.11
C LYS D 62 57.64 75.15 -29.29
N ASP D 63 56.66 75.93 -28.83
CA ASP D 63 55.47 75.42 -28.12
C ASP D 63 55.86 74.64 -26.87
N SER D 64 56.86 75.13 -26.14
CA SER D 64 57.26 74.54 -24.86
C SER D 64 58.18 75.51 -24.15
N CYS D 65 57.87 75.83 -22.90
CA CYS D 65 58.76 76.70 -22.15
C CYS D 65 60.03 75.97 -21.75
N ASN D 66 61.13 76.71 -21.67
CA ASN D 66 62.46 76.13 -21.53
C ASN D 66 62.88 75.89 -20.08
N ASP D 67 62.00 76.14 -19.12
CA ASP D 67 62.29 75.93 -17.70
C ASP D 67 63.49 76.78 -17.28
N SER D 68 63.33 78.09 -17.39
CA SER D 68 64.40 79.02 -17.01
C SER D 68 63.85 80.24 -16.30
N THR D 92 66.10 89.35 -2.91
CA THR D 92 66.93 88.33 -2.32
C THR D 92 66.40 86.94 -2.65
N GLY D 93 65.43 86.47 -1.86
CA GLY D 93 64.87 85.16 -2.05
C GLY D 93 63.96 85.08 -3.25
N PRO D 94 63.70 83.87 -3.73
CA PRO D 94 62.82 83.72 -4.89
C PRO D 94 61.39 84.11 -4.56
N THR D 95 60.68 84.59 -5.56
CA THR D 95 59.29 84.99 -5.43
C THR D 95 58.44 84.27 -6.46
N GLY D 96 57.15 84.18 -6.17
CA GLY D 96 56.24 83.51 -7.07
C GLY D 96 56.09 84.27 -8.38
N ILE D 97 55.59 83.55 -9.38
CA ILE D 97 55.38 84.10 -10.70
C ILE D 97 53.93 84.54 -10.82
N LYS D 98 53.72 85.78 -11.22
CA LYS D 98 52.37 86.32 -11.38
C LYS D 98 51.88 86.03 -12.78
N TYR D 99 50.75 85.31 -12.88
CA TYR D 99 50.10 85.14 -14.16
C TYR D 99 48.85 85.99 -14.31
N ASP D 100 48.32 86.54 -13.21
CA ASP D 100 47.17 87.42 -13.25
C ASP D 100 45.96 86.75 -13.92
N LEU D 101 45.65 85.54 -13.47
CA LEU D 101 44.55 84.78 -14.04
C LEU D 101 43.51 84.52 -12.96
N ASP D 102 42.24 84.79 -13.29
CA ASP D 102 41.17 84.42 -12.38
C ASP D 102 41.04 82.91 -12.32
N ARG D 103 40.46 82.43 -11.22
CA ARG D 103 40.27 81.00 -11.05
C ARG D 103 39.48 80.42 -12.20
N HIS D 104 38.49 81.14 -12.69
CA HIS D 104 37.70 80.63 -13.80
C HIS D 104 38.50 80.56 -15.08
N GLN D 105 39.48 81.45 -15.25
CA GLN D 105 40.36 81.35 -16.41
C GLN D 105 41.16 80.06 -16.34
N TYR D 106 41.65 79.72 -15.15
CA TYR D 106 42.35 78.45 -14.99
C TYR D 106 41.43 77.28 -15.29
N ASN D 107 40.18 77.33 -14.82
CA ASN D 107 39.26 76.24 -15.10
C ASN D 107 38.98 76.12 -16.60
N TYR D 108 38.82 77.25 -17.27
CA TYR D 108 38.57 77.21 -18.70
C TYR D 108 39.76 76.63 -19.44
N VAL D 109 40.97 77.04 -19.06
CA VAL D 109 42.15 76.48 -19.72
C VAL D 109 42.26 74.99 -19.46
N ASP D 110 41.97 74.57 -18.23
CA ASP D 110 42.01 73.15 -17.92
C ASP D 110 41.02 72.37 -18.78
N ALA D 111 39.79 72.87 -18.88
CA ALA D 111 38.79 72.17 -19.67
C ALA D 111 39.20 72.10 -21.14
N VAL D 112 39.68 73.22 -21.69
CA VAL D 112 40.03 73.24 -23.11
C VAL D 112 41.19 72.30 -23.38
N CYS D 113 42.24 72.37 -22.57
CA CYS D 113 43.38 71.48 -22.79
C CYS D 113 42.98 70.02 -22.59
N TYR D 114 42.16 69.74 -21.58
CA TYR D 114 41.75 68.36 -21.33
C TYR D 114 40.94 67.82 -22.49
N GLU D 115 40.07 68.64 -23.07
CA GLU D 115 39.24 68.14 -24.15
C GLU D 115 40.01 68.04 -25.45
N ASN D 116 40.97 68.94 -25.67
CA ASN D 116 41.71 68.99 -26.93
C ASN D 116 43.03 68.23 -26.87
N ARG D 117 43.92 68.62 -25.97
CA ARG D 117 45.29 68.14 -26.02
C ARG D 117 45.54 66.87 -25.21
N LEU D 118 44.51 66.31 -24.58
CA LEU D 118 44.66 65.01 -23.93
C LEU D 118 44.49 63.92 -24.96
N HIS D 119 45.38 62.93 -24.92
CA HIS D 119 45.31 61.85 -25.88
C HIS D 119 44.02 61.06 -25.70
N TRP D 120 43.37 60.74 -26.82
CA TRP D 120 42.09 60.05 -26.76
C TRP D 120 42.18 58.73 -26.02
N PHE D 121 43.36 58.11 -26.03
CA PHE D 121 43.55 56.88 -25.28
C PHE D 121 43.33 57.10 -23.80
N ALA D 122 43.90 58.17 -23.25
CA ALA D 122 43.67 58.45 -21.84
C ALA D 122 42.21 58.74 -21.56
N LYS D 123 41.54 59.43 -22.49
CA LYS D 123 40.15 59.80 -22.27
C LYS D 123 39.24 58.58 -22.30
N TYR D 124 39.54 57.60 -23.15
CA TYR D 124 38.58 56.54 -23.44
C TYR D 124 39.13 55.15 -23.15
N PHE D 125 40.20 55.04 -22.38
CA PHE D 125 40.71 53.73 -21.99
C PHE D 125 39.67 52.88 -21.27
N PRO D 126 39.00 53.36 -20.21
CA PRO D 126 38.04 52.47 -19.54
C PRO D 126 36.92 51.98 -20.43
N TYR D 127 36.40 52.85 -21.30
CA TYR D 127 35.34 52.40 -22.19
C TYR D 127 35.87 51.41 -23.22
N LEU D 128 37.11 51.62 -23.69
CA LEU D 128 37.71 50.67 -24.62
C LEU D 128 37.86 49.29 -23.99
N VAL D 129 38.38 49.23 -22.77
CA VAL D 129 38.57 47.92 -22.15
C VAL D 129 37.22 47.30 -21.83
N LEU D 130 36.23 48.11 -21.44
CA LEU D 130 34.90 47.57 -21.22
C LEU D 130 34.35 46.93 -22.50
N LEU D 131 34.48 47.63 -23.62
CA LEU D 131 34.00 47.09 -24.89
C LEU D 131 34.76 45.82 -25.26
N HIS D 132 36.08 45.83 -25.10
CA HIS D 132 36.87 44.64 -25.45
C HIS D 132 36.48 43.45 -24.61
N THR D 133 36.31 43.63 -23.31
CA THR D 133 35.95 42.50 -22.47
C THR D 133 34.51 42.06 -22.73
N LEU D 134 33.63 42.98 -23.12
CA LEU D 134 32.29 42.58 -23.53
C LEU D 134 32.35 41.71 -24.77
N ILE D 135 33.18 42.08 -25.74
CA ILE D 135 33.33 41.27 -26.94
C ILE D 135 33.91 39.91 -26.57
N PHE D 136 34.86 39.87 -25.65
CA PHE D 136 35.43 38.58 -25.27
C PHE D 136 34.39 37.69 -24.60
N LEU D 137 33.54 38.27 -23.74
CA LEU D 137 32.46 37.49 -23.13
C LEU D 137 31.50 36.98 -24.20
N ALA D 138 31.16 37.84 -25.17
CA ALA D 138 30.26 37.41 -26.24
C ALA D 138 30.88 36.29 -27.05
N CYS D 139 32.18 36.37 -27.33
CA CYS D 139 32.84 35.30 -28.07
C CYS D 139 32.84 34.00 -27.27
N SER D 140 33.05 34.09 -25.96
CA SER D 140 33.02 32.89 -25.13
C SER D 140 31.64 32.25 -25.15
N ASN D 141 30.58 33.05 -25.05
CA ASN D 141 29.23 32.52 -24.93
C ASN D 141 28.46 32.45 -26.25
N PHE D 142 29.13 32.70 -27.38
CA PHE D 142 28.43 32.71 -28.66
C PHE D 142 27.81 31.36 -28.98
N TRP D 143 28.58 30.28 -28.85
CA TRP D 143 28.03 28.96 -29.09
C TRP D 143 27.01 28.54 -28.04
N PHE D 144 27.08 29.10 -26.84
CA PHE D 144 26.07 28.80 -25.83
C PHE D 144 24.76 29.49 -26.12
N LYS D 145 24.81 30.69 -26.69
CA LYS D 145 23.61 31.44 -27.01
C LYS D 145 23.16 31.24 -28.45
N PHE D 146 23.92 30.50 -29.24
CA PHE D 146 23.50 30.14 -30.60
C PHE D 146 22.61 28.92 -30.49
N PRO D 147 21.29 29.05 -30.68
CA PRO D 147 20.39 27.92 -30.39
C PRO D 147 20.72 26.67 -31.18
N ARG D 148 21.23 26.82 -32.41
CA ARG D 148 21.50 25.66 -33.26
C ARG D 148 22.47 24.70 -32.58
N THR D 149 23.53 25.23 -31.97
CA THR D 149 24.44 24.38 -31.21
C THR D 149 24.08 24.32 -29.74
N SER D 150 23.30 25.28 -29.25
CA SER D 150 22.87 25.23 -27.85
C SER D 150 22.02 24.00 -27.57
N SER D 151 21.10 23.68 -28.48
CA SER D 151 20.28 22.49 -28.32
C SER D 151 21.14 21.24 -28.28
N LYS D 152 22.12 21.16 -29.19
CA LYS D 152 23.02 20.01 -29.22
C LYS D 152 23.79 19.90 -27.91
N LEU D 153 24.30 21.02 -27.40
CA LEU D 153 25.05 21.00 -26.15
C LEU D 153 24.19 20.56 -24.98
N GLU D 154 22.95 21.07 -24.91
CA GLU D 154 22.07 20.68 -23.82
C GLU D 154 21.74 19.20 -23.88
N HIS D 155 21.44 18.70 -25.09
CA HIS D 155 21.17 17.27 -25.24
C HIS D 155 22.39 16.45 -24.83
N PHE D 156 23.57 16.87 -25.26
CA PHE D 156 24.80 16.15 -24.93
C PHE D 156 25.02 16.10 -23.44
N VAL D 157 24.85 17.23 -22.75
CA VAL D 157 25.10 17.27 -21.32
C VAL D 157 24.08 16.44 -20.56
N SER D 158 22.80 16.56 -20.92
CA SER D 158 21.77 15.79 -20.24
C SER D 158 22.00 14.29 -20.42
N ILE D 159 22.28 13.87 -21.65
CA ILE D 159 22.50 12.45 -21.92
C ILE D 159 23.75 11.95 -21.21
N LEU D 160 24.80 12.77 -21.18
CA LEU D 160 26.02 12.36 -20.49
C LEU D 160 25.79 12.21 -19.00
N LEU D 161 25.01 13.11 -18.40
CA LEU D 161 24.67 12.96 -16.99
C LEU D 161 23.85 11.68 -16.77
N LYS D 162 22.90 11.40 -17.65
CA LYS D 162 22.13 10.17 -17.54
C LYS D 162 23.04 8.96 -17.57
N CYS D 163 23.94 8.90 -18.55
CA CYS D 163 24.85 7.76 -18.66
C CYS D 163 25.80 7.68 -17.48
N PHE D 164 26.12 8.82 -16.86
CA PHE D 164 27.02 8.81 -15.72
C PHE D 164 26.31 8.28 -14.48
N ASP D 165 25.05 8.68 -14.27
CA ASP D 165 24.32 8.30 -13.07
C ASP D 165 23.47 7.05 -13.26
N SER D 166 23.53 6.43 -14.43
CA SER D 166 22.76 5.21 -14.64
C SER D 166 23.29 4.08 -13.77
N PRO D 167 22.42 3.22 -13.27
CA PRO D 167 22.91 2.03 -12.55
C PRO D 167 23.33 0.90 -13.46
N TRP D 168 22.90 0.92 -14.72
CA TRP D 168 23.24 -0.16 -15.65
C TRP D 168 24.71 -0.09 -16.05
N THR D 169 25.24 1.11 -16.27
CA THR D 169 26.64 1.23 -16.65
C THR D 169 27.56 0.76 -15.54
N THR D 170 27.18 0.99 -14.29
CA THR D 170 27.99 0.52 -13.17
C THR D 170 28.18 -1.00 -13.24
N ARG D 171 27.07 -1.74 -13.36
CA ARG D 171 27.18 -3.19 -13.42
C ARG D 171 27.84 -3.65 -14.71
N ALA D 172 27.63 -2.92 -15.82
CA ALA D 172 28.29 -3.29 -17.06
C ALA D 172 29.81 -3.18 -16.95
N LEU D 173 30.29 -2.11 -16.32
CA LEU D 173 31.73 -1.99 -16.10
C LEU D 173 32.22 -3.02 -15.08
N SER D 174 31.38 -3.34 -14.08
CA SER D 174 31.77 -4.32 -13.08
C SER D 174 32.00 -5.69 -13.71
N GLU D 175 31.09 -6.11 -14.58
CA GLU D 175 31.25 -7.42 -15.24
C GLU D 175 32.49 -7.44 -16.12
N THR D 176 32.68 -6.40 -16.93
CA THR D 176 33.81 -6.30 -17.84
C THR D 176 33.98 -7.54 -18.71
N GLY D 230 22.19 -11.32 -13.24
CA GLY D 230 21.66 -10.24 -12.42
C GLY D 230 20.18 -10.04 -12.59
N VAL D 231 19.56 -9.32 -11.67
CA VAL D 231 18.12 -9.05 -11.70
C VAL D 231 17.90 -7.58 -11.38
N LEU D 232 16.99 -6.95 -12.11
CA LEU D 232 16.71 -5.54 -11.92
C LEU D 232 15.22 -5.28 -12.09
N ASP D 233 14.79 -4.12 -11.62
CA ASP D 233 13.39 -3.73 -11.66
C ASP D 233 12.95 -3.40 -13.08
N LYS D 234 11.65 -3.57 -13.33
CA LYS D 234 11.09 -3.26 -14.64
C LYS D 234 11.35 -1.80 -15.02
N LYS D 235 11.03 -0.88 -14.11
CA LYS D 235 11.11 0.55 -14.43
C LYS D 235 12.54 0.94 -14.78
N GLU D 236 13.52 0.49 -13.98
CA GLU D 236 14.89 0.84 -14.27
C GLU D 236 15.37 0.22 -15.58
N GLY D 237 14.94 -1.00 -15.90
CA GLY D 237 15.33 -1.60 -17.15
C GLY D 237 14.78 -0.85 -18.36
N GLU D 238 13.50 -0.50 -18.32
CA GLU D 238 12.92 0.22 -19.45
C GLU D 238 13.48 1.63 -19.55
N GLN D 239 13.77 2.26 -18.42
CA GLN D 239 14.44 3.56 -18.46
C GLN D 239 15.82 3.44 -19.10
N ALA D 240 16.56 2.38 -18.77
CA ALA D 240 17.87 2.18 -19.37
C ALA D 240 17.75 1.95 -20.87
N LYS D 241 16.73 1.20 -21.30
CA LYS D 241 16.51 0.99 -22.73
C LYS D 241 16.18 2.30 -23.43
N ALA D 242 15.35 3.12 -22.81
CA ALA D 242 15.05 4.44 -23.36
C ALA D 242 16.33 5.27 -23.48
N LEU D 243 17.19 5.18 -22.47
CA LEU D 243 18.46 5.88 -22.52
C LEU D 243 19.33 5.40 -23.67
N PHE D 244 19.37 4.08 -23.89
CA PHE D 244 20.15 3.54 -25.00
C PHE D 244 19.64 4.06 -26.34
N GLU D 245 18.32 4.01 -26.55
CA GLU D 245 17.80 4.47 -27.84
C GLU D 245 17.97 5.98 -28.01
N LYS D 246 17.86 6.75 -26.91
CA LYS D 246 18.16 8.17 -26.99
C LYS D 246 19.61 8.40 -27.36
N VAL D 247 20.52 7.57 -26.83
CA VAL D 247 21.94 7.68 -27.19
C VAL D 247 22.11 7.43 -28.68
N LYS D 248 21.46 6.40 -29.22
CA LYS D 248 21.60 6.12 -30.64
C LYS D 248 21.05 7.26 -31.48
N LYS D 249 19.88 7.79 -31.10
CA LYS D 249 19.30 8.92 -31.83
C LYS D 249 20.22 10.13 -31.78
N PHE D 250 20.77 10.42 -30.60
CA PHE D 250 21.67 11.55 -30.45
C PHE D 250 22.91 11.38 -31.30
N ARG D 251 23.47 10.17 -31.34
CA ARG D 251 24.64 9.93 -32.17
C ARG D 251 24.30 10.16 -33.64
N THR D 252 23.13 9.67 -34.06
CA THR D 252 22.71 9.90 -35.44
C THR D 252 22.60 11.39 -35.74
N HIS D 253 22.03 12.14 -34.81
CA HIS D 253 21.82 13.58 -35.01
C HIS D 253 23.15 14.32 -35.09
N VAL D 254 24.03 14.10 -34.13
CA VAL D 254 25.25 14.89 -34.02
C VAL D 254 26.34 14.41 -34.98
N GLU D 255 26.22 13.20 -35.51
CA GLU D 255 27.25 12.69 -36.40
C GLU D 255 27.38 13.55 -37.65
N GLU D 256 26.26 13.99 -38.22
CA GLU D 256 26.24 14.69 -39.49
C GLU D 256 26.27 16.21 -39.34
N GLY D 257 26.34 16.73 -38.12
CA GLY D 257 26.26 18.17 -37.93
C GLY D 257 27.49 18.94 -38.35
N ASP D 258 28.61 18.70 -37.66
CA ASP D 258 29.89 19.39 -37.89
C ASP D 258 29.71 20.90 -37.87
N ILE D 259 28.91 21.38 -36.93
CA ILE D 259 28.79 22.81 -36.69
C ILE D 259 29.53 23.23 -35.42
N VAL D 260 29.54 22.40 -34.38
CA VAL D 260 30.19 22.79 -33.13
C VAL D 260 31.68 22.96 -33.32
N TYR D 261 32.32 22.05 -34.05
CA TYR D 261 33.77 22.12 -34.19
C TYR D 261 34.19 23.39 -34.93
N ARG D 262 33.55 23.67 -36.06
CA ARG D 262 33.94 24.85 -36.83
C ARG D 262 33.55 26.13 -36.10
N LEU D 263 32.44 26.12 -35.38
CA LEU D 263 32.07 27.28 -34.57
C LEU D 263 33.11 27.53 -33.48
N TYR D 264 33.58 26.47 -32.82
CA TYR D 264 34.61 26.63 -31.81
C TYR D 264 35.90 27.14 -32.43
N MET D 265 36.25 26.64 -33.61
CA MET D 265 37.42 27.16 -34.31
C MET D 265 37.26 28.65 -34.62
N ARG D 266 36.06 29.05 -35.06
CA ARG D 266 35.81 30.45 -35.35
C ARG D 266 35.94 31.31 -34.10
N GLN D 267 35.38 30.85 -32.98
CA GLN D 267 35.49 31.62 -31.74
C GLN D 267 36.94 31.75 -31.29
N THR D 268 37.70 30.65 -31.36
CA THR D 268 39.09 30.71 -30.97
C THR D 268 39.88 31.66 -31.88
N ILE D 269 39.61 31.61 -33.19
CA ILE D 269 40.32 32.50 -34.11
C ILE D 269 39.94 33.94 -33.86
N ILE D 270 38.67 34.21 -33.60
CA ILE D 270 38.23 35.57 -33.31
C ILE D 270 38.93 36.09 -32.06
N LYS D 271 38.97 35.27 -31.01
CA LYS D 271 39.65 35.69 -29.78
C LYS D 271 41.13 35.93 -30.04
N VAL D 272 41.77 35.09 -30.84
CA VAL D 272 43.19 35.24 -31.10
C VAL D 272 43.46 36.54 -31.86
N ILE D 273 42.67 36.81 -32.90
CA ILE D 273 42.92 38.03 -33.69
C ILE D 273 42.59 39.27 -32.87
N LYS D 274 41.53 39.22 -32.06
CA LYS D 274 41.23 40.34 -31.19
C LYS D 274 42.38 40.59 -30.22
N PHE D 275 42.91 39.53 -29.63
CA PHE D 275 44.06 39.67 -28.74
C PHE D 275 45.24 40.28 -29.47
N ALA D 276 45.49 39.84 -30.70
CA ALA D 276 46.63 40.35 -31.45
C ALA D 276 46.50 41.84 -31.72
N LEU D 277 45.35 42.26 -32.26
CA LEU D 277 45.17 43.68 -32.56
C LEU D 277 45.19 44.52 -31.30
N ILE D 278 44.55 44.03 -30.23
CA ILE D 278 44.53 44.77 -28.97
C ILE D 278 45.95 44.93 -28.45
N ILE D 279 46.73 43.86 -28.46
CA ILE D 279 48.10 43.95 -27.97
C ILE D 279 48.87 44.97 -28.78
N CYS D 280 48.81 44.88 -30.10
CA CYS D 280 49.59 45.78 -30.93
C CYS D 280 49.23 47.23 -30.65
N TYR D 281 47.94 47.58 -30.77
CA TYR D 281 47.56 48.98 -30.69
C TYR D 281 47.67 49.51 -29.26
N THR D 282 47.29 48.71 -28.28
CA THR D 282 47.38 49.15 -26.89
C THR D 282 48.83 49.37 -26.49
N VAL D 283 49.74 48.46 -26.86
CA VAL D 283 51.14 48.67 -26.53
C VAL D 283 51.67 49.89 -27.26
N TYR D 284 51.20 50.12 -28.49
CA TYR D 284 51.70 51.28 -29.21
C TYR D 284 51.20 52.60 -28.62
N TYR D 285 50.01 52.62 -28.04
CA TYR D 285 49.42 53.86 -27.58
C TYR D 285 49.51 54.09 -26.08
N VAL D 286 49.93 53.08 -25.31
CA VAL D 286 50.05 53.28 -23.86
C VAL D 286 51.08 54.35 -23.56
N HIS D 287 52.20 54.36 -24.28
CA HIS D 287 53.22 55.36 -24.03
C HIS D 287 52.75 56.78 -24.33
N ASN D 288 51.52 56.95 -24.82
CA ASN D 288 51.03 58.27 -25.14
C ASN D 288 50.22 58.90 -24.01
N ILE D 289 50.19 58.29 -22.83
CA ILE D 289 49.62 58.92 -21.64
C ILE D 289 50.75 59.17 -20.66
N LYS D 290 50.84 60.41 -20.18
CA LYS D 290 51.94 60.78 -19.31
C LYS D 290 51.51 61.94 -18.43
N PHE D 291 52.16 62.04 -17.27
CA PHE D 291 51.77 63.06 -16.30
C PHE D 291 51.97 64.45 -16.87
N ASP D 292 53.17 64.74 -17.37
CA ASP D 292 53.44 66.00 -18.04
C ASP D 292 52.82 65.95 -19.42
N VAL D 293 52.19 67.05 -19.83
CA VAL D 293 51.67 67.15 -21.19
C VAL D 293 51.74 68.62 -21.59
N ASP D 294 51.92 68.88 -22.87
CA ASP D 294 51.91 70.24 -23.35
C ASP D 294 50.58 70.53 -24.04
N CYS D 295 50.18 71.80 -24.01
CA CYS D 295 48.92 72.23 -24.57
C CYS D 295 49.16 73.52 -25.35
N THR D 296 48.55 73.62 -26.53
CA THR D 296 48.64 74.83 -27.34
C THR D 296 47.34 74.90 -28.13
N VAL D 297 46.40 75.70 -27.65
CA VAL D 297 45.02 75.67 -28.12
C VAL D 297 44.60 76.94 -28.82
N ASP D 298 45.52 77.88 -29.05
CA ASP D 298 45.20 79.14 -29.72
C ASP D 298 44.06 79.86 -29.01
N ILE D 299 44.22 80.03 -27.71
CA ILE D 299 43.27 80.74 -26.88
C ILE D 299 44.03 81.92 -26.27
N GLU D 300 43.97 83.06 -26.94
CA GLU D 300 44.57 84.28 -26.43
C GLU D 300 43.53 85.30 -25.99
N SER D 301 42.43 85.41 -26.73
CA SER D 301 41.42 86.40 -26.41
C SER D 301 40.73 86.14 -25.09
N LEU D 302 40.90 84.95 -24.52
CA LEU D 302 40.28 84.63 -23.25
C LEU D 302 41.26 84.59 -22.09
N THR D 303 42.52 84.28 -22.34
CA THR D 303 43.53 84.30 -21.30
C THR D 303 44.72 85.19 -21.62
N GLY D 304 45.19 85.18 -22.86
CA GLY D 304 46.36 85.94 -23.22
C GLY D 304 47.65 85.14 -23.25
N TYR D 305 47.58 83.84 -23.05
CA TYR D 305 48.75 82.97 -23.12
C TYR D 305 48.58 81.96 -24.26
N ARG D 306 49.69 81.58 -24.87
CA ARG D 306 49.67 80.67 -26.00
C ARG D 306 49.69 79.21 -25.55
N THR D 307 50.72 78.82 -24.81
CA THR D 307 50.94 77.43 -24.46
C THR D 307 50.84 77.23 -22.96
N TYR D 308 50.55 75.99 -22.57
CA TYR D 308 50.35 75.64 -21.16
C TYR D 308 51.04 74.31 -20.91
N ARG D 309 51.78 74.22 -19.82
CA ARG D 309 52.25 72.94 -19.33
C ARG D 309 51.20 72.36 -18.40
N CYS D 310 50.49 71.34 -18.87
CA CYS D 310 49.43 70.74 -18.08
C CYS D 310 49.98 69.49 -17.40
N ALA D 311 49.42 69.18 -16.23
CA ALA D 311 49.74 67.96 -15.51
C ALA D 311 48.46 67.14 -15.35
N HIS D 312 48.54 65.89 -15.77
CA HIS D 312 47.41 64.96 -15.70
C HIS D 312 47.63 64.03 -14.51
N PRO D 313 47.07 64.34 -13.33
CA PRO D 313 47.43 63.58 -12.13
C PRO D 313 47.11 62.10 -12.22
N LEU D 314 46.05 61.73 -12.92
CA LEU D 314 45.66 60.33 -13.05
C LEU D 314 46.42 59.60 -14.14
N ALA D 315 47.36 60.27 -14.81
CA ALA D 315 48.05 59.64 -15.92
C ALA D 315 48.80 58.40 -15.47
N THR D 316 49.48 58.47 -14.33
CA THR D 316 50.28 57.32 -13.91
C THR D 316 49.40 56.17 -13.43
N LEU D 317 48.33 56.49 -12.71
CA LEU D 317 47.42 55.42 -12.30
C LEU D 317 46.76 54.77 -13.50
N PHE D 318 46.37 55.57 -14.49
CA PHE D 318 45.81 55.00 -15.71
C PHE D 318 46.84 54.17 -16.46
N LYS D 319 48.10 54.61 -16.45
CA LYS D 319 49.14 53.82 -17.09
C LYS D 319 49.32 52.49 -16.39
N ILE D 320 49.25 52.48 -15.07
CA ILE D 320 49.35 51.23 -14.33
C ILE D 320 48.17 50.33 -14.66
N LEU D 321 46.97 50.88 -14.71
CA LEU D 321 45.81 50.08 -15.08
C LEU D 321 45.96 49.55 -16.50
N ALA D 322 46.48 50.35 -17.41
CA ALA D 322 46.64 49.92 -18.78
C ALA D 322 47.66 48.80 -18.89
N SER D 323 48.77 48.89 -18.15
CA SER D 323 49.76 47.83 -18.16
C SER D 323 49.20 46.56 -17.53
N PHE D 324 48.44 46.69 -16.45
CA PHE D 324 47.80 45.54 -15.84
C PHE D 324 46.82 44.88 -16.81
N TYR D 325 46.02 45.68 -17.51
CA TYR D 325 45.10 45.16 -18.50
C TYR D 325 45.83 44.53 -19.67
N ILE D 326 46.96 45.10 -20.08
CA ILE D 326 47.73 44.52 -21.17
C ILE D 326 48.28 43.16 -20.78
N SER D 327 48.78 43.05 -19.55
CA SER D 327 49.23 41.74 -19.08
C SER D 327 48.09 40.75 -19.02
N LEU D 328 46.90 41.21 -18.60
CA LEU D 328 45.75 40.32 -18.60
C LEU D 328 45.39 39.87 -20.01
N VAL D 329 45.43 40.78 -20.97
CA VAL D 329 45.16 40.41 -22.36
C VAL D 329 46.22 39.45 -22.87
N ILE D 330 47.46 39.61 -22.43
CA ILE D 330 48.51 38.68 -22.82
C ILE D 330 48.20 37.29 -22.29
N PHE D 331 47.74 37.19 -21.04
CA PHE D 331 47.34 35.89 -20.52
C PHE D 331 46.17 35.32 -21.31
N TYR D 332 45.19 36.16 -21.63
CA TYR D 332 44.04 35.73 -22.42
C TYR D 332 44.50 35.18 -23.76
N GLY D 333 45.40 35.88 -24.44
CA GLY D 333 45.88 35.44 -25.73
C GLY D 333 46.70 34.19 -25.66
N LEU D 334 47.54 34.05 -24.64
CA LEU D 334 48.30 32.82 -24.47
C LEU D 334 47.37 31.63 -24.26
N ILE D 335 46.32 31.83 -23.45
CA ILE D 335 45.35 30.75 -23.24
C ILE D 335 44.64 30.41 -24.54
N CYS D 336 44.23 31.43 -25.30
CA CYS D 336 43.54 31.15 -26.55
C CYS D 336 44.46 30.46 -27.55
N MET D 337 45.73 30.83 -27.57
CA MET D 337 46.68 30.17 -28.47
C MET D 337 46.96 28.74 -28.05
N TYR D 338 47.01 28.48 -26.75
CA TYR D 338 47.13 27.09 -26.30
C TYR D 338 45.91 26.29 -26.71
N THR D 339 44.71 26.88 -26.60
CA THR D 339 43.51 26.20 -27.05
C THR D 339 43.58 25.92 -28.55
N LEU D 340 44.04 26.89 -29.34
CA LEU D 340 44.18 26.71 -30.77
C LEU D 340 45.15 25.56 -31.09
N TRP D 341 46.30 25.55 -30.44
CA TRP D 341 47.26 24.47 -30.66
C TRP D 341 46.67 23.12 -30.27
N TRP D 342 45.99 23.06 -29.13
CA TRP D 342 45.32 21.83 -28.72
C TRP D 342 44.32 21.39 -29.77
N MET D 343 43.71 22.34 -30.47
CA MET D 343 42.76 22.00 -31.52
C MET D 343 43.43 21.51 -32.79
N LEU D 344 44.74 21.68 -32.93
CA LEU D 344 45.44 21.37 -34.18
C LEU D 344 46.63 20.44 -33.98
N ARG D 345 46.53 19.50 -33.03
CA ARG D 345 47.60 18.55 -32.81
C ARG D 345 47.16 17.09 -32.84
N ARG D 346 45.86 16.79 -32.80
CA ARG D 346 45.39 15.42 -32.89
C ARG D 346 44.16 15.27 -33.77
N SER D 347 43.76 16.30 -34.52
CA SER D 347 42.63 16.22 -35.44
C SER D 347 41.36 15.79 -34.70
N LEU D 348 40.89 16.70 -33.85
CA LEU D 348 39.80 16.43 -32.91
C LEU D 348 38.52 15.97 -33.59
N LYS D 349 38.48 16.02 -34.92
CA LYS D 349 37.36 15.46 -35.66
C LYS D 349 37.21 13.95 -35.45
N LYS D 350 38.27 13.26 -35.06
CA LYS D 350 38.25 11.81 -34.93
C LYS D 350 38.62 11.42 -33.51
N TYR D 351 37.87 10.48 -32.95
CA TYR D 351 38.10 9.99 -31.60
C TYR D 351 38.69 8.58 -31.71
N SER D 352 39.85 8.38 -31.09
CA SER D 352 40.49 7.07 -31.14
C SER D 352 39.63 6.02 -30.44
N PHE D 353 39.23 6.29 -29.20
CA PHE D 353 38.38 5.43 -28.37
C PHE D 353 39.03 4.08 -28.08
N GLU D 354 40.28 3.86 -28.50
CA GLU D 354 40.88 2.54 -28.42
C GLU D 354 41.08 2.07 -26.98
N SER D 355 41.50 2.97 -26.10
CA SER D 355 41.91 2.56 -24.76
C SER D 355 40.82 1.81 -24.01
N ILE D 356 39.70 2.48 -23.73
CA ILE D 356 38.63 1.85 -22.96
C ILE D 356 37.94 0.74 -23.74
N ARG D 357 37.92 0.81 -25.07
CA ARG D 357 37.32 -0.24 -25.86
C ARG D 357 38.16 -1.51 -25.89
N GLU D 358 39.45 -1.42 -25.59
CA GLU D 358 40.28 -2.61 -25.53
C GLU D 358 40.52 -3.11 -24.12
N GLU D 359 40.61 -2.21 -23.14
CA GLU D 359 40.89 -2.64 -21.77
C GLU D 359 39.65 -3.13 -21.04
N SER D 360 38.46 -2.73 -21.47
CA SER D 360 37.22 -3.22 -20.89
C SER D 360 36.65 -4.41 -21.64
N SER D 361 37.38 -4.92 -22.64
CA SER D 361 37.01 -6.09 -23.45
C SER D 361 35.80 -5.84 -24.35
N TYR D 362 35.28 -4.63 -24.37
CA TYR D 362 34.20 -4.28 -25.30
C TYR D 362 34.80 -3.77 -26.60
N SER D 363 35.48 -4.68 -27.30
CA SER D 363 36.22 -4.29 -28.49
C SER D 363 35.30 -3.76 -29.59
N ASP D 364 34.01 -4.01 -29.48
CA ASP D 364 33.04 -3.55 -30.48
C ASP D 364 32.48 -2.18 -30.11
N ILE D 365 33.37 -1.24 -29.84
CA ILE D 365 33.01 0.15 -29.59
C ILE D 365 33.50 0.99 -30.76
N PRO D 366 32.61 1.66 -31.49
CA PRO D 366 33.04 2.38 -32.69
C PRO D 366 33.95 3.54 -32.35
N ASP D 367 34.90 3.81 -33.25
CA ASP D 367 35.63 5.06 -33.18
C ASP D 367 34.73 6.21 -33.64
N VAL D 368 34.54 7.17 -32.75
CA VAL D 368 33.55 8.22 -32.98
C VAL D 368 34.10 9.22 -33.99
N LYS D 369 33.21 9.91 -34.68
CA LYS D 369 33.54 10.71 -35.85
C LYS D 369 33.24 12.19 -35.60
N ASN D 370 33.28 12.97 -36.68
CA ASN D 370 33.19 14.43 -36.63
C ASN D 370 32.00 14.90 -35.79
N ASP D 371 32.22 16.03 -35.10
CA ASP D 371 31.19 16.76 -34.36
C ASP D 371 30.71 15.99 -33.14
N PHE D 372 31.15 14.76 -33.01
CA PHE D 372 30.91 13.94 -31.84
C PHE D 372 32.18 13.55 -31.13
N ALA D 373 33.26 13.32 -31.88
CA ALA D 373 34.58 13.22 -31.28
C ALA D 373 34.97 14.50 -30.57
N PHE D 374 34.50 15.64 -31.07
CA PHE D 374 34.92 16.93 -30.51
C PHE D 374 34.33 17.15 -29.12
N MET D 375 33.02 16.93 -28.97
CA MET D 375 32.40 17.11 -27.67
C MET D 375 32.95 16.11 -26.67
N LEU D 376 33.25 14.89 -27.13
CA LEU D 376 33.90 13.92 -26.27
C LEU D 376 35.30 14.38 -25.87
N HIS D 377 36.03 15.03 -26.78
CA HIS D 377 37.31 15.60 -26.43
C HIS D 377 37.16 16.67 -25.34
N LEU D 378 36.14 17.51 -25.48
CA LEU D 378 35.90 18.53 -24.45
C LEU D 378 35.62 17.89 -23.10
N ILE D 379 34.77 16.87 -23.07
CA ILE D 379 34.47 16.21 -21.81
C ILE D 379 35.71 15.54 -21.24
N ASP D 380 36.55 14.97 -22.11
CA ASP D 380 37.82 14.43 -21.65
C ASP D 380 38.65 15.51 -20.96
N GLN D 381 38.75 16.69 -21.59
CA GLN D 381 39.44 17.80 -20.95
C GLN D 381 38.81 18.13 -19.60
N TYR D 382 37.50 17.96 -19.47
CA TYR D 382 36.89 18.07 -18.15
C TYR D 382 37.21 16.84 -17.31
N ASP D 383 36.70 15.68 -17.71
CA ASP D 383 36.96 14.44 -16.99
C ASP D 383 36.77 13.23 -17.91
N PRO D 384 37.81 12.46 -18.19
CA PRO D 384 37.66 11.27 -19.06
C PRO D 384 36.74 10.21 -18.48
N LEU D 385 36.45 10.27 -17.18
CA LEU D 385 35.57 9.28 -16.57
C LEU D 385 34.18 9.33 -17.20
N TYR D 386 33.69 10.52 -17.52
CA TYR D 386 32.39 10.63 -18.18
C TYR D 386 32.41 9.94 -19.54
N SER D 387 33.48 10.13 -20.31
CA SER D 387 33.59 9.44 -21.59
C SER D 387 33.64 7.93 -21.40
N LYS D 388 34.38 7.46 -20.40
CA LYS D 388 34.42 6.03 -20.13
C LYS D 388 33.03 5.49 -19.81
N ARG D 389 32.27 6.21 -18.99
CA ARG D 389 30.90 5.79 -18.69
C ARG D 389 30.04 5.79 -19.94
N PHE D 390 30.21 6.79 -20.81
CA PHE D 390 29.40 6.88 -22.02
C PHE D 390 29.81 5.84 -23.06
N ALA D 391 30.99 5.23 -22.90
CA ALA D 391 31.45 4.24 -23.86
C ALA D 391 30.49 3.06 -23.95
N VAL D 392 29.92 2.64 -22.82
CA VAL D 392 29.15 1.41 -22.77
C VAL D 392 27.79 1.57 -23.42
N PHE D 393 27.48 2.77 -23.89
CA PHE D 393 26.23 2.98 -24.60
C PHE D 393 26.41 3.03 -26.12
N LEU D 394 27.58 2.62 -26.61
CA LEU D 394 27.81 2.45 -28.03
C LEU D 394 28.37 1.07 -28.35
N SER D 395 28.49 0.18 -27.36
CA SER D 395 29.28 -1.01 -27.51
C SER D 395 28.62 -2.08 -28.38
N GLU D 396 27.34 -1.93 -28.69
CA GLU D 396 26.63 -2.82 -29.62
C GLU D 396 26.42 -4.20 -28.99
N VAL D 397 27.03 -4.45 -27.84
CA VAL D 397 26.93 -5.73 -27.14
C VAL D 397 26.12 -5.52 -25.88
N SER D 398 26.37 -4.40 -25.20
CA SER D 398 25.54 -4.02 -24.07
C SER D 398 24.09 -3.88 -24.50
N GLU D 399 23.84 -3.55 -25.77
CA GLU D 399 22.48 -3.55 -26.28
C GLU D 399 21.88 -4.94 -26.21
N ASN D 400 22.63 -5.97 -26.62
CA ASN D 400 22.16 -7.33 -26.50
C ASN D 400 21.90 -7.71 -25.05
N LYS D 401 22.80 -7.32 -24.17
CA LYS D 401 22.65 -7.65 -22.75
C LYS D 401 21.39 -7.02 -22.18
N LEU D 402 21.16 -5.74 -22.47
CA LEU D 402 19.97 -5.08 -21.96
C LEU D 402 18.71 -5.68 -22.58
N ARG D 403 18.76 -6.02 -23.86
CA ARG D 403 17.60 -6.62 -24.51
C ARG D 403 17.23 -7.93 -23.84
N GLN D 404 18.20 -8.81 -23.62
CA GLN D 404 17.90 -10.09 -23.00
C GLN D 404 17.46 -9.90 -21.56
N LEU D 405 18.05 -8.93 -20.85
CA LEU D 405 17.65 -8.71 -19.47
C LEU D 405 16.22 -8.23 -19.37
N ASN D 406 15.84 -7.26 -20.22
CA ASN D 406 14.47 -6.79 -20.24
C ASN D 406 13.52 -7.90 -20.65
N LEU D 407 13.95 -8.75 -21.59
CA LEU D 407 13.16 -9.91 -21.97
C LEU D 407 12.89 -10.80 -20.78
N ASN D 408 13.93 -11.15 -20.03
CA ASN D 408 13.76 -11.96 -18.83
C ASN D 408 12.83 -11.27 -17.84
N ASN D 409 12.90 -9.94 -17.79
CA ASN D 409 12.00 -9.20 -16.92
C ASN D 409 10.55 -9.38 -17.34
N GLU D 410 10.28 -9.26 -18.64
CA GLU D 410 8.90 -9.14 -19.11
C GLU D 410 8.12 -10.43 -18.88
N TRP D 411 8.53 -11.52 -19.54
CA TRP D 411 7.76 -12.75 -19.52
C TRP D 411 7.76 -13.34 -18.12
N THR D 412 6.58 -13.42 -17.52
CA THR D 412 6.41 -14.02 -16.20
C THR D 412 5.87 -15.43 -16.35
N LEU D 413 6.11 -16.25 -15.31
CA LEU D 413 5.72 -17.65 -15.37
C LEU D 413 4.22 -17.80 -15.62
N ASP D 414 3.41 -16.89 -15.10
CA ASP D 414 1.97 -16.92 -15.38
C ASP D 414 1.72 -16.73 -16.87
N LYS D 415 2.40 -15.76 -17.48
CA LYS D 415 2.24 -15.53 -18.91
C LYS D 415 2.71 -16.72 -19.72
N LEU D 416 3.79 -17.37 -19.28
CA LEU D 416 4.27 -18.54 -19.99
C LEU D 416 3.30 -19.71 -19.88
N ARG D 417 2.70 -19.90 -18.70
CA ARG D 417 1.69 -20.94 -18.53
C ARG D 417 0.48 -20.66 -19.40
N GLN D 418 0.06 -19.40 -19.48
CA GLN D 418 -0.99 -19.05 -20.43
C GLN D 418 -0.54 -19.31 -21.87
N ARG D 419 0.76 -19.16 -22.14
CA ARG D 419 1.31 -19.53 -23.43
C ARG D 419 1.53 -21.03 -23.58
N LEU D 420 1.47 -21.78 -22.48
CA LEU D 420 1.71 -23.22 -22.54
C LEU D 420 0.63 -23.92 -23.33
N THR D 421 1.03 -24.92 -24.12
CA THR D 421 0.13 -25.65 -25.00
C THR D 421 0.47 -27.13 -24.93
N LYS D 422 -0.50 -27.95 -25.30
CA LYS D 422 -0.31 -29.40 -25.36
C LYS D 422 -0.19 -29.81 -26.82
N ASN D 423 0.87 -30.53 -27.15
CA ASN D 423 1.17 -30.87 -28.54
C ASN D 423 0.34 -32.08 -28.97
N ALA D 424 0.60 -32.56 -30.19
CA ALA D 424 -0.09 -33.75 -30.68
C ALA D 424 0.31 -34.98 -29.88
N GLN D 425 1.58 -35.12 -29.55
CA GLN D 425 2.06 -36.25 -28.76
C GLN D 425 1.67 -36.14 -27.28
N ASP D 426 0.86 -35.14 -26.94
CA ASP D 426 0.30 -35.01 -25.59
C ASP D 426 1.40 -34.84 -24.54
N LYS D 427 2.33 -33.93 -24.82
CA LYS D 427 3.32 -33.50 -23.83
C LYS D 427 3.28 -31.98 -23.74
N LEU D 428 3.59 -31.46 -22.56
CA LEU D 428 3.41 -30.04 -22.30
C LEU D 428 4.44 -29.22 -23.06
N GLU D 429 3.95 -28.29 -23.87
CA GLU D 429 4.75 -27.62 -24.89
C GLU D 429 4.74 -26.12 -24.70
N LEU D 430 5.89 -25.49 -24.91
CA LEU D 430 6.01 -24.04 -25.01
C LEU D 430 6.86 -23.72 -26.22
N HIS D 431 6.31 -22.93 -27.14
CA HIS D 431 6.97 -22.63 -28.42
C HIS D 431 7.43 -21.18 -28.40
N LEU D 432 8.74 -20.97 -28.59
CA LEU D 432 9.34 -19.65 -28.64
C LEU D 432 9.72 -19.33 -30.07
N PHE D 433 9.15 -18.26 -30.61
CA PHE D 433 9.39 -17.87 -32.00
C PHE D 433 9.77 -16.40 -32.06
N MET D 434 10.81 -16.10 -32.82
CA MET D 434 11.24 -14.73 -33.12
C MET D 434 11.42 -13.93 -31.83
N LEU D 435 12.38 -14.35 -31.03
CA LEU D 435 12.81 -13.62 -29.85
C LEU D 435 14.33 -13.49 -29.86
N SER D 436 14.80 -12.36 -29.35
CA SER D 436 16.23 -12.11 -29.32
C SER D 436 16.97 -13.10 -28.44
N GLY D 437 16.31 -13.67 -27.44
CA GLY D 437 16.95 -14.64 -26.57
C GLY D 437 15.89 -15.43 -25.83
N ILE D 438 16.36 -16.35 -24.99
CA ILE D 438 15.48 -17.18 -24.19
C ILE D 438 15.16 -16.46 -22.88
N PRO D 439 13.89 -16.17 -22.60
CA PRO D 439 13.55 -15.66 -21.27
C PRO D 439 13.94 -16.66 -20.20
N ASP D 440 14.47 -16.14 -19.08
CA ASP D 440 14.88 -17.04 -18.01
C ASP D 440 13.70 -17.58 -17.22
N THR D 441 12.53 -16.96 -17.32
CA THR D 441 11.36 -17.46 -16.61
C THR D 441 10.84 -18.75 -17.21
N VAL D 442 11.22 -19.08 -18.45
CA VAL D 442 10.81 -20.35 -19.04
C VAL D 442 11.39 -21.53 -18.28
N PHE D 443 12.46 -21.31 -17.52
CA PHE D 443 13.04 -22.36 -16.71
C PHE D 443 12.38 -22.47 -15.35
N ASP D 444 11.33 -21.69 -15.10
CA ASP D 444 10.58 -21.81 -13.86
C ASP D 444 9.41 -22.79 -13.96
N LEU D 445 9.11 -23.28 -15.16
CA LEU D 445 7.96 -24.17 -15.35
C LEU D 445 8.45 -25.61 -15.30
N VAL D 446 8.43 -26.20 -14.11
CA VAL D 446 8.90 -27.58 -13.94
C VAL D 446 8.00 -28.54 -14.69
N GLU D 447 6.76 -28.14 -14.98
CA GLU D 447 5.82 -28.96 -15.72
C GLU D 447 6.14 -29.02 -17.21
N LEU D 448 7.09 -28.23 -17.67
CA LEU D 448 7.45 -28.24 -19.09
C LEU D 448 8.10 -29.56 -19.46
N GLU D 449 7.78 -30.05 -20.65
CA GLU D 449 8.34 -31.29 -21.18
C GLU D 449 9.10 -31.10 -22.48
N VAL D 450 8.66 -30.18 -23.33
CA VAL D 450 9.27 -29.97 -24.64
C VAL D 450 9.37 -28.48 -24.90
N LEU D 451 10.55 -28.04 -25.37
CA LEU D 451 10.83 -26.65 -25.61
C LEU D 451 11.22 -26.44 -27.07
N LYS D 452 10.68 -25.39 -27.67
CA LYS D 452 10.94 -25.07 -29.08
C LYS D 452 11.60 -23.71 -29.20
N LEU D 453 12.54 -23.61 -30.14
CA LEU D 453 13.28 -22.38 -30.39
C LEU D 453 13.19 -22.06 -31.88
N GLU D 454 12.39 -21.06 -32.23
CA GLU D 454 12.17 -20.67 -33.62
C GLU D 454 12.75 -19.29 -33.85
N LEU D 455 13.85 -19.24 -34.60
CA LEU D 455 14.52 -17.99 -34.96
C LEU D 455 14.90 -17.20 -33.71
N ILE D 456 15.77 -17.80 -32.91
CA ILE D 456 16.34 -17.17 -31.73
C ILE D 456 17.83 -16.99 -31.98
N PRO D 457 18.32 -15.77 -32.18
CA PRO D 457 19.73 -15.58 -32.51
C PRO D 457 20.64 -15.66 -31.30
N ASP D 458 21.88 -16.07 -31.56
CA ASP D 458 22.99 -16.08 -30.61
C ASP D 458 22.62 -16.45 -29.18
N VAL D 459 21.87 -17.54 -29.01
CA VAL D 459 21.41 -17.97 -27.70
C VAL D 459 22.35 -19.05 -27.18
N THR D 460 22.77 -18.91 -25.93
CA THR D 460 23.52 -19.94 -25.23
C THR D 460 22.66 -20.41 -24.06
N ILE D 461 22.58 -21.72 -23.88
CA ILE D 461 21.67 -22.29 -22.90
C ILE D 461 22.20 -22.01 -21.49
N PRO D 462 21.42 -21.33 -20.65
CA PRO D 462 21.85 -21.09 -19.27
C PRO D 462 21.71 -22.34 -18.44
N PRO D 463 22.52 -22.47 -17.37
CA PRO D 463 22.41 -23.67 -16.52
C PRO D 463 21.09 -23.79 -15.81
N SER D 464 20.33 -22.70 -15.66
CA SER D 464 19.05 -22.75 -14.96
C SER D 464 18.10 -23.77 -15.58
N ILE D 465 18.42 -24.27 -16.77
CA ILE D 465 17.65 -25.34 -17.40
C ILE D 465 17.54 -26.56 -16.50
N ALA D 466 18.42 -26.68 -15.51
CA ALA D 466 18.32 -27.79 -14.57
C ALA D 466 17.00 -27.79 -13.80
N GLN D 467 16.34 -26.64 -13.68
CA GLN D 467 15.05 -26.61 -13.03
C GLN D 467 13.96 -27.29 -13.85
N LEU D 468 14.22 -27.55 -15.14
CA LEU D 468 13.24 -28.18 -16.02
C LEU D 468 13.48 -29.70 -16.01
N THR D 469 12.75 -30.37 -15.13
CA THR D 469 12.89 -31.81 -14.99
C THR D 469 12.32 -32.55 -16.21
N GLY D 470 11.13 -32.16 -16.64
CA GLY D 470 10.40 -32.89 -17.66
C GLY D 470 10.94 -32.76 -19.07
N LEU D 471 11.98 -31.97 -19.26
CA LEU D 471 12.52 -31.73 -20.60
C LEU D 471 13.00 -33.03 -21.24
N LYS D 472 12.35 -33.41 -22.34
CA LYS D 472 12.75 -34.60 -23.07
C LYS D 472 12.92 -34.29 -24.56
N GLU D 473 12.23 -33.26 -25.05
CA GLU D 473 12.30 -32.87 -26.45
C GLU D 473 12.74 -31.42 -26.56
N LEU D 474 13.72 -31.17 -27.43
CA LEU D 474 14.17 -29.83 -27.71
C LEU D 474 14.14 -29.60 -29.22
N TRP D 475 13.54 -28.49 -29.63
CA TRP D 475 13.38 -28.16 -31.04
C TRP D 475 14.25 -26.96 -31.37
N LEU D 476 15.06 -27.08 -32.41
CA LEU D 476 15.90 -26.00 -32.90
C LEU D 476 15.38 -25.61 -34.28
N TYR D 477 14.44 -24.68 -34.31
CA TYR D 477 13.90 -24.16 -35.56
C TYR D 477 14.78 -23.02 -36.02
N HIS D 478 15.78 -23.33 -36.84
CA HIS D 478 16.65 -22.33 -37.44
C HIS D 478 17.29 -21.43 -36.38
N THR D 479 17.96 -22.06 -35.42
CA THR D 479 18.69 -21.35 -34.36
C THR D 479 20.01 -22.07 -34.12
N ALA D 480 21.11 -21.35 -34.25
CA ALA D 480 22.42 -21.86 -33.88
C ALA D 480 22.68 -21.47 -32.44
N ALA D 481 22.55 -22.43 -31.52
CA ALA D 481 22.60 -22.17 -30.10
C ALA D 481 23.81 -22.87 -29.49
N LYS D 482 24.52 -22.14 -28.63
CA LYS D 482 25.61 -22.72 -27.86
C LYS D 482 25.13 -23.15 -26.48
N ILE D 483 26.04 -23.75 -25.71
CA ILE D 483 25.72 -24.24 -24.37
C ILE D 483 26.98 -24.24 -23.52
N GLU D 484 26.78 -24.14 -22.21
CA GLU D 484 27.84 -24.19 -21.23
C GLU D 484 27.84 -25.53 -20.51
N ALA D 485 28.93 -25.80 -19.80
CA ALA D 485 29.18 -27.14 -19.25
C ALA D 485 28.06 -27.65 -18.36
N PRO D 486 27.54 -26.89 -17.38
CA PRO D 486 26.51 -27.48 -16.51
C PRO D 486 25.24 -27.85 -17.24
N ALA D 487 24.71 -26.93 -18.05
CA ALA D 487 23.54 -27.25 -18.85
C ALA D 487 23.84 -28.38 -19.84
N LEU D 488 25.05 -28.40 -20.39
CA LEU D 488 25.41 -29.47 -21.31
C LEU D 488 25.34 -30.83 -20.62
N ALA D 489 25.88 -30.94 -19.41
CA ALA D 489 25.80 -32.19 -18.68
C ALA D 489 24.36 -32.53 -18.31
N PHE D 490 23.59 -31.52 -17.89
CA PHE D 490 22.20 -31.75 -17.54
C PHE D 490 21.42 -32.33 -18.71
N LEU D 491 21.60 -31.77 -19.89
CA LEU D 491 20.91 -32.29 -21.08
C LEU D 491 21.49 -33.63 -21.49
N ARG D 492 22.80 -33.81 -21.37
CA ARG D 492 23.42 -35.09 -21.64
C ARG D 492 22.78 -36.19 -20.82
N GLU D 493 22.38 -35.88 -19.59
CA GLU D 493 21.73 -36.86 -18.74
C GLU D 493 20.21 -36.79 -18.75
N ASN D 494 19.62 -35.83 -19.44
CA ASN D 494 18.17 -35.68 -19.33
C ASN D 494 17.43 -35.64 -20.67
N LEU D 495 18.04 -35.05 -21.70
CA LEU D 495 17.34 -34.87 -22.96
C LEU D 495 17.18 -36.18 -23.72
N ARG D 496 16.00 -36.38 -24.29
CA ARG D 496 15.70 -37.59 -25.06
C ARG D 496 15.45 -37.33 -26.54
N ALA D 497 14.84 -36.20 -26.89
CA ALA D 497 14.51 -35.92 -28.28
C ALA D 497 15.07 -34.56 -28.67
N LEU D 498 15.56 -34.47 -29.90
CA LEU D 498 16.12 -33.24 -30.44
C LEU D 498 15.70 -33.08 -31.89
N HIS D 499 15.37 -31.85 -32.27
CA HIS D 499 14.96 -31.55 -33.63
C HIS D 499 15.80 -30.41 -34.15
N ILE D 500 16.41 -30.60 -35.31
CA ILE D 500 17.32 -29.61 -35.88
C ILE D 500 16.76 -29.19 -37.24
N LYS D 501 16.41 -27.92 -37.36
CA LYS D 501 15.99 -27.33 -38.62
C LYS D 501 17.02 -26.29 -38.99
N PHE D 502 17.72 -26.49 -40.11
CA PHE D 502 18.86 -25.66 -40.44
C PHE D 502 18.92 -25.45 -41.95
N THR D 503 19.55 -24.35 -42.33
CA THR D 503 19.88 -24.07 -43.72
C THR D 503 21.38 -24.06 -43.97
N ASP D 504 22.19 -24.09 -42.92
CA ASP D 504 23.63 -24.12 -43.07
C ASP D 504 24.22 -25.08 -42.06
N ILE D 505 25.28 -25.77 -42.46
CA ILE D 505 25.89 -26.77 -41.60
C ILE D 505 26.49 -26.14 -40.36
N LYS D 506 27.03 -24.93 -40.48
CA LYS D 506 27.63 -24.26 -39.33
C LYS D 506 26.60 -23.93 -38.25
N GLU D 507 25.32 -23.95 -38.59
CA GLU D 507 24.27 -23.73 -37.62
C GLU D 507 24.06 -24.92 -36.69
N ILE D 508 24.59 -26.09 -37.04
CA ILE D 508 24.45 -27.28 -36.22
C ILE D 508 25.32 -27.12 -34.97
N PRO D 509 24.75 -27.24 -33.78
CA PRO D 509 25.58 -27.19 -32.57
C PRO D 509 26.51 -28.39 -32.50
N LEU D 510 27.81 -28.11 -32.47
CA LEU D 510 28.80 -29.17 -32.47
C LEU D 510 28.74 -30.04 -31.22
N TRP D 511 28.11 -29.54 -30.16
CA TRP D 511 28.09 -30.25 -28.88
C TRP D 511 27.00 -31.30 -28.80
N ILE D 512 26.15 -31.43 -29.83
CA ILE D 512 25.07 -32.40 -29.76
C ILE D 512 25.60 -33.82 -29.73
N TYR D 513 26.80 -34.07 -30.22
CA TYR D 513 27.35 -35.42 -30.28
C TYR D 513 27.70 -35.97 -28.91
N SER D 514 27.72 -35.14 -27.88
CA SER D 514 27.95 -35.59 -26.51
C SER D 514 26.66 -35.97 -25.80
N LEU D 515 25.51 -35.77 -26.43
CA LEU D 515 24.22 -36.08 -25.83
C LEU D 515 24.02 -37.60 -25.86
N LYS D 516 24.72 -38.27 -24.95
CA LYS D 516 24.79 -39.72 -24.99
C LYS D 516 23.48 -40.39 -24.58
N THR D 517 22.55 -39.66 -23.97
CA THR D 517 21.24 -40.20 -23.67
C THR D 517 20.20 -39.87 -24.72
N LEU D 518 20.60 -39.21 -25.82
CA LEU D 518 19.66 -38.90 -26.89
C LEU D 518 19.24 -40.17 -27.59
N GLU D 519 17.95 -40.27 -27.90
CA GLU D 519 17.40 -41.43 -28.57
C GLU D 519 16.75 -41.12 -29.90
N GLU D 520 16.26 -39.90 -30.10
CA GLU D 520 15.57 -39.51 -31.32
C GLU D 520 16.08 -38.16 -31.78
N LEU D 521 16.48 -38.08 -33.04
CA LEU D 521 17.02 -36.86 -33.61
C LEU D 521 16.38 -36.61 -34.97
N HIS D 522 16.07 -35.35 -35.26
CA HIS D 522 15.43 -34.96 -36.51
C HIS D 522 16.29 -33.91 -37.20
N LEU D 523 16.70 -34.19 -38.42
CA LEU D 523 17.53 -33.28 -39.19
C LEU D 523 16.73 -32.75 -40.37
N THR D 524 16.68 -31.43 -40.51
CA THR D 524 16.01 -30.78 -41.63
C THR D 524 16.98 -29.79 -42.25
N GLY D 525 17.38 -30.05 -43.50
CA GLY D 525 18.30 -29.18 -44.19
C GLY D 525 19.36 -29.93 -44.98
N ASN D 526 19.68 -29.43 -46.17
CA ASN D 526 20.66 -30.09 -47.01
C ASN D 526 22.01 -30.12 -46.34
N LEU D 527 22.78 -31.18 -46.59
CA LEU D 527 24.09 -31.34 -46.00
C LEU D 527 25.20 -31.59 -47.01
N SER D 528 24.88 -31.84 -48.27
CA SER D 528 25.92 -32.12 -49.26
C SER D 528 26.80 -30.89 -49.47
N ALA D 529 28.11 -31.09 -49.39
CA ALA D 529 29.08 -30.03 -49.56
C ALA D 529 30.11 -30.45 -50.59
N GLU D 530 30.64 -29.47 -51.30
CA GLU D 530 31.57 -29.72 -52.39
C GLU D 530 32.89 -30.23 -51.81
N ASN D 531 33.15 -31.52 -51.96
CA ASN D 531 34.30 -32.25 -51.46
C ASN D 531 34.30 -32.38 -49.94
N ASN D 532 33.26 -31.92 -49.25
CA ASN D 532 33.14 -32.04 -47.80
C ASN D 532 31.74 -32.48 -47.42
N ARG D 533 31.13 -33.33 -48.25
CA ARG D 533 29.83 -33.89 -47.95
C ARG D 533 29.96 -35.07 -47.00
N TYR D 534 29.01 -35.18 -46.08
CA TYR D 534 29.01 -36.23 -45.05
C TYR D 534 30.26 -36.16 -44.19
N ILE D 535 30.66 -34.94 -43.83
CA ILE D 535 31.80 -34.74 -42.96
C ILE D 535 31.38 -34.44 -41.52
N VAL D 536 30.35 -33.63 -41.31
CA VAL D 536 29.94 -33.26 -39.95
C VAL D 536 29.40 -34.47 -39.21
N ILE D 537 28.71 -35.37 -39.90
CA ILE D 537 27.95 -36.43 -39.25
C ILE D 537 28.82 -37.63 -38.88
N ASP D 538 30.13 -37.57 -39.14
CA ASP D 538 31.02 -38.68 -38.80
C ASP D 538 30.95 -39.03 -37.33
N GLY D 539 30.64 -38.06 -36.46
CA GLY D 539 30.55 -38.30 -35.04
C GLY D 539 29.28 -38.97 -34.58
N LEU D 540 28.37 -39.30 -35.50
CA LEU D 540 27.10 -39.89 -35.10
C LEU D 540 27.26 -41.25 -34.44
N ARG D 541 28.42 -41.88 -34.57
CA ARG D 541 28.68 -43.11 -33.84
C ARG D 541 28.56 -42.92 -32.33
N GLU D 542 28.73 -41.69 -31.85
CA GLU D 542 28.66 -41.43 -30.43
C GLU D 542 27.24 -41.56 -29.87
N LEU D 543 26.23 -41.39 -30.71
CA LEU D 543 24.84 -41.51 -30.27
C LEU D 543 24.49 -42.98 -30.11
N LYS D 544 24.97 -43.56 -29.02
CA LYS D 544 24.79 -44.99 -28.79
C LYS D 544 23.34 -45.35 -28.50
N ARG D 545 22.58 -44.46 -27.87
CA ARG D 545 21.19 -44.73 -27.54
C ARG D 545 20.22 -44.21 -28.60
N LEU D 546 20.73 -43.83 -29.77
CA LEU D 546 19.87 -43.33 -30.82
C LEU D 546 18.94 -44.44 -31.33
N LYS D 547 17.68 -44.09 -31.53
CA LYS D 547 16.69 -45.05 -32.02
C LYS D 547 15.89 -44.49 -33.19
N VAL D 548 15.75 -43.17 -33.26
CA VAL D 548 14.97 -42.52 -34.29
C VAL D 548 15.82 -41.45 -34.95
N LEU D 549 15.82 -41.41 -36.28
CA LEU D 549 16.57 -40.41 -37.03
C LEU D 549 15.74 -39.94 -38.22
N ARG D 550 15.70 -38.64 -38.44
CA ARG D 550 14.98 -38.03 -39.55
C ARG D 550 15.97 -37.25 -40.41
N LEU D 551 16.06 -37.63 -41.69
CA LEU D 551 17.02 -37.04 -42.61
C LEU D 551 16.26 -36.30 -43.71
N LYS D 552 16.42 -34.98 -43.76
CA LYS D 552 15.81 -34.15 -44.79
C LYS D 552 16.91 -33.28 -45.40
N SER D 553 17.67 -33.86 -46.34
CA SER D 553 18.82 -33.17 -46.89
C SER D 553 19.03 -33.36 -48.39
N ASN D 554 18.08 -33.97 -49.11
CA ASN D 554 18.19 -34.17 -50.55
C ASN D 554 19.46 -34.94 -50.92
N LEU D 555 19.71 -36.04 -50.21
CA LEU D 555 20.94 -36.79 -50.40
C LEU D 555 20.80 -37.78 -51.56
N SER D 556 21.85 -37.88 -52.37
CA SER D 556 21.88 -38.82 -53.48
C SER D 556 22.57 -40.12 -53.13
N LYS D 557 23.50 -40.10 -52.17
CA LYS D 557 24.11 -41.31 -51.66
C LYS D 557 24.01 -41.29 -50.14
N LEU D 558 23.57 -42.40 -49.58
CA LEU D 558 23.34 -42.48 -48.14
C LEU D 558 24.66 -42.37 -47.38
N PRO D 559 24.71 -41.60 -46.31
CA PRO D 559 25.97 -41.48 -45.55
C PRO D 559 26.39 -42.82 -44.98
N GLN D 560 27.70 -43.08 -45.06
CA GLN D 560 28.23 -44.33 -44.52
C GLN D 560 28.08 -44.38 -43.00
N VAL D 561 28.20 -43.22 -42.33
CA VAL D 561 28.11 -43.18 -40.89
C VAL D 561 26.71 -43.58 -40.42
N VAL D 562 25.69 -43.21 -41.19
CA VAL D 562 24.33 -43.64 -40.88
C VAL D 562 24.25 -45.16 -40.95
N THR D 563 24.84 -45.75 -41.98
CA THR D 563 24.85 -47.21 -42.11
C THR D 563 25.56 -47.84 -40.93
N ASP D 564 26.67 -47.24 -40.48
CA ASP D 564 27.40 -47.77 -39.34
C ASP D 564 26.56 -47.71 -38.07
N VAL D 565 25.97 -46.55 -37.79
CA VAL D 565 25.24 -46.37 -36.54
C VAL D 565 23.92 -47.14 -36.53
N GLY D 566 23.41 -47.52 -37.70
CA GLY D 566 22.17 -48.27 -37.75
C GLY D 566 22.21 -49.63 -37.07
N VAL D 567 23.36 -50.00 -36.49
CA VAL D 567 23.49 -51.27 -35.79
C VAL D 567 22.48 -51.41 -34.66
N HIS D 568 22.03 -50.29 -34.10
CA HIS D 568 21.03 -50.31 -33.05
C HIS D 568 19.79 -49.48 -33.37
N LEU D 569 19.78 -48.76 -34.48
CA LEU D 569 18.60 -47.98 -34.86
C LEU D 569 17.40 -48.89 -35.04
N GLN D 570 16.24 -48.40 -34.61
CA GLN D 570 15.00 -49.15 -34.78
C GLN D 570 14.02 -48.50 -35.76
N LYS D 571 14.10 -47.20 -35.96
CA LYS D 571 13.23 -46.49 -36.89
C LYS D 571 14.04 -45.42 -37.61
N LEU D 572 13.98 -45.42 -38.94
CA LEU D 572 14.73 -44.49 -39.76
C LEU D 572 13.80 -43.90 -40.82
N SER D 573 13.77 -42.58 -40.91
CA SER D 573 12.93 -41.87 -41.88
C SER D 573 13.77 -40.88 -42.65
N ILE D 574 13.67 -40.91 -43.97
CA ILE D 574 14.45 -40.06 -44.86
C ILE D 574 13.50 -39.32 -45.79
N ASN D 575 13.75 -38.03 -46.00
CA ASN D 575 12.95 -37.21 -46.89
C ASN D 575 13.90 -36.44 -47.81
N ASN D 576 14.20 -37.02 -48.97
CA ASN D 576 15.09 -36.39 -49.95
C ASN D 576 14.42 -35.25 -50.71
N GLU D 577 13.10 -35.17 -50.69
CA GLU D 577 12.36 -34.09 -51.34
C GLU D 577 12.71 -33.97 -52.82
N GLY D 578 12.64 -35.11 -53.51
CA GLY D 578 12.84 -35.15 -54.94
C GLY D 578 14.20 -35.66 -55.39
N THR D 579 15.16 -35.78 -54.49
CA THR D 579 16.48 -36.25 -54.87
C THR D 579 16.51 -37.78 -54.92
N LYS D 580 17.01 -38.31 -56.04
CA LYS D 580 17.14 -39.74 -56.19
C LYS D 580 18.22 -40.26 -55.25
N LEU D 581 17.90 -41.30 -54.49
CA LEU D 581 18.83 -41.89 -53.52
C LEU D 581 19.27 -43.25 -54.01
N ILE D 582 20.57 -43.51 -53.95
CA ILE D 582 21.15 -44.78 -54.35
C ILE D 582 21.57 -45.52 -53.09
N VAL D 583 21.02 -46.72 -52.90
CA VAL D 583 21.36 -47.51 -51.72
C VAL D 583 22.81 -47.98 -51.81
N LEU D 584 23.28 -48.30 -53.01
CA LEU D 584 24.59 -48.92 -53.25
C LEU D 584 24.90 -50.01 -52.23
N ASN D 585 23.87 -50.80 -51.90
CA ASN D 585 23.98 -51.91 -50.97
C ASN D 585 24.53 -51.46 -49.61
N SER D 586 23.96 -50.39 -49.08
CA SER D 586 24.38 -49.85 -47.79
C SER D 586 23.25 -49.93 -46.77
N LEU D 587 22.48 -51.00 -46.82
CA LEU D 587 21.41 -51.24 -45.86
C LEU D 587 21.55 -52.55 -45.11
N LYS D 588 22.51 -53.39 -45.46
CA LYS D 588 22.68 -54.70 -44.84
C LYS D 588 23.52 -54.64 -43.57
N LYS D 589 23.66 -53.46 -42.96
CA LYS D 589 24.34 -53.33 -41.68
C LYS D 589 23.43 -52.80 -40.58
N MET D 590 22.28 -52.23 -40.95
CA MET D 590 21.30 -51.75 -39.97
C MET D 590 20.26 -52.84 -39.68
N VAL D 591 20.77 -54.01 -39.30
CA VAL D 591 19.93 -55.19 -39.13
C VAL D 591 18.96 -55.05 -37.97
N ASN D 592 19.19 -54.10 -37.08
CA ASN D 592 18.28 -53.89 -35.96
C ASN D 592 17.08 -53.02 -36.32
N LEU D 593 17.08 -52.42 -37.50
CA LEU D 593 15.99 -51.54 -37.89
C LEU D 593 14.68 -52.29 -37.93
N THR D 594 13.64 -51.70 -37.34
CA THR D 594 12.31 -52.29 -37.33
C THR D 594 11.31 -51.52 -38.19
N GLU D 595 11.58 -50.26 -38.49
CA GLU D 595 10.75 -49.45 -39.37
C GLU D 595 11.64 -48.73 -40.36
N LEU D 596 11.32 -48.83 -41.64
CA LEU D 596 12.08 -48.18 -42.71
C LEU D 596 11.11 -47.39 -43.57
N GLU D 597 11.25 -46.07 -43.54
CA GLU D 597 10.39 -45.18 -44.32
C GLU D 597 11.26 -44.36 -45.27
N LEU D 598 10.95 -44.45 -46.56
CA LEU D 598 11.70 -43.77 -47.61
C LEU D 598 10.72 -42.89 -48.38
N ILE D 599 10.61 -41.64 -47.97
CA ILE D 599 9.60 -40.72 -48.50
C ILE D 599 10.30 -39.74 -49.43
N ARG D 600 9.77 -39.63 -50.65
CA ARG D 600 10.30 -38.70 -51.66
C ARG D 600 11.78 -38.96 -51.96
N CYS D 601 12.19 -40.22 -51.89
CA CYS D 601 13.55 -40.59 -52.26
C CYS D 601 13.69 -40.94 -53.73
N ASP D 602 12.57 -41.06 -54.45
CA ASP D 602 12.55 -41.23 -55.91
C ASP D 602 13.41 -42.42 -56.35
N LEU D 603 13.17 -43.56 -55.71
CA LEU D 603 13.94 -44.76 -56.02
C LEU D 603 13.49 -45.43 -57.33
N GLU D 604 12.18 -45.47 -57.57
CA GLU D 604 11.54 -46.15 -58.69
C GLU D 604 11.69 -47.66 -58.61
N ARG D 605 12.40 -48.18 -57.60
CA ARG D 605 12.56 -49.62 -57.44
C ARG D 605 12.66 -49.93 -55.95
N ILE D 606 12.26 -51.15 -55.59
CA ILE D 606 12.38 -51.61 -54.22
C ILE D 606 13.74 -52.30 -54.08
N PRO D 607 14.63 -51.79 -53.24
CA PRO D 607 15.96 -52.39 -53.12
C PRO D 607 15.90 -53.76 -52.47
N HIS D 608 16.83 -54.63 -52.87
CA HIS D 608 16.84 -55.99 -52.35
C HIS D 608 17.29 -56.06 -50.90
N SER D 609 18.12 -55.12 -50.44
CA SER D 609 18.57 -55.13 -49.05
C SER D 609 17.44 -54.86 -48.07
N ILE D 610 16.29 -54.38 -48.56
CA ILE D 610 15.10 -54.29 -47.70
C ILE D 610 14.70 -55.67 -47.23
N PHE D 611 14.67 -56.65 -48.13
CA PHE D 611 14.25 -58.00 -47.78
C PHE D 611 15.18 -58.64 -46.76
N SER D 612 16.48 -58.35 -46.82
CA SER D 612 17.44 -58.89 -45.88
C SER D 612 17.17 -58.47 -44.45
N LEU D 613 16.45 -57.37 -44.24
CA LEU D 613 16.09 -56.91 -42.90
C LEU D 613 14.85 -57.66 -42.45
N HIS D 614 15.07 -58.91 -42.00
CA HIS D 614 13.96 -59.73 -41.56
C HIS D 614 13.31 -59.20 -40.28
N ASN D 615 13.98 -58.29 -39.58
CA ASN D 615 13.41 -57.67 -38.38
C ASN D 615 12.46 -56.53 -38.71
N LEU D 616 12.37 -56.15 -39.99
CA LEU D 616 11.50 -55.06 -40.39
C LEU D 616 10.04 -55.41 -40.13
N GLN D 617 9.24 -54.40 -39.80
CA GLN D 617 7.83 -54.60 -39.57
C GLN D 617 6.96 -53.68 -40.41
N GLU D 618 7.35 -52.41 -40.58
CA GLU D 618 6.58 -51.45 -41.34
C GLU D 618 7.48 -50.80 -42.39
N ILE D 619 7.01 -50.75 -43.63
CA ILE D 619 7.81 -50.27 -44.75
C ILE D 619 6.93 -49.36 -45.61
N ASP D 620 7.53 -48.28 -46.11
CA ASP D 620 6.85 -47.35 -46.99
C ASP D 620 7.79 -46.93 -48.11
N LEU D 621 7.22 -46.64 -49.27
CA LEU D 621 7.96 -46.24 -50.47
C LEU D 621 7.31 -45.02 -51.11
N LYS D 622 6.95 -44.05 -50.28
CA LYS D 622 6.17 -42.91 -50.74
C LYS D 622 6.92 -42.09 -51.78
N ASP D 623 6.20 -41.66 -52.82
CA ASP D 623 6.67 -40.65 -53.77
C ASP D 623 7.96 -41.05 -54.45
N ASN D 624 8.21 -42.35 -54.58
CA ASN D 624 9.34 -42.84 -55.34
C ASN D 624 8.96 -43.29 -56.74
N ASN D 625 7.71 -43.02 -57.16
CA ASN D 625 7.26 -43.32 -58.52
C ASN D 625 7.34 -44.80 -58.82
N LEU D 626 6.93 -45.62 -57.86
CA LEU D 626 6.92 -47.06 -58.07
C LEU D 626 5.86 -47.45 -59.09
N LYS D 627 6.23 -48.37 -59.98
CA LYS D 627 5.33 -48.90 -60.99
C LYS D 627 5.02 -50.38 -60.78
N THR D 628 6.05 -51.21 -60.66
CA THR D 628 5.90 -52.64 -60.41
C THR D 628 6.41 -52.97 -59.02
N ILE D 629 5.61 -53.67 -58.23
CA ILE D 629 5.98 -54.02 -56.87
C ILE D 629 6.14 -55.54 -56.78
N GLU D 630 6.54 -56.16 -57.88
CA GLU D 630 6.71 -57.61 -57.90
C GLU D 630 7.81 -58.07 -56.96
N GLU D 631 8.71 -57.18 -56.54
CA GLU D 631 9.74 -57.51 -55.57
C GLU D 631 9.18 -58.08 -54.27
N ILE D 632 7.87 -57.95 -54.05
CA ILE D 632 7.22 -58.58 -52.90
C ILE D 632 7.41 -60.09 -52.92
N ILE D 633 7.84 -60.66 -54.05
CA ILE D 633 8.20 -62.08 -54.09
C ILE D 633 9.27 -62.38 -53.05
N SER D 634 10.26 -61.50 -52.91
CA SER D 634 11.31 -61.66 -51.92
C SER D 634 10.88 -61.16 -50.53
N PHE D 635 9.65 -60.67 -50.40
CA PHE D 635 9.16 -60.18 -49.12
C PHE D 635 8.69 -61.29 -48.20
N GLN D 636 8.54 -62.51 -48.69
CA GLN D 636 8.19 -63.63 -47.80
C GLN D 636 9.29 -63.93 -46.81
N HIS D 637 10.52 -63.49 -47.09
CA HIS D 637 11.57 -63.57 -46.09
C HIS D 637 11.19 -62.79 -44.84
N LEU D 638 10.46 -61.69 -45.01
CA LEU D 638 10.01 -60.87 -43.89
C LEU D 638 8.85 -61.57 -43.21
N HIS D 639 9.18 -62.41 -42.21
CA HIS D 639 8.16 -63.11 -41.44
C HIS D 639 7.39 -62.20 -40.50
N ARG D 640 7.92 -61.02 -40.18
CA ARG D 640 7.28 -60.13 -39.22
C ARG D 640 6.92 -58.78 -39.85
N LEU D 641 6.75 -58.74 -41.17
CA LEU D 641 6.23 -57.56 -41.85
C LEU D 641 4.74 -57.47 -41.59
N THR D 642 4.32 -56.44 -40.85
CA THR D 642 2.92 -56.30 -40.44
C THR D 642 2.15 -55.25 -41.23
N CYS D 643 2.76 -54.08 -41.45
CA CYS D 643 2.10 -52.99 -42.17
C CYS D 643 2.94 -52.56 -43.35
N LEU D 644 2.27 -52.20 -44.45
CA LEU D 644 2.93 -51.79 -45.68
C LEU D 644 2.17 -50.61 -46.28
N LYS D 645 2.89 -49.58 -46.70
CA LYS D 645 2.30 -48.39 -47.31
C LYS D 645 2.87 -48.18 -48.70
N LEU D 646 1.99 -48.06 -49.69
CA LEU D 646 2.40 -47.63 -51.02
C LEU D 646 1.55 -46.46 -51.50
N TRP D 647 1.05 -45.67 -50.58
CA TRP D 647 0.25 -44.50 -50.89
C TRP D 647 1.05 -43.49 -51.69
N TYR D 648 0.36 -42.74 -52.55
CA TYR D 648 0.94 -41.66 -53.36
C TYR D 648 2.09 -42.20 -54.21
N ASN D 649 1.73 -43.13 -55.10
CA ASN D 649 2.67 -43.70 -56.05
C ASN D 649 1.93 -43.91 -57.36
N HIS D 650 2.61 -44.55 -58.32
CA HIS D 650 2.06 -44.80 -59.65
C HIS D 650 1.74 -46.26 -59.86
N ILE D 651 1.26 -46.94 -58.82
CA ILE D 651 0.92 -48.36 -58.94
C ILE D 651 -0.37 -48.50 -59.72
N ALA D 652 -0.39 -49.44 -60.68
CA ALA D 652 -1.57 -49.68 -61.49
C ALA D 652 -2.22 -51.03 -61.23
N TYR D 653 -1.49 -51.98 -60.63
CA TYR D 653 -2.02 -53.33 -60.44
C TYR D 653 -1.48 -53.90 -59.13
N ILE D 654 -2.18 -54.90 -58.62
CA ILE D 654 -1.80 -55.61 -57.41
C ILE D 654 -1.29 -56.99 -57.80
N PRO D 655 0.00 -57.28 -57.63
CA PRO D 655 0.50 -58.62 -57.96
C PRO D 655 -0.13 -59.69 -57.08
N ILE D 656 -0.24 -60.89 -57.65
CA ILE D 656 -0.81 -62.02 -56.93
C ILE D 656 0.05 -62.44 -55.75
N GLN D 657 1.33 -62.07 -55.74
CA GLN D 657 2.24 -62.55 -54.70
C GLN D 657 1.81 -62.12 -53.31
N ILE D 658 1.07 -61.01 -53.20
CA ILE D 658 0.60 -60.55 -51.90
C ILE D 658 -0.30 -61.58 -51.24
N GLY D 659 -0.89 -62.48 -52.03
CA GLY D 659 -1.65 -63.57 -51.44
C GLY D 659 -0.82 -64.47 -50.55
N ASN D 660 0.45 -64.68 -50.90
CA ASN D 660 1.33 -65.49 -50.05
C ASN D 660 1.72 -64.80 -48.76
N LEU D 661 1.86 -63.47 -48.78
CA LEU D 661 2.22 -62.71 -47.58
C LEU D 661 0.96 -62.36 -46.79
N THR D 662 0.38 -63.38 -46.16
CA THR D 662 -0.78 -63.16 -45.32
C THR D 662 -0.45 -62.45 -44.02
N ASN D 663 0.83 -62.21 -43.73
CA ASN D 663 1.28 -61.59 -42.49
C ASN D 663 0.82 -60.14 -42.35
N LEU D 664 0.33 -59.53 -43.42
CA LEU D 664 -0.02 -58.12 -43.41
C LEU D 664 -1.20 -57.86 -42.48
N GLU D 665 -1.16 -56.71 -41.80
CA GLU D 665 -2.23 -56.27 -40.92
C GLU D 665 -2.77 -54.91 -41.28
N ARG D 666 -1.92 -53.99 -41.72
CA ARG D 666 -2.34 -52.70 -42.26
C ARG D 666 -1.79 -52.57 -43.67
N LEU D 667 -2.63 -52.14 -44.60
CA LEU D 667 -2.23 -51.97 -45.98
C LEU D 667 -2.67 -50.58 -46.45
N TYR D 668 -1.73 -49.83 -47.02
CA TYR D 668 -1.99 -48.48 -47.52
C TYR D 668 -1.61 -48.42 -48.99
N LEU D 669 -2.60 -48.23 -49.86
CA LEU D 669 -2.33 -48.19 -51.30
C LEU D 669 -3.07 -47.05 -52.00
N ASN D 670 -3.62 -46.09 -51.27
CA ASN D 670 -4.44 -45.08 -51.90
C ASN D 670 -3.57 -44.11 -52.72
N ARG D 671 -4.24 -43.31 -53.54
CA ARG D 671 -3.58 -42.38 -54.45
C ARG D 671 -2.60 -43.10 -55.36
N ASN D 672 -3.09 -44.12 -56.04
CA ASN D 672 -2.36 -44.83 -57.08
C ASN D 672 -3.26 -44.93 -58.30
N LYS D 673 -2.73 -45.53 -59.38
CA LYS D 673 -3.51 -45.77 -60.58
C LYS D 673 -4.04 -47.20 -60.65
N ILE D 674 -4.31 -47.81 -59.50
CA ILE D 674 -4.77 -49.19 -59.47
C ILE D 674 -6.20 -49.25 -59.98
N GLU D 675 -6.47 -50.25 -60.83
CA GLU D 675 -7.76 -50.35 -61.52
C GLU D 675 -8.64 -51.48 -61.03
N LYS D 676 -8.07 -52.57 -60.51
CA LYS D 676 -8.87 -53.71 -60.09
C LYS D 676 -8.19 -54.40 -58.92
N ILE D 677 -8.98 -55.18 -58.19
CA ILE D 677 -8.53 -55.89 -57.00
C ILE D 677 -8.51 -57.39 -57.33
N PRO D 678 -7.34 -58.00 -57.48
CA PRO D 678 -7.28 -59.45 -57.66
C PRO D 678 -7.71 -60.18 -56.40
N THR D 679 -8.18 -61.42 -56.59
CA THR D 679 -8.66 -62.20 -55.46
C THR D 679 -7.55 -62.53 -54.46
N GLN D 680 -6.30 -62.61 -54.92
CA GLN D 680 -5.20 -62.99 -54.05
C GLN D 680 -5.04 -62.02 -52.88
N LEU D 681 -5.34 -60.74 -53.11
CA LEU D 681 -5.24 -59.75 -52.04
C LEU D 681 -6.11 -60.13 -50.84
N PHE D 682 -7.21 -60.85 -51.08
CA PHE D 682 -8.12 -61.23 -50.01
C PHE D 682 -7.61 -62.42 -49.19
N TYR D 683 -6.39 -62.88 -49.45
CA TYR D 683 -5.87 -64.05 -48.75
C TYR D 683 -5.14 -63.71 -47.45
N CYS D 684 -5.00 -62.42 -47.13
CA CYS D 684 -4.39 -62.01 -45.86
C CYS D 684 -5.52 -61.80 -44.85
N ARG D 685 -5.91 -62.90 -44.19
CA ARG D 685 -7.10 -62.89 -43.36
C ARG D 685 -6.93 -62.09 -42.07
N LYS D 686 -5.70 -61.77 -41.69
CA LYS D 686 -5.44 -60.96 -40.50
C LYS D 686 -5.40 -59.47 -40.81
N LEU D 687 -5.84 -59.08 -42.00
CA LEU D 687 -5.82 -57.67 -42.38
C LEU D 687 -6.82 -56.87 -41.54
N ARG D 688 -6.42 -55.65 -41.17
CA ARG D 688 -7.25 -54.81 -40.32
C ARG D 688 -7.47 -53.41 -40.88
N TYR D 689 -6.60 -52.92 -41.77
CA TYR D 689 -6.73 -51.61 -42.37
C TYR D 689 -6.59 -51.72 -43.87
N LEU D 690 -7.43 -50.98 -44.61
CA LEU D 690 -7.40 -51.04 -46.07
C LEU D 690 -7.92 -49.72 -46.62
N ASP D 691 -7.06 -48.98 -47.31
CA ASP D 691 -7.43 -47.77 -48.01
C ASP D 691 -6.98 -47.87 -49.47
N LEU D 692 -7.95 -47.81 -50.38
CA LEU D 692 -7.67 -47.83 -51.82
C LEU D 692 -8.27 -46.59 -52.48
N SER D 693 -8.16 -45.45 -51.81
CA SER D 693 -8.72 -44.22 -52.33
C SER D 693 -7.89 -43.69 -53.49
N HIS D 694 -8.52 -42.81 -54.28
CA HIS D 694 -7.85 -42.11 -55.38
C HIS D 694 -7.20 -43.10 -56.36
N ASN D 695 -8.03 -43.98 -56.91
CA ASN D 695 -7.61 -44.96 -57.89
C ASN D 695 -8.68 -45.08 -58.97
N ASN D 696 -8.38 -45.87 -60.00
CA ASN D 696 -9.31 -46.11 -61.10
C ASN D 696 -10.18 -47.34 -60.86
N LEU D 697 -10.37 -47.71 -59.59
CA LEU D 697 -11.18 -48.89 -59.28
C LEU D 697 -12.64 -48.64 -59.67
N THR D 698 -13.26 -49.64 -60.29
CA THR D 698 -14.66 -49.56 -60.69
C THR D 698 -15.54 -50.57 -59.99
N PHE D 699 -14.99 -51.66 -59.46
CA PHE D 699 -15.79 -52.70 -58.86
C PHE D 699 -15.13 -53.15 -57.57
N LEU D 700 -15.95 -53.68 -56.66
CA LEU D 700 -15.47 -54.29 -55.44
C LEU D 700 -15.69 -55.79 -55.51
N PRO D 701 -14.64 -56.60 -55.53
CA PRO D 701 -14.83 -58.05 -55.50
C PRO D 701 -15.52 -58.49 -54.22
N ALA D 702 -16.35 -59.54 -54.33
CA ALA D 702 -17.12 -60.01 -53.20
C ALA D 702 -16.27 -60.61 -52.09
N ASP D 703 -15.02 -60.94 -52.37
CA ASP D 703 -14.16 -61.56 -51.37
C ASP D 703 -13.77 -60.62 -50.24
N ILE D 704 -14.14 -59.34 -50.32
CA ILE D 704 -13.82 -58.40 -49.26
C ILE D 704 -14.47 -58.83 -47.95
N GLY D 705 -15.64 -59.47 -48.01
CA GLY D 705 -16.27 -59.98 -46.81
C GLY D 705 -15.46 -61.05 -46.11
N LEU D 706 -14.52 -61.69 -46.82
CA LEU D 706 -13.69 -62.71 -46.20
C LEU D 706 -12.71 -62.14 -45.18
N LEU D 707 -12.51 -60.81 -45.17
CA LEU D 707 -11.61 -60.16 -44.23
C LEU D 707 -12.43 -59.56 -43.10
N GLN D 708 -12.78 -60.41 -42.13
CA GLN D 708 -13.66 -60.00 -41.04
C GLN D 708 -13.02 -58.96 -40.13
N ASN D 709 -11.71 -58.99 -39.95
CA ASN D 709 -11.03 -58.13 -39.00
C ASN D 709 -10.79 -56.72 -39.54
N LEU D 710 -11.22 -56.42 -40.76
CA LEU D 710 -11.04 -55.09 -41.31
C LEU D 710 -11.86 -54.08 -40.51
N GLN D 711 -11.22 -53.00 -40.11
CA GLN D 711 -11.85 -51.99 -39.27
C GLN D 711 -12.18 -50.70 -40.01
N ASN D 712 -11.41 -50.33 -41.02
CA ASN D 712 -11.63 -49.10 -41.77
C ASN D 712 -11.39 -49.35 -43.25
N LEU D 713 -12.15 -48.65 -44.09
CA LEU D 713 -12.05 -48.80 -45.54
C LEU D 713 -12.07 -47.42 -46.18
N ALA D 714 -11.21 -47.22 -47.19
CA ALA D 714 -11.14 -45.96 -47.92
C ALA D 714 -11.01 -46.25 -49.41
N VAL D 715 -12.03 -45.89 -50.18
CA VAL D 715 -12.01 -46.05 -51.63
C VAL D 715 -12.37 -44.72 -52.29
N THR D 716 -11.98 -43.62 -51.64
CA THR D 716 -12.35 -42.29 -52.11
C THR D 716 -11.74 -42.00 -53.48
N ALA D 717 -12.50 -41.31 -54.32
CA ALA D 717 -12.09 -40.95 -55.68
C ALA D 717 -11.84 -42.20 -56.52
N ASN D 718 -12.90 -42.98 -56.69
CA ASN D 718 -12.88 -44.17 -57.53
C ASN D 718 -14.19 -44.21 -58.32
N ARG D 719 -14.38 -45.30 -59.07
CA ARG D 719 -15.51 -45.43 -59.98
C ARG D 719 -16.41 -46.61 -59.61
N ILE D 720 -16.55 -46.91 -58.31
CA ILE D 720 -17.42 -47.99 -57.87
C ILE D 720 -18.85 -47.45 -57.80
N GLU D 721 -19.78 -48.12 -58.48
CA GLU D 721 -21.15 -47.65 -58.57
C GLU D 721 -22.11 -48.47 -57.72
N ALA D 722 -21.84 -49.75 -57.53
CA ALA D 722 -22.70 -50.63 -56.75
C ALA D 722 -21.84 -51.48 -55.83
N LEU D 723 -22.43 -51.92 -54.72
CA LEU D 723 -21.66 -52.58 -53.68
C LEU D 723 -22.06 -54.04 -53.54
N PRO D 724 -21.12 -54.96 -53.55
CA PRO D 724 -21.43 -56.37 -53.27
C PRO D 724 -21.88 -56.53 -51.83
N PRO D 725 -23.04 -57.16 -51.61
CA PRO D 725 -23.55 -57.27 -50.23
C PRO D 725 -22.66 -58.08 -49.31
N GLU D 726 -21.78 -58.95 -49.84
CA GLU D 726 -20.93 -59.73 -48.97
C GLU D 726 -20.06 -58.84 -48.09
N LEU D 727 -19.76 -57.63 -48.54
CA LEU D 727 -19.02 -56.67 -47.73
C LEU D 727 -19.65 -56.47 -46.36
N PHE D 728 -20.97 -56.53 -46.27
CA PHE D 728 -21.66 -56.29 -45.00
C PHE D 728 -21.59 -57.48 -44.06
N GLN D 729 -20.82 -58.52 -44.37
CA GLN D 729 -20.61 -59.57 -43.39
C GLN D 729 -19.48 -59.26 -42.42
N CYS D 730 -18.71 -58.21 -42.68
CA CYS D 730 -17.65 -57.77 -41.75
C CYS D 730 -18.25 -56.74 -40.80
N ARG D 731 -18.92 -57.25 -39.76
CA ARG D 731 -19.59 -56.38 -38.81
C ARG D 731 -18.60 -55.60 -37.95
N LYS D 732 -17.33 -56.00 -37.93
CA LYS D 732 -16.29 -55.33 -37.16
C LYS D 732 -15.59 -54.25 -37.96
N LEU D 733 -16.27 -53.69 -38.96
CA LEU D 733 -15.74 -52.58 -39.75
C LEU D 733 -16.21 -51.29 -39.09
N ARG D 734 -15.29 -50.66 -38.33
CA ARG D 734 -15.66 -49.47 -37.57
C ARG D 734 -16.01 -48.30 -38.47
N ALA D 735 -15.30 -48.14 -39.57
CA ALA D 735 -15.53 -47.01 -40.48
C ALA D 735 -15.29 -47.44 -41.91
N LEU D 736 -15.82 -46.64 -42.84
CA LEU D 736 -15.63 -46.87 -44.26
C LEU D 736 -15.70 -45.54 -44.99
N HIS D 737 -14.88 -45.40 -46.03
CA HIS D 737 -14.77 -44.15 -46.78
C HIS D 737 -15.19 -44.40 -48.23
N LEU D 738 -16.45 -44.13 -48.52
CA LEU D 738 -17.03 -44.29 -49.85
C LEU D 738 -17.17 -42.97 -50.58
N GLY D 739 -16.57 -41.90 -50.07
CA GLY D 739 -16.72 -40.60 -50.68
C GLY D 739 -16.04 -40.52 -52.03
N ASN D 740 -16.41 -39.49 -52.79
CA ASN D 740 -15.87 -39.22 -54.13
C ASN D 740 -15.96 -40.42 -55.05
N ASN D 741 -16.90 -41.32 -54.79
CA ASN D 741 -17.17 -42.46 -55.64
C ASN D 741 -18.48 -42.22 -56.38
N VAL D 742 -18.92 -43.22 -57.15
CA VAL D 742 -20.13 -43.09 -57.95
C VAL D 742 -21.17 -44.09 -57.46
N LEU D 743 -21.13 -44.40 -56.17
CA LEU D 743 -22.08 -45.34 -55.58
C LEU D 743 -23.50 -44.86 -55.81
N GLN D 744 -24.25 -45.61 -56.64
CA GLN D 744 -25.61 -45.21 -56.97
C GLN D 744 -26.54 -45.37 -55.77
N SER D 745 -26.58 -46.56 -55.17
CA SER D 745 -27.49 -46.83 -54.07
C SER D 745 -26.79 -47.68 -53.03
N LEU D 746 -26.96 -47.31 -51.77
CA LEU D 746 -26.34 -48.04 -50.67
C LEU D 746 -27.20 -49.25 -50.31
N PRO D 747 -26.64 -50.46 -50.33
CA PRO D 747 -27.42 -51.64 -49.96
C PRO D 747 -27.87 -51.58 -48.50
N SER D 748 -29.05 -52.16 -48.24
CA SER D 748 -29.70 -52.04 -46.94
C SER D 748 -29.01 -52.86 -45.85
N ARG D 749 -28.07 -53.74 -46.21
CA ARG D 749 -27.38 -54.55 -45.21
C ARG D 749 -26.45 -53.74 -44.33
N VAL D 750 -26.29 -52.44 -44.58
CA VAL D 750 -25.32 -51.63 -43.86
C VAL D 750 -25.64 -51.57 -42.38
N GLY D 751 -26.92 -51.63 -42.01
CA GLY D 751 -27.27 -51.63 -40.60
C GLY D 751 -26.84 -52.87 -39.85
N GLU D 752 -26.45 -53.93 -40.56
CA GLU D 752 -25.98 -55.14 -39.89
C GLU D 752 -24.62 -54.93 -39.24
N LEU D 753 -23.89 -53.90 -39.66
CA LEU D 753 -22.57 -53.60 -39.13
C LEU D 753 -22.74 -52.80 -37.85
N THR D 754 -22.92 -53.51 -36.73
CA THR D 754 -23.21 -52.85 -35.46
C THR D 754 -21.99 -52.14 -34.91
N ASN D 755 -20.80 -52.74 -35.07
CA ASN D 755 -19.57 -52.12 -34.59
C ASN D 755 -19.16 -50.92 -35.43
N LEU D 756 -19.83 -50.70 -36.56
CA LEU D 756 -19.55 -49.52 -37.39
C LEU D 756 -19.89 -48.25 -36.62
N THR D 757 -19.02 -47.26 -36.70
CA THR D 757 -19.23 -46.00 -36.00
C THR D 757 -19.11 -44.79 -36.91
N GLN D 758 -18.32 -44.88 -37.98
CA GLN D 758 -18.12 -43.77 -38.90
C GLN D 758 -18.39 -44.23 -40.33
N ILE D 759 -18.94 -43.32 -41.14
CA ILE D 759 -19.12 -43.56 -42.58
C ILE D 759 -18.69 -42.32 -43.34
N GLU D 760 -18.26 -42.51 -44.59
CA GLU D 760 -18.07 -41.42 -45.53
C GLU D 760 -18.97 -41.66 -46.73
N LEU D 761 -19.88 -40.71 -46.98
CA LEU D 761 -20.85 -40.85 -48.06
C LEU D 761 -20.97 -39.62 -48.94
N ARG D 762 -20.33 -38.50 -48.60
CA ARG D 762 -20.40 -37.32 -49.44
C ARG D 762 -19.57 -37.51 -50.70
N GLY D 763 -20.04 -36.93 -51.80
CA GLY D 763 -19.36 -37.04 -53.08
C GLY D 763 -19.86 -38.15 -53.97
N ASN D 764 -20.98 -38.79 -53.64
CA ASN D 764 -21.52 -39.90 -54.40
C ASN D 764 -22.96 -39.62 -54.81
N ARG D 765 -23.36 -40.23 -55.92
CA ARG D 765 -24.69 -40.00 -56.50
C ARG D 765 -25.70 -40.99 -55.93
N LEU D 766 -26.16 -40.67 -54.73
CA LEU D 766 -27.14 -41.49 -54.02
C LEU D 766 -28.53 -40.90 -54.14
N GLU D 767 -29.54 -41.78 -54.18
CA GLU D 767 -30.93 -41.35 -54.28
C GLU D 767 -31.53 -41.08 -52.90
N CYS D 768 -31.51 -42.08 -52.01
CA CYS D 768 -32.01 -41.92 -50.66
C CYS D 768 -31.24 -42.82 -49.73
N LEU D 769 -30.97 -42.33 -48.53
CA LEU D 769 -30.28 -43.13 -47.53
C LEU D 769 -31.17 -44.30 -47.09
N PRO D 770 -30.62 -45.51 -47.02
CA PRO D 770 -31.40 -46.63 -46.48
C PRO D 770 -31.80 -46.37 -45.04
N VAL D 771 -33.04 -46.75 -44.72
CA VAL D 771 -33.53 -46.58 -43.36
C VAL D 771 -32.78 -47.50 -42.41
N GLU D 772 -32.40 -48.69 -42.87
CA GLU D 772 -31.68 -49.64 -42.02
C GLU D 772 -30.34 -49.09 -41.57
N LEU D 773 -29.78 -48.12 -42.29
CA LEU D 773 -28.56 -47.46 -41.83
C LEU D 773 -28.73 -46.87 -40.44
N GLY D 774 -29.95 -46.46 -40.10
CA GLY D 774 -30.25 -45.91 -38.80
C GLY D 774 -30.45 -46.92 -37.69
N GLU D 775 -30.33 -48.21 -37.98
CA GLU D 775 -30.43 -49.24 -36.96
C GLU D 775 -29.09 -49.57 -36.32
N CYS D 776 -28.01 -48.94 -36.76
CA CYS D 776 -26.69 -49.21 -36.20
C CYS D 776 -26.60 -48.69 -34.77
N PRO D 777 -26.27 -49.54 -33.80
CA PRO D 777 -26.18 -49.06 -32.40
C PRO D 777 -25.14 -47.98 -32.19
N LEU D 778 -24.02 -48.01 -32.90
CA LEU D 778 -22.90 -47.13 -32.63
C LEU D 778 -22.70 -46.02 -33.64
N LEU D 779 -23.25 -46.14 -34.85
CA LEU D 779 -23.12 -45.07 -35.82
C LEU D 779 -23.95 -43.86 -35.36
N LYS D 780 -23.33 -42.69 -35.38
CA LYS D 780 -23.95 -41.47 -34.90
C LYS D 780 -23.89 -40.40 -35.97
N ARG D 781 -24.61 -39.30 -35.75
CA ARG D 781 -24.56 -38.18 -36.68
C ARG D 781 -23.13 -37.68 -36.85
N SER D 782 -22.35 -37.68 -35.77
CA SER D 782 -20.94 -37.36 -35.89
C SER D 782 -20.23 -38.37 -36.79
N GLY D 783 -20.56 -39.65 -36.64
CA GLY D 783 -20.04 -40.68 -37.51
C GLY D 783 -20.77 -40.83 -38.83
N LEU D 784 -21.84 -40.07 -39.03
CA LEU D 784 -22.63 -40.13 -40.26
C LEU D 784 -22.26 -38.91 -41.10
N VAL D 785 -21.47 -39.13 -42.15
CA VAL D 785 -21.01 -38.07 -43.03
C VAL D 785 -21.71 -38.24 -44.38
N VAL D 786 -22.56 -37.27 -44.73
CA VAL D 786 -23.29 -37.30 -45.98
C VAL D 786 -23.82 -35.91 -46.25
N GLU D 787 -24.15 -35.64 -47.52
CA GLU D 787 -24.72 -34.35 -47.90
C GLU D 787 -26.06 -34.14 -47.22
N GLU D 788 -26.45 -32.87 -47.08
CA GLU D 788 -27.68 -32.54 -46.35
C GLU D 788 -28.92 -32.98 -47.11
N ASP D 789 -28.89 -32.96 -48.44
CA ASP D 789 -30.06 -33.37 -49.21
C ASP D 789 -30.41 -34.84 -48.97
N LEU D 790 -29.39 -35.71 -48.95
CA LEU D 790 -29.63 -37.10 -48.60
C LEU D 790 -29.93 -37.25 -47.12
N PHE D 791 -29.36 -36.37 -46.29
CA PHE D 791 -29.58 -36.45 -44.84
C PHE D 791 -31.03 -36.18 -44.48
N SER D 792 -31.67 -35.21 -45.14
CA SER D 792 -33.05 -34.87 -44.82
C SER D 792 -34.04 -35.94 -45.25
N THR D 793 -33.63 -36.88 -46.10
CA THR D 793 -34.48 -38.01 -46.47
C THR D 793 -34.53 -39.09 -45.40
N LEU D 794 -33.71 -38.97 -44.35
CA LEU D 794 -33.72 -39.94 -43.27
C LEU D 794 -35.06 -39.91 -42.55
N PRO D 795 -35.52 -41.04 -42.03
CA PRO D 795 -36.74 -41.04 -41.25
C PRO D 795 -36.58 -40.18 -40.02
N PRO D 796 -37.68 -39.55 -39.55
CA PRO D 796 -37.57 -38.66 -38.39
C PRO D 796 -37.04 -39.34 -37.15
N GLU D 797 -37.36 -40.61 -36.93
CA GLU D 797 -36.79 -41.33 -35.79
C GLU D 797 -35.27 -41.46 -35.94
N VAL D 798 -34.80 -41.70 -37.17
CA VAL D 798 -33.36 -41.77 -37.40
C VAL D 798 -32.72 -40.41 -37.14
N LYS D 799 -33.37 -39.34 -37.60
CA LYS D 799 -32.87 -38.00 -37.33
C LYS D 799 -32.73 -37.77 -35.83
N GLU D 800 -33.79 -38.08 -35.08
CA GLU D 800 -33.78 -37.84 -33.64
C GLU D 800 -32.72 -38.67 -32.94
N ARG D 801 -32.60 -39.94 -33.31
CA ARG D 801 -31.61 -40.81 -32.67
C ARG D 801 -30.19 -40.34 -32.95
N LEU D 802 -29.90 -39.96 -34.21
CA LEU D 802 -28.57 -39.47 -34.54
C LEU D 802 -28.25 -38.17 -33.81
N TRP D 803 -29.22 -37.25 -33.76
CA TRP D 803 -28.99 -35.99 -33.07
C TRP D 803 -28.77 -36.21 -31.58
N ARG D 804 -29.57 -37.09 -30.96
CA ARG D 804 -29.40 -37.34 -29.53
C ARG D 804 -28.09 -38.05 -29.23
N ALA D 805 -27.63 -38.90 -30.17
CA ALA D 805 -26.30 -39.48 -30.03
C ALA D 805 -25.23 -38.41 -30.10
N ASP D 806 -25.43 -37.42 -30.98
CA ASP D 806 -24.48 -36.31 -31.08
C ASP D 806 -24.45 -35.49 -29.78
N LYS D 807 -25.63 -35.24 -29.20
CA LYS D 807 -25.68 -34.44 -27.97
C LYS D 807 -24.95 -35.12 -26.83
N GLU D 808 -25.12 -36.43 -26.69
CA GLU D 808 -24.48 -37.17 -25.61
C GLU D 808 -23.42 -38.12 -26.15
N PRO E 15 7.77 29.20 -13.26
CA PRO E 15 7.81 30.55 -13.82
C PRO E 15 8.36 30.59 -15.24
N ALA E 16 7.87 29.70 -16.09
CA ALA E 16 8.28 29.68 -17.50
C ALA E 16 7.36 30.55 -18.35
N TYR E 17 7.16 31.80 -17.94
CA TYR E 17 6.36 32.73 -18.71
C TYR E 17 7.06 33.20 -19.97
N ARG E 18 8.37 33.03 -20.04
CA ARG E 18 9.17 33.48 -21.18
C ARG E 18 8.87 32.71 -22.45
N ILE E 19 8.14 31.60 -22.37
CA ILE E 19 7.85 30.80 -23.55
C ILE E 19 7.05 31.61 -24.56
N LEU E 20 6.30 32.60 -24.10
CA LEU E 20 5.57 33.50 -24.98
C LEU E 20 6.43 34.63 -25.51
N LYS E 21 7.70 34.72 -25.08
CA LYS E 21 8.58 35.78 -25.55
C LYS E 21 9.45 35.25 -26.68
N PRO E 22 9.27 35.72 -27.90
CA PRO E 22 10.15 35.29 -28.99
C PRO E 22 11.57 35.78 -28.78
N TRP E 23 12.49 35.40 -29.68
CA TRP E 23 13.85 35.89 -29.58
C TRP E 23 13.91 37.41 -29.66
N TRP E 24 13.04 38.00 -30.49
CA TRP E 24 13.12 39.44 -30.68
C TRP E 24 12.59 40.20 -29.47
N ASP E 25 11.61 39.63 -28.76
CA ASP E 25 11.20 40.26 -27.51
C ASP E 25 12.33 40.25 -26.49
N VAL E 26 13.07 39.15 -26.43
CA VAL E 26 14.20 39.08 -25.50
C VAL E 26 15.28 40.09 -25.90
N PHE E 27 15.56 40.19 -27.20
CA PHE E 27 16.56 41.15 -27.65
C PHE E 27 16.13 42.58 -27.35
N THR E 28 14.85 42.89 -27.56
CA THR E 28 14.37 44.23 -27.21
C THR E 28 14.47 44.46 -25.71
N ASP E 29 14.21 43.44 -24.91
CA ASP E 29 14.36 43.59 -23.47
C ASP E 29 15.79 43.91 -23.09
N TYR E 30 16.75 43.18 -23.65
CA TYR E 30 18.15 43.43 -23.32
C TYR E 30 18.61 44.79 -23.84
N ILE E 31 18.19 45.15 -25.05
CA ILE E 31 18.54 46.45 -25.60
C ILE E 31 17.95 47.56 -24.75
N SER E 32 16.71 47.39 -24.29
CA SER E 32 16.11 48.38 -23.41
C SER E 32 16.84 48.45 -22.08
N ILE E 33 17.32 47.32 -21.59
CA ILE E 33 18.13 47.33 -20.37
C ILE E 33 19.37 48.17 -20.57
N VAL E 34 20.05 47.99 -21.70
CA VAL E 34 21.27 48.77 -21.94
C VAL E 34 20.93 50.25 -22.11
N MET E 35 19.83 50.56 -22.80
CA MET E 35 19.44 51.96 -22.94
C MET E 35 19.14 52.57 -21.59
N LEU E 36 18.43 51.85 -20.74
CA LEU E 36 18.15 52.33 -19.39
C LEU E 36 19.44 52.54 -18.61
N MET E 37 20.39 51.63 -18.78
CA MET E 37 21.66 51.75 -18.08
C MET E 37 22.39 53.02 -18.49
N ILE E 38 22.47 53.27 -19.80
CA ILE E 38 23.16 54.49 -20.22
C ILE E 38 22.36 55.72 -19.85
N ALA E 39 21.03 55.61 -19.79
CA ALA E 39 20.23 56.74 -19.36
C ALA E 39 20.52 57.09 -17.90
N VAL E 40 20.60 56.09 -17.04
CA VAL E 40 20.92 56.33 -15.64
C VAL E 40 22.33 56.89 -15.51
N PHE E 41 23.27 56.33 -16.27
CA PHE E 41 24.64 56.83 -16.22
C PHE E 41 24.71 58.29 -16.65
N GLY E 42 24.08 58.62 -17.77
CA GLY E 42 24.09 60.00 -18.23
C GLY E 42 23.37 60.93 -17.27
N GLY E 43 22.26 60.47 -16.69
CA GLY E 43 21.53 61.30 -15.76
C GLY E 43 22.33 61.61 -14.50
N THR E 44 22.92 60.58 -13.90
CA THR E 44 23.72 60.82 -12.71
C THR E 44 24.96 61.63 -13.03
N LEU E 45 25.54 61.43 -14.21
CA LEU E 45 26.69 62.23 -14.59
C LEU E 45 26.31 63.70 -14.75
N GLN E 46 25.18 63.96 -15.40
CA GLN E 46 24.74 65.33 -15.61
C GLN E 46 24.38 65.99 -14.29
N VAL E 47 23.71 65.27 -13.40
CA VAL E 47 23.34 65.84 -12.10
C VAL E 47 24.59 66.14 -11.29
N THR E 48 25.51 65.17 -11.21
CA THR E 48 26.68 65.37 -10.38
C THR E 48 27.54 66.53 -10.87
N GLN E 49 27.85 66.58 -12.16
CA GLN E 49 28.53 67.74 -12.72
C GLN E 49 28.13 67.92 -14.17
N ASP E 50 27.56 69.08 -14.47
CA ASP E 50 27.32 69.47 -15.85
C ASP E 50 27.65 70.94 -16.05
N LYS E 51 28.52 71.48 -15.21
CA LYS E 51 28.82 72.90 -15.22
C LYS E 51 29.33 73.34 -16.58
N MET E 52 29.02 74.58 -16.94
CA MET E 52 29.62 75.24 -18.09
C MET E 52 30.59 76.28 -17.58
N ILE E 53 31.75 76.36 -18.20
CA ILE E 53 32.80 77.28 -17.78
C ILE E 53 32.82 78.44 -18.76
N CYS E 54 32.39 79.61 -18.32
CA CYS E 54 32.19 80.75 -19.21
C CYS E 54 33.19 81.85 -18.92
N LEU E 55 33.75 82.43 -19.98
CA LEU E 55 34.59 83.61 -19.90
C LEU E 55 34.03 84.69 -20.79
N PRO E 56 34.25 85.95 -20.48
CA PRO E 56 33.72 87.04 -21.30
C PRO E 56 34.66 87.41 -22.44
N CYS E 57 34.06 87.85 -23.53
CA CYS E 57 34.80 88.29 -24.71
C CYS E 57 35.08 89.77 -24.58
N LYS E 58 36.36 90.14 -24.53
CA LYS E 58 36.72 91.54 -24.43
C LYS E 58 36.33 92.31 -25.69
N TRP E 59 36.55 91.72 -26.86
CA TRP E 59 36.24 92.36 -28.12
C TRP E 59 35.23 91.50 -28.88
N VAL E 60 34.08 92.07 -29.17
CA VAL E 60 32.93 91.34 -29.70
C VAL E 60 32.65 91.83 -31.12
N THR E 61 32.55 90.89 -32.06
CA THR E 61 32.12 91.19 -33.42
C THR E 61 31.03 90.20 -33.79
N LYS E 62 29.85 90.73 -34.15
CA LYS E 62 28.71 89.90 -34.55
C LYS E 62 28.32 88.93 -33.43
N ASP E 63 28.38 89.41 -32.19
CA ASP E 63 27.98 88.63 -31.01
C ASP E 63 28.83 87.38 -30.85
N SER E 64 30.15 87.58 -30.84
CA SER E 64 31.09 86.50 -30.59
C SER E 64 32.46 87.11 -30.34
N CYS E 65 33.37 86.30 -29.80
CA CYS E 65 34.74 86.76 -29.61
C CYS E 65 35.37 87.11 -30.94
N ASN E 66 36.00 88.29 -31.00
CA ASN E 66 36.68 88.70 -32.22
C ASN E 66 37.92 87.86 -32.49
N ASP E 67 38.44 87.18 -31.46
CA ASP E 67 39.66 86.38 -31.58
C ASP E 67 40.83 87.24 -32.03
N SER E 68 41.19 88.20 -31.19
CA SER E 68 42.34 89.06 -31.44
C SER E 68 42.88 89.63 -30.14
N THR E 92 58.26 92.40 -21.72
CA THR E 92 57.63 92.27 -23.03
C THR E 92 56.94 90.92 -23.15
N GLY E 93 56.95 90.15 -22.08
CA GLY E 93 56.34 88.85 -22.08
C GLY E 93 54.83 88.92 -21.96
N PRO E 94 54.18 87.80 -22.25
CA PRO E 94 52.72 87.76 -22.16
C PRO E 94 52.26 87.85 -20.72
N THR E 95 51.03 88.32 -20.54
CA THR E 95 50.39 88.36 -19.24
C THR E 95 48.89 88.19 -19.42
N GLY E 96 48.24 87.72 -18.37
CA GLY E 96 46.82 87.46 -18.46
C GLY E 96 46.01 88.73 -18.63
N ILE E 97 44.77 88.56 -19.07
CA ILE E 97 43.83 89.66 -19.23
C ILE E 97 42.89 89.66 -18.05
N LYS E 98 42.81 90.78 -17.34
CA LYS E 98 42.04 90.89 -16.13
C LYS E 98 40.61 91.30 -16.46
N TYR E 99 39.65 90.46 -16.11
CA TYR E 99 38.25 90.77 -16.34
C TYR E 99 37.61 91.49 -15.18
N ASP E 100 38.24 91.47 -13.99
CA ASP E 100 37.69 92.10 -12.80
C ASP E 100 36.29 91.57 -12.49
N LEU E 101 36.22 90.26 -12.24
CA LEU E 101 34.97 89.61 -11.91
C LEU E 101 35.16 88.75 -10.67
N ASP E 102 34.22 88.85 -9.74
CA ASP E 102 34.23 87.97 -8.59
C ASP E 102 33.98 86.54 -9.04
N ARG E 103 34.36 85.60 -8.18
CA ARG E 103 34.06 84.20 -8.48
C ARG E 103 32.57 83.99 -8.61
N HIS E 104 31.78 84.64 -7.74
CA HIS E 104 30.34 84.51 -7.81
C HIS E 104 29.76 85.09 -9.09
N GLN E 105 30.37 86.13 -9.64
CA GLN E 105 29.91 86.63 -10.93
C GLN E 105 30.14 85.60 -12.02
N TYR E 106 31.27 84.92 -11.98
CA TYR E 106 31.49 83.82 -12.91
C TYR E 106 30.44 82.74 -12.73
N ASN E 107 30.11 82.42 -11.48
CA ASN E 107 29.08 81.42 -11.24
C ASN E 107 27.74 81.85 -11.83
N TYR E 108 27.38 83.12 -11.65
CA TYR E 108 26.14 83.61 -12.21
C TYR E 108 26.14 83.53 -13.72
N VAL E 109 27.25 83.91 -14.35
CA VAL E 109 27.32 83.84 -15.81
C VAL E 109 27.21 82.39 -16.27
N ASP E 110 27.88 81.48 -15.58
CA ASP E 110 27.77 80.08 -15.91
C ASP E 110 26.34 79.60 -15.81
N ALA E 111 25.66 79.96 -14.73
CA ALA E 111 24.28 79.54 -14.55
C ALA E 111 23.38 80.07 -15.65
N VAL E 112 23.50 81.36 -15.97
CA VAL E 112 22.59 81.94 -16.95
C VAL E 112 22.88 81.37 -18.34
N CYS E 113 24.15 81.17 -18.69
CA CYS E 113 24.46 80.58 -19.99
C CYS E 113 23.98 79.14 -20.06
N TYR E 114 24.20 78.36 -19.01
CA TYR E 114 23.72 76.99 -19.00
C TYR E 114 22.21 76.93 -19.11
N GLU E 115 21.52 77.91 -18.51
CA GLU E 115 20.08 77.93 -18.58
C GLU E 115 19.59 78.29 -19.98
N ASN E 116 20.17 79.33 -20.58
CA ASN E 116 19.60 79.93 -21.77
C ASN E 116 20.30 79.51 -23.05
N ARG E 117 21.61 79.73 -23.15
CA ARG E 117 22.30 79.59 -24.41
C ARG E 117 22.86 78.21 -24.64
N LEU E 118 22.58 77.25 -23.77
CA LEU E 118 22.94 75.87 -24.00
C LEU E 118 21.73 75.14 -24.54
N HIS E 119 21.92 74.38 -25.62
CA HIS E 119 20.80 73.75 -26.28
C HIS E 119 20.16 72.72 -25.37
N TRP E 120 18.82 72.73 -25.33
CA TRP E 120 18.07 71.89 -24.40
C TRP E 120 18.39 70.42 -24.54
N PHE E 121 18.77 69.98 -25.75
CA PHE E 121 19.07 68.57 -25.94
C PHE E 121 20.26 68.14 -25.09
N ALA E 122 21.30 68.97 -25.03
CA ALA E 122 22.45 68.63 -24.21
C ALA E 122 22.07 68.52 -22.74
N LYS E 123 21.21 69.43 -22.27
CA LYS E 123 20.80 69.41 -20.87
C LYS E 123 19.97 68.18 -20.55
N TYR E 124 19.00 67.85 -21.40
CA TYR E 124 17.96 66.89 -21.05
C TYR E 124 18.06 65.60 -21.83
N PHE E 125 19.20 65.31 -22.43
CA PHE E 125 19.35 64.06 -23.16
C PHE E 125 19.11 62.83 -22.29
N PRO E 126 19.77 62.66 -21.13
CA PRO E 126 19.53 61.43 -20.36
C PRO E 126 18.09 61.27 -19.90
N TYR E 127 17.41 62.37 -19.56
CA TYR E 127 16.03 62.25 -19.14
C TYR E 127 15.14 61.81 -20.29
N LEU E 128 15.37 62.33 -21.49
CA LEU E 128 14.63 61.86 -22.65
C LEU E 128 14.89 60.39 -22.91
N VAL E 129 16.16 59.96 -22.78
CA VAL E 129 16.47 58.55 -22.99
C VAL E 129 15.73 57.70 -21.97
N LEU E 130 15.73 58.12 -20.71
CA LEU E 130 15.02 57.37 -19.67
C LEU E 130 13.53 57.29 -19.97
N LEU E 131 12.94 58.40 -20.38
CA LEU E 131 11.52 58.42 -20.68
C LEU E 131 11.19 57.49 -21.84
N HIS E 132 12.00 57.54 -22.90
CA HIS E 132 11.76 56.67 -24.04
C HIS E 132 11.93 55.20 -23.68
N THR E 133 12.94 54.89 -22.87
CA THR E 133 13.12 53.50 -22.45
C THR E 133 11.94 53.02 -21.62
N LEU E 134 11.44 53.88 -20.73
CA LEU E 134 10.25 53.52 -19.96
C LEU E 134 9.06 53.28 -20.87
N ILE E 135 8.88 54.14 -21.87
CA ILE E 135 7.76 53.94 -22.80
C ILE E 135 7.91 52.63 -23.55
N PHE E 136 9.13 52.31 -23.98
CA PHE E 136 9.34 51.05 -24.68
C PHE E 136 9.03 49.86 -23.79
N LEU E 137 9.49 49.90 -22.54
CA LEU E 137 9.22 48.79 -21.63
C LEU E 137 7.73 48.69 -21.33
N ALA E 138 7.05 49.83 -21.20
CA ALA E 138 5.61 49.80 -20.99
C ALA E 138 4.90 49.17 -22.18
N CYS E 139 5.31 49.53 -23.39
CA CYS E 139 4.73 48.89 -24.57
C CYS E 139 5.01 47.40 -24.56
N SER E 140 6.23 47.00 -24.19
CA SER E 140 6.58 45.58 -24.21
C SER E 140 5.75 44.78 -23.22
N ASN E 141 5.52 45.33 -22.03
CA ASN E 141 4.85 44.59 -20.97
C ASN E 141 3.38 44.95 -20.81
N PHE E 142 2.84 45.75 -21.73
CA PHE E 142 1.44 46.15 -21.64
C PHE E 142 0.51 44.94 -21.65
N TRP E 143 0.67 44.05 -22.63
CA TRP E 143 -0.20 42.89 -22.70
C TRP E 143 -0.01 41.94 -21.53
N PHE E 144 1.19 41.88 -20.95
CA PHE E 144 1.38 41.10 -19.74
C PHE E 144 0.63 41.70 -18.56
N LYS E 145 0.65 43.01 -18.43
CA LYS E 145 0.04 43.67 -17.28
C LYS E 145 -1.37 44.19 -17.55
N PHE E 146 -1.89 43.99 -18.76
CA PHE E 146 -3.28 44.34 -19.00
C PHE E 146 -4.14 43.15 -18.59
N PRO E 147 -4.95 43.29 -17.54
CA PRO E 147 -5.61 42.10 -16.97
C PRO E 147 -6.49 41.35 -17.95
N ARG E 148 -7.19 42.06 -18.84
CA ARG E 148 -8.06 41.39 -19.80
C ARG E 148 -7.31 40.34 -20.60
N THR E 149 -6.19 40.72 -21.21
CA THR E 149 -5.40 39.78 -21.97
C THR E 149 -4.43 38.99 -21.10
N SER E 150 -4.04 39.52 -19.94
CA SER E 150 -3.23 38.73 -19.03
C SER E 150 -3.93 37.46 -18.62
N SER E 151 -5.25 37.54 -18.41
CA SER E 151 -6.01 36.36 -18.07
C SER E 151 -5.92 35.29 -19.15
N LYS E 152 -6.17 35.68 -20.40
CA LYS E 152 -6.12 34.71 -21.48
C LYS E 152 -4.72 34.14 -21.65
N LEU E 153 -3.70 34.99 -21.50
CA LEU E 153 -2.33 34.50 -21.67
C LEU E 153 -1.97 33.49 -20.60
N GLU E 154 -2.28 33.78 -19.33
CA GLU E 154 -1.96 32.82 -18.29
C GLU E 154 -2.79 31.56 -18.43
N HIS E 155 -4.04 31.70 -18.89
CA HIS E 155 -4.87 30.53 -19.16
C HIS E 155 -4.22 29.65 -20.21
N PHE E 156 -3.78 30.24 -21.32
CA PHE E 156 -3.17 29.47 -22.39
C PHE E 156 -1.87 28.81 -21.93
N VAL E 157 -1.05 29.55 -21.19
CA VAL E 157 0.22 28.96 -20.77
C VAL E 157 -0.01 27.84 -19.78
N SER E 158 -1.01 27.97 -18.91
CA SER E 158 -1.35 26.88 -18.01
C SER E 158 -1.82 25.65 -18.78
N ILE E 159 -2.66 25.86 -19.79
CA ILE E 159 -3.14 24.74 -20.59
C ILE E 159 -1.98 24.06 -21.30
N LEU E 160 -1.08 24.84 -21.89
CA LEU E 160 0.06 24.25 -22.59
C LEU E 160 0.98 23.51 -21.65
N LEU E 161 1.23 24.06 -20.46
CA LEU E 161 2.12 23.37 -19.52
C LEU E 161 1.49 22.07 -19.05
N LYS E 162 0.17 22.06 -18.82
CA LYS E 162 -0.50 20.80 -18.47
C LYS E 162 -0.39 19.80 -19.62
N CYS E 163 -0.61 20.26 -20.85
CA CYS E 163 -0.58 19.35 -21.98
C CYS E 163 0.80 18.75 -22.22
N PHE E 164 1.85 19.56 -22.05
CA PHE E 164 3.19 19.11 -22.42
C PHE E 164 3.66 17.94 -21.56
N ASP E 165 3.21 17.89 -20.31
CA ASP E 165 3.64 16.83 -19.41
C ASP E 165 2.75 15.58 -19.48
N SER E 166 1.77 15.57 -20.38
CA SER E 166 0.83 14.46 -20.43
C SER E 166 1.48 13.22 -21.04
N PRO E 167 1.45 12.07 -20.36
CA PRO E 167 1.92 10.84 -20.99
C PRO E 167 1.06 10.43 -22.18
N TRP E 168 -0.18 10.91 -22.25
CA TRP E 168 -1.01 10.70 -23.42
C TRP E 168 -0.28 11.10 -24.69
N THR E 169 0.34 12.28 -24.69
CA THR E 169 1.07 12.73 -25.87
C THR E 169 2.25 11.83 -26.18
N THR E 170 2.97 11.38 -25.14
CA THR E 170 4.11 10.51 -25.38
C THR E 170 3.68 9.21 -26.02
N ARG E 171 2.60 8.60 -25.51
CA ARG E 171 2.12 7.36 -26.10
C ARG E 171 1.61 7.57 -27.52
N ALA E 172 0.86 8.65 -27.75
CA ALA E 172 0.32 8.90 -29.09
C ALA E 172 1.44 9.14 -30.09
N LEU E 173 2.49 9.85 -29.69
CA LEU E 173 3.60 10.10 -30.59
C LEU E 173 4.47 8.87 -30.78
N SER E 174 4.55 8.01 -29.78
CA SER E 174 5.29 6.76 -29.92
C SER E 174 4.54 5.73 -30.76
N GLU E 175 3.21 5.85 -30.86
CA GLU E 175 2.46 4.97 -31.76
C GLU E 175 2.87 5.20 -33.21
N THR E 176 3.05 6.46 -33.60
CA THR E 176 3.45 6.84 -34.95
C THR E 176 2.47 6.30 -36.00
N GLY E 230 1.41 -1.77 -21.89
CA GLY E 230 0.47 -1.18 -22.82
C GLY E 230 -0.75 -0.56 -22.14
N VAL E 231 -0.95 -0.92 -20.88
CA VAL E 231 -2.08 -0.45 -20.10
C VAL E 231 -1.55 0.32 -18.89
N LEU E 232 -2.05 1.53 -18.69
CA LEU E 232 -1.62 2.40 -17.62
C LEU E 232 -2.81 2.69 -16.71
N ASP E 233 -2.60 3.58 -15.74
CA ASP E 233 -3.61 3.80 -14.72
C ASP E 233 -4.88 4.41 -15.34
N LYS E 234 -6.01 4.03 -14.76
CA LYS E 234 -7.29 4.57 -15.21
C LYS E 234 -7.36 6.07 -14.99
N LYS E 235 -6.81 6.55 -13.87
CA LYS E 235 -6.82 7.98 -13.60
C LYS E 235 -6.05 8.75 -14.67
N GLU E 236 -5.07 8.11 -15.32
CA GLU E 236 -4.39 8.74 -16.44
C GLU E 236 -5.35 8.99 -17.59
N GLY E 237 -6.17 7.98 -17.92
CA GLY E 237 -7.19 8.20 -18.93
C GLY E 237 -8.19 9.26 -18.53
N GLU E 238 -8.58 9.27 -17.25
CA GLU E 238 -9.53 10.27 -16.79
C GLU E 238 -8.97 11.68 -16.92
N GLN E 239 -7.71 11.88 -16.48
CA GLN E 239 -7.13 13.21 -16.58
C GLN E 239 -6.92 13.60 -18.04
N ALA E 240 -6.57 12.64 -18.89
CA ALA E 240 -6.44 12.96 -20.31
C ALA E 240 -7.77 13.41 -20.91
N LYS E 241 -8.84 12.69 -20.57
CA LYS E 241 -10.16 13.07 -21.06
C LYS E 241 -10.57 14.44 -20.53
N ALA E 242 -10.27 14.72 -19.27
CA ALA E 242 -10.57 16.03 -18.71
C ALA E 242 -9.78 17.12 -19.41
N LEU E 243 -8.51 16.83 -19.73
CA LEU E 243 -7.69 17.77 -20.48
C LEU E 243 -8.31 18.05 -21.85
N PHE E 244 -8.78 16.99 -22.51
CA PHE E 244 -9.47 17.18 -23.78
C PHE E 244 -10.69 18.08 -23.63
N GLU E 245 -11.51 17.83 -22.61
CA GLU E 245 -12.74 18.59 -22.45
C GLU E 245 -12.43 20.06 -22.14
N LYS E 246 -11.47 20.32 -21.25
CA LYS E 246 -11.13 21.70 -20.93
C LYS E 246 -10.47 22.39 -22.10
N VAL E 247 -9.69 21.67 -22.92
CA VAL E 247 -9.14 22.27 -24.12
C VAL E 247 -10.25 22.68 -25.07
N LYS E 248 -11.26 21.81 -25.23
CA LYS E 248 -12.40 22.17 -26.07
C LYS E 248 -13.09 23.41 -25.54
N LYS E 249 -13.32 23.47 -24.22
CA LYS E 249 -14.02 24.62 -23.66
C LYS E 249 -13.22 25.90 -23.82
N PHE E 250 -11.91 25.84 -23.57
CA PHE E 250 -11.07 27.01 -23.78
C PHE E 250 -11.08 27.45 -25.23
N ARG E 251 -10.99 26.50 -26.16
CA ARG E 251 -10.99 26.87 -27.57
C ARG E 251 -12.29 27.56 -27.94
N THR E 252 -13.42 27.06 -27.42
CA THR E 252 -14.68 27.75 -27.63
C THR E 252 -14.64 29.15 -27.01
N HIS E 253 -13.95 29.28 -25.88
CA HIS E 253 -13.88 30.56 -25.19
C HIS E 253 -13.09 31.60 -25.98
N VAL E 254 -11.92 31.22 -26.48
CA VAL E 254 -10.96 32.21 -26.96
C VAL E 254 -11.06 32.50 -28.45
N GLU E 255 -11.62 31.59 -29.25
CA GLU E 255 -11.63 31.78 -30.69
C GLU E 255 -12.45 32.97 -31.14
N GLU E 256 -13.30 33.52 -30.26
CA GLU E 256 -14.16 34.63 -30.63
C GLU E 256 -13.72 35.97 -30.05
N GLY E 257 -12.75 35.98 -29.13
CA GLY E 257 -12.34 37.20 -28.48
C GLY E 257 -11.68 38.21 -29.41
N ASP E 258 -10.56 37.81 -30.00
CA ASP E 258 -9.77 38.68 -30.86
C ASP E 258 -9.41 39.98 -30.14
N ILE E 259 -8.63 39.84 -29.07
CA ILE E 259 -8.10 40.98 -28.34
C ILE E 259 -6.58 40.96 -28.26
N VAL E 260 -5.98 39.78 -28.07
CA VAL E 260 -4.53 39.74 -27.91
C VAL E 260 -3.85 40.11 -29.22
N TYR E 261 -4.43 39.73 -30.35
CA TYR E 261 -3.83 40.06 -31.63
C TYR E 261 -3.88 41.56 -31.88
N ARG E 262 -5.06 42.17 -31.72
CA ARG E 262 -5.18 43.60 -31.98
C ARG E 262 -4.35 44.40 -30.98
N LEU E 263 -4.33 43.97 -29.72
CA LEU E 263 -3.53 44.67 -28.72
C LEU E 263 -2.04 44.58 -29.06
N TYR E 264 -1.56 43.39 -29.41
CA TYR E 264 -0.16 43.23 -29.78
C TYR E 264 0.18 44.05 -31.01
N MET E 265 -0.74 44.09 -31.97
CA MET E 265 -0.54 44.90 -33.17
C MET E 265 -0.40 46.37 -32.82
N ARG E 266 -1.30 46.86 -31.97
CA ARG E 266 -1.24 48.27 -31.59
C ARG E 266 0.03 48.55 -30.80
N GLN E 267 0.44 47.63 -29.94
CA GLN E 267 1.66 47.82 -29.17
C GLN E 267 2.89 47.88 -30.07
N THR E 268 2.98 46.98 -31.05
CA THR E 268 4.14 46.99 -31.92
C THR E 268 4.12 48.21 -32.84
N ILE E 269 2.93 48.61 -33.29
CA ILE E 269 2.82 49.83 -34.09
C ILE E 269 3.30 51.03 -33.28
N ILE E 270 2.91 51.10 -32.01
CA ILE E 270 3.36 52.20 -31.17
C ILE E 270 4.87 52.17 -31.01
N LYS E 271 5.43 50.98 -30.79
CA LYS E 271 6.89 50.88 -30.69
C LYS E 271 7.56 51.40 -31.94
N VAL E 272 7.06 51.00 -33.11
CA VAL E 272 7.71 51.39 -34.37
C VAL E 272 7.58 52.90 -34.60
N ILE E 273 6.39 53.45 -34.38
CA ILE E 273 6.22 54.88 -34.64
C ILE E 273 7.02 55.70 -33.64
N LYS E 274 7.10 55.24 -32.39
CA LYS E 274 7.93 55.93 -31.41
C LYS E 274 9.39 55.87 -31.81
N PHE E 275 9.85 54.72 -32.30
CA PHE E 275 11.21 54.62 -32.80
C PHE E 275 11.46 55.60 -33.94
N ALA E 276 10.50 55.70 -34.85
CA ALA E 276 10.65 56.65 -35.96
C ALA E 276 10.80 58.08 -35.45
N LEU E 277 9.88 58.50 -34.58
CA LEU E 277 9.92 59.88 -34.08
C LEU E 277 11.21 60.16 -33.33
N ILE E 278 11.62 59.22 -32.45
CA ILE E 278 12.81 59.48 -31.64
C ILE E 278 14.04 59.50 -32.51
N ILE E 279 14.16 58.59 -33.48
CA ILE E 279 15.34 58.61 -34.33
C ILE E 279 15.37 59.90 -35.15
N CYS E 280 14.21 60.36 -35.61
CA CYS E 280 14.16 61.62 -36.34
C CYS E 280 14.72 62.76 -35.51
N TYR E 281 14.09 63.03 -34.36
CA TYR E 281 14.50 64.21 -33.62
C TYR E 281 15.90 64.06 -33.04
N THR E 282 16.29 62.85 -32.63
CA THR E 282 17.62 62.67 -32.09
C THR E 282 18.69 62.90 -33.14
N VAL E 283 18.52 62.33 -34.33
CA VAL E 283 19.51 62.54 -35.38
C VAL E 283 19.54 64.00 -35.78
N TYR E 284 18.39 64.68 -35.76
CA TYR E 284 18.40 66.08 -36.14
C TYR E 284 19.03 66.98 -35.09
N TYR E 285 18.95 66.63 -33.81
CA TYR E 285 19.38 67.53 -32.75
C TYR E 285 20.70 67.17 -32.10
N VAL E 286 21.24 65.97 -32.35
CA VAL E 286 22.50 65.60 -31.70
C VAL E 286 23.64 66.48 -32.15
N HIS E 287 23.48 67.22 -33.25
CA HIS E 287 24.55 68.10 -33.69
C HIS E 287 24.79 69.28 -32.75
N ASN E 288 23.85 69.57 -31.85
CA ASN E 288 23.98 70.68 -30.93
C ASN E 288 24.74 70.31 -29.66
N ILE E 289 25.36 69.14 -29.62
CA ILE E 289 26.20 68.74 -28.48
C ILE E 289 27.61 69.23 -28.82
N LYS E 290 27.87 70.49 -28.51
CA LYS E 290 29.16 71.11 -28.81
C LYS E 290 29.94 71.32 -27.53
N PHE E 291 31.26 71.11 -27.60
CA PHE E 291 32.09 71.32 -26.43
C PHE E 291 32.09 72.77 -26.00
N ASP E 292 32.19 73.69 -26.95
CA ASP E 292 32.19 75.11 -26.66
C ASP E 292 31.04 75.79 -27.36
N VAL E 293 30.49 76.81 -26.69
CA VAL E 293 29.30 77.49 -27.16
C VAL E 293 29.53 78.99 -27.00
N ASP E 294 28.81 79.77 -27.79
CA ASP E 294 28.80 81.21 -27.64
C ASP E 294 27.50 81.62 -26.96
N CYS E 295 27.61 82.47 -25.95
CA CYS E 295 26.48 82.79 -25.08
C CYS E 295 26.36 84.29 -24.92
N THR E 296 25.32 84.88 -25.51
CA THR E 296 24.99 86.27 -25.28
C THR E 296 23.65 86.30 -24.55
N VAL E 297 23.62 86.97 -23.39
CA VAL E 297 22.46 86.84 -22.52
C VAL E 297 21.93 88.21 -22.10
N ASP E 298 22.67 89.26 -22.43
CA ASP E 298 22.29 90.63 -22.09
C ASP E 298 22.03 90.77 -20.60
N ILE E 299 23.10 90.55 -19.83
CA ILE E 299 23.14 90.92 -18.42
C ILE E 299 24.30 91.89 -18.29
N GLU E 300 24.01 93.17 -18.45
CA GLU E 300 25.04 94.20 -18.33
C GLU E 300 25.14 94.73 -16.92
N SER E 301 24.01 94.99 -16.27
CA SER E 301 24.03 95.57 -14.94
C SER E 301 24.60 94.62 -13.91
N LEU E 302 24.78 93.35 -14.25
CA LEU E 302 25.28 92.38 -13.28
C LEU E 302 26.74 92.00 -13.49
N THR E 303 27.21 91.97 -14.73
CA THR E 303 28.61 91.60 -14.97
C THR E 303 29.33 92.69 -15.75
N GLY E 304 28.61 93.37 -16.64
CA GLY E 304 29.23 94.38 -17.46
C GLY E 304 29.86 93.86 -18.74
N TYR E 305 29.65 92.59 -19.08
CA TYR E 305 30.14 92.01 -20.33
C TYR E 305 28.97 91.54 -21.16
N ARG E 306 29.06 91.76 -22.47
CA ARG E 306 27.96 91.44 -23.37
C ARG E 306 27.85 89.93 -23.61
N THR E 307 28.89 89.36 -24.20
CA THR E 307 28.86 87.99 -24.68
C THR E 307 30.02 87.19 -24.09
N TYR E 308 29.84 85.88 -24.08
CA TYR E 308 30.76 84.98 -23.40
C TYR E 308 31.07 83.78 -24.28
N ARG E 309 32.28 83.28 -24.18
CA ARG E 309 32.69 82.05 -24.83
C ARG E 309 32.74 80.96 -23.76
N CYS E 310 31.76 80.08 -23.76
CA CYS E 310 31.65 79.08 -22.71
C CYS E 310 32.19 77.76 -23.24
N ALA E 311 32.62 76.90 -22.33
CA ALA E 311 32.99 75.53 -22.65
C ALA E 311 32.09 74.60 -21.86
N HIS E 312 31.75 73.47 -22.47
CA HIS E 312 30.90 72.46 -21.87
C HIS E 312 31.72 71.19 -21.74
N PRO E 313 32.46 71.01 -20.65
CA PRO E 313 33.43 69.92 -20.59
C PRO E 313 32.83 68.54 -20.81
N LEU E 314 31.61 68.32 -20.33
CA LEU E 314 30.96 67.03 -20.45
C LEU E 314 30.38 66.80 -21.82
N ALA E 315 30.51 67.75 -22.74
CA ALA E 315 29.76 67.68 -23.99
C ALA E 315 30.18 66.49 -24.83
N THR E 316 31.48 66.22 -24.94
CA THR E 316 31.91 65.15 -25.83
C THR E 316 31.46 63.79 -25.33
N LEU E 317 31.48 63.59 -24.00
CA LEU E 317 30.99 62.34 -23.44
C LEU E 317 29.51 62.17 -23.73
N PHE E 318 28.73 63.24 -23.60
CA PHE E 318 27.32 63.18 -23.95
C PHE E 318 27.14 62.90 -25.44
N LYS E 319 28.01 63.46 -26.28
CA LYS E 319 27.88 63.21 -27.71
C LYS E 319 28.07 61.74 -28.03
N ILE E 320 29.10 61.12 -27.45
CA ILE E 320 29.30 59.70 -27.73
C ILE E 320 28.19 58.87 -27.09
N LEU E 321 27.68 59.30 -25.94
CA LEU E 321 26.54 58.60 -25.35
C LEU E 321 25.32 58.68 -26.26
N ALA E 322 25.07 59.85 -26.83
CA ALA E 322 23.94 60.01 -27.72
C ALA E 322 24.12 59.21 -29.00
N SER E 323 25.35 59.13 -29.52
CA SER E 323 25.59 58.29 -30.67
C SER E 323 25.32 56.83 -30.35
N PHE E 324 25.78 56.37 -29.18
CA PHE E 324 25.53 55.00 -28.76
C PHE E 324 24.03 54.75 -28.62
N TYR E 325 23.32 55.71 -28.03
CA TYR E 325 21.89 55.58 -27.88
C TYR E 325 21.19 55.53 -29.23
N ILE E 326 21.66 56.33 -30.17
CA ILE E 326 21.08 56.31 -31.51
C ILE E 326 21.29 54.94 -32.14
N SER E 327 22.48 54.36 -31.97
CA SER E 327 22.72 53.02 -32.51
C SER E 327 21.81 51.99 -31.88
N LEU E 328 21.64 52.06 -30.55
CA LEU E 328 20.75 51.12 -29.88
C LEU E 328 19.32 51.30 -30.36
N VAL E 329 18.87 52.54 -30.54
CA VAL E 329 17.53 52.76 -31.05
C VAL E 329 17.40 52.26 -32.48
N ILE E 330 18.48 52.34 -33.26
CA ILE E 330 18.45 51.80 -34.61
C ILE E 330 18.23 50.30 -34.56
N PHE E 331 18.96 49.60 -33.70
CA PHE E 331 18.75 48.16 -33.56
C PHE E 331 17.33 47.86 -33.08
N TYR E 332 16.85 48.62 -32.10
CA TYR E 332 15.51 48.42 -31.58
C TYR E 332 14.46 48.59 -32.66
N GLY E 333 14.59 49.64 -33.47
CA GLY E 333 13.64 49.89 -34.53
C GLY E 333 13.70 48.84 -35.62
N LEU E 334 14.91 48.39 -35.97
CA LEU E 334 15.02 47.32 -36.95
C LEU E 334 14.34 46.05 -36.45
N ILE E 335 14.54 45.71 -35.18
CA ILE E 335 13.89 44.52 -34.63
C ILE E 335 12.38 44.69 -34.64
N CYS E 336 11.90 45.87 -34.27
CA CYS E 336 10.45 46.10 -34.28
C CYS E 336 9.88 46.04 -35.70
N MET E 337 10.62 46.58 -36.68
CA MET E 337 10.19 46.47 -38.07
C MET E 337 10.16 45.01 -38.52
N TYR E 338 11.14 44.23 -38.09
CA TYR E 338 11.12 42.80 -38.42
C TYR E 338 9.90 42.12 -37.82
N THR E 339 9.57 42.46 -36.57
CA THR E 339 8.39 41.89 -35.96
C THR E 339 7.13 42.31 -36.71
N LEU E 340 7.08 43.56 -37.15
CA LEU E 340 5.94 44.03 -37.92
C LEU E 340 5.80 43.25 -39.23
N TRP E 341 6.92 43.02 -39.92
CA TRP E 341 6.90 42.20 -41.12
C TRP E 341 6.41 40.79 -40.80
N TRP E 342 6.92 40.21 -39.72
CA TRP E 342 6.51 38.87 -39.31
C TRP E 342 5.03 38.83 -38.96
N MET E 343 4.46 39.97 -38.60
CA MET E 343 3.06 40.07 -38.25
C MET E 343 2.17 40.53 -39.40
N LEU E 344 2.76 40.91 -40.53
CA LEU E 344 1.97 41.47 -41.63
C LEU E 344 2.15 40.71 -42.93
N ARG E 345 2.64 39.47 -42.87
CA ARG E 345 2.83 38.67 -44.07
C ARG E 345 2.00 37.40 -44.09
N ARG E 346 1.90 36.71 -42.95
CA ARG E 346 1.29 35.39 -42.90
C ARG E 346 -0.12 35.39 -42.34
N SER E 347 -0.71 36.56 -42.06
CA SER E 347 -2.11 36.68 -41.66
C SER E 347 -2.41 35.79 -40.45
N LEU E 348 -1.81 36.19 -39.32
CA LEU E 348 -1.81 35.37 -38.11
C LEU E 348 -3.20 35.09 -37.55
N LYS E 349 -4.24 35.61 -38.20
CA LYS E 349 -5.60 35.33 -37.75
C LYS E 349 -5.89 33.84 -37.75
N LYS E 350 -5.39 33.11 -38.75
CA LYS E 350 -5.67 31.69 -38.89
C LYS E 350 -4.37 30.91 -38.81
N TYR E 351 -4.42 29.79 -38.12
CA TYR E 351 -3.26 28.93 -37.96
C TYR E 351 -3.28 27.83 -39.00
N SER E 352 -2.11 27.24 -39.24
CA SER E 352 -1.97 26.28 -40.33
C SER E 352 -2.52 24.90 -39.95
N PHE E 353 -1.86 24.24 -39.01
CA PHE E 353 -2.24 22.89 -38.60
C PHE E 353 -2.33 21.94 -39.78
N GLU E 354 -1.39 22.10 -40.72
CA GLU E 354 -1.41 21.32 -41.95
C GLU E 354 -0.26 20.31 -42.00
N SER E 355 0.88 20.66 -41.40
CA SER E 355 1.98 19.70 -41.34
C SER E 355 1.64 18.48 -40.50
N ILE E 356 0.61 18.59 -39.64
CA ILE E 356 0.23 17.47 -38.79
C ILE E 356 -0.24 16.29 -39.63
N ARG E 357 -1.14 16.54 -40.58
CA ARG E 357 -1.60 15.46 -41.45
C ARG E 357 -0.55 15.03 -42.44
N GLU E 358 0.56 15.76 -42.56
CA GLU E 358 1.66 15.35 -43.41
C GLU E 358 2.64 14.42 -42.72
N GLU E 359 3.12 14.77 -41.52
CA GLU E 359 4.07 13.92 -40.82
C GLU E 359 3.41 12.92 -39.88
N SER E 360 2.21 13.23 -39.36
CA SER E 360 1.54 12.36 -38.42
C SER E 360 0.28 11.72 -38.97
N SER E 361 -0.16 12.10 -40.17
CA SER E 361 -1.33 11.49 -40.82
C SER E 361 -2.57 11.59 -39.94
N TYR E 362 -2.73 12.73 -39.28
CA TYR E 362 -3.91 13.00 -38.45
C TYR E 362 -4.58 14.25 -39.01
N SER E 363 -5.46 14.06 -39.99
CA SER E 363 -6.20 15.17 -40.58
C SER E 363 -7.42 15.55 -39.77
N ASP E 364 -7.50 15.11 -38.52
CA ASP E 364 -8.63 15.37 -37.63
C ASP E 364 -8.42 16.63 -36.80
N ILE E 365 -8.07 17.74 -37.44
CA ILE E 365 -7.72 18.98 -36.75
C ILE E 365 -8.15 20.15 -37.61
N PRO E 366 -8.94 21.08 -37.08
CA PRO E 366 -9.49 22.15 -37.92
C PRO E 366 -8.51 23.31 -38.06
N ASP E 367 -8.94 24.30 -38.83
CA ASP E 367 -8.20 25.53 -38.96
C ASP E 367 -8.56 26.47 -37.81
N VAL E 368 -7.56 26.82 -37.01
CA VAL E 368 -7.80 27.59 -35.78
C VAL E 368 -8.02 29.06 -36.15
N LYS E 369 -9.11 29.62 -35.66
CA LYS E 369 -9.50 30.98 -36.01
C LYS E 369 -8.73 31.99 -35.16
N ASN E 370 -9.18 33.24 -35.18
CA ASN E 370 -8.45 34.34 -34.58
C ASN E 370 -8.32 34.17 -33.08
N ASP E 371 -7.35 34.89 -32.51
CA ASP E 371 -7.09 35.01 -31.09
C ASP E 371 -6.62 33.70 -30.46
N PHE E 372 -6.51 32.63 -31.24
CA PHE E 372 -5.95 31.39 -30.74
C PHE E 372 -4.80 30.99 -31.66
N ALA E 373 -4.94 31.34 -32.95
CA ALA E 373 -3.83 31.17 -33.87
C ALA E 373 -2.63 31.99 -33.44
N PHE E 374 -2.88 33.12 -32.77
CA PHE E 374 -1.79 33.99 -32.34
C PHE E 374 -0.90 33.31 -31.31
N MET E 375 -1.51 32.73 -30.28
CA MET E 375 -0.75 32.04 -29.26
C MET E 375 0.05 30.89 -29.84
N LEU E 376 -0.56 30.12 -30.74
CA LEU E 376 0.14 29.02 -31.37
C LEU E 376 1.30 29.51 -32.21
N HIS E 377 1.11 30.61 -32.93
CA HIS E 377 2.20 31.20 -33.68
C HIS E 377 3.37 31.58 -32.77
N LEU E 378 3.07 32.25 -31.66
CA LEU E 378 4.13 32.64 -30.75
C LEU E 378 4.85 31.44 -30.17
N ILE E 379 4.10 30.41 -29.77
CA ILE E 379 4.71 29.21 -29.21
C ILE E 379 5.61 28.55 -30.25
N ASP E 380 5.12 28.48 -31.50
CA ASP E 380 5.95 27.98 -32.59
C ASP E 380 7.23 28.79 -32.71
N GLN E 381 7.11 30.12 -32.58
CA GLN E 381 8.30 30.96 -32.61
C GLN E 381 9.27 30.59 -31.51
N TYR E 382 8.77 30.19 -30.35
CA TYR E 382 9.66 29.58 -29.35
C TYR E 382 10.22 28.28 -29.89
N ASP E 383 9.35 27.31 -30.15
CA ASP E 383 9.71 26.09 -30.87
C ASP E 383 8.43 25.38 -31.26
N PRO E 384 8.43 24.62 -32.37
CA PRO E 384 7.20 23.95 -32.80
C PRO E 384 6.89 22.68 -32.04
N LEU E 385 7.80 22.18 -31.20
CA LEU E 385 7.55 20.92 -30.51
C LEU E 385 6.33 21.02 -29.61
N TYR E 386 6.19 22.15 -28.91
CA TYR E 386 5.04 22.34 -28.03
C TYR E 386 3.74 22.38 -28.83
N SER E 387 3.74 23.10 -29.95
CA SER E 387 2.54 23.16 -30.79
C SER E 387 2.18 21.79 -31.32
N LYS E 388 3.18 21.01 -31.73
CA LYS E 388 2.92 19.67 -32.23
C LYS E 388 2.35 18.77 -31.15
N ARG E 389 2.99 18.73 -29.98
CA ARG E 389 2.52 17.91 -28.88
C ARG E 389 1.22 18.41 -28.27
N PHE E 390 0.81 19.63 -28.60
CA PHE E 390 -0.48 20.14 -28.14
C PHE E 390 -1.58 19.96 -29.16
N ALA E 391 -1.25 19.83 -30.44
CA ALA E 391 -2.26 19.65 -31.47
C ALA E 391 -3.06 18.38 -31.24
N VAL E 392 -2.47 17.38 -30.59
CA VAL E 392 -3.14 16.10 -30.41
C VAL E 392 -4.41 16.23 -29.58
N PHE E 393 -4.50 17.24 -28.71
CA PHE E 393 -5.67 17.38 -27.87
C PHE E 393 -6.82 18.07 -28.57
N LEU E 394 -6.62 18.56 -29.79
CA LEU E 394 -7.72 19.01 -30.64
C LEU E 394 -8.26 17.90 -31.52
N SER E 395 -7.48 16.87 -31.79
CA SER E 395 -7.87 15.79 -32.67
C SER E 395 -8.84 14.86 -31.94
N GLU E 396 -10.08 14.80 -32.41
CA GLU E 396 -11.08 13.97 -31.77
C GLU E 396 -10.88 12.48 -32.06
N VAL E 397 -10.23 12.13 -33.17
CA VAL E 397 -10.01 10.73 -33.48
C VAL E 397 -8.98 10.13 -32.53
N SER E 398 -7.88 10.85 -32.28
CA SER E 398 -6.92 10.40 -31.28
C SER E 398 -7.55 10.36 -29.90
N GLU E 399 -8.39 11.35 -29.60
CA GLU E 399 -9.18 11.33 -28.38
C GLU E 399 -9.96 10.02 -28.26
N ASN E 400 -10.69 9.67 -29.32
CA ASN E 400 -11.52 8.47 -29.29
C ASN E 400 -10.67 7.22 -29.13
N LYS E 401 -9.55 7.15 -29.86
CA LYS E 401 -8.76 5.92 -29.82
C LYS E 401 -8.10 5.72 -28.46
N LEU E 402 -7.59 6.78 -27.84
CA LEU E 402 -6.98 6.58 -26.53
C LEU E 402 -8.03 6.47 -25.42
N ARG E 403 -9.20 7.09 -25.59
CA ARG E 403 -10.29 6.82 -24.67
C ARG E 403 -10.75 5.37 -24.75
N GLN E 404 -10.79 4.81 -25.96
CA GLN E 404 -11.07 3.40 -26.13
C GLN E 404 -9.97 2.55 -25.49
N LEU E 405 -8.73 3.00 -25.57
CA LEU E 405 -7.66 2.34 -24.83
C LEU E 405 -7.96 2.34 -23.34
N ASN E 406 -8.42 3.46 -22.80
CA ASN E 406 -8.78 3.53 -21.39
C ASN E 406 -9.92 2.57 -21.07
N LEU E 407 -10.90 2.49 -21.97
CA LEU E 407 -12.01 1.55 -21.78
C LEU E 407 -11.50 0.11 -21.74
N ASN E 408 -10.58 -0.24 -22.64
CA ASN E 408 -9.97 -1.55 -22.61
C ASN E 408 -9.21 -1.76 -21.30
N ASN E 409 -8.61 -0.70 -20.77
CA ASN E 409 -8.00 -0.79 -19.45
C ASN E 409 -9.03 -1.13 -18.39
N GLU E 410 -10.24 -0.57 -18.53
CA GLU E 410 -11.32 -0.91 -17.59
C GLU E 410 -11.73 -2.37 -17.72
N TRP E 411 -12.01 -2.82 -18.94
CA TRP E 411 -12.45 -4.19 -19.20
C TRP E 411 -11.27 -4.95 -19.81
N THR E 412 -10.41 -5.47 -18.94
CA THR E 412 -9.32 -6.32 -19.39
C THR E 412 -9.86 -7.67 -19.87
N LEU E 413 -9.06 -8.36 -20.66
CA LEU E 413 -9.49 -9.63 -21.23
C LEU E 413 -9.79 -10.65 -20.13
N ASP E 414 -8.99 -10.67 -19.08
CA ASP E 414 -9.21 -11.62 -17.99
C ASP E 414 -10.57 -11.39 -17.33
N LYS E 415 -10.87 -10.14 -16.95
CA LYS E 415 -12.18 -9.85 -16.39
C LYS E 415 -13.27 -10.03 -17.43
N LEU E 416 -12.95 -9.77 -18.70
CA LEU E 416 -13.92 -9.96 -19.77
C LEU E 416 -14.39 -11.40 -19.83
N ARG E 417 -13.44 -12.35 -19.83
CA ARG E 417 -13.82 -13.75 -19.85
C ARG E 417 -14.34 -14.21 -18.49
N GLN E 418 -13.98 -13.51 -17.42
CA GLN E 418 -14.57 -13.79 -16.12
C GLN E 418 -16.06 -13.50 -16.10
N ARG E 419 -16.48 -12.36 -16.67
CA ARG E 419 -17.89 -12.04 -16.79
C ARG E 419 -18.60 -12.89 -17.83
N LEU E 420 -17.86 -13.67 -18.62
CA LEU E 420 -18.49 -14.52 -19.62
C LEU E 420 -19.39 -15.57 -18.94
N THR E 421 -20.56 -15.78 -19.52
CA THR E 421 -21.53 -16.74 -19.01
C THR E 421 -22.09 -17.57 -20.16
N LYS E 422 -22.97 -18.50 -19.82
CA LYS E 422 -23.66 -19.33 -20.80
C LYS E 422 -25.14 -19.01 -20.76
N ASN E 423 -25.73 -18.78 -21.93
CA ASN E 423 -27.15 -18.56 -22.02
C ASN E 423 -27.90 -19.88 -21.95
N ALA E 424 -29.23 -19.80 -21.89
CA ALA E 424 -30.06 -20.98 -21.73
C ALA E 424 -29.97 -21.94 -22.92
N GLN E 425 -29.44 -21.49 -24.06
CA GLN E 425 -29.33 -22.32 -25.25
C GLN E 425 -27.95 -22.94 -25.39
N ASP E 426 -27.17 -23.00 -24.31
CA ASP E 426 -25.85 -23.63 -24.32
C ASP E 426 -24.93 -22.97 -25.35
N LYS E 427 -25.02 -21.66 -25.45
CA LYS E 427 -24.18 -20.89 -26.36
C LYS E 427 -23.36 -19.90 -25.56
N LEU E 428 -22.05 -19.90 -25.80
CA LEU E 428 -21.15 -19.03 -25.05
C LEU E 428 -21.38 -17.59 -25.49
N GLU E 429 -21.74 -16.73 -24.54
CA GLU E 429 -22.18 -15.38 -24.84
C GLU E 429 -21.60 -14.38 -23.84
N LEU E 430 -21.64 -13.11 -24.23
CA LEU E 430 -21.32 -12.02 -23.32
C LEU E 430 -22.32 -10.88 -23.52
N HIS E 431 -22.69 -10.25 -22.41
CA HIS E 431 -23.63 -9.13 -22.42
C HIS E 431 -22.87 -7.83 -22.24
N LEU E 432 -23.11 -6.87 -23.13
CA LEU E 432 -22.51 -5.55 -23.04
C LEU E 432 -23.60 -4.56 -22.66
N PHE E 433 -23.65 -4.22 -21.38
CA PHE E 433 -24.72 -3.38 -20.83
C PHE E 433 -24.12 -2.11 -20.26
N MET E 434 -24.64 -0.96 -20.70
CA MET E 434 -24.23 0.35 -20.21
C MET E 434 -22.71 0.53 -20.31
N LEU E 435 -22.22 0.50 -21.54
CA LEU E 435 -20.83 0.79 -21.85
C LEU E 435 -20.77 1.93 -22.85
N SER E 436 -19.75 2.76 -22.73
CA SER E 436 -19.57 3.87 -23.66
C SER E 436 -19.33 3.37 -25.08
N GLY E 437 -18.52 2.33 -25.23
CA GLY E 437 -18.26 1.77 -26.55
C GLY E 437 -17.84 0.34 -26.41
N ILE E 438 -17.58 -0.28 -27.55
CA ILE E 438 -17.15 -1.68 -27.57
C ILE E 438 -15.68 -1.75 -27.17
N PRO E 439 -15.33 -2.50 -26.13
CA PRO E 439 -13.91 -2.72 -25.85
C PRO E 439 -13.26 -3.49 -27.00
N ASP E 440 -12.03 -3.11 -27.32
CA ASP E 440 -11.33 -3.77 -28.41
C ASP E 440 -10.91 -5.19 -28.06
N THR E 441 -10.68 -5.47 -26.77
CA THR E 441 -10.24 -6.78 -26.34
C THR E 441 -11.29 -7.87 -26.58
N VAL E 442 -12.56 -7.49 -26.80
CA VAL E 442 -13.61 -8.48 -26.99
C VAL E 442 -13.35 -9.34 -28.22
N PHE E 443 -12.61 -8.82 -29.19
CA PHE E 443 -12.32 -9.57 -30.41
C PHE E 443 -11.13 -10.50 -30.24
N ASP E 444 -10.52 -10.52 -29.05
CA ASP E 444 -9.47 -11.49 -28.76
C ASP E 444 -10.01 -12.88 -28.45
N LEU E 445 -11.30 -12.99 -28.11
CA LEU E 445 -11.92 -14.28 -27.78
C LEU E 445 -12.82 -14.67 -28.94
N VAL E 446 -12.43 -15.71 -29.67
CA VAL E 446 -13.24 -16.21 -30.77
C VAL E 446 -14.32 -17.19 -30.30
N GLU E 447 -14.25 -17.67 -29.07
CA GLU E 447 -15.15 -18.69 -28.57
C GLU E 447 -16.56 -18.17 -28.29
N LEU E 448 -16.88 -16.95 -28.70
CA LEU E 448 -18.22 -16.44 -28.49
C LEU E 448 -19.08 -16.61 -29.75
N GLU E 449 -20.35 -16.97 -29.52
CA GLU E 449 -21.29 -17.20 -30.59
C GLU E 449 -22.54 -16.32 -30.49
N VAL E 450 -22.81 -15.76 -29.32
CA VAL E 450 -23.91 -14.83 -29.11
C VAL E 450 -23.36 -13.61 -28.39
N LEU E 451 -23.79 -12.43 -28.81
CA LEU E 451 -23.39 -11.18 -28.14
C LEU E 451 -24.62 -10.33 -27.87
N LYS E 452 -24.64 -9.70 -26.69
CA LYS E 452 -25.72 -8.80 -26.30
C LYS E 452 -25.20 -7.37 -26.32
N LEU E 453 -25.86 -6.51 -27.08
CA LEU E 453 -25.48 -5.10 -27.22
C LEU E 453 -26.68 -4.27 -26.78
N GLU E 454 -26.69 -3.87 -25.51
CA GLU E 454 -27.77 -3.09 -24.94
C GLU E 454 -27.21 -1.77 -24.44
N LEU E 455 -27.76 -0.67 -24.94
CA LEU E 455 -27.44 0.68 -24.48
C LEU E 455 -25.94 0.97 -24.60
N ILE E 456 -25.43 0.81 -25.82
CA ILE E 456 -24.06 1.22 -26.15
C ILE E 456 -24.18 2.30 -27.23
N PRO E 457 -23.80 3.54 -26.94
CA PRO E 457 -24.06 4.63 -27.89
C PRO E 457 -23.15 4.56 -29.11
N ASP E 458 -23.70 5.02 -30.24
CA ASP E 458 -23.00 5.24 -31.51
C ASP E 458 -21.95 4.19 -31.82
N VAL E 459 -22.36 2.93 -31.86
CA VAL E 459 -21.42 1.87 -32.19
C VAL E 459 -21.30 1.74 -33.71
N THR E 460 -20.06 1.67 -34.18
CA THR E 460 -19.76 1.35 -35.56
C THR E 460 -18.99 0.05 -35.57
N ILE E 461 -19.51 -0.94 -36.29
CA ILE E 461 -18.99 -2.30 -36.22
C ILE E 461 -17.62 -2.34 -36.90
N PRO E 462 -16.57 -2.73 -36.19
CA PRO E 462 -15.22 -2.72 -36.77
C PRO E 462 -15.00 -3.94 -37.65
N PRO E 463 -14.03 -3.88 -38.56
CA PRO E 463 -13.65 -5.08 -39.30
C PRO E 463 -13.07 -6.17 -38.42
N SER E 464 -12.64 -5.83 -37.20
CA SER E 464 -12.05 -6.81 -36.30
C SER E 464 -13.04 -7.88 -35.86
N ILE E 465 -14.33 -7.69 -36.13
CA ILE E 465 -15.31 -8.76 -35.92
C ILE E 465 -14.97 -9.98 -36.75
N ALA E 466 -14.25 -9.80 -37.87
CA ALA E 466 -13.80 -10.95 -38.64
C ALA E 466 -12.92 -11.88 -37.82
N GLN E 467 -12.28 -11.37 -36.76
CA GLN E 467 -11.53 -12.24 -35.87
C GLN E 467 -12.43 -13.28 -35.21
N LEU E 468 -13.72 -12.96 -35.06
CA LEU E 468 -14.67 -13.86 -34.39
C LEU E 468 -15.37 -14.70 -35.44
N THR E 469 -14.77 -15.85 -35.73
CA THR E 469 -15.31 -16.73 -36.76
C THR E 469 -16.57 -17.44 -36.29
N GLY E 470 -16.58 -17.93 -35.06
CA GLY E 470 -17.67 -18.73 -34.54
C GLY E 470 -18.89 -17.96 -34.10
N LEU E 471 -18.86 -16.63 -34.19
CA LEU E 471 -20.03 -15.83 -33.83
C LEU E 471 -21.23 -16.22 -34.69
N LYS E 472 -22.36 -16.41 -34.04
CA LYS E 472 -23.56 -16.85 -34.75
C LYS E 472 -24.76 -15.95 -34.49
N GLU E 473 -24.88 -15.36 -33.31
CA GLU E 473 -26.04 -14.56 -32.94
C GLU E 473 -25.60 -13.21 -32.42
N LEU E 474 -26.33 -12.16 -32.81
CA LEU E 474 -26.13 -10.82 -32.29
C LEU E 474 -27.47 -10.24 -31.90
N TRP E 475 -27.53 -9.62 -30.72
CA TRP E 475 -28.75 -9.05 -30.19
C TRP E 475 -28.55 -7.55 -29.98
N LEU E 476 -29.43 -6.75 -30.59
CA LEU E 476 -29.37 -5.29 -30.50
C LEU E 476 -30.52 -4.81 -29.63
N TYR E 477 -30.20 -4.35 -28.43
CA TYR E 477 -31.17 -3.78 -27.52
C TYR E 477 -30.96 -2.28 -27.46
N HIS E 478 -31.86 -1.53 -28.11
CA HIS E 478 -31.84 -0.06 -28.07
C HIS E 478 -30.50 0.48 -28.49
N THR E 479 -29.89 -0.14 -29.50
CA THR E 479 -28.53 0.18 -29.92
C THR E 479 -28.54 0.39 -31.42
N ALA E 480 -28.67 1.64 -31.85
CA ALA E 480 -28.58 1.96 -33.27
C ALA E 480 -27.13 1.87 -33.71
N ALA E 481 -26.85 0.98 -34.64
CA ALA E 481 -25.49 0.63 -35.01
C ALA E 481 -25.23 0.97 -36.48
N LYS E 482 -24.08 1.57 -36.74
CA LYS E 482 -23.58 1.75 -38.09
C LYS E 482 -22.58 0.64 -38.39
N ILE E 483 -22.61 0.13 -39.62
CA ILE E 483 -21.77 -1.00 -39.98
C ILE E 483 -20.70 -0.54 -40.97
N GLU E 484 -19.57 -1.24 -40.96
CA GLU E 484 -18.50 -1.02 -41.92
C GLU E 484 -18.58 -2.04 -43.05
N ALA E 485 -18.03 -1.66 -44.20
CA ALA E 485 -18.09 -2.54 -45.36
C ALA E 485 -17.44 -3.89 -45.10
N PRO E 486 -16.23 -4.00 -44.55
CA PRO E 486 -15.75 -5.33 -44.13
C PRO E 486 -16.63 -5.95 -43.07
N ALA E 487 -17.09 -5.15 -42.11
CA ALA E 487 -18.01 -5.66 -41.10
C ALA E 487 -19.33 -6.10 -41.72
N LEU E 488 -19.84 -5.32 -42.67
CA LEU E 488 -21.08 -5.71 -43.36
C LEU E 488 -20.90 -7.01 -44.12
N ALA E 489 -19.76 -7.17 -44.79
CA ALA E 489 -19.49 -8.41 -45.51
C ALA E 489 -19.41 -9.59 -44.54
N PHE E 490 -18.71 -9.42 -43.43
CA PHE E 490 -18.59 -10.52 -42.47
C PHE E 490 -19.95 -10.90 -41.90
N LEU E 491 -20.78 -9.91 -41.58
CA LEU E 491 -22.07 -10.21 -40.96
C LEU E 491 -23.07 -10.76 -41.96
N ARG E 492 -23.01 -10.33 -43.23
CA ARG E 492 -23.95 -10.80 -44.22
C ARG E 492 -23.76 -12.27 -44.58
N GLU E 493 -22.66 -12.89 -44.14
CA GLU E 493 -22.40 -14.28 -44.48
C GLU E 493 -21.86 -15.11 -43.32
N ASN E 494 -21.75 -14.54 -42.13
CA ASN E 494 -21.34 -15.30 -40.95
C ASN E 494 -22.26 -14.99 -39.76
N LEU E 495 -23.56 -15.01 -40.01
CA LEU E 495 -24.55 -14.78 -38.96
C LEU E 495 -25.71 -15.74 -39.18
N ARG E 496 -26.32 -16.18 -38.06
CA ARG E 496 -27.45 -17.09 -38.11
C ARG E 496 -28.73 -16.46 -37.57
N ALA E 497 -28.68 -15.85 -36.39
CA ALA E 497 -29.86 -15.28 -35.74
C ALA E 497 -29.57 -13.87 -35.28
N LEU E 498 -30.58 -13.01 -35.35
CA LEU E 498 -30.45 -11.60 -35.00
C LEU E 498 -31.63 -11.17 -34.16
N HIS E 499 -31.37 -10.46 -33.07
CA HIS E 499 -32.40 -9.86 -32.24
C HIS E 499 -32.25 -8.35 -32.29
N ILE E 500 -33.33 -7.65 -32.64
CA ILE E 500 -33.33 -6.20 -32.73
C ILE E 500 -34.41 -5.67 -31.78
N LYS E 501 -34.00 -4.87 -30.81
CA LYS E 501 -34.92 -4.18 -29.91
C LYS E 501 -34.75 -2.69 -30.12
N PHE E 502 -35.80 -2.04 -30.62
CA PHE E 502 -35.74 -0.63 -30.96
C PHE E 502 -36.91 0.10 -30.32
N THR E 503 -36.63 1.28 -29.78
CA THR E 503 -37.67 2.12 -29.20
C THR E 503 -38.27 3.10 -30.19
N ASP E 504 -37.71 3.23 -31.39
CA ASP E 504 -38.19 4.19 -32.36
C ASP E 504 -37.89 3.68 -33.76
N ILE E 505 -38.65 4.21 -34.73
CA ILE E 505 -38.45 3.83 -36.12
C ILE E 505 -37.12 4.34 -36.64
N LYS E 506 -36.76 5.58 -36.31
CA LYS E 506 -35.57 6.18 -36.88
C LYS E 506 -34.29 5.48 -36.42
N GLU E 507 -34.35 4.70 -35.35
CA GLU E 507 -33.16 4.10 -34.77
C GLU E 507 -32.87 2.69 -35.30
N ILE E 508 -33.74 2.14 -36.12
CA ILE E 508 -33.46 0.81 -36.68
C ILE E 508 -32.31 0.90 -37.67
N PRO E 509 -31.34 -0.01 -37.63
CA PRO E 509 -30.34 -0.05 -38.70
C PRO E 509 -31.00 -0.37 -40.04
N LEU E 510 -30.50 0.25 -41.09
CA LEU E 510 -31.06 0.05 -42.42
C LEU E 510 -30.34 -1.03 -43.21
N TRP E 511 -29.09 -1.33 -42.86
CA TRP E 511 -28.31 -2.34 -43.57
C TRP E 511 -28.73 -3.75 -43.25
N ILE E 512 -29.59 -3.95 -42.24
CA ILE E 512 -29.88 -5.30 -41.77
C ILE E 512 -30.60 -6.11 -42.84
N TYR E 513 -31.44 -5.47 -43.66
CA TYR E 513 -32.11 -6.18 -44.74
C TYR E 513 -31.12 -6.71 -45.77
N SER E 514 -29.94 -6.11 -45.89
CA SER E 514 -28.96 -6.55 -46.86
C SER E 514 -28.47 -7.97 -46.58
N LEU E 515 -28.57 -8.45 -45.35
CA LEU E 515 -28.12 -9.79 -45.03
C LEU E 515 -29.00 -10.82 -45.72
N LYS E 516 -28.37 -11.89 -46.21
CA LYS E 516 -29.06 -12.95 -46.92
C LYS E 516 -29.02 -14.28 -46.20
N THR E 517 -28.03 -14.51 -45.34
CA THR E 517 -27.87 -15.78 -44.64
C THR E 517 -28.58 -15.80 -43.30
N LEU E 518 -29.29 -14.72 -42.93
CA LEU E 518 -29.90 -14.65 -41.62
C LEU E 518 -31.09 -15.60 -41.53
N GLU E 519 -30.95 -16.61 -40.67
CA GLU E 519 -32.01 -17.60 -40.49
C GLU E 519 -33.10 -17.15 -39.52
N GLU E 520 -32.73 -16.44 -38.46
CA GLU E 520 -33.67 -16.04 -37.43
C GLU E 520 -33.57 -14.53 -37.20
N LEU E 521 -34.67 -13.82 -37.36
CA LEU E 521 -34.76 -12.40 -37.09
C LEU E 521 -35.72 -12.17 -35.94
N HIS E 522 -35.27 -11.43 -34.93
CA HIS E 522 -36.10 -11.10 -33.78
C HIS E 522 -36.25 -9.58 -33.72
N LEU E 523 -37.45 -9.10 -34.00
CA LEU E 523 -37.76 -7.68 -33.94
C LEU E 523 -38.62 -7.40 -32.71
N THR E 524 -38.25 -6.37 -31.96
CA THR E 524 -38.93 -6.05 -30.70
C THR E 524 -39.03 -4.53 -30.59
N GLY E 525 -40.24 -4.01 -30.76
CA GLY E 525 -40.47 -2.58 -30.71
C GLY E 525 -41.65 -2.16 -31.56
N ASN E 526 -42.46 -1.24 -31.06
CA ASN E 526 -43.70 -0.87 -31.73
C ASN E 526 -43.35 -0.13 -33.02
N LEU E 527 -43.44 -0.84 -34.15
CA LEU E 527 -43.19 -0.27 -35.46
C LEU E 527 -44.47 0.18 -36.16
N SER E 528 -45.62 0.05 -35.50
CA SER E 528 -46.88 0.44 -36.11
C SER E 528 -46.88 1.93 -36.40
N ALA E 529 -47.26 2.29 -37.62
CA ALA E 529 -47.25 3.67 -38.07
C ALA E 529 -48.55 3.96 -38.78
N GLU E 530 -48.87 5.26 -38.88
CA GLU E 530 -50.10 5.71 -39.51
C GLU E 530 -49.81 6.20 -40.92
N ASN E 531 -50.58 5.72 -41.89
CA ASN E 531 -50.56 6.18 -43.28
C ASN E 531 -49.27 5.81 -44.00
N ASN E 532 -48.30 5.24 -43.28
CA ASN E 532 -47.12 4.66 -43.91
C ASN E 532 -46.73 3.38 -43.19
N ARG E 533 -47.73 2.59 -42.80
CA ARG E 533 -47.47 1.39 -42.02
C ARG E 533 -46.77 0.34 -42.85
N TYR E 534 -45.91 -0.44 -42.19
CA TYR E 534 -45.24 -1.59 -42.80
C TYR E 534 -44.40 -1.17 -44.00
N ILE E 535 -43.87 0.04 -43.96
CA ILE E 535 -43.03 0.56 -45.03
C ILE E 535 -41.58 0.59 -44.55
N VAL E 536 -41.38 0.85 -43.26
CA VAL E 536 -40.04 0.87 -42.70
C VAL E 536 -39.40 -0.51 -42.80
N ILE E 537 -40.21 -1.56 -42.82
CA ILE E 537 -39.68 -2.93 -42.88
C ILE E 537 -39.91 -3.50 -44.28
N ASP E 538 -40.01 -2.62 -45.28
CA ASP E 538 -40.19 -3.09 -46.64
C ASP E 538 -38.96 -3.83 -47.18
N GLY E 539 -37.84 -3.73 -46.48
CA GLY E 539 -36.69 -4.55 -46.80
C GLY E 539 -36.79 -5.99 -46.33
N LEU E 540 -37.88 -6.32 -45.64
CA LEU E 540 -38.05 -7.66 -45.09
C LEU E 540 -38.05 -8.73 -46.19
N ARG E 541 -38.49 -8.37 -47.41
CA ARG E 541 -38.48 -9.33 -48.50
C ARG E 541 -37.08 -9.79 -48.87
N GLU E 542 -36.06 -9.02 -48.48
CA GLU E 542 -34.69 -9.35 -48.84
C GLU E 542 -34.13 -10.54 -48.06
N LEU E 543 -34.85 -11.04 -47.06
CA LEU E 543 -34.40 -12.19 -46.28
C LEU E 543 -34.86 -13.46 -46.98
N LYS E 544 -33.94 -14.09 -47.70
CA LYS E 544 -34.26 -15.30 -48.45
C LYS E 544 -33.93 -16.58 -47.69
N ARG E 545 -33.12 -16.51 -46.64
CA ARG E 545 -32.85 -17.66 -45.80
C ARG E 545 -33.64 -17.61 -44.49
N LEU E 546 -34.48 -16.60 -44.31
CA LEU E 546 -35.26 -16.50 -43.07
C LEU E 546 -36.16 -17.70 -42.91
N LYS E 547 -36.14 -18.28 -41.72
CA LYS E 547 -37.00 -19.40 -41.36
C LYS E 547 -37.68 -19.19 -40.02
N VAL E 548 -37.06 -18.44 -39.11
CA VAL E 548 -37.60 -18.16 -37.78
C VAL E 548 -37.72 -16.65 -37.63
N LEU E 549 -38.91 -16.17 -37.30
CA LEU E 549 -39.19 -14.74 -37.26
C LEU E 549 -40.00 -14.42 -36.02
N ARG E 550 -39.48 -13.52 -35.19
CA ARG E 550 -40.15 -13.09 -33.95
C ARG E 550 -40.43 -11.60 -34.04
N LEU E 551 -41.70 -11.25 -34.26
CA LEU E 551 -42.14 -9.88 -34.44
C LEU E 551 -43.08 -9.51 -33.29
N LYS E 552 -42.52 -9.00 -32.20
CA LYS E 552 -43.30 -8.52 -31.07
C LYS E 552 -43.31 -7.00 -31.17
N SER E 553 -44.23 -6.48 -31.96
CA SER E 553 -44.21 -5.06 -32.29
C SER E 553 -45.56 -4.39 -32.10
N ASN E 554 -46.45 -4.98 -31.30
CA ASN E 554 -47.79 -4.44 -31.07
C ASN E 554 -48.53 -4.29 -32.39
N LEU E 555 -48.77 -5.43 -33.03
CA LEU E 555 -49.33 -5.44 -34.38
C LEU E 555 -50.86 -5.49 -34.32
N SER E 556 -51.49 -4.59 -35.07
CA SER E 556 -52.94 -4.59 -35.24
C SER E 556 -53.38 -5.34 -36.47
N LYS E 557 -52.60 -5.28 -37.55
CA LYS E 557 -52.84 -6.04 -38.76
C LYS E 557 -51.52 -6.62 -39.22
N LEU E 558 -51.56 -7.86 -39.70
CA LEU E 558 -50.35 -8.52 -40.17
C LEU E 558 -49.86 -7.84 -41.44
N PRO E 559 -48.61 -7.37 -41.48
CA PRO E 559 -48.11 -6.70 -42.70
C PRO E 559 -48.13 -7.63 -43.89
N GLN E 560 -48.45 -7.05 -45.06
CA GLN E 560 -48.45 -7.83 -46.29
C GLN E 560 -47.06 -8.29 -46.67
N VAL E 561 -46.03 -7.50 -46.32
CA VAL E 561 -44.66 -7.91 -46.59
C VAL E 561 -44.30 -9.16 -45.80
N VAL E 562 -44.84 -9.28 -44.58
CA VAL E 562 -44.61 -10.48 -43.79
C VAL E 562 -45.23 -11.69 -44.48
N THR E 563 -46.44 -11.54 -45.02
CA THR E 563 -47.05 -12.63 -45.78
C THR E 563 -46.22 -12.95 -47.01
N ASP E 564 -45.66 -11.92 -47.66
CA ASP E 564 -44.81 -12.16 -48.82
C ASP E 564 -43.61 -13.02 -48.46
N VAL E 565 -42.92 -12.67 -47.36
CA VAL E 565 -41.75 -13.43 -46.96
C VAL E 565 -42.13 -14.78 -46.37
N GLY E 566 -43.38 -14.95 -45.92
CA GLY E 566 -43.79 -16.18 -45.28
C GLY E 566 -44.04 -17.34 -46.20
N VAL E 567 -43.92 -17.15 -47.51
CA VAL E 567 -44.07 -18.24 -48.45
C VAL E 567 -42.94 -19.26 -48.33
N HIS E 568 -41.84 -18.88 -47.67
CA HIS E 568 -40.70 -19.77 -47.49
C HIS E 568 -40.20 -19.83 -46.05
N LEU E 569 -40.95 -19.32 -45.08
CA LEU E 569 -40.51 -19.35 -43.70
C LEU E 569 -40.84 -20.68 -43.05
N GLN E 570 -40.29 -20.88 -41.85
CA GLN E 570 -40.55 -22.09 -41.07
C GLN E 570 -41.25 -21.82 -39.75
N LYS E 571 -40.77 -20.86 -38.95
CA LYS E 571 -41.34 -20.56 -37.65
C LYS E 571 -41.68 -19.09 -37.56
N LEU E 572 -42.90 -18.79 -37.12
CA LEU E 572 -43.38 -17.43 -37.00
C LEU E 572 -44.08 -17.26 -35.65
N SER E 573 -43.69 -16.23 -34.90
CA SER E 573 -44.23 -15.99 -33.56
C SER E 573 -44.75 -14.56 -33.48
N ILE E 574 -45.98 -14.41 -33.01
CA ILE E 574 -46.63 -13.12 -32.93
C ILE E 574 -47.08 -12.88 -31.49
N ASN E 575 -46.69 -11.75 -30.92
CA ASN E 575 -47.14 -11.32 -29.60
C ASN E 575 -47.51 -9.85 -29.69
N ASN E 576 -48.81 -9.57 -29.64
CA ASN E 576 -49.30 -8.21 -29.81
C ASN E 576 -49.47 -7.47 -28.50
N GLU E 577 -49.11 -8.08 -27.37
CA GLU E 577 -49.16 -7.44 -26.07
C GLU E 577 -50.55 -6.89 -25.76
N GLY E 578 -51.56 -7.72 -26.02
CA GLY E 578 -52.94 -7.38 -25.77
C GLY E 578 -53.69 -6.83 -26.96
N THR E 579 -52.99 -6.39 -27.99
CA THR E 579 -53.65 -5.90 -29.19
C THR E 579 -54.30 -7.05 -29.95
N LYS E 580 -55.56 -6.86 -30.32
CA LYS E 580 -56.23 -7.85 -31.15
C LYS E 580 -55.60 -7.88 -32.54
N LEU E 581 -55.34 -9.09 -33.03
CA LEU E 581 -54.75 -9.29 -34.34
C LEU E 581 -55.85 -9.54 -35.35
N ILE E 582 -55.79 -8.84 -36.48
CA ILE E 582 -56.74 -9.01 -37.58
C ILE E 582 -56.08 -9.90 -38.62
N VAL E 583 -56.76 -10.99 -38.98
CA VAL E 583 -56.17 -11.98 -39.87
C VAL E 583 -56.66 -11.74 -41.29
N LEU E 584 -57.97 -11.85 -41.51
CA LEU E 584 -58.62 -11.56 -42.80
C LEU E 584 -57.85 -12.19 -43.96
N ASN E 585 -57.78 -13.53 -43.92
CA ASN E 585 -57.20 -14.32 -45.00
C ASN E 585 -55.78 -13.88 -45.33
N SER E 586 -54.98 -13.64 -44.30
CA SER E 586 -53.57 -13.30 -44.47
C SER E 586 -52.65 -14.33 -43.82
N LEU E 587 -53.18 -15.49 -43.44
CA LEU E 587 -52.36 -16.54 -42.83
C LEU E 587 -52.22 -17.78 -43.70
N LYS E 588 -53.09 -17.97 -44.71
CA LYS E 588 -53.05 -19.17 -45.53
C LYS E 588 -51.85 -19.20 -46.46
N LYS E 589 -51.10 -18.12 -46.58
CA LYS E 589 -49.98 -18.03 -47.52
C LYS E 589 -48.67 -18.54 -46.95
N MET E 590 -48.63 -18.89 -45.66
CA MET E 590 -47.41 -19.42 -45.03
C MET E 590 -47.43 -20.94 -45.09
N VAL E 591 -47.46 -21.45 -46.33
CA VAL E 591 -47.63 -22.88 -46.55
C VAL E 591 -46.48 -23.70 -45.95
N ASN E 592 -45.29 -23.13 -45.85
CA ASN E 592 -44.13 -23.85 -45.32
C ASN E 592 -43.89 -23.56 -43.85
N LEU E 593 -44.76 -22.82 -43.19
CA LEU E 593 -44.60 -22.57 -41.76
C LEU E 593 -44.75 -23.88 -40.98
N THR E 594 -43.87 -24.07 -40.00
CA THR E 594 -43.82 -25.32 -39.26
C THR E 594 -44.29 -25.20 -37.81
N GLU E 595 -44.05 -24.07 -37.15
CA GLU E 595 -44.47 -23.87 -35.77
C GLU E 595 -45.09 -22.49 -35.64
N LEU E 596 -46.38 -22.43 -35.35
CA LEU E 596 -47.12 -21.18 -35.26
C LEU E 596 -47.39 -20.86 -33.79
N GLU E 597 -47.14 -19.61 -33.42
CA GLU E 597 -47.32 -19.15 -32.04
C GLU E 597 -48.00 -17.78 -32.06
N LEU E 598 -49.20 -17.71 -31.50
CA LEU E 598 -49.96 -16.48 -31.38
C LEU E 598 -50.13 -16.18 -29.90
N ILE E 599 -49.38 -15.21 -29.40
CA ILE E 599 -49.34 -14.90 -27.97
C ILE E 599 -50.10 -13.60 -27.74
N ARG E 600 -51.14 -13.66 -26.89
CA ARG E 600 -51.93 -12.48 -26.52
C ARG E 600 -52.40 -11.72 -27.75
N CYS E 601 -52.67 -12.44 -28.83
CA CYS E 601 -53.18 -11.83 -30.05
C CYS E 601 -54.64 -11.41 -29.93
N ASP E 602 -55.29 -11.76 -28.82
CA ASP E 602 -56.65 -11.33 -28.52
C ASP E 602 -57.61 -11.72 -29.64
N LEU E 603 -57.39 -12.90 -30.21
CA LEU E 603 -58.31 -13.40 -31.23
C LEU E 603 -59.67 -13.73 -30.63
N GLU E 604 -59.68 -14.37 -29.47
CA GLU E 604 -60.86 -14.86 -28.76
C GLU E 604 -61.59 -15.95 -29.53
N ARG E 605 -61.12 -16.28 -30.74
CA ARG E 605 -61.77 -17.20 -31.65
C ARG E 605 -60.77 -17.55 -32.75
N ILE E 606 -60.53 -18.84 -32.95
CA ILE E 606 -59.46 -19.29 -33.85
C ILE E 606 -59.83 -18.98 -35.29
N PRO E 607 -58.98 -18.29 -36.04
CA PRO E 607 -59.24 -18.10 -37.47
C PRO E 607 -59.08 -19.41 -38.24
N HIS E 608 -59.82 -19.53 -39.34
CA HIS E 608 -59.78 -20.73 -40.14
C HIS E 608 -58.50 -20.84 -40.96
N SER E 609 -57.80 -19.72 -41.17
CA SER E 609 -56.64 -19.71 -42.06
C SER E 609 -55.58 -20.70 -41.62
N ILE E 610 -55.39 -20.88 -40.30
CA ILE E 610 -54.39 -21.80 -39.79
C ILE E 610 -54.59 -23.20 -40.37
N PHE E 611 -55.84 -23.58 -40.63
CA PHE E 611 -56.13 -24.92 -41.10
C PHE E 611 -55.62 -25.18 -42.52
N SER E 612 -55.26 -24.13 -43.26
CA SER E 612 -54.77 -24.32 -44.62
C SER E 612 -53.27 -24.56 -44.68
N LEU E 613 -52.57 -24.44 -43.55
CA LEU E 613 -51.13 -24.69 -43.48
C LEU E 613 -50.96 -26.11 -42.95
N HIS E 614 -51.06 -27.08 -43.86
CA HIS E 614 -51.05 -28.49 -43.47
C HIS E 614 -49.71 -28.93 -42.89
N ASN E 615 -48.64 -28.20 -43.19
CA ASN E 615 -47.30 -28.55 -42.72
C ASN E 615 -47.04 -28.10 -41.30
N LEU E 616 -48.01 -27.45 -40.67
CA LEU E 616 -47.84 -26.95 -39.31
C LEU E 616 -47.64 -28.10 -38.34
N GLN E 617 -46.87 -27.86 -37.28
CA GLN E 617 -46.59 -28.87 -36.27
C GLN E 617 -47.07 -28.49 -34.88
N GLU E 618 -46.88 -27.25 -34.47
CA GLU E 618 -47.21 -26.81 -33.12
C GLU E 618 -47.97 -25.49 -33.16
N ILE E 619 -49.07 -25.42 -32.41
CA ILE E 619 -49.94 -24.26 -32.37
C ILE E 619 -49.96 -23.72 -30.94
N ASP E 620 -49.77 -22.42 -30.80
CA ASP E 620 -49.85 -21.75 -29.51
C ASP E 620 -50.84 -20.60 -29.61
N LEU E 621 -51.73 -20.50 -28.63
CA LEU E 621 -52.67 -19.39 -28.51
C LEU E 621 -52.63 -18.82 -27.10
N LYS E 622 -51.41 -18.60 -26.59
CA LYS E 622 -51.21 -18.14 -25.23
C LYS E 622 -52.01 -16.88 -24.93
N ASP E 623 -53.00 -17.02 -24.04
CA ASP E 623 -53.75 -15.88 -23.51
C ASP E 623 -54.36 -15.04 -24.63
N ASN E 624 -55.04 -15.71 -25.56
CA ASN E 624 -55.76 -15.04 -26.62
C ASN E 624 -57.24 -14.86 -26.31
N ASN E 625 -57.61 -14.98 -25.03
CA ASN E 625 -58.99 -14.79 -24.58
C ASN E 625 -59.94 -15.77 -25.26
N LEU E 626 -59.44 -16.97 -25.55
CA LEU E 626 -60.22 -17.98 -26.23
C LEU E 626 -61.27 -18.57 -25.29
N LYS E 627 -62.49 -18.72 -25.81
CA LYS E 627 -63.58 -19.35 -25.10
C LYS E 627 -64.15 -20.56 -25.80
N THR E 628 -64.35 -20.49 -27.12
CA THR E 628 -64.90 -21.58 -27.90
C THR E 628 -63.85 -22.09 -28.88
N ILE E 629 -63.60 -23.40 -28.86
CA ILE E 629 -62.58 -24.01 -29.70
C ILE E 629 -63.18 -25.10 -30.57
N GLU E 630 -64.44 -24.93 -30.98
CA GLU E 630 -65.08 -25.95 -31.81
C GLU E 630 -64.28 -26.24 -33.08
N GLU E 631 -63.65 -25.21 -33.66
CA GLU E 631 -62.96 -25.36 -34.93
C GLU E 631 -61.81 -26.35 -34.89
N ILE E 632 -61.54 -26.96 -33.73
CA ILE E 632 -60.56 -28.03 -33.61
C ILE E 632 -61.00 -29.22 -34.46
N ILE E 633 -62.27 -29.23 -34.87
CA ILE E 633 -62.71 -30.24 -35.84
C ILE E 633 -61.86 -30.15 -37.10
N SER E 634 -61.61 -28.92 -37.57
CA SER E 634 -60.77 -28.71 -38.74
C SER E 634 -59.33 -29.14 -38.50
N PHE E 635 -58.95 -29.39 -37.24
CA PHE E 635 -57.66 -30.01 -36.95
C PHE E 635 -57.50 -31.37 -37.62
N GLN E 636 -58.61 -32.05 -37.93
CA GLN E 636 -58.51 -33.29 -38.69
C GLN E 636 -57.89 -33.06 -40.06
N HIS E 637 -58.02 -31.86 -40.62
CA HIS E 637 -57.27 -31.52 -41.82
C HIS E 637 -55.77 -31.52 -41.54
N LEU E 638 -55.37 -31.01 -40.37
CA LEU E 638 -53.97 -30.92 -39.99
C LEU E 638 -53.53 -32.29 -39.47
N HIS E 639 -52.91 -33.08 -40.33
CA HIS E 639 -52.53 -34.44 -39.97
C HIS E 639 -51.32 -34.48 -39.05
N ARG E 640 -50.30 -33.68 -39.34
CA ARG E 640 -49.00 -33.77 -38.67
C ARG E 640 -48.93 -32.91 -37.42
N LEU E 641 -50.08 -32.59 -36.83
CA LEU E 641 -50.13 -31.73 -35.64
C LEU E 641 -49.84 -32.58 -34.40
N THR E 642 -48.77 -32.25 -33.68
CA THR E 642 -48.33 -33.04 -32.54
C THR E 642 -48.42 -32.30 -31.21
N CYS E 643 -48.14 -31.01 -31.17
CA CYS E 643 -48.12 -30.26 -29.92
C CYS E 643 -49.10 -29.09 -30.01
N LEU E 644 -49.88 -28.90 -28.94
CA LEU E 644 -50.91 -27.86 -28.89
C LEU E 644 -50.77 -27.06 -27.61
N LYS E 645 -50.89 -25.74 -27.73
CA LYS E 645 -50.77 -24.82 -26.60
C LYS E 645 -51.94 -23.85 -26.65
N LEU E 646 -52.88 -23.99 -25.70
CA LEU E 646 -54.05 -23.13 -25.68
C LEU E 646 -54.35 -22.60 -24.27
N TRP E 647 -53.40 -22.73 -23.36
CA TRP E 647 -53.65 -22.37 -21.96
C TRP E 647 -53.64 -20.85 -21.82
N TYR E 648 -53.79 -20.38 -20.58
CA TYR E 648 -53.94 -18.96 -20.25
C TYR E 648 -55.16 -18.35 -20.93
N ASN E 649 -56.10 -19.17 -21.36
CA ASN E 649 -57.32 -18.73 -22.02
C ASN E 649 -58.51 -18.96 -21.10
N HIS E 650 -59.70 -18.68 -21.62
CA HIS E 650 -60.94 -18.75 -20.85
C HIS E 650 -61.82 -19.92 -21.31
N ILE E 651 -61.21 -21.05 -21.64
CA ILE E 651 -61.96 -22.20 -22.12
C ILE E 651 -62.68 -22.83 -20.93
N ALA E 652 -64.00 -22.95 -21.03
CA ALA E 652 -64.78 -23.53 -19.93
C ALA E 652 -64.96 -25.04 -20.11
N TYR E 653 -65.19 -25.50 -21.34
CA TYR E 653 -65.46 -26.90 -21.60
C TYR E 653 -64.60 -27.38 -22.77
N ILE E 654 -64.11 -28.61 -22.66
CA ILE E 654 -63.28 -29.22 -23.70
C ILE E 654 -64.20 -29.94 -24.67
N PRO E 655 -64.21 -29.57 -25.95
CA PRO E 655 -64.96 -30.36 -26.93
C PRO E 655 -64.38 -31.77 -27.04
N ILE E 656 -65.27 -32.73 -27.31
CA ILE E 656 -64.86 -34.12 -27.37
C ILE E 656 -64.05 -34.40 -28.62
N GLN E 657 -64.37 -33.73 -29.74
CA GLN E 657 -63.82 -34.09 -31.04
C GLN E 657 -62.31 -33.91 -31.12
N ILE E 658 -61.71 -33.17 -30.19
CA ILE E 658 -60.26 -33.04 -30.18
C ILE E 658 -59.58 -34.38 -29.97
N GLY E 659 -60.30 -35.36 -29.40
CA GLY E 659 -59.75 -36.69 -29.27
C GLY E 659 -59.49 -37.36 -30.60
N ASN E 660 -60.10 -36.86 -31.68
CA ASN E 660 -59.81 -37.38 -33.01
C ASN E 660 -58.37 -37.11 -33.43
N LEU E 661 -57.70 -36.16 -32.79
CA LEU E 661 -56.32 -35.80 -33.12
C LEU E 661 -55.38 -36.71 -32.33
N THR E 662 -55.22 -37.94 -32.82
CA THR E 662 -54.36 -38.89 -32.14
C THR E 662 -52.88 -38.57 -32.32
N ASN E 663 -52.55 -37.68 -33.26
CA ASN E 663 -51.16 -37.32 -33.49
C ASN E 663 -50.59 -36.41 -32.40
N LEU E 664 -51.42 -35.93 -31.49
CA LEU E 664 -50.96 -34.99 -30.47
C LEU E 664 -49.99 -35.68 -29.51
N GLU E 665 -48.99 -34.93 -29.06
CA GLU E 665 -48.00 -35.48 -28.14
C GLU E 665 -47.86 -34.61 -26.89
N ARG E 666 -47.94 -33.28 -27.05
CA ARG E 666 -47.77 -32.35 -25.95
C ARG E 666 -48.89 -31.33 -25.98
N LEU E 667 -49.71 -31.33 -24.93
CA LEU E 667 -50.86 -30.43 -24.83
C LEU E 667 -51.01 -30.00 -23.38
N TYR E 668 -50.73 -28.73 -23.10
CA TYR E 668 -50.88 -28.15 -21.77
C TYR E 668 -52.11 -27.25 -21.77
N LEU E 669 -52.93 -27.38 -20.73
CA LEU E 669 -54.14 -26.56 -20.63
C LEU E 669 -54.37 -26.05 -19.22
N ASN E 670 -53.34 -25.55 -18.56
CA ASN E 670 -53.50 -24.99 -17.23
C ASN E 670 -54.13 -23.60 -17.30
N ARG E 671 -54.53 -23.07 -16.14
CA ARG E 671 -55.08 -21.72 -16.03
C ARG E 671 -56.30 -21.52 -16.93
N ASN E 672 -57.21 -22.48 -16.93
CA ASN E 672 -58.44 -22.39 -17.70
C ASN E 672 -59.61 -22.82 -16.82
N LYS E 673 -60.82 -22.62 -17.35
CA LYS E 673 -62.04 -22.92 -16.62
C LYS E 673 -62.54 -24.33 -16.86
N ILE E 674 -61.64 -25.27 -17.17
CA ILE E 674 -62.04 -26.64 -17.43
C ILE E 674 -62.42 -27.32 -16.12
N GLU E 675 -63.58 -27.97 -16.10
CA GLU E 675 -64.07 -28.65 -14.92
C GLU E 675 -64.07 -30.16 -15.02
N LYS E 676 -64.07 -30.71 -16.24
CA LYS E 676 -64.05 -32.16 -16.41
C LYS E 676 -63.52 -32.49 -17.79
N ILE E 677 -62.74 -33.57 -17.86
CA ILE E 677 -62.04 -33.96 -19.07
C ILE E 677 -62.94 -34.91 -19.86
N PRO E 678 -63.28 -34.59 -21.10
CA PRO E 678 -64.10 -35.51 -21.90
C PRO E 678 -63.37 -36.81 -22.20
N THR E 679 -64.14 -37.89 -22.30
CA THR E 679 -63.55 -39.20 -22.55
C THR E 679 -62.92 -39.30 -23.93
N GLN E 680 -63.50 -38.64 -24.94
CA GLN E 680 -62.96 -38.75 -26.29
C GLN E 680 -61.54 -38.19 -26.36
N LEU E 681 -61.21 -37.22 -25.50
CA LEU E 681 -59.86 -36.69 -25.47
C LEU E 681 -58.83 -37.78 -25.21
N PHE E 682 -59.22 -38.84 -24.51
CA PHE E 682 -58.31 -39.95 -24.24
C PHE E 682 -58.15 -40.88 -25.43
N TYR E 683 -58.55 -40.45 -26.63
CA TYR E 683 -58.30 -41.20 -27.85
C TYR E 683 -56.93 -40.89 -28.46
N CYS E 684 -56.27 -39.82 -28.01
CA CYS E 684 -54.96 -39.42 -28.53
C CYS E 684 -53.89 -40.23 -27.82
N ARG E 685 -53.79 -41.51 -28.19
CA ARG E 685 -52.90 -42.43 -27.50
C ARG E 685 -51.45 -41.99 -27.59
N LYS E 686 -51.09 -41.22 -28.61
CA LYS E 686 -49.72 -40.78 -28.79
C LYS E 686 -49.36 -39.56 -27.95
N LEU E 687 -50.28 -39.09 -27.10
CA LEU E 687 -49.99 -37.97 -26.22
C LEU E 687 -48.89 -38.32 -25.24
N ARG E 688 -48.03 -37.34 -24.93
CA ARG E 688 -46.90 -37.56 -24.06
C ARG E 688 -46.85 -36.58 -22.89
N TYR E 689 -47.25 -35.33 -23.10
CA TYR E 689 -47.18 -34.30 -22.07
C TYR E 689 -48.53 -33.61 -21.92
N LEU E 690 -49.00 -33.52 -20.67
CA LEU E 690 -50.29 -32.90 -20.36
C LEU E 690 -50.13 -32.05 -19.10
N ASP E 691 -50.71 -30.86 -19.12
CA ASP E 691 -50.76 -29.97 -17.97
C ASP E 691 -52.17 -29.46 -17.79
N LEU E 692 -52.73 -29.64 -16.59
CA LEU E 692 -54.07 -29.18 -16.28
C LEU E 692 -54.10 -28.48 -14.93
N SER E 693 -53.01 -27.81 -14.56
CA SER E 693 -52.92 -27.17 -13.26
C SER E 693 -53.87 -25.97 -13.18
N HIS E 694 -54.27 -25.66 -11.95
CA HIS E 694 -55.10 -24.49 -11.66
C HIS E 694 -56.36 -24.48 -12.52
N ASN E 695 -57.06 -25.62 -12.54
CA ASN E 695 -58.34 -25.74 -13.20
C ASN E 695 -59.39 -26.21 -12.19
N ASN E 696 -60.64 -26.26 -12.64
CA ASN E 696 -61.77 -26.59 -11.79
C ASN E 696 -62.11 -28.07 -11.84
N LEU E 697 -61.12 -28.92 -12.09
CA LEU E 697 -61.35 -30.35 -12.08
C LEU E 697 -61.59 -30.84 -10.65
N THR E 698 -62.39 -31.91 -10.55
CA THR E 698 -62.68 -32.52 -9.26
C THR E 698 -62.06 -33.91 -9.11
N PHE E 699 -62.05 -34.71 -10.17
CA PHE E 699 -61.38 -36.00 -10.16
C PHE E 699 -60.96 -36.32 -11.58
N LEU E 700 -60.09 -37.33 -11.71
CA LEU E 700 -59.52 -37.70 -13.00
C LEU E 700 -60.31 -38.85 -13.61
N PRO E 701 -60.78 -38.73 -14.85
CA PRO E 701 -61.53 -39.82 -15.47
C PRO E 701 -60.67 -41.06 -15.67
N ALA E 702 -61.35 -42.21 -15.75
CA ALA E 702 -60.65 -43.49 -15.85
C ALA E 702 -59.87 -43.62 -17.15
N ASP E 703 -60.41 -43.11 -18.24
CA ASP E 703 -59.80 -43.28 -19.56
C ASP E 703 -58.39 -42.72 -19.65
N ILE E 704 -57.93 -42.01 -18.61
CA ILE E 704 -56.53 -41.56 -18.59
C ILE E 704 -55.59 -42.75 -18.64
N GLY E 705 -56.03 -43.91 -18.15
CA GLY E 705 -55.18 -45.09 -18.23
C GLY E 705 -54.94 -45.57 -19.64
N LEU E 706 -55.74 -45.11 -20.60
CA LEU E 706 -55.62 -45.60 -21.97
C LEU E 706 -54.47 -44.96 -22.73
N LEU E 707 -53.91 -43.87 -22.23
CA LEU E 707 -52.80 -43.18 -22.89
C LEU E 707 -51.52 -43.53 -22.15
N GLN E 708 -50.96 -44.69 -22.50
CA GLN E 708 -49.74 -45.15 -21.84
C GLN E 708 -48.53 -44.31 -22.23
N ASN E 709 -48.60 -43.58 -23.34
CA ASN E 709 -47.48 -42.80 -23.85
C ASN E 709 -47.26 -41.50 -23.09
N LEU E 710 -48.17 -41.12 -22.21
CA LEU E 710 -47.98 -39.92 -21.41
C LEU E 710 -46.89 -40.14 -20.38
N GLN E 711 -46.12 -39.09 -20.11
CA GLN E 711 -45.07 -39.15 -19.11
C GLN E 711 -45.16 -38.06 -18.06
N ASN E 712 -45.55 -36.84 -18.43
CA ASN E 712 -45.58 -35.72 -17.51
C ASN E 712 -46.99 -35.17 -17.44
N LEU E 713 -47.58 -35.19 -16.25
CA LEU E 713 -48.91 -34.66 -15.99
C LEU E 713 -48.82 -33.64 -14.86
N ALA E 714 -49.39 -32.46 -15.10
CA ALA E 714 -49.34 -31.38 -14.12
C ALA E 714 -50.77 -30.93 -13.83
N VAL E 715 -51.23 -31.21 -12.61
CA VAL E 715 -52.57 -30.81 -12.19
C VAL E 715 -52.44 -29.97 -10.91
N THR E 716 -51.35 -29.23 -10.80
CA THR E 716 -51.03 -28.51 -9.58
C THR E 716 -52.13 -27.54 -9.19
N ALA E 717 -52.41 -27.46 -7.89
CA ALA E 717 -53.35 -26.50 -7.30
C ALA E 717 -54.74 -26.62 -7.92
N ASN E 718 -55.37 -27.76 -7.66
CA ASN E 718 -56.72 -28.00 -8.15
C ASN E 718 -57.63 -28.54 -7.06
N ARG E 719 -58.84 -28.95 -7.44
CA ARG E 719 -59.84 -29.48 -6.52
C ARG E 719 -59.94 -30.99 -6.62
N ILE E 720 -58.79 -31.65 -6.81
CA ILE E 720 -58.76 -33.10 -6.95
C ILE E 720 -58.90 -33.71 -5.55
N GLU E 721 -60.09 -34.22 -5.24
CA GLU E 721 -60.32 -34.80 -3.92
C GLU E 721 -59.48 -36.04 -3.69
N ALA E 722 -59.32 -36.87 -4.70
CA ALA E 722 -58.55 -38.10 -4.56
C ALA E 722 -57.92 -38.47 -5.90
N LEU E 723 -56.84 -39.24 -5.83
CA LEU E 723 -56.16 -39.71 -7.02
C LEU E 723 -56.73 -41.06 -7.42
N PRO E 724 -57.33 -41.18 -8.59
CA PRO E 724 -57.86 -42.48 -9.02
C PRO E 724 -56.74 -43.47 -9.27
N PRO E 725 -56.88 -44.71 -8.81
CA PRO E 725 -55.78 -45.68 -8.98
C PRO E 725 -55.48 -46.04 -10.43
N GLU E 726 -56.44 -45.89 -11.36
CA GLU E 726 -56.21 -46.36 -12.71
C GLU E 726 -55.07 -45.60 -13.39
N LEU E 727 -54.82 -44.36 -12.97
CA LEU E 727 -53.69 -43.60 -13.53
C LEU E 727 -52.36 -44.29 -13.27
N PHE E 728 -52.28 -45.12 -12.24
CA PHE E 728 -51.07 -45.87 -11.97
C PHE E 728 -50.74 -46.89 -13.06
N GLN E 729 -51.68 -47.16 -13.97
CA GLN E 729 -51.46 -48.09 -15.06
C GLN E 729 -50.63 -47.49 -16.19
N CYS E 730 -50.46 -46.17 -16.20
CA CYS E 730 -49.56 -45.51 -17.13
C CYS E 730 -48.16 -45.62 -16.56
N ARG E 731 -47.42 -46.63 -17.03
CA ARG E 731 -46.21 -47.06 -16.34
C ARG E 731 -45.09 -46.02 -16.47
N LYS E 732 -44.91 -45.44 -17.65
CA LYS E 732 -43.74 -44.61 -17.93
C LYS E 732 -43.99 -43.14 -17.65
N LEU E 733 -44.88 -42.81 -16.72
CA LEU E 733 -45.03 -41.43 -16.32
C LEU E 733 -43.74 -40.94 -15.68
N ARG E 734 -43.23 -39.81 -16.17
CA ARG E 734 -41.97 -39.26 -15.70
C ARG E 734 -42.15 -38.19 -14.63
N ALA E 735 -43.35 -37.63 -14.50
CA ALA E 735 -43.59 -36.61 -13.48
C ALA E 735 -45.07 -36.59 -13.13
N LEU E 736 -45.35 -36.15 -11.91
CA LEU E 736 -46.72 -35.96 -11.45
C LEU E 736 -46.74 -34.71 -10.57
N HIS E 737 -47.28 -33.62 -11.09
CA HIS E 737 -47.26 -32.32 -10.43
C HIS E 737 -48.61 -32.14 -9.76
N LEU E 738 -48.72 -32.65 -8.53
CA LEU E 738 -49.99 -32.69 -7.81
C LEU E 738 -49.98 -31.75 -6.60
N GLY E 739 -49.06 -30.79 -6.55
CA GLY E 739 -48.98 -29.92 -5.41
C GLY E 739 -50.18 -29.01 -5.28
N ASN E 740 -50.41 -28.57 -4.04
CA ASN E 740 -51.40 -27.55 -3.71
C ASN E 740 -52.82 -27.99 -4.06
N ASN E 741 -53.06 -29.29 -4.15
CA ASN E 741 -54.39 -29.82 -4.38
C ASN E 741 -55.06 -30.09 -3.04
N VAL E 742 -56.24 -30.71 -3.09
CA VAL E 742 -57.00 -31.03 -1.89
C VAL E 742 -56.93 -32.53 -1.63
N LEU E 743 -55.86 -33.15 -2.10
CA LEU E 743 -55.67 -34.58 -1.92
C LEU E 743 -55.67 -34.94 -0.44
N GLN E 744 -56.50 -35.91 -0.07
CA GLN E 744 -56.58 -36.33 1.33
C GLN E 744 -55.53 -37.39 1.64
N SER E 745 -55.60 -38.52 0.94
CA SER E 745 -54.67 -39.62 1.14
C SER E 745 -54.15 -40.07 -0.22
N LEU E 746 -52.86 -40.39 -0.27
CA LEU E 746 -52.24 -40.81 -1.51
C LEU E 746 -52.40 -42.32 -1.67
N PRO E 747 -52.92 -42.81 -2.79
CA PRO E 747 -53.04 -44.26 -2.99
C PRO E 747 -51.68 -44.94 -2.96
N SER E 748 -51.68 -46.19 -2.48
CA SER E 748 -50.45 -46.93 -2.26
C SER E 748 -49.72 -47.28 -3.55
N ARG E 749 -50.40 -47.32 -4.70
CA ARG E 749 -49.80 -47.82 -5.93
C ARG E 749 -48.72 -46.90 -6.49
N VAL E 750 -48.29 -45.88 -5.75
CA VAL E 750 -47.25 -44.97 -6.24
C VAL E 750 -45.96 -45.72 -6.52
N GLY E 751 -45.72 -46.83 -5.83
CA GLY E 751 -44.54 -47.62 -6.10
C GLY E 751 -44.52 -48.23 -7.49
N GLU E 752 -45.67 -48.28 -8.16
CA GLU E 752 -45.71 -48.76 -9.53
C GLU E 752 -44.97 -47.84 -10.49
N LEU E 753 -44.87 -46.56 -10.17
CA LEU E 753 -44.23 -45.59 -11.06
C LEU E 753 -42.72 -45.67 -10.86
N THR E 754 -42.10 -46.59 -11.60
CA THR E 754 -40.65 -46.73 -11.54
C THR E 754 -39.94 -45.62 -12.32
N ASN E 755 -40.54 -45.19 -13.43
CA ASN E 755 -39.97 -44.13 -14.25
C ASN E 755 -40.25 -42.74 -13.68
N LEU E 756 -41.06 -42.64 -12.63
CA LEU E 756 -41.37 -41.35 -12.04
C LEU E 756 -40.09 -40.70 -11.51
N THR E 757 -39.93 -39.41 -11.79
CA THR E 757 -38.73 -38.68 -11.40
C THR E 757 -39.03 -37.52 -10.46
N GLN E 758 -40.05 -36.70 -10.76
CA GLN E 758 -40.36 -35.51 -9.99
C GLN E 758 -41.80 -35.51 -9.57
N ILE E 759 -42.05 -35.17 -8.30
CA ILE E 759 -43.38 -34.95 -7.77
C ILE E 759 -43.34 -33.76 -6.82
N GLU E 760 -44.43 -33.01 -6.80
CA GLU E 760 -44.60 -31.92 -5.85
C GLU E 760 -45.85 -32.16 -5.01
N LEU E 761 -45.69 -32.10 -3.68
CA LEU E 761 -46.80 -32.36 -2.77
C LEU E 761 -46.99 -31.24 -1.76
N ARG E 762 -46.44 -30.06 -2.02
CA ARG E 762 -46.71 -28.91 -1.15
C ARG E 762 -48.18 -28.51 -1.25
N GLY E 763 -48.72 -28.01 -0.15
CA GLY E 763 -50.06 -27.48 -0.15
C GLY E 763 -51.17 -28.49 -0.22
N ASN E 764 -50.91 -29.74 0.15
CA ASN E 764 -51.92 -30.79 0.09
C ASN E 764 -52.28 -31.25 1.51
N ARG E 765 -53.56 -31.57 1.69
CA ARG E 765 -54.08 -32.01 2.99
C ARG E 765 -53.86 -33.51 3.17
N LEU E 766 -52.59 -33.90 3.16
CA LEU E 766 -52.19 -35.30 3.27
C LEU E 766 -51.86 -35.60 4.73
N GLU E 767 -52.71 -36.40 5.37
CA GLU E 767 -52.44 -36.81 6.74
C GLU E 767 -51.39 -37.92 6.82
N CYS E 768 -51.35 -38.80 5.82
CA CYS E 768 -50.39 -39.91 5.83
C CYS E 768 -50.17 -40.39 4.40
N LEU E 769 -48.92 -40.71 4.07
CA LEU E 769 -48.46 -41.10 2.75
C LEU E 769 -48.08 -42.58 2.72
N PRO E 770 -48.19 -43.22 1.56
CA PRO E 770 -47.79 -44.63 1.45
C PRO E 770 -46.27 -44.79 1.47
N VAL E 771 -45.85 -45.98 1.90
CA VAL E 771 -44.43 -46.26 2.02
C VAL E 771 -43.83 -46.77 0.72
N GLU E 772 -44.66 -47.04 -0.29
CA GLU E 772 -44.14 -47.49 -1.59
C GLU E 772 -43.35 -46.40 -2.28
N LEU E 773 -43.45 -45.15 -1.81
CA LEU E 773 -42.68 -44.06 -2.39
C LEU E 773 -41.18 -44.33 -2.35
N GLY E 774 -40.72 -45.14 -1.41
CA GLY E 774 -39.32 -45.48 -1.32
C GLY E 774 -38.85 -46.60 -2.23
N GLU E 775 -39.74 -47.21 -3.00
CA GLU E 775 -39.35 -48.29 -3.90
C GLU E 775 -39.25 -47.85 -5.35
N CYS E 776 -39.42 -46.56 -5.63
CA CYS E 776 -39.29 -46.05 -6.98
C CYS E 776 -37.84 -45.71 -7.27
N PRO E 777 -37.19 -46.37 -8.24
CA PRO E 777 -35.74 -46.19 -8.42
C PRO E 777 -35.34 -44.77 -8.78
N LEU E 778 -36.16 -44.04 -9.53
CA LEU E 778 -35.76 -42.77 -10.11
C LEU E 778 -36.19 -41.57 -9.27
N LEU E 779 -36.78 -41.80 -8.10
CA LEU E 779 -37.15 -40.71 -7.20
C LEU E 779 -36.04 -40.44 -6.21
N LYS E 780 -35.73 -39.16 -6.00
CA LYS E 780 -34.69 -38.72 -5.08
C LYS E 780 -35.28 -37.74 -4.08
N ARG E 781 -34.48 -37.44 -3.04
CA ARG E 781 -34.96 -36.60 -1.95
C ARG E 781 -35.39 -35.21 -2.45
N SER E 782 -34.58 -34.60 -3.32
CA SER E 782 -34.97 -33.33 -3.92
C SER E 782 -36.16 -33.51 -4.86
N GLY E 783 -36.20 -34.64 -5.58
CA GLY E 783 -37.30 -34.89 -6.50
C GLY E 783 -38.64 -34.96 -5.82
N LEU E 784 -38.68 -35.42 -4.57
CA LEU E 784 -39.91 -35.48 -3.78
C LEU E 784 -40.07 -34.15 -3.07
N VAL E 785 -40.98 -33.33 -3.58
CA VAL E 785 -41.29 -32.03 -2.97
C VAL E 785 -42.42 -32.28 -1.98
N VAL E 786 -42.07 -32.26 -0.69
CA VAL E 786 -43.02 -32.57 0.38
C VAL E 786 -42.54 -31.86 1.64
N GLU E 787 -43.49 -31.47 2.48
CA GLU E 787 -43.16 -30.75 3.71
C GLU E 787 -42.33 -31.63 4.63
N GLU E 788 -41.43 -30.98 5.39
CA GLU E 788 -40.49 -31.73 6.23
C GLU E 788 -41.21 -32.46 7.35
N ASP E 789 -42.25 -31.85 7.94
CA ASP E 789 -43.03 -32.57 8.93
C ASP E 789 -43.76 -33.75 8.31
N LEU E 790 -44.26 -33.58 7.07
CA LEU E 790 -44.79 -34.71 6.33
C LEU E 790 -43.67 -35.62 5.84
N PHE E 791 -42.48 -35.07 5.59
CA PHE E 791 -41.33 -35.92 5.28
C PHE E 791 -40.99 -36.84 6.45
N SER E 792 -41.33 -36.43 7.67
CA SER E 792 -41.14 -37.27 8.85
C SER E 792 -42.15 -38.41 8.92
N THR E 793 -43.17 -38.41 8.08
CA THR E 793 -44.10 -39.53 8.03
C THR E 793 -43.50 -40.76 7.37
N LEU E 794 -42.53 -40.57 6.48
CA LEU E 794 -41.85 -41.70 5.84
C LEU E 794 -41.09 -42.50 6.89
N PRO E 795 -41.01 -43.82 6.74
CA PRO E 795 -40.21 -44.62 7.66
C PRO E 795 -38.74 -44.26 7.53
N PRO E 796 -37.95 -44.46 8.60
CA PRO E 796 -36.53 -44.07 8.53
C PRO E 796 -35.76 -44.72 7.40
N GLU E 797 -36.07 -45.98 7.09
CA GLU E 797 -35.40 -46.65 5.98
C GLU E 797 -35.72 -45.96 4.66
N VAL E 798 -36.97 -45.55 4.47
CA VAL E 798 -37.35 -44.87 3.24
C VAL E 798 -36.62 -43.54 3.10
N LYS E 799 -36.57 -42.76 4.18
CA LYS E 799 -35.87 -41.48 4.14
C LYS E 799 -34.39 -41.68 3.89
N GLU E 800 -33.78 -42.67 4.53
CA GLU E 800 -32.36 -42.96 4.32
C GLU E 800 -32.09 -43.34 2.86
N ARG E 801 -32.94 -44.20 2.29
CA ARG E 801 -32.76 -44.61 0.90
C ARG E 801 -32.89 -43.41 -0.04
N LEU E 802 -33.89 -42.54 0.21
CA LEU E 802 -34.07 -41.37 -0.63
C LEU E 802 -32.88 -40.41 -0.52
N TRP E 803 -32.37 -40.21 0.69
CA TRP E 803 -31.21 -39.35 0.86
C TRP E 803 -29.98 -39.92 0.17
N ARG E 804 -29.77 -41.24 0.28
CA ARG E 804 -28.64 -41.87 -0.40
C ARG E 804 -28.76 -41.74 -1.91
N ALA E 805 -29.96 -41.95 -2.45
CA ALA E 805 -30.16 -41.79 -3.88
C ALA E 805 -29.89 -40.35 -4.30
N ASP E 806 -30.33 -39.38 -3.50
CA ASP E 806 -30.13 -37.98 -3.83
C ASP E 806 -28.66 -37.59 -3.78
N LYS E 807 -27.90 -38.15 -2.84
CA LYS E 807 -26.54 -37.69 -2.58
C LYS E 807 -25.63 -37.88 -3.80
N GLU E 808 -25.69 -39.06 -4.41
CA GLU E 808 -24.87 -39.33 -5.59
C GLU E 808 -25.61 -40.26 -6.56
N PRO F 15 -0.13 38.69 -5.42
CA PRO F 15 0.04 37.37 -6.03
C PRO F 15 -1.28 36.64 -6.17
N ALA F 16 -2.25 37.00 -5.34
CA ALA F 16 -3.57 36.40 -5.38
C ALA F 16 -4.68 37.40 -5.67
N TYR F 17 -4.58 38.63 -5.18
CA TYR F 17 -5.59 39.64 -5.42
C TYR F 17 -5.41 40.35 -6.75
N ARG F 18 -4.40 39.96 -7.53
CA ARG F 18 -4.23 40.53 -8.86
C ARG F 18 -5.45 40.31 -9.75
N ILE F 19 -6.24 39.28 -9.47
CA ILE F 19 -7.49 39.08 -10.20
C ILE F 19 -8.46 40.20 -9.89
N LEU F 20 -8.41 40.72 -8.67
CA LEU F 20 -9.34 41.76 -8.22
C LEU F 20 -8.89 43.16 -8.63
N LYS F 21 -7.81 43.29 -9.39
CA LYS F 21 -7.34 44.60 -9.79
C LYS F 21 -7.64 44.81 -11.26
N PRO F 22 -8.66 45.59 -11.60
CA PRO F 22 -8.92 45.88 -13.02
C PRO F 22 -7.79 46.69 -13.63
N TRP F 23 -7.89 46.98 -14.93
CA TRP F 23 -6.78 47.67 -15.57
C TRP F 23 -6.58 49.07 -15.01
N TRP F 24 -7.67 49.75 -14.63
CA TRP F 24 -7.49 51.08 -14.04
C TRP F 24 -6.71 51.00 -12.73
N ASP F 25 -6.96 49.97 -11.93
CA ASP F 25 -6.26 49.86 -10.65
C ASP F 25 -4.77 49.64 -10.83
N VAL F 26 -4.39 48.71 -11.71
CA VAL F 26 -2.97 48.46 -11.92
C VAL F 26 -2.31 49.66 -12.59
N PHE F 27 -3.00 50.33 -13.50
CA PHE F 27 -2.44 51.52 -14.12
C PHE F 27 -2.21 52.61 -13.08
N THR F 28 -3.15 52.81 -12.17
CA THR F 28 -2.95 53.79 -11.12
C THR F 28 -1.80 53.38 -10.21
N ASP F 29 -1.64 52.08 -9.96
CA ASP F 29 -0.49 51.64 -9.17
C ASP F 29 0.82 52.02 -9.85
N TYR F 30 0.93 51.77 -11.15
CA TYR F 30 2.16 52.10 -11.86
C TYR F 30 2.37 53.60 -11.93
N ILE F 31 1.29 54.36 -12.13
CA ILE F 31 1.41 55.82 -12.13
C ILE F 31 1.89 56.30 -10.77
N SER F 32 1.41 55.69 -9.70
CA SER F 32 1.87 56.07 -8.37
C SER F 32 3.33 55.71 -8.16
N ILE F 33 3.77 54.59 -8.71
CA ILE F 33 5.19 54.25 -8.62
C ILE F 33 6.03 55.29 -9.36
N VAL F 34 5.59 55.71 -10.53
CA VAL F 34 6.33 56.73 -11.28
C VAL F 34 6.32 58.05 -10.53
N MET F 35 5.20 58.41 -9.92
CA MET F 35 5.15 59.62 -9.11
C MET F 35 6.11 59.54 -7.93
N LEU F 36 6.19 58.37 -7.31
CA LEU F 36 7.13 58.20 -6.21
C LEU F 36 8.57 58.35 -6.68
N MET F 37 8.88 57.81 -7.86
CA MET F 37 10.22 57.99 -8.41
C MET F 37 10.49 59.46 -8.68
N ILE F 38 9.51 60.19 -9.21
CA ILE F 38 9.66 61.63 -9.41
C ILE F 38 9.93 62.31 -8.08
N ALA F 39 9.18 61.94 -7.05
CA ALA F 39 9.32 62.59 -5.75
C ALA F 39 10.70 62.34 -5.16
N VAL F 40 11.18 61.10 -5.23
CA VAL F 40 12.47 60.81 -4.64
C VAL F 40 13.59 61.47 -5.45
N PHE F 41 13.45 61.49 -6.78
CA PHE F 41 14.47 62.14 -7.59
C PHE F 41 14.51 63.63 -7.32
N GLY F 42 13.34 64.27 -7.24
CA GLY F 42 13.31 65.69 -6.93
C GLY F 42 13.83 65.99 -5.54
N GLY F 43 13.51 65.12 -4.58
CA GLY F 43 14.01 65.31 -3.23
C GLY F 43 15.52 65.22 -3.17
N THR F 44 16.11 64.20 -3.79
CA THR F 44 17.55 64.07 -3.74
C THR F 44 18.23 65.16 -4.54
N LEU F 45 17.58 65.62 -5.61
CA LEU F 45 18.14 66.72 -6.39
C LEU F 45 18.17 68.00 -5.59
N GLN F 46 17.05 68.33 -4.94
CA GLN F 46 16.99 69.55 -4.14
C GLN F 46 17.92 69.48 -2.95
N VAL F 47 17.98 68.33 -2.28
CA VAL F 47 18.82 68.18 -1.11
C VAL F 47 20.29 68.27 -1.49
N THR F 48 20.68 67.59 -2.55
CA THR F 48 22.08 67.55 -2.94
C THR F 48 22.57 68.95 -3.32
N GLN F 49 21.86 69.63 -4.21
CA GLN F 49 22.22 71.00 -4.55
C GLN F 49 20.99 71.72 -5.11
N ASP F 50 20.48 72.67 -4.35
CA ASP F 50 19.40 73.54 -4.81
C ASP F 50 19.72 74.98 -4.45
N LYS F 51 20.94 75.40 -4.72
CA LYS F 51 21.40 76.72 -4.34
C LYS F 51 20.79 77.78 -5.24
N MET F 52 20.90 79.02 -4.79
CA MET F 52 20.72 80.18 -5.63
C MET F 52 22.07 80.84 -5.88
N ILE F 53 22.12 81.70 -6.87
CA ILE F 53 23.30 82.52 -7.15
C ILE F 53 22.77 83.94 -7.30
N CYS F 54 23.05 84.79 -6.32
CA CYS F 54 22.47 86.12 -6.25
C CYS F 54 23.54 87.18 -6.46
N LEU F 55 23.24 88.14 -7.33
CA LEU F 55 24.08 89.30 -7.50
C LEU F 55 23.28 90.56 -7.21
N PRO F 56 23.87 91.53 -6.52
CA PRO F 56 23.15 92.76 -6.20
C PRO F 56 22.94 93.63 -7.43
N CYS F 57 21.87 94.41 -7.39
CA CYS F 57 21.59 95.42 -8.39
C CYS F 57 22.23 96.72 -7.92
N LYS F 58 23.25 97.18 -8.64
CA LYS F 58 23.86 98.45 -8.27
C LYS F 58 22.88 99.60 -8.46
N TRP F 59 22.14 99.62 -9.56
CA TRP F 59 21.13 100.63 -9.81
C TRP F 59 19.77 99.93 -9.79
N VAL F 60 19.04 100.10 -8.71
CA VAL F 60 17.76 99.43 -8.50
C VAL F 60 16.66 100.48 -8.43
N THR F 61 15.60 100.26 -9.20
CA THR F 61 14.41 101.08 -9.12
C THR F 61 13.20 100.15 -9.04
N LYS F 62 12.32 100.41 -8.08
CA LYS F 62 11.15 99.58 -7.82
C LYS F 62 11.57 98.12 -7.57
N ASP F 63 12.61 97.96 -6.76
CA ASP F 63 13.07 96.64 -6.30
C ASP F 63 13.44 95.72 -7.45
N SER F 64 14.08 96.28 -8.48
CA SER F 64 14.59 95.50 -9.60
C SER F 64 15.51 96.39 -10.42
N CYS F 65 16.70 95.90 -10.75
CA CYS F 65 17.61 96.71 -11.55
C CYS F 65 17.08 96.86 -12.97
N ASN F 66 17.31 98.02 -13.56
CA ASN F 66 16.72 98.37 -14.84
C ASN F 66 17.61 98.01 -16.04
N ASP F 67 18.60 97.16 -15.85
CA ASP F 67 19.47 96.68 -16.94
C ASP F 67 20.14 97.85 -17.66
N SER F 68 20.61 98.82 -16.89
CA SER F 68 21.29 99.97 -17.46
C SER F 68 22.49 100.39 -16.60
N THR F 92 38.49 101.77 -23.11
CA THR F 92 38.04 101.37 -24.43
C THR F 92 37.03 100.23 -24.34
N GLY F 93 37.53 99.02 -24.16
CA GLY F 93 36.68 97.85 -24.10
C GLY F 93 35.91 97.75 -22.80
N PRO F 94 34.89 96.91 -22.79
CA PRO F 94 34.10 96.73 -21.56
C PRO F 94 34.93 96.10 -20.46
N THR F 95 34.57 96.42 -19.23
CA THR F 95 35.27 95.91 -18.06
C THR F 95 34.26 95.40 -17.05
N GLY F 96 34.76 94.60 -16.10
CA GLY F 96 33.89 94.00 -15.11
C GLY F 96 33.31 95.03 -14.16
N ILE F 97 32.35 94.58 -13.37
CA ILE F 97 31.69 95.42 -12.37
C ILE F 97 32.21 95.05 -11.00
N LYS F 98 32.66 96.05 -10.25
CA LYS F 98 33.18 95.81 -8.91
C LYS F 98 32.03 95.82 -7.91
N TYR F 99 31.87 94.72 -7.18
CA TYR F 99 30.92 94.66 -6.09
C TYR F 99 31.58 94.69 -4.72
N ASP F 100 32.86 94.34 -4.63
CA ASP F 100 33.59 94.38 -3.38
C ASP F 100 32.92 93.54 -2.30
N LEU F 101 32.56 92.32 -2.66
CA LEU F 101 31.91 91.39 -1.74
C LEU F 101 32.79 90.18 -1.52
N ASP F 102 33.02 89.84 -0.26
CA ASP F 102 33.69 88.60 0.04
C ASP F 102 32.83 87.41 -0.36
N ARG F 103 33.49 86.30 -0.68
CA ARG F 103 32.75 85.10 -1.08
C ARG F 103 31.72 84.72 -0.03
N HIS F 104 32.07 84.88 1.24
CA HIS F 104 31.13 84.52 2.29
C HIS F 104 29.92 85.43 2.31
N GLN F 105 30.10 86.70 1.95
CA GLN F 105 28.93 87.57 1.83
C GLN F 105 28.02 87.09 0.72
N TYR F 106 28.60 86.65 -0.40
CA TYR F 106 27.79 86.07 -1.45
C TYR F 106 27.04 84.84 -0.96
N ASN F 107 27.70 83.98 -0.20
CA ASN F 107 27.02 82.78 0.29
C ASN F 107 25.91 83.15 1.26
N TYR F 108 26.15 84.13 2.12
CA TYR F 108 25.10 84.55 3.04
C TYR F 108 23.91 85.12 2.29
N VAL F 109 24.17 85.93 1.28
CA VAL F 109 23.07 86.48 0.50
C VAL F 109 22.32 85.37 -0.22
N ASP F 110 23.05 84.38 -0.74
CA ASP F 110 22.41 83.26 -1.39
C ASP F 110 21.50 82.52 -0.42
N ALA F 111 21.99 82.24 0.78
CA ALA F 111 21.16 81.55 1.76
C ALA F 111 19.93 82.35 2.10
N VAL F 112 20.10 83.66 2.35
CA VAL F 112 18.96 84.46 2.78
C VAL F 112 17.93 84.56 1.67
N CYS F 113 18.34 84.85 0.44
CA CYS F 113 17.39 84.95 -0.65
C CYS F 113 16.73 83.60 -0.93
N TYR F 114 17.50 82.51 -0.86
CA TYR F 114 16.93 81.20 -1.11
C TYR F 114 15.88 80.84 -0.07
N GLU F 115 16.14 81.18 1.19
CA GLU F 115 15.18 80.81 2.22
C GLU F 115 13.97 81.74 2.21
N ASN F 116 14.16 83.01 1.88
CA ASN F 116 13.08 83.98 1.92
C ASN F 116 12.35 84.14 0.60
N ARG F 117 13.07 84.54 -0.45
CA ARG F 117 12.42 84.95 -1.69
C ARG F 117 12.21 83.83 -2.69
N LEU F 118 12.53 82.59 -2.34
CA LEU F 118 12.19 81.48 -3.20
C LEU F 118 10.76 81.03 -2.89
N HIS F 119 9.97 80.85 -3.92
CA HIS F 119 8.58 80.44 -3.73
C HIS F 119 8.52 79.08 -3.07
N TRP F 120 7.61 78.95 -2.10
CA TRP F 120 7.52 77.72 -1.32
C TRP F 120 7.27 76.51 -2.20
N PHE F 121 6.62 76.70 -3.34
CA PHE F 121 6.40 75.59 -4.25
C PHE F 121 7.73 75.01 -4.73
N ALA F 122 8.67 75.86 -5.10
CA ALA F 122 9.97 75.35 -5.54
C ALA F 122 10.67 74.60 -4.42
N LYS F 123 10.59 75.10 -3.19
CA LYS F 123 11.29 74.46 -2.09
C LYS F 123 10.67 73.12 -1.74
N TYR F 124 9.34 73.00 -1.84
CA TYR F 124 8.65 71.85 -1.27
C TYR F 124 7.89 71.04 -2.31
N PHE F 125 8.24 71.20 -3.59
CA PHE F 125 7.63 70.36 -4.61
C PHE F 125 7.88 68.88 -4.39
N PRO F 126 9.11 68.40 -4.17
CA PRO F 126 9.29 66.96 -4.00
C PRO F 126 8.53 66.38 -2.82
N TYR F 127 8.54 67.08 -1.69
CA TYR F 127 7.82 66.57 -0.53
C TYR F 127 6.32 66.59 -0.77
N LEU F 128 5.83 67.61 -1.46
CA LEU F 128 4.40 67.66 -1.78
C LEU F 128 3.99 66.51 -2.67
N VAL F 129 4.76 66.23 -3.73
CA VAL F 129 4.38 65.13 -4.61
C VAL F 129 4.52 63.80 -3.89
N LEU F 130 5.54 63.66 -3.03
CA LEU F 130 5.65 62.43 -2.25
C LEU F 130 4.43 62.22 -1.38
N LEU F 131 3.98 63.27 -0.69
CA LEU F 131 2.80 63.15 0.15
C LEU F 131 1.57 62.83 -0.67
N HIS F 132 1.40 63.50 -1.82
CA HIS F 132 0.23 63.28 -2.64
C HIS F 132 0.19 61.84 -3.15
N THR F 133 1.32 61.33 -3.62
CA THR F 133 1.32 59.96 -4.12
C THR F 133 1.17 58.95 -3.00
N LEU F 134 1.68 59.26 -1.81
CA LEU F 134 1.45 58.37 -0.67
C LEU F 134 -0.03 58.29 -0.33
N ILE F 135 -0.71 59.44 -0.34
CA ILE F 135 -2.14 59.44 -0.07
C ILE F 135 -2.89 58.72 -1.19
N PHE F 136 -2.42 58.84 -2.43
CA PHE F 136 -3.05 58.10 -3.51
C PHE F 136 -2.90 56.59 -3.30
N LEU F 137 -1.72 56.14 -2.90
CA LEU F 137 -1.53 54.72 -2.60
C LEU F 137 -2.43 54.28 -1.45
N ALA F 138 -2.54 55.11 -0.42
CA ALA F 138 -3.41 54.78 0.71
C ALA F 138 -4.86 54.67 0.25
N CYS F 139 -5.31 55.57 -0.60
CA CYS F 139 -6.66 55.49 -1.11
C CYS F 139 -6.87 54.23 -1.92
N SER F 140 -5.88 53.85 -2.73
CA SER F 140 -6.00 52.62 -3.51
C SER F 140 -6.11 51.40 -2.62
N ASN F 141 -5.29 51.33 -1.57
CA ASN F 141 -5.20 50.13 -0.74
C ASN F 141 -6.06 50.20 0.52
N PHE F 142 -6.89 51.23 0.66
CA PHE F 142 -7.68 51.38 1.88
C PHE F 142 -8.64 50.22 2.10
N TRP F 143 -9.37 49.81 1.06
CA TRP F 143 -10.26 48.67 1.20
C TRP F 143 -9.51 47.36 1.35
N PHE F 144 -8.28 47.29 0.85
CA PHE F 144 -7.48 46.08 1.06
C PHE F 144 -6.98 45.99 2.49
N LYS F 145 -6.68 47.12 3.10
CA LYS F 145 -6.21 47.13 4.48
C LYS F 145 -7.32 47.36 5.50
N PHE F 146 -8.56 47.52 5.04
CA PHE F 146 -9.71 47.65 5.93
C PHE F 146 -10.21 46.25 6.25
N PRO F 147 -10.01 45.73 7.46
CA PRO F 147 -10.33 44.32 7.72
C PRO F 147 -11.78 43.95 7.42
N ARG F 148 -12.71 44.87 7.68
CA ARG F 148 -14.13 44.57 7.49
C ARG F 148 -14.44 44.16 6.05
N THR F 149 -13.77 44.76 5.08
CA THR F 149 -13.88 44.32 3.69
C THR F 149 -12.72 43.45 3.26
N SER F 150 -11.59 43.49 3.96
CA SER F 150 -10.47 42.63 3.60
C SER F 150 -10.84 41.16 3.76
N SER F 151 -11.55 40.83 4.85
CA SER F 151 -11.99 39.45 5.03
C SER F 151 -12.91 39.02 3.91
N LYS F 152 -13.86 39.89 3.53
CA LYS F 152 -14.77 39.57 2.44
C LYS F 152 -14.01 39.35 1.14
N LEU F 153 -13.05 40.22 0.85
CA LEU F 153 -12.29 40.09 -0.39
C LEU F 153 -11.49 38.79 -0.41
N GLU F 154 -10.82 38.46 0.70
CA GLU F 154 -10.06 37.22 0.75
C GLU F 154 -10.95 36.01 0.57
N HIS F 155 -12.09 36.00 1.26
CA HIS F 155 -13.03 34.89 1.12
C HIS F 155 -13.52 34.78 -0.31
N PHE F 156 -13.87 35.90 -0.94
CA PHE F 156 -14.36 35.89 -2.30
C PHE F 156 -13.31 35.36 -3.26
N VAL F 157 -12.07 35.79 -3.10
CA VAL F 157 -11.00 35.34 -4.00
C VAL F 157 -10.75 33.84 -3.82
N SER F 158 -10.68 33.37 -2.58
CA SER F 158 -10.44 31.96 -2.34
C SER F 158 -11.57 31.11 -2.92
N ILE F 159 -12.82 31.53 -2.70
CA ILE F 159 -13.96 30.78 -3.23
C ILE F 159 -13.95 30.78 -4.74
N LEU F 160 -13.64 31.93 -5.35
CA LEU F 160 -13.62 31.99 -6.81
C LEU F 160 -12.53 31.11 -7.39
N LEU F 161 -11.36 31.08 -6.75
CA LEU F 161 -10.32 30.16 -7.20
C LEU F 161 -10.76 28.71 -7.06
N LYS F 162 -11.41 28.36 -5.95
CA LYS F 162 -11.91 27.00 -5.79
C LYS F 162 -12.89 26.64 -6.89
N CYS F 163 -13.83 27.54 -7.18
CA CYS F 163 -14.79 27.27 -8.24
C CYS F 163 -14.12 27.19 -9.60
N PHE F 164 -13.03 27.92 -9.80
CA PHE F 164 -12.33 27.87 -11.08
C PHE F 164 -11.60 26.55 -11.26
N ASP F 165 -10.94 26.07 -10.21
CA ASP F 165 -10.10 24.88 -10.32
C ASP F 165 -10.84 23.60 -9.98
N SER F 166 -12.12 23.67 -9.65
CA SER F 166 -12.87 22.46 -9.34
C SER F 166 -13.04 21.62 -10.61
N PRO F 167 -12.96 20.29 -10.52
CA PRO F 167 -13.28 19.46 -11.70
C PRO F 167 -14.76 19.26 -11.90
N TRP F 168 -15.59 19.57 -10.91
CA TRP F 168 -17.03 19.38 -11.04
C TRP F 168 -17.65 20.41 -11.98
N THR F 169 -17.18 21.66 -11.90
CA THR F 169 -17.72 22.69 -12.79
C THR F 169 -17.40 22.39 -14.24
N THR F 170 -16.22 21.81 -14.51
CA THR F 170 -15.87 21.45 -15.88
C THR F 170 -16.89 20.50 -16.47
N ARG F 171 -17.18 19.40 -15.77
CA ARG F 171 -18.15 18.45 -16.28
C ARG F 171 -19.56 19.02 -16.30
N ALA F 172 -19.89 19.90 -15.34
CA ALA F 172 -21.20 20.54 -15.37
C ALA F 172 -21.38 21.39 -16.60
N LEU F 173 -20.36 22.17 -16.96
CA LEU F 173 -20.43 22.95 -18.19
C LEU F 173 -20.43 22.07 -19.42
N SER F 174 -19.69 20.96 -19.38
CA SER F 174 -19.66 20.04 -20.51
C SER F 174 -21.04 19.46 -20.78
N GLU F 175 -21.74 19.02 -19.74
CA GLU F 175 -23.08 18.48 -19.92
C GLU F 175 -24.05 19.55 -20.41
N THR F 176 -24.00 20.73 -19.82
CA THR F 176 -24.90 21.84 -20.14
C THR F 176 -26.36 21.40 -20.09
N GLY F 230 -22.21 9.84 -15.03
CA GLY F 230 -20.78 9.92 -14.78
C GLY F 230 -20.37 9.22 -13.50
N VAL F 231 -19.07 9.20 -13.24
CA VAL F 231 -18.50 8.57 -12.05
C VAL F 231 -17.82 9.64 -11.21
N LEU F 232 -17.73 9.41 -9.91
CA LEU F 232 -17.19 10.40 -9.00
C LEU F 232 -16.35 9.73 -7.94
N ASP F 233 -15.41 10.47 -7.38
CA ASP F 233 -14.60 10.01 -6.26
C ASP F 233 -15.21 10.50 -4.95
N LYS F 234 -15.02 9.69 -3.90
CA LYS F 234 -15.54 10.04 -2.59
C LYS F 234 -14.98 11.37 -2.10
N LYS F 235 -13.64 11.49 -2.09
CA LYS F 235 -13.02 12.72 -1.63
C LYS F 235 -13.41 13.89 -2.52
N GLU F 236 -13.40 13.68 -3.84
CA GLU F 236 -13.79 14.76 -4.74
C GLU F 236 -15.23 15.19 -4.49
N GLY F 237 -16.13 14.22 -4.30
CA GLY F 237 -17.52 14.56 -4.06
C GLY F 237 -17.73 15.34 -2.77
N GLU F 238 -17.11 14.89 -1.69
CA GLU F 238 -17.30 15.59 -0.42
C GLU F 238 -16.66 16.98 -0.47
N GLN F 239 -15.52 17.10 -1.15
CA GLN F 239 -14.91 18.41 -1.33
C GLN F 239 -15.83 19.33 -2.13
N ALA F 240 -16.46 18.81 -3.19
CA ALA F 240 -17.37 19.63 -3.98
C ALA F 240 -18.58 20.05 -3.16
N LYS F 241 -19.11 19.14 -2.34
CA LYS F 241 -20.23 19.51 -1.48
C LYS F 241 -19.84 20.58 -0.48
N ALA F 242 -18.64 20.45 0.11
CA ALA F 242 -18.15 21.47 1.02
C ALA F 242 -18.04 22.81 0.31
N LEU F 243 -17.56 22.78 -0.94
CA LEU F 243 -17.45 24.01 -1.71
C LEU F 243 -18.81 24.63 -1.96
N PHE F 244 -19.81 23.81 -2.29
CA PHE F 244 -21.16 24.32 -2.53
C PHE F 244 -21.73 24.99 -1.28
N GLU F 245 -21.60 24.33 -0.13
CA GLU F 245 -22.14 24.92 1.09
C GLU F 245 -21.36 26.16 1.50
N LYS F 246 -20.05 26.18 1.25
CA LYS F 246 -19.27 27.39 1.48
C LYS F 246 -19.78 28.52 0.60
N VAL F 247 -20.08 28.22 -0.67
CA VAL F 247 -20.62 29.23 -1.57
C VAL F 247 -21.94 29.77 -1.03
N LYS F 248 -22.81 28.89 -0.56
CA LYS F 248 -24.11 29.33 -0.06
C LYS F 248 -23.95 30.23 1.16
N LYS F 249 -23.13 29.80 2.14
CA LYS F 249 -22.97 30.62 3.33
C LYS F 249 -22.29 31.94 3.01
N PHE F 250 -21.30 31.92 2.10
CA PHE F 250 -20.64 33.15 1.68
C PHE F 250 -21.62 34.11 1.02
N ARG F 251 -22.49 33.59 0.15
CA ARG F 251 -23.49 34.45 -0.48
C ARG F 251 -24.43 35.02 0.55
N THR F 252 -24.88 34.20 1.50
CA THR F 252 -25.75 34.70 2.55
C THR F 252 -25.09 35.81 3.33
N HIS F 253 -23.78 35.67 3.59
CA HIS F 253 -23.04 36.70 4.31
C HIS F 253 -22.94 37.98 3.49
N VAL F 254 -22.55 37.87 2.23
CA VAL F 254 -22.19 39.04 1.43
C VAL F 254 -23.43 39.83 1.01
N GLU F 255 -24.50 39.12 0.62
CA GLU F 255 -25.62 39.81 -0.03
C GLU F 255 -26.26 40.84 0.89
N GLU F 256 -26.08 40.72 2.20
CA GLU F 256 -26.66 41.65 3.15
C GLU F 256 -25.68 42.70 3.65
N GLY F 257 -24.44 42.66 3.17
CA GLY F 257 -23.43 43.58 3.68
C GLY F 257 -23.49 45.00 3.14
N ASP F 258 -23.28 45.15 1.84
CA ASP F 258 -23.20 46.45 1.17
C ASP F 258 -22.27 47.41 1.90
N ILE F 259 -21.00 47.03 1.97
CA ILE F 259 -19.93 47.91 2.40
C ILE F 259 -18.90 48.12 1.30
N VAL F 260 -18.63 47.08 0.51
CA VAL F 260 -17.60 47.17 -0.51
C VAL F 260 -17.98 48.19 -1.58
N TYR F 261 -19.25 48.19 -2.01
CA TYR F 261 -19.63 49.09 -3.08
C TYR F 261 -19.50 50.55 -2.66
N ARG F 262 -20.04 50.90 -1.50
CA ARG F 262 -19.96 52.29 -1.07
C ARG F 262 -18.53 52.66 -0.69
N LEU F 263 -17.75 51.71 -0.18
CA LEU F 263 -16.33 52.00 0.06
C LEU F 263 -15.59 52.30 -1.23
N TYR F 264 -15.88 51.54 -2.28
CA TYR F 264 -15.26 51.79 -3.58
C TYR F 264 -15.70 53.14 -4.13
N MET F 265 -16.98 53.49 -3.96
CA MET F 265 -17.44 54.80 -4.37
C MET F 265 -16.71 55.89 -3.60
N ARG F 266 -16.54 55.70 -2.29
CA ARG F 266 -15.83 56.68 -1.48
C ARG F 266 -14.39 56.85 -1.94
N GLN F 267 -13.69 55.73 -2.20
CA GLN F 267 -12.30 55.82 -2.62
C GLN F 267 -12.19 56.51 -3.98
N THR F 268 -13.08 56.16 -4.92
CA THR F 268 -13.05 56.81 -6.22
C THR F 268 -13.33 58.30 -6.09
N ILE F 269 -14.29 58.69 -5.26
CA ILE F 269 -14.60 60.10 -5.09
C ILE F 269 -13.44 60.82 -4.42
N ILE F 270 -12.80 60.21 -3.43
CA ILE F 270 -11.65 60.82 -2.79
C ILE F 270 -10.53 61.04 -3.79
N LYS F 271 -10.24 60.03 -4.60
CA LYS F 271 -9.19 60.17 -5.61
C LYS F 271 -9.54 61.27 -6.60
N VAL F 272 -10.80 61.34 -7.03
CA VAL F 272 -11.19 62.33 -8.02
C VAL F 272 -11.07 63.74 -7.45
N ILE F 273 -11.55 63.95 -6.21
CA ILE F 273 -11.51 65.30 -5.65
C ILE F 273 -10.07 65.71 -5.34
N LYS F 274 -9.25 64.77 -4.84
CA LYS F 274 -7.86 65.10 -4.59
C LYS F 274 -7.15 65.44 -5.89
N PHE F 275 -7.45 64.69 -6.96
CA PHE F 275 -6.88 65.00 -8.26
C PHE F 275 -7.31 66.37 -8.72
N ALA F 276 -8.58 66.72 -8.50
CA ALA F 276 -9.08 68.03 -8.94
C ALA F 276 -8.36 69.16 -8.22
N LEU F 277 -8.26 69.07 -6.89
CA LEU F 277 -7.59 70.12 -6.15
C LEU F 277 -6.10 70.19 -6.49
N ILE F 278 -5.47 69.03 -6.68
CA ILE F 278 -4.07 69.01 -7.06
C ILE F 278 -3.88 69.69 -8.41
N ILE F 279 -4.73 69.35 -9.39
CA ILE F 279 -4.61 69.97 -10.70
C ILE F 279 -4.75 71.48 -10.60
N CYS F 280 -5.80 71.94 -9.90
CA CYS F 280 -6.03 73.38 -9.82
C CYS F 280 -4.84 74.09 -9.18
N TYR F 281 -4.43 73.66 -7.98
CA TYR F 281 -3.41 74.42 -7.27
C TYR F 281 -2.04 74.26 -7.92
N THR F 282 -1.71 73.07 -8.39
CA THR F 282 -0.42 72.85 -9.04
C THR F 282 -0.33 73.65 -10.33
N VAL F 283 -1.37 73.66 -11.15
CA VAL F 283 -1.31 74.46 -12.38
C VAL F 283 -1.23 75.93 -12.03
N TYR F 284 -1.89 76.35 -10.96
CA TYR F 284 -1.81 77.76 -10.59
C TYR F 284 -0.43 78.16 -10.09
N TYR F 285 0.28 77.27 -9.40
CA TYR F 285 1.54 77.64 -8.77
C TYR F 285 2.78 77.21 -9.53
N VAL F 286 2.64 76.40 -10.58
CA VAL F 286 3.82 75.98 -11.33
C VAL F 286 4.54 77.19 -11.92
N HIS F 287 3.79 78.17 -12.40
CA HIS F 287 4.40 79.33 -13.03
C HIS F 287 5.19 80.18 -12.06
N ASN F 288 5.09 79.91 -10.75
CA ASN F 288 5.80 80.69 -9.77
C ASN F 288 7.22 80.18 -9.51
N ILE F 289 7.72 79.25 -10.30
CA ILE F 289 9.12 78.85 -10.26
C ILE F 289 9.76 79.26 -11.58
N LYS F 290 10.89 79.96 -11.50
CA LYS F 290 11.53 80.49 -12.69
C LYS F 290 13.01 80.68 -12.41
N PHE F 291 13.79 80.68 -13.49
CA PHE F 291 15.23 80.77 -13.35
C PHE F 291 15.63 82.11 -12.74
N ASP F 292 15.16 83.20 -13.33
CA ASP F 292 15.41 84.54 -12.78
C ASP F 292 14.44 84.78 -11.64
N VAL F 293 14.95 85.25 -10.50
CA VAL F 293 14.10 85.57 -9.37
C VAL F 293 14.66 86.80 -8.67
N ASP F 294 13.83 87.81 -8.49
CA ASP F 294 14.26 88.99 -7.76
C ASP F 294 14.23 88.72 -6.26
N CYS F 295 15.06 89.44 -5.53
CA CYS F 295 15.16 89.26 -4.09
C CYS F 295 15.38 90.63 -3.46
N THR F 296 14.67 90.90 -2.36
CA THR F 296 14.83 92.15 -1.62
C THR F 296 14.56 91.80 -0.17
N VAL F 297 15.63 91.57 0.60
CA VAL F 297 15.53 91.01 1.93
C VAL F 297 15.85 92.02 3.02
N ASP F 298 16.20 93.25 2.65
CA ASP F 298 16.46 94.32 3.61
C ASP F 298 17.56 93.92 4.58
N ILE F 299 18.72 93.59 4.02
CA ILE F 299 19.96 93.47 4.78
C ILE F 299 20.99 94.32 4.05
N GLU F 300 21.07 95.59 4.41
CA GLU F 300 22.18 96.42 3.98
C GLU F 300 23.28 96.50 5.02
N SER F 301 22.96 96.14 6.26
CA SER F 301 23.95 96.18 7.32
C SER F 301 25.01 95.12 7.15
N LEU F 302 24.78 94.11 6.31
CA LEU F 302 25.75 93.03 6.12
C LEU F 302 26.39 93.02 4.75
N THR F 303 25.77 93.65 3.76
CA THR F 303 26.38 93.72 2.43
C THR F 303 26.46 95.16 1.95
N GLY F 304 25.45 95.96 2.29
CA GLY F 304 25.35 97.30 1.75
C GLY F 304 24.55 97.39 0.48
N TYR F 305 23.95 96.30 0.03
CA TYR F 305 23.09 96.30 -1.15
C TYR F 305 21.67 95.94 -0.74
N ARG F 306 20.72 96.54 -1.45
CA ARG F 306 19.30 96.35 -1.13
C ARG F 306 18.71 95.13 -1.83
N THR F 307 18.81 95.08 -3.15
CA THR F 307 18.14 94.05 -3.93
C THR F 307 19.16 93.24 -4.73
N TYR F 308 18.78 92.00 -5.01
CA TYR F 308 19.66 91.08 -5.72
C TYR F 308 18.84 90.35 -6.76
N ARG F 309 19.37 90.20 -7.96
CA ARG F 309 18.79 89.31 -8.94
C ARG F 309 19.46 87.95 -8.78
N CYS F 310 18.68 86.93 -8.47
CA CYS F 310 19.20 85.61 -8.19
C CYS F 310 18.86 84.71 -9.37
N ALA F 311 19.71 83.72 -9.60
CA ALA F 311 19.47 82.68 -10.58
C ALA F 311 19.34 81.35 -9.86
N HIS F 312 18.22 80.68 -10.11
CA HIS F 312 17.91 79.40 -9.48
C HIS F 312 18.12 78.30 -10.50
N PRO F 313 19.31 77.72 -10.60
CA PRO F 313 19.62 76.86 -11.76
C PRO F 313 18.71 75.66 -11.90
N LEU F 314 18.17 75.14 -10.80
CA LEU F 314 17.30 74.00 -10.86
C LEU F 314 15.86 74.36 -11.19
N ALA F 315 15.57 75.64 -11.42
CA ALA F 315 14.20 76.05 -11.65
C ALA F 315 13.63 75.38 -12.89
N THR F 316 14.39 75.33 -13.97
CA THR F 316 13.87 74.74 -15.20
C THR F 316 13.67 73.23 -15.04
N LEU F 317 14.58 72.56 -14.36
CA LEU F 317 14.42 71.12 -14.17
C LEU F 317 13.24 70.82 -13.26
N PHE F 318 13.05 71.62 -12.22
CA PHE F 318 11.89 71.43 -11.37
C PHE F 318 10.61 71.74 -12.11
N LYS F 319 10.63 72.72 -13.01
CA LYS F 319 9.46 73.01 -13.82
C LYS F 319 9.14 71.83 -14.72
N ILE F 320 10.16 71.22 -15.31
CA ILE F 320 9.94 70.05 -16.15
C ILE F 320 9.37 68.91 -15.34
N LEU F 321 9.92 68.68 -14.15
CA LEU F 321 9.37 67.63 -13.29
C LEU F 321 7.95 67.93 -12.88
N ALA F 322 7.64 69.20 -12.62
CA ALA F 322 6.29 69.57 -12.23
C ALA F 322 5.32 69.34 -13.38
N SER F 323 5.71 69.69 -14.60
CA SER F 323 4.85 69.44 -15.75
C SER F 323 4.66 67.94 -15.97
N PHE F 324 5.73 67.17 -15.84
CA PHE F 324 5.63 65.72 -15.97
C PHE F 324 4.70 65.14 -14.91
N TYR F 325 4.83 65.61 -13.68
CA TYR F 325 3.96 65.14 -12.60
C TYR F 325 2.51 65.58 -12.82
N ILE F 326 2.32 66.77 -13.36
CA ILE F 326 0.96 67.23 -13.64
C ILE F 326 0.32 66.38 -14.71
N SER F 327 1.09 66.03 -15.75
CA SER F 327 0.56 65.13 -16.76
C SER F 327 0.23 63.77 -16.17
N LEU F 328 1.08 63.28 -15.27
CA LEU F 328 0.78 62.02 -14.60
C LEU F 328 -0.51 62.12 -13.78
N VAL F 329 -0.68 63.23 -13.06
CA VAL F 329 -1.89 63.41 -12.27
C VAL F 329 -3.11 63.51 -13.18
N ILE F 330 -2.94 64.11 -14.35
CA ILE F 330 -4.05 64.18 -15.30
C ILE F 330 -4.45 62.78 -15.75
N PHE F 331 -3.46 61.93 -16.03
CA PHE F 331 -3.77 60.55 -16.38
C PHE F 331 -4.47 59.84 -15.22
N TYR F 332 -3.98 60.05 -14.00
CA TYR F 332 -4.59 59.46 -12.81
C TYR F 332 -6.04 59.89 -12.69
N GLY F 333 -6.30 61.18 -12.87
CA GLY F 333 -7.66 61.68 -12.75
C GLY F 333 -8.57 61.18 -13.84
N LEU F 334 -8.06 61.10 -15.07
CA LEU F 334 -8.88 60.56 -16.16
C LEU F 334 -9.23 59.11 -15.90
N ILE F 335 -8.27 58.33 -15.40
CA ILE F 335 -8.55 56.94 -15.09
C ILE F 335 -9.59 56.84 -13.97
N CYS F 336 -9.43 57.65 -12.93
CA CYS F 336 -10.39 57.61 -11.83
C CYS F 336 -11.77 58.06 -12.28
N MET F 337 -11.85 59.04 -13.18
CA MET F 337 -13.14 59.48 -13.68
C MET F 337 -13.79 58.43 -14.56
N TYR F 338 -13.00 57.72 -15.37
CA TYR F 338 -13.57 56.61 -16.13
C TYR F 338 -14.09 55.53 -15.19
N THR F 339 -13.36 55.24 -14.12
CA THR F 339 -13.83 54.29 -13.13
C THR F 339 -15.16 54.75 -12.51
N LEU F 340 -15.23 56.04 -12.19
CA LEU F 340 -16.45 56.60 -11.62
C LEU F 340 -17.63 56.45 -12.58
N TRP F 341 -17.41 56.80 -13.85
CA TRP F 341 -18.47 56.66 -14.84
C TRP F 341 -18.89 55.21 -14.99
N TRP F 342 -17.92 54.29 -15.01
CA TRP F 342 -18.24 52.88 -15.05
C TRP F 342 -19.06 52.45 -13.85
N MET F 343 -18.87 53.12 -12.71
CA MET F 343 -19.71 52.82 -11.55
C MET F 343 -21.10 53.42 -11.67
N LEU F 344 -21.36 54.26 -12.66
CA LEU F 344 -22.63 54.98 -12.78
C LEU F 344 -23.29 54.76 -14.14
N ARG F 345 -23.18 53.56 -14.70
CA ARG F 345 -23.83 53.27 -15.97
C ARG F 345 -24.81 52.11 -15.91
N ARG F 346 -24.49 51.02 -15.22
CA ARG F 346 -25.34 49.85 -15.19
C ARG F 346 -25.87 49.52 -13.80
N SER F 347 -25.71 50.42 -12.82
CA SER F 347 -26.20 50.20 -11.46
C SER F 347 -25.67 48.89 -10.89
N LEU F 348 -24.35 48.89 -10.68
CA LEU F 348 -23.59 47.68 -10.38
C LEU F 348 -24.07 46.97 -9.11
N LYS F 349 -25.03 47.56 -8.41
CA LYS F 349 -25.64 46.89 -7.27
C LYS F 349 -26.43 45.66 -7.68
N LYS F 350 -26.76 45.52 -8.96
CA LYS F 350 -27.60 44.42 -9.43
C LYS F 350 -26.91 43.73 -10.59
N TYR F 351 -26.88 42.41 -10.56
CA TYR F 351 -26.23 41.61 -11.60
C TYR F 351 -27.32 40.96 -12.44
N SER F 352 -27.30 41.24 -13.74
CA SER F 352 -28.31 40.66 -14.63
C SER F 352 -28.16 39.15 -14.71
N PHE F 353 -26.95 38.67 -15.04
CA PHE F 353 -26.63 37.25 -15.02
C PHE F 353 -27.49 36.45 -16.00
N GLU F 354 -28.30 37.14 -16.81
CA GLU F 354 -29.27 36.46 -17.65
C GLU F 354 -28.61 35.66 -18.77
N SER F 355 -27.54 36.18 -19.37
CA SER F 355 -26.93 35.51 -20.50
C SER F 355 -26.40 34.14 -20.10
N ILE F 356 -25.72 34.06 -18.96
CA ILE F 356 -25.15 32.80 -18.51
C ILE F 356 -26.24 31.77 -18.29
N ARG F 357 -27.31 32.15 -17.60
CA ARG F 357 -28.36 31.21 -17.29
C ARG F 357 -29.22 30.86 -18.49
N GLU F 358 -29.25 31.70 -19.52
CA GLU F 358 -30.06 31.42 -20.70
C GLU F 358 -29.31 30.63 -21.76
N GLU F 359 -27.99 30.82 -21.88
CA GLU F 359 -27.25 30.07 -22.88
C GLU F 359 -26.84 28.69 -22.38
N SER F 360 -26.67 28.53 -21.07
CA SER F 360 -26.27 27.26 -20.49
C SER F 360 -27.45 26.40 -20.05
N SER F 361 -28.68 26.86 -20.31
CA SER F 361 -29.92 26.15 -19.98
C SER F 361 -30.15 26.02 -18.47
N TYR F 362 -29.33 26.67 -17.66
CA TYR F 362 -29.55 26.71 -16.22
C TYR F 362 -30.34 27.97 -15.86
N SER F 363 -31.53 28.07 -16.47
CA SER F 363 -32.30 29.31 -16.44
C SER F 363 -32.61 29.75 -15.01
N ASP F 364 -32.62 28.81 -14.07
CA ASP F 364 -32.91 29.14 -12.67
C ASP F 364 -31.61 29.47 -11.92
N ILE F 365 -30.87 30.42 -12.47
CA ILE F 365 -29.73 31.02 -11.77
C ILE F 365 -30.16 32.41 -11.31
N PRO F 366 -30.23 32.66 -10.01
CA PRO F 366 -30.81 33.92 -9.55
C PRO F 366 -29.95 35.12 -9.95
N ASP F 367 -30.62 36.24 -10.21
CA ASP F 367 -29.90 37.50 -10.33
C ASP F 367 -29.27 37.84 -8.99
N VAL F 368 -28.01 38.22 -9.03
CA VAL F 368 -27.24 38.42 -7.81
C VAL F 368 -27.55 39.79 -7.23
N LYS F 369 -27.66 39.86 -5.92
CA LYS F 369 -28.14 41.04 -5.22
C LYS F 369 -26.97 41.98 -4.91
N ASN F 370 -27.24 42.96 -4.05
CA ASN F 370 -26.29 44.02 -3.74
C ASN F 370 -25.04 43.45 -3.05
N ASP F 371 -23.91 44.12 -3.29
CA ASP F 371 -22.62 43.86 -2.63
C ASP F 371 -22.01 42.56 -3.12
N PHE F 372 -22.76 41.81 -3.90
CA PHE F 372 -22.25 40.63 -4.57
C PHE F 372 -22.21 40.79 -6.07
N ALA F 373 -23.11 41.60 -6.64
CA ALA F 373 -23.01 41.98 -8.03
C ALA F 373 -21.76 42.81 -8.30
N PHE F 374 -21.33 43.60 -7.32
CA PHE F 374 -20.18 44.48 -7.53
C PHE F 374 -18.89 43.69 -7.68
N MET F 375 -18.65 42.73 -6.78
CA MET F 375 -17.43 41.94 -6.87
C MET F 375 -17.43 41.10 -8.15
N LEU F 376 -18.59 40.60 -8.56
CA LEU F 376 -18.69 39.90 -9.83
C LEU F 376 -18.42 40.83 -11.00
N HIS F 377 -18.86 42.09 -10.90
CA HIS F 377 -18.51 43.07 -11.93
C HIS F 377 -17.00 43.26 -12.01
N LEU F 378 -16.34 43.36 -10.86
CA LEU F 378 -14.89 43.52 -10.86
C LEU F 378 -14.21 42.32 -11.51
N ILE F 379 -14.65 41.12 -11.17
CA ILE F 379 -14.03 39.93 -11.75
C ILE F 379 -14.30 39.87 -13.25
N ASP F 380 -15.50 40.29 -13.68
CA ASP F 380 -15.76 40.40 -15.11
C ASP F 380 -14.78 41.35 -15.77
N GLN F 381 -14.53 42.51 -15.14
CA GLN F 381 -13.53 43.43 -15.67
C GLN F 381 -12.17 42.76 -15.73
N TYR F 382 -11.89 41.82 -14.83
CA TYR F 382 -10.69 41.01 -14.98
C TYR F 382 -10.90 39.93 -16.04
N ASP F 383 -11.82 39.01 -15.79
CA ASP F 383 -12.15 37.98 -16.77
C ASP F 383 -13.54 37.40 -16.51
N PRO F 384 -14.46 37.50 -17.47
CA PRO F 384 -15.81 36.93 -17.25
C PRO F 384 -15.81 35.42 -17.09
N LEU F 385 -14.72 34.75 -17.49
CA LEU F 385 -14.67 33.30 -17.37
C LEU F 385 -14.81 32.85 -15.93
N TYR F 386 -14.23 33.61 -14.99
CA TYR F 386 -14.36 33.24 -13.58
C TYR F 386 -15.80 33.29 -13.11
N SER F 387 -16.53 34.34 -13.50
CA SER F 387 -17.95 34.41 -13.14
C SER F 387 -18.74 33.29 -13.82
N LYS F 388 -18.39 32.96 -15.06
CA LYS F 388 -19.05 31.85 -15.74
C LYS F 388 -18.85 30.55 -14.97
N ARG F 389 -17.63 30.30 -14.51
CA ARG F 389 -17.37 29.10 -13.71
C ARG F 389 -18.12 29.15 -12.38
N PHE F 390 -18.21 30.34 -11.79
CA PHE F 390 -18.87 30.48 -10.50
C PHE F 390 -20.38 30.36 -10.59
N ALA F 391 -20.95 30.56 -11.77
CA ALA F 391 -22.40 30.50 -11.92
C ALA F 391 -22.97 29.15 -11.51
N VAL F 392 -22.25 28.07 -11.82
CA VAL F 392 -22.77 26.72 -11.63
C VAL F 392 -22.83 26.33 -10.15
N PHE F 393 -22.38 27.22 -9.28
CA PHE F 393 -22.49 26.97 -7.85
C PHE F 393 -23.64 27.74 -7.21
N LEU F 394 -24.58 28.23 -8.01
CA LEU F 394 -25.80 28.84 -7.52
C LEU F 394 -27.01 28.46 -8.37
N SER F 395 -26.86 27.49 -9.26
CA SER F 395 -27.89 27.18 -10.25
C SER F 395 -29.12 26.51 -9.66
N GLU F 396 -29.04 25.98 -8.45
CA GLU F 396 -30.12 25.30 -7.75
C GLU F 396 -30.39 23.92 -8.36
N VAL F 397 -29.76 23.63 -9.50
CA VAL F 397 -29.86 22.33 -10.13
C VAL F 397 -28.59 21.51 -9.97
N SER F 398 -27.43 22.14 -10.15
CA SER F 398 -26.15 21.47 -9.87
C SER F 398 -26.11 20.96 -8.44
N GLU F 399 -26.83 21.62 -7.53
CA GLU F 399 -26.95 21.09 -6.17
C GLU F 399 -27.62 19.73 -6.19
N ASN F 400 -28.72 19.59 -6.93
CA ASN F 400 -29.40 18.31 -7.02
C ASN F 400 -28.49 17.26 -7.65
N LYS F 401 -27.77 17.64 -8.70
CA LYS F 401 -26.90 16.68 -9.38
C LYS F 401 -25.77 16.21 -8.46
N LEU F 402 -25.18 17.14 -7.71
CA LEU F 402 -24.12 16.76 -6.78
C LEU F 402 -24.67 15.87 -5.66
N ARG F 403 -25.88 16.18 -5.17
CA ARG F 403 -26.47 15.34 -4.16
C ARG F 403 -26.69 13.93 -4.68
N GLN F 404 -27.19 13.82 -5.91
CA GLN F 404 -27.40 12.51 -6.51
C GLN F 404 -26.10 11.75 -6.66
N LEU F 405 -25.07 12.42 -7.15
CA LEU F 405 -23.77 11.76 -7.32
C LEU F 405 -23.22 11.30 -5.99
N ASN F 406 -23.29 12.15 -4.97
CA ASN F 406 -22.75 11.78 -3.67
C ASN F 406 -23.52 10.62 -3.06
N LEU F 407 -24.85 10.63 -3.15
CA LEU F 407 -25.61 9.52 -2.59
C LEU F 407 -25.34 8.23 -3.35
N ASN F 408 -25.13 8.31 -4.67
CA ASN F 408 -24.67 7.14 -5.42
C ASN F 408 -23.34 6.66 -4.88
N ASN F 409 -22.45 7.59 -4.54
CA ASN F 409 -21.17 7.21 -3.98
C ASN F 409 -21.34 6.48 -2.64
N GLU F 410 -22.24 6.97 -1.78
CA GLU F 410 -22.27 6.50 -0.41
C GLU F 410 -22.72 5.05 -0.32
N TRP F 411 -23.95 4.76 -0.73
CA TRP F 411 -24.54 3.45 -0.52
C TRP F 411 -23.82 2.41 -1.38
N THR F 412 -23.06 1.54 -0.73
CA THR F 412 -22.38 0.45 -1.40
C THR F 412 -23.26 -0.80 -1.42
N LEU F 413 -23.00 -1.68 -2.38
CA LEU F 413 -23.83 -2.86 -2.54
C LEU F 413 -23.80 -3.72 -1.28
N ASP F 414 -22.67 -3.77 -0.58
CA ASP F 414 -22.61 -4.48 0.69
C ASP F 414 -23.57 -3.87 1.70
N LYS F 415 -23.58 -2.53 1.80
CA LYS F 415 -24.48 -1.85 2.71
C LYS F 415 -25.93 -2.10 2.34
N LEU F 416 -26.24 -2.12 1.05
CA LEU F 416 -27.60 -2.38 0.62
C LEU F 416 -28.02 -3.81 0.95
N ARG F 417 -27.12 -4.77 0.75
CA ARG F 417 -27.41 -6.16 1.13
C ARG F 417 -27.64 -6.27 2.62
N GLN F 418 -26.81 -5.60 3.43
CA GLN F 418 -27.02 -5.59 4.86
C GLN F 418 -28.32 -4.90 5.24
N ARG F 419 -28.78 -3.95 4.42
CA ARG F 419 -30.08 -3.32 4.60
C ARG F 419 -31.20 -4.11 3.95
N LEU F 420 -30.88 -5.12 3.14
CA LEU F 420 -31.90 -5.91 2.48
C LEU F 420 -32.70 -6.73 3.49
N THR F 421 -33.98 -6.93 3.20
CA THR F 421 -34.90 -7.62 4.09
C THR F 421 -35.88 -8.42 3.26
N LYS F 422 -36.60 -9.34 3.91
CA LYS F 422 -37.63 -10.13 3.28
C LYS F 422 -38.99 -9.74 3.83
N ASN F 423 -39.95 -9.52 2.94
CA ASN F 423 -41.28 -9.08 3.34
C ASN F 423 -42.12 -10.27 3.81
N ALA F 424 -43.42 -10.03 4.03
CA ALA F 424 -44.32 -11.10 4.41
C ALA F 424 -44.47 -12.14 3.31
N GLN F 425 -44.57 -11.70 2.05
CA GLN F 425 -44.66 -12.60 0.93
C GLN F 425 -43.34 -13.29 0.61
N ASP F 426 -42.34 -13.13 1.48
CA ASP F 426 -41.07 -13.83 1.36
C ASP F 426 -40.36 -13.48 0.05
N LYS F 427 -40.12 -12.20 -0.17
CA LYS F 427 -39.37 -11.72 -1.32
C LYS F 427 -38.30 -10.74 -0.84
N LEU F 428 -37.19 -10.67 -1.58
CA LEU F 428 -36.09 -9.80 -1.20
C LEU F 428 -36.48 -8.34 -1.37
N GLU F 429 -36.50 -7.61 -0.27
CA GLU F 429 -37.11 -6.28 -0.20
C GLU F 429 -36.08 -5.28 0.30
N LEU F 430 -36.08 -4.10 -0.33
CA LEU F 430 -35.29 -2.96 0.14
C LEU F 430 -36.21 -1.74 0.17
N HIS F 431 -36.38 -1.16 1.36
CA HIS F 431 -37.30 -0.04 1.55
C HIS F 431 -36.50 1.25 1.63
N LEU F 432 -36.59 2.07 0.60
CA LEU F 432 -35.86 3.33 0.52
C LEU F 432 -36.81 4.46 0.86
N PHE F 433 -36.56 5.15 1.97
CA PHE F 433 -37.42 6.22 2.44
C PHE F 433 -36.58 7.46 2.73
N MET F 434 -37.15 8.63 2.44
CA MET F 434 -36.54 9.91 2.78
C MET F 434 -35.12 10.03 2.21
N LEU F 435 -35.00 9.74 0.93
CA LEU F 435 -33.77 9.98 0.19
C LEU F 435 -34.05 10.91 -0.97
N SER F 436 -33.12 11.83 -1.21
CA SER F 436 -33.30 12.81 -2.28
C SER F 436 -33.31 12.15 -3.65
N GLY F 437 -32.70 10.98 -3.79
CA GLY F 437 -32.69 10.29 -5.07
C GLY F 437 -32.31 8.84 -4.87
N ILE F 438 -32.56 8.05 -5.90
CA ILE F 438 -32.31 6.61 -5.84
C ILE F 438 -30.82 6.35 -6.06
N PRO F 439 -30.15 5.70 -5.12
CA PRO F 439 -28.76 5.29 -5.38
C PRO F 439 -28.69 4.35 -6.57
N ASP F 440 -27.65 4.52 -7.37
CA ASP F 440 -27.47 3.63 -8.51
C ASP F 440 -27.05 2.23 -8.06
N THR F 441 -26.38 2.11 -6.92
CA THR F 441 -25.91 0.81 -6.47
C THR F 441 -27.06 -0.14 -6.17
N VAL F 442 -28.28 0.40 -5.98
CA VAL F 442 -29.43 -0.49 -5.80
C VAL F 442 -29.68 -1.30 -7.05
N PHE F 443 -29.21 -0.83 -8.20
CA PHE F 443 -29.31 -1.58 -9.44
C PHE F 443 -28.16 -2.53 -9.63
N ASP F 444 -27.45 -2.88 -8.57
CA ASP F 444 -26.40 -3.88 -8.61
C ASP F 444 -26.85 -5.22 -8.03
N LEU F 445 -27.83 -5.23 -7.13
CA LEU F 445 -28.26 -6.44 -6.46
C LEU F 445 -29.24 -7.17 -7.36
N VAL F 446 -28.73 -8.13 -8.14
CA VAL F 446 -29.57 -8.85 -9.09
C VAL F 446 -30.64 -9.67 -8.37
N GLU F 447 -30.41 -9.97 -7.09
CA GLU F 447 -31.35 -10.75 -6.30
C GLU F 447 -32.55 -9.93 -5.83
N LEU F 448 -32.56 -8.63 -6.07
CA LEU F 448 -33.68 -7.80 -5.63
C LEU F 448 -34.94 -8.19 -6.40
N GLU F 449 -36.06 -8.25 -5.68
CA GLU F 449 -37.35 -8.61 -6.25
C GLU F 449 -38.38 -7.50 -6.13
N VAL F 450 -38.49 -6.88 -4.95
CA VAL F 450 -39.46 -5.84 -4.68
C VAL F 450 -38.72 -4.60 -4.22
N LEU F 451 -39.01 -3.47 -4.85
CA LEU F 451 -38.38 -2.20 -4.52
C LEU F 451 -39.44 -1.20 -4.10
N LYS F 452 -39.20 -0.51 -2.99
CA LYS F 452 -40.14 0.45 -2.44
C LYS F 452 -39.50 1.83 -2.41
N LEU F 453 -40.28 2.85 -2.77
CA LEU F 453 -39.82 4.24 -2.76
C LEU F 453 -40.78 5.05 -1.90
N GLU F 454 -40.26 5.60 -0.80
CA GLU F 454 -41.07 6.36 0.14
C GLU F 454 -40.52 7.78 0.25
N LEU F 455 -41.27 8.73 -0.31
CA LEU F 455 -40.91 10.15 -0.26
C LEU F 455 -39.51 10.37 -0.86
N ILE F 456 -39.39 10.03 -2.13
CA ILE F 456 -38.18 10.27 -2.92
C ILE F 456 -38.53 11.34 -3.95
N PRO F 457 -38.03 12.57 -3.80
CA PRO F 457 -38.45 13.65 -4.69
C PRO F 457 -37.82 13.55 -6.08
N ASP F 458 -38.59 14.04 -7.06
CA ASP F 458 -38.16 14.26 -8.44
C ASP F 458 -37.21 13.19 -8.98
N VAL F 459 -37.57 11.92 -8.83
CA VAL F 459 -36.74 10.81 -9.28
C VAL F 459 -37.24 10.33 -10.63
N THR F 460 -36.30 10.12 -11.55
CA THR F 460 -36.59 9.49 -12.83
C THR F 460 -35.83 8.17 -12.87
N ILE F 461 -36.51 7.11 -13.28
CA ILE F 461 -35.93 5.77 -13.24
C ILE F 461 -34.82 5.67 -14.27
N PRO F 462 -33.58 5.38 -13.86
CA PRO F 462 -32.50 5.20 -14.82
C PRO F 462 -32.66 3.90 -15.58
N PRO F 463 -32.17 3.82 -16.81
CA PRO F 463 -32.27 2.56 -17.56
C PRO F 463 -31.52 1.42 -16.92
N SER F 464 -30.55 1.70 -16.05
CA SER F 464 -29.78 0.65 -15.38
C SER F 464 -30.67 -0.31 -14.60
N ILE F 465 -31.95 0.02 -14.44
CA ILE F 465 -32.90 -0.90 -13.82
C ILE F 465 -32.96 -2.22 -14.58
N ALA F 466 -32.53 -2.23 -15.85
CA ALA F 466 -32.48 -3.49 -16.59
C ALA F 466 -31.58 -4.51 -15.93
N GLN F 467 -30.63 -4.07 -15.10
CA GLN F 467 -29.75 -5.00 -14.41
C GLN F 467 -30.51 -5.85 -13.39
N LEU F 468 -31.64 -5.36 -12.88
CA LEU F 468 -32.38 -6.07 -11.83
C LEU F 468 -33.42 -6.97 -12.48
N THR F 469 -33.02 -8.23 -12.69
CA THR F 469 -33.90 -9.19 -13.33
C THR F 469 -35.10 -9.53 -12.45
N GLY F 470 -34.87 -9.74 -11.16
CA GLY F 470 -35.89 -10.24 -10.26
C GLY F 470 -37.00 -9.28 -9.91
N LEU F 471 -36.91 -8.04 -10.40
CA LEU F 471 -37.89 -7.02 -10.05
C LEU F 471 -39.28 -7.43 -10.50
N LYS F 472 -40.18 -7.64 -9.54
CA LYS F 472 -41.57 -7.92 -9.83
C LYS F 472 -42.56 -7.02 -9.12
N GLU F 473 -42.17 -6.37 -8.02
CA GLU F 473 -43.02 -5.46 -7.30
C GLU F 473 -42.33 -4.11 -7.18
N LEU F 474 -43.08 -3.04 -7.46
CA LEU F 474 -42.60 -1.69 -7.28
C LEU F 474 -43.59 -0.93 -6.41
N TRP F 475 -43.09 -0.25 -5.38
CA TRP F 475 -43.91 0.49 -4.44
C TRP F 475 -43.57 1.96 -4.52
N LEU F 476 -44.58 2.80 -4.70
CA LEU F 476 -44.42 4.24 -4.79
C LEU F 476 -45.18 4.88 -3.63
N TYR F 477 -44.46 5.18 -2.56
CA TYR F 477 -45.05 5.85 -1.40
C TYR F 477 -44.91 7.35 -1.59
N HIS F 478 -45.93 7.96 -2.19
CA HIS F 478 -45.99 9.42 -2.35
C HIS F 478 -44.74 9.95 -3.04
N THR F 479 -44.34 9.27 -4.11
CA THR F 479 -43.19 9.67 -4.91
C THR F 479 -43.66 9.75 -6.37
N ALA F 480 -43.70 10.97 -6.91
CA ALA F 480 -44.03 11.17 -8.32
C ALA F 480 -42.74 10.96 -9.11
N ALA F 481 -42.60 9.80 -9.73
CA ALA F 481 -41.37 9.41 -10.40
C ALA F 481 -41.60 9.31 -11.89
N LYS F 482 -40.71 9.94 -12.66
CA LYS F 482 -40.71 9.79 -14.10
C LYS F 482 -39.84 8.61 -14.52
N ILE F 483 -39.78 8.37 -15.82
CA ILE F 483 -39.05 7.22 -16.34
C ILE F 483 -38.59 7.50 -17.76
N GLU F 484 -37.48 6.90 -18.14
CA GLU F 484 -36.94 6.97 -19.49
C GLU F 484 -37.33 5.72 -20.28
N ALA F 485 -37.17 5.82 -21.60
CA ALA F 485 -37.68 4.80 -22.51
C ALA F 485 -37.11 3.40 -22.25
N PRO F 486 -35.81 3.21 -22.08
CA PRO F 486 -35.32 1.83 -21.84
C PRO F 486 -35.88 1.22 -20.57
N ALA F 487 -35.87 1.97 -19.48
CA ALA F 487 -36.48 1.50 -18.25
C ALA F 487 -37.97 1.25 -18.43
N LEU F 488 -38.65 2.12 -19.18
CA LEU F 488 -40.07 1.95 -19.41
C LEU F 488 -40.35 0.63 -20.11
N ALA F 489 -39.60 0.33 -21.16
CA ALA F 489 -39.80 -0.94 -21.87
C ALA F 489 -39.43 -2.14 -20.99
N PHE F 490 -38.34 -2.00 -20.23
CA PHE F 490 -37.92 -3.10 -19.36
C PHE F 490 -38.99 -3.41 -18.33
N LEU F 491 -39.63 -2.37 -17.79
CA LEU F 491 -40.70 -2.61 -16.82
C LEU F 491 -42.00 -3.05 -17.49
N ARG F 492 -42.22 -2.64 -18.74
CA ARG F 492 -43.32 -3.20 -19.51
C ARG F 492 -43.19 -4.70 -19.61
N GLU F 493 -41.97 -5.19 -19.84
CA GLU F 493 -41.76 -6.60 -20.04
C GLU F 493 -41.35 -7.36 -18.77
N ASN F 494 -41.18 -6.68 -17.65
CA ASN F 494 -40.68 -7.39 -16.48
C ASN F 494 -41.52 -7.18 -15.23
N LEU F 495 -42.06 -5.99 -15.01
CA LEU F 495 -42.79 -5.71 -13.78
C LEU F 495 -44.19 -6.28 -13.84
N ARG F 496 -44.59 -6.97 -12.77
CA ARG F 496 -45.92 -7.56 -12.68
C ARG F 496 -46.79 -6.99 -11.58
N ALA F 497 -46.20 -6.43 -10.53
CA ALA F 497 -46.96 -5.87 -9.43
C ALA F 497 -46.48 -4.47 -9.12
N LEU F 498 -47.42 -3.58 -8.81
CA LEU F 498 -47.11 -2.18 -8.55
C LEU F 498 -47.98 -1.67 -7.42
N HIS F 499 -47.37 -0.91 -6.51
CA HIS F 499 -48.08 -0.33 -5.38
C HIS F 499 -47.96 1.18 -5.44
N ILE F 500 -49.09 1.87 -5.38
CA ILE F 500 -49.13 3.32 -5.51
C ILE F 500 -49.81 3.90 -4.28
N LYS F 501 -49.06 4.66 -3.50
CA LYS F 501 -49.60 5.44 -2.39
C LYS F 501 -49.38 6.91 -2.73
N PHE F 502 -50.47 7.65 -2.90
CA PHE F 502 -50.39 9.01 -3.37
C PHE F 502 -51.31 9.91 -2.55
N THR F 503 -50.94 11.18 -2.48
CA THR F 503 -51.77 12.19 -1.85
C THR F 503 -52.46 13.10 -2.86
N ASP F 504 -52.02 13.09 -4.12
CA ASP F 504 -52.61 13.94 -5.14
C ASP F 504 -52.61 13.19 -6.46
N ILE F 505 -53.57 13.52 -7.32
CA ILE F 505 -53.73 12.83 -8.59
C ILE F 505 -52.53 13.10 -9.49
N LYS F 506 -52.00 14.32 -9.45
CA LYS F 506 -50.87 14.67 -10.29
C LYS F 506 -49.62 13.87 -9.95
N GLU F 507 -49.57 13.26 -8.76
CA GLU F 507 -48.43 12.44 -8.37
C GLU F 507 -48.41 11.08 -9.07
N ILE F 508 -49.51 10.68 -9.69
CA ILE F 508 -49.59 9.37 -10.37
C ILE F 508 -48.74 9.42 -11.63
N PRO F 509 -47.79 8.51 -11.78
CA PRO F 509 -47.03 8.43 -13.04
C PRO F 509 -47.95 8.02 -14.18
N LEU F 510 -48.10 8.91 -15.16
CA LEU F 510 -49.00 8.65 -16.28
C LEU F 510 -48.57 7.47 -17.13
N TRP F 511 -47.31 7.07 -17.04
CA TRP F 511 -46.78 6.00 -17.87
C TRP F 511 -47.12 4.61 -17.35
N ILE F 512 -47.70 4.50 -16.16
CA ILE F 512 -48.04 3.19 -15.63
C ILE F 512 -49.06 2.47 -16.51
N TYR F 513 -49.85 3.23 -17.27
CA TYR F 513 -50.85 2.63 -18.14
C TYR F 513 -50.25 1.90 -19.34
N SER F 514 -48.95 2.02 -19.57
CA SER F 514 -48.28 1.31 -20.65
C SER F 514 -47.74 -0.05 -20.23
N LEU F 515 -47.69 -0.34 -18.93
CA LEU F 515 -47.15 -1.60 -18.44
C LEU F 515 -48.15 -2.71 -18.73
N LYS F 516 -47.96 -3.39 -19.86
CA LYS F 516 -48.93 -4.38 -20.30
C LYS F 516 -48.79 -5.72 -19.61
N THR F 517 -47.68 -5.97 -18.91
CA THR F 517 -47.52 -7.19 -18.14
C THR F 517 -47.95 -7.03 -16.69
N LEU F 518 -48.49 -5.87 -16.32
CA LEU F 518 -48.91 -5.64 -14.96
C LEU F 518 -50.18 -6.41 -14.66
N GLU F 519 -50.19 -7.11 -13.51
CA GLU F 519 -51.38 -7.81 -13.05
C GLU F 519 -51.85 -7.35 -11.69
N GLU F 520 -50.98 -6.77 -10.86
CA GLU F 520 -51.32 -6.36 -9.51
C GLU F 520 -51.05 -4.87 -9.35
N LEU F 521 -52.08 -4.12 -9.00
CA LEU F 521 -51.98 -2.68 -8.81
C LEU F 521 -52.69 -2.29 -7.52
N HIS F 522 -52.09 -1.37 -6.78
CA HIS F 522 -52.66 -0.88 -5.52
C HIS F 522 -52.78 0.63 -5.59
N LEU F 523 -53.96 1.14 -5.24
CA LEU F 523 -54.22 2.57 -5.25
C LEU F 523 -54.55 3.02 -3.85
N THR F 524 -53.80 4.02 -3.35
CA THR F 524 -54.06 4.62 -2.06
C THR F 524 -54.12 6.13 -2.24
N GLY F 525 -55.30 6.70 -2.02
CA GLY F 525 -55.48 8.14 -2.18
C GLY F 525 -56.79 8.50 -2.86
N ASN F 526 -57.45 9.54 -2.36
CA ASN F 526 -58.73 9.95 -2.93
C ASN F 526 -58.56 10.41 -4.36
N LEU F 527 -59.62 10.24 -5.16
CA LEU F 527 -59.57 10.61 -6.57
C LEU F 527 -60.69 11.53 -7.01
N SER F 528 -61.71 11.76 -6.17
CA SER F 528 -62.85 12.55 -6.61
C SER F 528 -62.44 14.01 -6.83
N ALA F 529 -62.82 14.54 -7.99
CA ALA F 529 -62.53 15.92 -8.35
C ALA F 529 -63.81 16.58 -8.82
N GLU F 530 -63.88 17.90 -8.64
CA GLU F 530 -65.10 18.64 -8.92
C GLU F 530 -65.24 18.82 -10.43
N ASN F 531 -66.22 18.13 -11.02
CA ASN F 531 -66.51 18.15 -12.44
C ASN F 531 -65.43 17.46 -13.27
N ASN F 532 -64.41 16.89 -12.60
CA ASN F 532 -63.34 16.17 -13.26
C ASN F 532 -62.95 14.92 -12.48
N ARG F 533 -63.91 14.31 -11.80
CA ARG F 533 -63.63 13.06 -11.08
C ARG F 533 -63.53 11.90 -12.04
N TYR F 534 -62.66 10.93 -11.69
CA TYR F 534 -62.49 9.69 -12.44
C TYR F 534 -62.09 9.93 -13.89
N ILE F 535 -61.29 10.96 -14.15
CA ILE F 535 -60.91 11.26 -15.53
C ILE F 535 -59.61 10.55 -15.92
N VAL F 536 -58.59 10.63 -15.06
CA VAL F 536 -57.31 10.00 -15.37
C VAL F 536 -57.40 8.49 -15.43
N ILE F 537 -58.37 7.89 -14.73
CA ILE F 537 -58.45 6.43 -14.65
C ILE F 537 -59.00 5.81 -15.93
N ASP F 538 -59.50 6.62 -16.87
CA ASP F 538 -60.10 6.12 -18.10
C ASP F 538 -59.20 5.16 -18.87
N GLY F 539 -57.90 5.16 -18.61
CA GLY F 539 -56.99 4.28 -19.28
C GLY F 539 -56.95 2.85 -18.77
N LEU F 540 -57.85 2.49 -17.86
CA LEU F 540 -57.81 1.14 -17.29
C LEU F 540 -57.92 0.05 -18.33
N ARG F 541 -58.55 0.33 -19.48
CA ARG F 541 -58.67 -0.67 -20.52
C ARG F 541 -57.31 -1.19 -20.98
N GLU F 542 -56.28 -0.35 -20.87
CA GLU F 542 -54.96 -0.74 -21.37
C GLU F 542 -54.32 -1.84 -20.54
N LEU F 543 -54.65 -1.95 -19.25
CA LEU F 543 -54.08 -2.98 -18.38
C LEU F 543 -54.83 -4.29 -18.61
N LYS F 544 -54.50 -4.94 -19.73
CA LYS F 544 -55.21 -6.15 -20.12
C LYS F 544 -54.93 -7.32 -19.19
N ARG F 545 -53.72 -7.43 -18.64
CA ARG F 545 -53.35 -8.54 -17.79
C ARG F 545 -53.61 -8.25 -16.31
N LEU F 546 -54.33 -7.19 -16.00
CA LEU F 546 -54.60 -6.85 -14.61
C LEU F 546 -55.43 -7.95 -13.95
N LYS F 547 -55.03 -8.34 -12.74
CA LYS F 547 -55.74 -9.38 -12.00
C LYS F 547 -56.06 -8.93 -10.57
N VAL F 548 -55.22 -8.06 -10.01
CA VAL F 548 -55.36 -7.60 -8.64
C VAL F 548 -55.44 -6.08 -8.64
N LEU F 549 -56.39 -5.54 -7.89
CA LEU F 549 -56.55 -4.09 -7.80
C LEU F 549 -57.10 -3.73 -6.43
N ARG F 550 -56.38 -2.89 -5.70
CA ARG F 550 -56.80 -2.43 -4.38
C ARG F 550 -56.97 -0.92 -4.42
N LEU F 551 -58.15 -0.44 -4.04
CA LEU F 551 -58.51 0.97 -4.13
C LEU F 551 -58.67 1.55 -2.73
N LYS F 552 -58.11 2.74 -2.51
CA LYS F 552 -58.30 3.49 -1.27
C LYS F 552 -58.55 4.95 -1.64
N SER F 553 -59.81 5.30 -1.88
CA SER F 553 -60.11 6.65 -2.34
C SER F 553 -61.41 7.22 -1.77
N ASN F 554 -61.99 6.60 -0.74
CA ASN F 554 -63.25 7.05 -0.15
C ASN F 554 -64.34 7.16 -1.23
N LEU F 555 -64.56 6.05 -1.91
CA LEU F 555 -65.44 6.04 -3.08
C LEU F 555 -66.89 6.14 -2.66
N SER F 556 -67.62 7.06 -3.30
CA SER F 556 -69.07 7.12 -3.17
C SER F 556 -69.78 6.60 -4.42
N LYS F 557 -69.11 6.60 -5.55
CA LYS F 557 -69.68 6.08 -6.80
C LYS F 557 -68.65 5.15 -7.43
N LEU F 558 -69.09 3.95 -7.76
CA LEU F 558 -68.17 2.94 -8.30
C LEU F 558 -67.70 3.38 -9.68
N PRO F 559 -66.39 3.34 -9.94
CA PRO F 559 -65.89 3.79 -11.25
C PRO F 559 -66.43 2.92 -12.37
N GLN F 560 -66.83 3.56 -13.46
CA GLN F 560 -67.22 2.81 -14.65
C GLN F 560 -66.04 2.06 -15.25
N VAL F 561 -64.83 2.62 -15.10
CA VAL F 561 -63.65 2.00 -15.68
C VAL F 561 -63.33 0.68 -14.99
N VAL F 562 -63.51 0.63 -13.67
CA VAL F 562 -63.30 -0.62 -12.95
C VAL F 562 -64.29 -1.68 -13.43
N THR F 563 -65.56 -1.29 -13.57
CA THR F 563 -66.58 -2.23 -14.04
C THR F 563 -66.24 -2.74 -15.44
N ASP F 564 -65.78 -1.84 -16.32
CA ASP F 564 -65.44 -2.26 -17.68
C ASP F 564 -64.24 -3.20 -17.69
N VAL F 565 -63.20 -2.88 -16.93
CA VAL F 565 -61.99 -3.68 -16.97
C VAL F 565 -62.13 -4.99 -16.20
N GLY F 566 -63.13 -5.10 -15.33
CA GLY F 566 -63.32 -6.34 -14.58
C GLY F 566 -63.68 -7.54 -15.42
N VAL F 567 -63.70 -7.41 -16.75
CA VAL F 567 -64.00 -8.54 -17.63
C VAL F 567 -63.02 -9.69 -17.41
N HIS F 568 -61.82 -9.40 -16.92
CA HIS F 568 -60.82 -10.42 -16.65
C HIS F 568 -60.27 -10.38 -15.23
N LEU F 569 -60.67 -9.40 -14.42
CA LEU F 569 -60.19 -9.32 -13.04
C LEU F 569 -60.60 -10.56 -12.27
N GLN F 570 -59.72 -10.99 -11.36
CA GLN F 570 -60.02 -12.12 -10.50
C GLN F 570 -60.12 -11.76 -9.02
N LYS F 571 -59.44 -10.70 -8.58
CA LYS F 571 -59.53 -10.24 -7.19
C LYS F 571 -59.65 -8.73 -7.20
N LEU F 572 -60.59 -8.21 -6.40
CA LEU F 572 -60.82 -6.77 -6.30
C LEU F 572 -61.04 -6.41 -4.85
N SER F 573 -60.37 -5.35 -4.39
CA SER F 573 -60.47 -4.89 -3.01
C SER F 573 -60.65 -3.38 -3.00
N ILE F 574 -61.60 -2.91 -2.19
CA ILE F 574 -61.91 -1.48 -2.10
C ILE F 574 -61.94 -1.10 -0.63
N ASN F 575 -61.44 0.09 -0.31
CA ASN F 575 -61.47 0.63 1.05
C ASN F 575 -61.89 2.09 1.00
N ASN F 576 -63.06 2.38 1.56
CA ASN F 576 -63.62 3.72 1.54
C ASN F 576 -63.40 4.49 2.83
N GLU F 577 -62.97 3.83 3.90
CA GLU F 577 -62.78 4.45 5.21
C GLU F 577 -64.05 5.17 5.66
N GLY F 578 -65.19 4.51 5.47
CA GLY F 578 -66.46 5.01 5.94
C GLY F 578 -67.32 5.71 4.90
N THR F 579 -66.85 5.84 3.67
CA THR F 579 -67.66 6.47 2.64
C THR F 579 -68.65 5.46 2.05
N LYS F 580 -69.92 5.83 2.05
CA LYS F 580 -70.96 4.95 1.52
C LYS F 580 -70.80 4.79 0.02
N LEU F 581 -70.86 3.56 -0.46
CA LEU F 581 -70.70 3.25 -1.88
C LEU F 581 -72.01 2.72 -2.44
N ILE F 582 -72.39 3.21 -3.61
CA ILE F 582 -73.61 2.79 -4.29
C ILE F 582 -73.21 1.98 -5.50
N VAL F 583 -73.61 0.71 -5.53
CA VAL F 583 -73.28 -0.14 -6.67
C VAL F 583 -74.07 0.29 -7.91
N LEU F 584 -75.28 0.79 -7.73
CA LEU F 584 -76.24 1.10 -8.80
C LEU F 584 -76.23 0.03 -9.89
N ASN F 585 -76.26 -1.23 -9.45
CA ASN F 585 -76.33 -2.38 -10.35
C ASN F 585 -75.17 -2.38 -11.35
N SER F 586 -73.94 -2.22 -10.83
CA SER F 586 -72.76 -2.22 -11.65
C SER F 586 -71.77 -3.30 -11.25
N LEU F 587 -72.25 -4.36 -10.58
CA LEU F 587 -71.42 -5.50 -10.23
C LEU F 587 -71.72 -6.72 -11.08
N LYS F 588 -72.54 -6.57 -12.12
CA LYS F 588 -72.82 -7.64 -13.07
C LYS F 588 -71.98 -7.51 -14.33
N LYS F 589 -70.77 -6.97 -14.18
CA LYS F 589 -69.86 -6.80 -15.31
C LYS F 589 -68.51 -7.49 -15.10
N MET F 590 -68.10 -7.73 -13.86
CA MET F 590 -66.88 -8.47 -13.57
C MET F 590 -67.21 -9.94 -13.29
N VAL F 591 -67.74 -10.60 -14.32
CA VAL F 591 -68.18 -11.98 -14.17
C VAL F 591 -67.01 -12.93 -13.95
N ASN F 592 -65.80 -12.52 -14.29
CA ASN F 592 -64.64 -13.37 -14.03
C ASN F 592 -64.06 -13.18 -12.64
N LEU F 593 -64.55 -12.21 -11.87
CA LEU F 593 -64.03 -11.98 -10.53
C LEU F 593 -64.26 -13.20 -9.66
N THR F 594 -63.23 -13.60 -8.93
CA THR F 594 -63.32 -14.73 -8.01
C THR F 594 -63.23 -14.33 -6.55
N GLU F 595 -62.73 -13.13 -6.26
CA GLU F 595 -62.66 -12.61 -4.90
C GLU F 595 -63.14 -11.17 -4.90
N LEU F 596 -64.08 -10.87 -4.00
CA LEU F 596 -64.65 -9.54 -3.87
C LEU F 596 -64.60 -9.15 -2.40
N GLU F 597 -63.84 -8.11 -2.08
CA GLU F 597 -63.70 -7.62 -0.72
C GLU F 597 -64.07 -6.15 -0.68
N LEU F 598 -65.02 -5.80 0.19
CA LEU F 598 -65.55 -4.44 0.31
C LEU F 598 -65.44 -4.04 1.77
N ILE F 599 -64.40 -3.30 2.10
CA ILE F 599 -64.04 -2.99 3.48
C ILE F 599 -64.34 -1.52 3.73
N ARG F 600 -65.07 -1.25 4.81
CA ARG F 600 -65.34 0.11 5.27
C ARG F 600 -66.06 0.94 4.21
N CYS F 601 -66.93 0.32 3.44
CA CYS F 601 -67.68 1.02 2.41
C CYS F 601 -69.11 1.35 2.83
N ASP F 602 -69.53 0.94 4.03
CA ASP F 602 -70.84 1.26 4.60
C ASP F 602 -71.97 0.93 3.61
N LEU F 603 -72.05 -0.35 3.25
CA LEU F 603 -73.12 -0.79 2.37
C LEU F 603 -74.45 -0.95 3.11
N GLU F 604 -74.41 -1.28 4.41
CA GLU F 604 -75.56 -1.50 5.28
C GLU F 604 -76.53 -2.50 4.68
N ARG F 605 -76.12 -3.19 3.61
CA ARG F 605 -76.98 -4.10 2.90
C ARG F 605 -76.16 -4.87 1.87
N ILE F 606 -76.40 -6.17 1.73
CA ILE F 606 -75.70 -6.99 0.76
C ILE F 606 -76.24 -6.66 -0.63
N PRO F 607 -75.39 -6.29 -1.58
CA PRO F 607 -75.89 -5.99 -2.93
C PRO F 607 -76.34 -7.24 -3.65
N HIS F 608 -77.38 -7.09 -4.48
CA HIS F 608 -77.93 -8.24 -5.18
C HIS F 608 -77.03 -8.72 -6.31
N SER F 609 -76.27 -7.81 -6.94
CA SER F 609 -75.40 -8.21 -8.04
C SER F 609 -74.24 -9.06 -7.58
N ILE F 610 -74.00 -9.16 -6.28
CA ILE F 610 -73.09 -10.17 -5.76
C ILE F 610 -73.57 -11.56 -6.12
N PHE F 611 -74.89 -11.78 -6.02
CA PHE F 611 -75.47 -13.08 -6.34
C PHE F 611 -75.21 -13.50 -7.77
N SER F 612 -75.15 -12.55 -8.70
CA SER F 612 -74.92 -12.86 -10.11
C SER F 612 -73.54 -13.42 -10.37
N LEU F 613 -72.57 -13.18 -9.48
CA LEU F 613 -71.21 -13.66 -9.66
C LEU F 613 -71.12 -15.07 -9.10
N HIS F 614 -71.58 -16.05 -9.88
CA HIS F 614 -71.49 -17.43 -9.44
C HIS F 614 -70.05 -17.92 -9.39
N ASN F 615 -69.13 -17.20 -10.01
CA ASN F 615 -67.71 -17.55 -9.94
C ASN F 615 -67.06 -17.07 -8.65
N LEU F 616 -67.76 -16.26 -7.85
CA LEU F 616 -67.20 -15.77 -6.60
C LEU F 616 -66.94 -16.93 -5.64
N GLN F 617 -65.88 -16.81 -4.87
CA GLN F 617 -65.53 -17.83 -3.88
C GLN F 617 -65.37 -17.28 -2.47
N GLU F 618 -64.76 -16.10 -2.32
CA GLU F 618 -64.54 -15.49 -1.03
C GLU F 618 -65.11 -14.08 -1.04
N ILE F 619 -65.91 -13.75 -0.02
CA ILE F 619 -66.63 -12.49 0.04
C ILE F 619 -66.53 -11.93 1.45
N ASP F 620 -66.40 -10.61 1.55
CA ASP F 620 -66.39 -9.91 2.82
C ASP F 620 -67.18 -8.62 2.71
N LEU F 621 -67.81 -8.22 3.82
CA LEU F 621 -68.58 -6.98 3.92
C LEU F 621 -68.20 -6.25 5.19
N LYS F 622 -66.90 -6.27 5.51
CA LYS F 622 -66.42 -5.72 6.76
C LYS F 622 -66.66 -4.22 6.85
N ASP F 623 -67.13 -3.78 8.02
CA ASP F 623 -67.36 -2.38 8.31
C ASP F 623 -68.32 -1.74 7.31
N ASN F 624 -69.29 -2.52 6.87
CA ASN F 624 -70.45 -1.99 6.16
C ASN F 624 -71.66 -1.86 7.07
N ASN F 625 -71.47 -2.05 8.39
CA ASN F 625 -72.54 -1.92 9.38
C ASN F 625 -73.68 -2.89 9.07
N LEU F 626 -73.34 -4.09 8.63
CA LEU F 626 -74.36 -5.08 8.32
C LEU F 626 -75.04 -5.57 9.59
N LYS F 627 -76.36 -5.73 9.51
CA LYS F 627 -77.16 -6.28 10.61
C LYS F 627 -78.01 -7.47 10.19
N THR F 628 -78.56 -7.44 8.99
CA THR F 628 -79.39 -8.53 8.48
C THR F 628 -78.69 -9.17 7.29
N ILE F 629 -78.48 -10.49 7.36
CA ILE F 629 -77.79 -11.23 6.31
C ILE F 629 -78.69 -12.32 5.78
N GLU F 630 -80.00 -12.07 5.78
CA GLU F 630 -80.95 -13.04 5.24
C GLU F 630 -80.71 -13.33 3.77
N GLU F 631 -80.02 -12.43 3.06
CA GLU F 631 -79.76 -12.57 1.63
C GLU F 631 -78.94 -13.81 1.32
N ILE F 632 -78.49 -14.51 2.36
CA ILE F 632 -77.91 -15.84 2.19
C ILE F 632 -78.85 -16.74 1.41
N ILE F 633 -80.15 -16.41 1.39
CA ILE F 633 -81.11 -17.16 0.58
C ILE F 633 -80.67 -17.20 -0.87
N SER F 634 -80.25 -16.06 -1.41
CA SER F 634 -79.77 -16.00 -2.78
C SER F 634 -78.32 -16.42 -2.93
N PHE F 635 -77.62 -16.70 -1.81
CA PHE F 635 -76.24 -17.15 -1.89
C PHE F 635 -76.12 -18.59 -2.38
N GLN F 636 -77.19 -19.37 -2.31
CA GLN F 636 -77.15 -20.75 -2.81
C GLN F 636 -76.88 -20.79 -4.30
N HIS F 637 -77.14 -19.70 -5.02
CA HIS F 637 -76.79 -19.63 -6.43
C HIS F 637 -75.29 -19.80 -6.62
N LEU F 638 -74.49 -19.21 -5.74
CA LEU F 638 -73.04 -19.32 -5.81
C LEU F 638 -72.64 -20.71 -5.36
N HIS F 639 -72.49 -21.62 -6.32
CA HIS F 639 -72.10 -22.99 -6.03
C HIS F 639 -70.68 -23.12 -5.53
N ARG F 640 -69.82 -22.14 -5.79
CA ARG F 640 -68.41 -22.22 -5.43
C ARG F 640 -68.02 -21.16 -4.39
N LEU F 641 -69.00 -20.64 -3.66
CA LEU F 641 -68.73 -19.73 -2.54
C LEU F 641 -68.18 -20.56 -1.39
N THR F 642 -66.86 -20.50 -1.19
CA THR F 642 -66.19 -21.37 -0.22
C THR F 642 -65.95 -20.72 1.13
N CYS F 643 -65.47 -19.47 1.15
CA CYS F 643 -65.16 -18.78 2.40
C CYS F 643 -66.00 -17.52 2.52
N LEU F 644 -66.33 -17.15 3.75
CA LEU F 644 -67.19 -16.01 4.03
C LEU F 644 -66.72 -15.33 5.30
N LYS F 645 -66.56 -14.01 5.25
CA LYS F 645 -66.06 -13.22 6.38
C LYS F 645 -67.03 -12.08 6.67
N LEU F 646 -67.45 -11.96 7.93
CA LEU F 646 -68.32 -10.87 8.35
C LEU F 646 -67.87 -10.27 9.68
N TRP F 647 -66.57 -10.24 9.93
CA TRP F 647 -66.03 -9.74 11.18
C TRP F 647 -66.32 -8.24 11.35
N TYR F 648 -66.33 -7.81 12.61
CA TYR F 648 -66.47 -6.40 12.99
C TYR F 648 -67.71 -5.78 12.33
N ASN F 649 -68.86 -6.31 12.74
CA ASN F 649 -70.14 -5.84 12.23
C ASN F 649 -71.16 -5.86 13.36
N HIS F 650 -72.41 -5.59 13.01
CA HIS F 650 -73.52 -5.49 13.96
C HIS F 650 -74.46 -6.68 13.84
N ILE F 651 -73.96 -7.85 13.45
CA ILE F 651 -74.79 -9.02 13.28
C ILE F 651 -75.15 -9.58 14.64
N ALA F 652 -76.44 -9.72 14.92
CA ALA F 652 -76.90 -10.25 16.20
C ALA F 652 -77.38 -11.68 16.12
N TYR F 653 -77.71 -12.18 14.93
CA TYR F 653 -78.27 -13.51 14.79
C TYR F 653 -77.79 -14.14 13.50
N ILE F 654 -77.88 -15.47 13.44
CA ILE F 654 -77.48 -16.26 12.29
C ILE F 654 -78.75 -16.81 11.64
N PRO F 655 -79.10 -16.38 10.43
CA PRO F 655 -80.28 -16.93 9.76
C PRO F 655 -80.13 -18.42 9.49
N ILE F 656 -81.27 -19.11 9.48
CA ILE F 656 -81.27 -20.56 9.28
C ILE F 656 -80.80 -20.92 7.88
N GLN F 657 -81.02 -20.05 6.90
CA GLN F 657 -80.75 -20.37 5.51
C GLN F 657 -79.28 -20.70 5.27
N ILE F 658 -78.37 -20.17 6.11
CA ILE F 658 -76.96 -20.47 5.95
C ILE F 658 -76.69 -21.95 6.08
N GLY F 659 -77.60 -22.71 6.70
CA GLY F 659 -77.46 -24.15 6.75
C GLY F 659 -77.53 -24.81 5.40
N ASN F 660 -78.32 -24.26 4.48
CA ASN F 660 -78.43 -24.81 3.14
C ASN F 660 -77.16 -24.68 2.32
N LEU F 661 -76.37 -23.63 2.53
CA LEU F 661 -75.09 -23.46 1.84
C LEU F 661 -74.03 -24.26 2.57
N THR F 662 -74.08 -25.58 2.38
CA THR F 662 -73.07 -26.46 2.96
C THR F 662 -71.71 -26.33 2.28
N ASN F 663 -71.63 -25.58 1.18
CA ASN F 663 -70.40 -25.40 0.42
C ASN F 663 -69.33 -24.65 1.21
N LEU F 664 -69.68 -24.03 2.32
CA LEU F 664 -68.73 -23.22 3.07
C LEU F 664 -67.65 -24.08 3.70
N GLU F 665 -66.44 -23.54 3.75
CA GLU F 665 -65.31 -24.20 4.40
C GLU F 665 -64.62 -23.32 5.43
N ARG F 666 -64.49 -22.02 5.16
CA ARG F 666 -63.87 -21.09 6.10
C ARG F 666 -64.89 -20.00 6.42
N LEU F 667 -65.17 -19.82 7.71
CA LEU F 667 -66.20 -18.91 8.17
C LEU F 667 -65.61 -17.92 9.18
N TYR F 668 -65.90 -16.64 9.00
CA TYR F 668 -65.42 -15.59 9.88
C TYR F 668 -66.60 -14.78 10.38
N LEU F 669 -66.85 -14.81 11.69
CA LEU F 669 -67.95 -14.06 12.26
C LEU F 669 -67.61 -13.41 13.59
N ASN F 670 -66.33 -13.34 13.96
CA ASN F 670 -65.96 -12.83 15.27
C ASN F 670 -66.16 -11.32 15.33
N ARG F 671 -66.27 -10.83 16.57
CA ARG F 671 -66.55 -9.42 16.84
C ARG F 671 -67.84 -8.96 16.16
N ASN F 672 -68.93 -9.59 16.59
CA ASN F 672 -70.28 -9.18 16.20
C ASN F 672 -71.16 -9.18 17.43
N LYS F 673 -72.42 -8.80 17.25
CA LYS F 673 -73.40 -8.79 18.33
C LYS F 673 -74.14 -10.12 18.43
N ILE F 674 -73.55 -11.19 17.90
CA ILE F 674 -74.23 -12.47 17.83
C ILE F 674 -74.44 -13.02 19.24
N GLU F 675 -75.64 -13.51 19.52
CA GLU F 675 -76.01 -13.97 20.84
C GLU F 675 -76.20 -15.48 20.93
N LYS F 676 -76.60 -16.15 19.85
CA LYS F 676 -76.80 -17.58 19.86
C LYS F 676 -76.46 -18.16 18.49
N ILE F 677 -76.16 -19.45 18.48
CA ILE F 677 -75.79 -20.15 17.26
C ILE F 677 -76.89 -21.18 16.96
N PRO F 678 -77.75 -20.94 15.97
CA PRO F 678 -78.74 -21.95 15.61
C PRO F 678 -78.09 -23.19 15.02
N THR F 679 -78.78 -24.32 15.13
CA THR F 679 -78.23 -25.59 14.68
C THR F 679 -78.06 -25.66 13.17
N GLN F 680 -78.77 -24.82 12.41
CA GLN F 680 -78.73 -24.91 10.96
C GLN F 680 -77.31 -24.69 10.43
N LEU F 681 -76.60 -23.70 10.96
CA LEU F 681 -75.23 -23.45 10.51
C LEU F 681 -74.34 -24.66 10.75
N PHE F 682 -74.70 -25.52 11.69
CA PHE F 682 -73.93 -26.73 11.95
C PHE F 682 -74.12 -27.80 10.89
N TYR F 683 -74.82 -27.50 9.80
CA TYR F 683 -75.08 -28.48 8.75
C TYR F 683 -74.07 -28.42 7.61
N CYS F 684 -73.09 -27.51 7.67
CA CYS F 684 -72.05 -27.43 6.66
C CYS F 684 -70.86 -28.25 7.15
N ARG F 685 -70.84 -29.53 6.81
CA ARG F 685 -69.89 -30.47 7.39
C ARG F 685 -68.48 -30.31 6.85
N LYS F 686 -68.28 -29.58 5.77
CA LYS F 686 -66.95 -29.33 5.23
C LYS F 686 -66.32 -28.06 5.79
N LEU F 687 -66.88 -27.50 6.86
CA LEU F 687 -66.32 -26.31 7.48
C LEU F 687 -64.98 -26.62 8.12
N ARG F 688 -64.07 -25.63 8.08
CA ARG F 688 -62.73 -25.83 8.62
C ARG F 688 -62.28 -24.67 9.48
N TYR F 689 -62.97 -23.54 9.41
CA TYR F 689 -62.68 -22.38 10.24
C TYR F 689 -63.96 -21.87 10.87
N LEU F 690 -63.89 -21.54 12.16
CA LEU F 690 -65.03 -20.99 12.89
C LEU F 690 -64.50 -20.06 13.97
N ASP F 691 -64.70 -18.76 13.78
CA ASP F 691 -64.35 -17.75 14.77
C ASP F 691 -65.61 -17.01 15.20
N LEU F 692 -65.93 -17.07 16.48
CA LEU F 692 -67.08 -16.37 17.03
C LEU F 692 -66.66 -15.54 18.23
N SER F 693 -65.44 -15.03 18.19
CA SER F 693 -64.91 -14.24 19.29
C SER F 693 -65.64 -12.90 19.40
N HIS F 694 -65.59 -12.32 20.60
CA HIS F 694 -66.11 -10.98 20.86
C HIS F 694 -67.59 -10.88 20.48
N ASN F 695 -68.39 -11.80 21.01
CA ASN F 695 -69.82 -11.81 20.76
C ASN F 695 -70.55 -12.01 22.09
N ASN F 696 -71.87 -11.87 22.04
CA ASN F 696 -72.73 -12.04 23.20
C ASN F 696 -73.13 -13.50 23.41
N LEU F 697 -72.39 -14.44 22.82
CA LEU F 697 -72.73 -15.85 22.95
C LEU F 697 -72.54 -16.31 24.40
N THR F 698 -73.48 -17.12 24.88
CA THR F 698 -73.42 -17.63 26.24
C THR F 698 -73.37 -19.15 26.32
N PHE F 699 -73.59 -19.85 25.21
CA PHE F 699 -73.68 -21.30 25.24
C PHE F 699 -73.11 -21.89 23.96
N LEU F 700 -72.79 -23.18 24.03
CA LEU F 700 -72.33 -23.94 22.89
C LEU F 700 -73.27 -25.10 22.62
N PRO F 701 -73.98 -25.11 21.49
CA PRO F 701 -74.86 -26.24 21.18
C PRO F 701 -74.07 -27.52 20.97
N ALA F 702 -74.78 -28.64 21.03
CA ALA F 702 -74.13 -29.95 20.88
C ALA F 702 -73.52 -30.10 19.49
N ASP F 703 -74.24 -29.67 18.45
CA ASP F 703 -73.84 -29.93 17.08
C ASP F 703 -72.50 -29.31 16.71
N ILE F 704 -71.87 -28.55 17.62
CA ILE F 704 -70.50 -28.10 17.37
C ILE F 704 -69.57 -29.29 17.19
N GLY F 705 -69.89 -30.42 17.82
CA GLY F 705 -69.09 -31.61 17.63
C GLY F 705 -69.30 -32.31 16.31
N LEU F 706 -70.33 -31.92 15.55
CA LEU F 706 -70.63 -32.57 14.29
C LEU F 706 -69.70 -32.13 13.16
N LEU F 707 -68.92 -31.07 13.37
CA LEU F 707 -68.01 -30.55 12.35
C LEU F 707 -66.61 -31.10 12.62
N GLN F 708 -66.38 -32.32 12.12
CA GLN F 708 -65.13 -33.01 12.39
C GLN F 708 -63.93 -32.35 11.73
N ASN F 709 -64.10 -31.75 10.55
CA ASN F 709 -63.00 -31.16 9.79
C ASN F 709 -62.62 -29.77 10.28
N LEU F 710 -63.24 -29.27 11.35
CA LEU F 710 -62.86 -27.99 11.90
C LEU F 710 -61.52 -28.11 12.62
N GLN F 711 -60.58 -27.22 12.30
CA GLN F 711 -59.24 -27.28 12.88
C GLN F 711 -58.85 -26.03 13.65
N ASN F 712 -59.65 -24.97 13.62
CA ASN F 712 -59.34 -23.75 14.37
C ASN F 712 -60.63 -23.14 14.87
N LEU F 713 -60.62 -22.68 16.13
CA LEU F 713 -61.80 -22.13 16.77
C LEU F 713 -61.44 -20.86 17.51
N ALA F 714 -62.29 -19.84 17.42
CA ALA F 714 -62.10 -18.58 18.13
C ALA F 714 -63.43 -18.14 18.73
N VAL F 715 -63.56 -18.26 20.04
CA VAL F 715 -64.73 -17.80 20.77
C VAL F 715 -64.28 -16.87 21.89
N THR F 716 -63.18 -16.15 21.66
CA THR F 716 -62.61 -15.28 22.67
C THR F 716 -63.54 -14.12 23.00
N ALA F 717 -63.60 -13.77 24.29
CA ALA F 717 -64.43 -12.67 24.79
C ALA F 717 -65.91 -12.92 24.51
N ASN F 718 -66.41 -14.01 25.08
CA ASN F 718 -67.83 -14.34 25.07
C ASN F 718 -68.24 -14.74 26.48
N ARG F 719 -69.52 -15.06 26.65
CA ARG F 719 -70.09 -15.41 27.94
C ARG F 719 -70.25 -16.92 28.08
N ILE F 720 -69.31 -17.68 27.50
CA ILE F 720 -69.34 -19.13 27.59
C ILE F 720 -68.73 -19.53 28.93
N GLU F 721 -69.51 -20.23 29.75
CA GLU F 721 -69.07 -20.60 31.10
C GLU F 721 -68.68 -22.06 31.21
N ALA F 722 -69.19 -22.92 30.36
CA ALA F 722 -68.85 -24.34 30.37
C ALA F 722 -68.91 -24.87 28.94
N LEU F 723 -68.19 -25.96 28.70
CA LEU F 723 -68.05 -26.50 27.36
C LEU F 723 -68.70 -27.88 27.26
N PRO F 724 -69.64 -28.07 26.35
CA PRO F 724 -70.20 -29.42 26.14
C PRO F 724 -69.14 -30.36 25.58
N PRO F 725 -68.90 -31.49 26.23
CA PRO F 725 -67.81 -32.37 25.79
C PRO F 725 -67.97 -32.90 24.38
N GLU F 726 -69.15 -32.76 23.77
CA GLU F 726 -69.30 -33.17 22.37
C GLU F 726 -68.33 -32.45 21.46
N LEU F 727 -67.89 -31.24 21.84
CA LEU F 727 -66.89 -30.53 21.04
C LEU F 727 -65.64 -31.36 20.85
N PHE F 728 -65.29 -32.20 21.83
CA PHE F 728 -64.09 -33.01 21.70
C PHE F 728 -64.25 -34.19 20.75
N GLN F 729 -65.37 -34.28 20.03
CA GLN F 729 -65.48 -35.24 18.95
C GLN F 729 -64.61 -34.85 17.76
N CYS F 730 -64.41 -33.55 17.53
CA CYS F 730 -63.62 -33.06 16.41
C CYS F 730 -62.14 -33.13 16.80
N ARG F 731 -61.55 -34.31 16.58
CA ARG F 731 -60.15 -34.53 16.94
C ARG F 731 -59.19 -33.80 16.03
N LYS F 732 -59.65 -33.35 14.86
CA LYS F 732 -58.81 -32.64 13.91
C LYS F 732 -58.75 -31.14 14.20
N LEU F 733 -59.16 -30.73 15.40
CA LEU F 733 -59.11 -29.33 15.80
C LEU F 733 -57.69 -28.98 16.25
N ARG F 734 -56.96 -28.26 15.40
CA ARG F 734 -55.56 -27.97 15.70
C ARG F 734 -55.41 -26.93 16.80
N ALA F 735 -56.29 -25.93 16.81
CA ALA F 735 -56.22 -24.85 17.79
C ALA F 735 -57.61 -24.35 18.14
N LEU F 736 -57.72 -23.72 19.30
CA LEU F 736 -58.97 -23.14 19.77
C LEU F 736 -58.68 -21.93 20.64
N HIS F 737 -59.57 -20.95 20.58
CA HIS F 737 -59.39 -19.68 21.29
C HIS F 737 -60.51 -19.53 22.31
N LEU F 738 -60.27 -20.02 23.52
CA LEU F 738 -61.25 -20.03 24.59
C LEU F 738 -61.02 -18.92 25.62
N GLY F 739 -60.03 -18.07 25.40
CA GLY F 739 -59.71 -17.04 26.37
C GLY F 739 -60.75 -15.94 26.41
N ASN F 740 -60.59 -15.07 27.41
CA ASN F 740 -61.46 -13.93 27.63
C ASN F 740 -62.93 -14.33 27.80
N ASN F 741 -63.19 -15.60 28.06
CA ASN F 741 -64.53 -16.09 28.31
C ASN F 741 -64.69 -16.32 29.82
N VAL F 742 -65.84 -16.87 30.22
CA VAL F 742 -66.11 -17.12 31.62
C VAL F 742 -66.12 -18.62 31.88
N LEU F 743 -65.35 -19.36 31.09
CA LEU F 743 -65.30 -20.81 31.19
C LEU F 743 -64.79 -21.24 32.56
N GLN F 744 -65.69 -21.82 33.38
CA GLN F 744 -65.32 -22.19 34.74
C GLN F 744 -64.30 -23.31 34.76
N SER F 745 -64.57 -24.39 34.03
CA SER F 745 -63.70 -25.56 34.05
C SER F 745 -63.69 -26.20 32.68
N LEU F 746 -62.50 -26.59 32.23
CA LEU F 746 -62.31 -27.25 30.94
C LEU F 746 -62.55 -28.75 31.09
N PRO F 747 -63.47 -29.32 30.30
CA PRO F 747 -63.71 -30.76 30.40
C PRO F 747 -62.47 -31.57 30.04
N SER F 748 -62.33 -32.72 30.70
CA SER F 748 -61.11 -33.52 30.64
C SER F 748 -60.93 -34.26 29.32
N ARG F 749 -61.95 -34.28 28.45
CA ARG F 749 -61.80 -34.94 27.16
C ARG F 749 -60.84 -34.22 26.22
N VAL F 750 -60.24 -33.11 26.68
CA VAL F 750 -59.41 -32.28 25.81
C VAL F 750 -58.20 -33.05 25.30
N GLY F 751 -57.64 -33.94 26.12
CA GLY F 751 -56.51 -34.73 25.67
C GLY F 751 -56.83 -35.70 24.55
N GLU F 752 -58.12 -35.94 24.28
CA GLU F 752 -58.49 -36.82 23.18
C GLU F 752 -58.20 -36.19 21.83
N LEU F 753 -58.01 -34.88 21.79
CA LEU F 753 -57.73 -34.16 20.55
C LEU F 753 -56.22 -34.22 20.29
N THR F 754 -55.79 -35.32 19.68
CA THR F 754 -54.36 -35.54 19.45
C THR F 754 -53.81 -34.60 18.39
N ASN F 755 -54.61 -34.28 17.37
CA ASN F 755 -54.18 -33.35 16.33
C ASN F 755 -54.14 -31.91 16.81
N LEU F 756 -54.64 -31.64 18.01
CA LEU F 756 -54.56 -30.30 18.58
C LEU F 756 -53.10 -29.93 18.86
N THR F 757 -52.72 -28.73 18.46
CA THR F 757 -51.35 -28.27 18.64
C THR F 757 -51.27 -26.95 19.39
N GLN F 758 -52.32 -26.13 19.34
CA GLN F 758 -52.34 -24.85 20.05
C GLN F 758 -53.63 -24.73 20.83
N ILE F 759 -53.57 -24.06 21.98
CA ILE F 759 -54.75 -23.68 22.75
C ILE F 759 -54.62 -22.22 23.14
N GLU F 760 -55.75 -21.55 23.33
CA GLU F 760 -55.79 -20.19 23.86
C GLU F 760 -56.77 -20.19 25.03
N LEU F 761 -56.27 -19.87 26.22
CA LEU F 761 -57.07 -19.98 27.43
C LEU F 761 -56.95 -18.80 28.38
N ARG F 762 -56.14 -17.79 28.07
CA ARG F 762 -55.95 -16.70 29.00
C ARG F 762 -57.17 -15.78 29.00
N GLY F 763 -57.62 -15.42 30.20
CA GLY F 763 -58.80 -14.60 30.35
C GLY F 763 -60.03 -15.30 30.84
N ASN F 764 -59.90 -16.51 31.39
CA ASN F 764 -61.03 -17.30 31.84
C ASN F 764 -60.86 -17.68 33.31
N ARG F 765 -61.99 -17.87 33.98
CA ARG F 765 -62.02 -18.17 35.42
C ARG F 765 -61.93 -19.69 35.62
N LEU F 766 -60.71 -20.21 35.45
CA LEU F 766 -60.43 -21.62 35.58
C LEU F 766 -59.80 -21.93 36.93
N GLU F 767 -60.18 -23.08 37.50
CA GLU F 767 -59.68 -23.51 38.80
C GLU F 767 -58.38 -24.28 38.69
N CYS F 768 -58.36 -25.36 37.93
CA CYS F 768 -57.15 -26.15 37.74
C CYS F 768 -57.16 -26.74 36.35
N LEU F 769 -55.99 -26.80 35.72
CA LEU F 769 -55.88 -27.40 34.41
C LEU F 769 -56.09 -28.91 34.51
N PRO F 770 -56.90 -29.49 33.63
CA PRO F 770 -57.02 -30.95 33.61
C PRO F 770 -55.68 -31.60 33.31
N VAL F 771 -55.40 -32.68 34.04
CA VAL F 771 -54.15 -33.41 33.82
C VAL F 771 -54.15 -34.05 32.45
N GLU F 772 -55.32 -34.48 31.98
CA GLU F 772 -55.43 -35.11 30.67
C GLU F 772 -55.00 -34.16 29.55
N LEU F 773 -55.05 -32.85 29.79
CA LEU F 773 -54.54 -31.91 28.80
C LEU F 773 -53.09 -32.19 28.44
N GLY F 774 -52.33 -32.75 29.39
CA GLY F 774 -50.94 -33.10 29.17
C GLY F 774 -50.72 -34.41 28.44
N GLU F 775 -51.77 -35.11 28.05
CA GLU F 775 -51.63 -36.32 27.26
C GLU F 775 -51.68 -36.05 25.76
N CYS F 776 -51.82 -34.79 25.35
CA CYS F 776 -51.88 -34.46 23.93
C CYS F 776 -50.52 -34.69 23.28
N PRO F 777 -50.42 -35.51 22.24
CA PRO F 777 -49.12 -35.73 21.60
C PRO F 777 -48.51 -34.47 20.98
N LEU F 778 -49.34 -33.58 20.43
CA LEU F 778 -48.83 -32.46 19.64
C LEU F 778 -48.93 -31.11 20.34
N LEU F 779 -49.79 -30.96 21.33
CA LEU F 779 -49.87 -29.70 22.06
C LEU F 779 -48.61 -29.50 22.89
N LYS F 780 -48.01 -28.32 22.78
CA LYS F 780 -46.75 -28.01 23.45
C LYS F 780 -46.93 -26.76 24.29
N ARG F 781 -45.90 -26.45 25.10
CA ARG F 781 -45.92 -25.22 25.87
C ARG F 781 -46.11 -24.02 24.96
N SER F 782 -45.45 -24.02 23.81
CA SER F 782 -45.69 -22.97 22.82
C SER F 782 -47.15 -22.95 22.40
N GLY F 783 -47.74 -24.13 22.17
CA GLY F 783 -49.16 -24.21 21.88
C GLY F 783 -50.06 -24.08 23.09
N LEU F 784 -49.50 -24.06 24.30
CA LEU F 784 -50.26 -23.96 25.53
C LEU F 784 -50.21 -22.51 26.00
N VAL F 785 -51.29 -21.79 25.78
CA VAL F 785 -51.41 -20.38 26.17
C VAL F 785 -52.36 -20.32 27.36
N VAL F 786 -51.84 -19.93 28.52
CA VAL F 786 -52.64 -19.83 29.73
C VAL F 786 -51.86 -19.02 30.75
N GLU F 787 -52.56 -18.48 31.75
CA GLU F 787 -51.91 -17.69 32.78
C GLU F 787 -50.96 -18.57 33.60
N GLU F 788 -49.91 -17.94 34.14
CA GLU F 788 -48.84 -18.69 34.80
C GLU F 788 -49.31 -19.31 36.11
N ASP F 789 -50.18 -18.63 36.85
CA ASP F 789 -50.65 -19.20 38.12
C ASP F 789 -51.39 -20.50 37.92
N LEU F 790 -52.30 -20.55 36.93
CA LEU F 790 -52.95 -21.80 36.59
C LEU F 790 -52.00 -22.75 35.89
N PHE F 791 -50.99 -22.21 35.21
CA PHE F 791 -49.99 -23.06 34.56
C PHE F 791 -49.20 -23.88 35.57
N SER F 792 -48.89 -23.30 36.73
CA SER F 792 -48.13 -24.01 37.76
C SER F 792 -48.95 -25.13 38.41
N THR F 793 -50.28 -25.13 38.25
CA THR F 793 -51.11 -26.21 38.74
C THR F 793 -50.98 -27.48 37.91
N LEU F 794 -50.30 -27.42 36.77
CA LEU F 794 -50.08 -28.60 35.95
C LEU F 794 -49.23 -29.61 36.71
N PRO F 795 -49.43 -30.90 36.45
CA PRO F 795 -48.57 -31.91 37.05
C PRO F 795 -47.13 -31.70 36.61
N PRO F 796 -46.16 -32.03 37.47
CA PRO F 796 -44.75 -31.82 37.10
C PRO F 796 -44.33 -32.57 35.87
N GLU F 797 -44.87 -33.77 35.65
CA GLU F 797 -44.58 -34.49 34.41
C GLU F 797 -45.10 -33.73 33.20
N VAL F 798 -46.29 -33.15 33.31
CA VAL F 798 -46.80 -32.29 32.23
C VAL F 798 -45.89 -31.08 32.05
N LYS F 799 -45.43 -30.50 33.16
CA LYS F 799 -44.53 -29.35 33.08
C LYS F 799 -43.28 -29.69 32.26
N GLU F 800 -42.61 -30.79 32.61
CA GLU F 800 -41.36 -31.12 31.95
C GLU F 800 -41.59 -31.57 30.51
N ARG F 801 -42.69 -32.27 30.25
CA ARG F 801 -42.98 -32.67 28.88
C ARG F 801 -43.22 -31.46 27.99
N LEU F 802 -44.00 -30.49 28.48
CA LEU F 802 -44.25 -29.28 27.69
C LEU F 802 -42.96 -28.48 27.50
N TRP F 803 -42.15 -28.37 28.55
CA TRP F 803 -40.89 -27.62 28.43
C TRP F 803 -39.96 -28.28 27.43
N ARG F 804 -39.82 -29.61 27.47
CA ARG F 804 -38.93 -30.30 26.55
C ARG F 804 -39.47 -30.26 25.12
N ALA F 805 -40.79 -30.25 24.96
CA ALA F 805 -41.36 -30.02 23.64
C ALA F 805 -41.01 -28.63 23.14
N ASP F 806 -41.02 -27.64 24.03
CA ASP F 806 -40.64 -26.29 23.63
C ASP F 806 -39.16 -26.20 23.26
N LYS F 807 -38.29 -26.90 23.99
CA LYS F 807 -36.86 -26.83 23.71
C LYS F 807 -36.53 -27.39 22.33
N GLU F 808 -37.18 -28.48 21.95
CA GLU F 808 -36.94 -29.12 20.66
C GLU F 808 -38.12 -28.95 19.73
N GLN G 5 18.85 -30.41 20.93
CA GLN G 5 18.54 -30.12 22.32
C GLN G 5 19.76 -29.56 23.05
N VAL G 6 20.42 -30.42 23.82
CA VAL G 6 21.58 -30.03 24.62
C VAL G 6 22.79 -30.79 24.11
N GLN G 7 23.86 -30.06 23.82
CA GLN G 7 25.09 -30.64 23.30
C GLN G 7 26.26 -30.25 24.20
N LEU G 8 27.22 -31.16 24.31
CA LEU G 8 28.37 -30.97 25.18
C LEU G 8 29.65 -31.11 24.36
N VAL G 9 30.62 -30.25 24.68
CA VAL G 9 31.93 -30.27 24.03
C VAL G 9 33.00 -30.24 25.11
N GLU G 10 33.92 -31.19 25.05
CA GLU G 10 34.95 -31.35 26.08
C GLU G 10 36.34 -31.46 25.47
N SER G 11 37.33 -31.17 26.29
CA SER G 11 38.73 -31.25 25.90
C SER G 11 39.60 -31.17 27.15
N GLY G 12 40.90 -31.26 26.96
CA GLY G 12 41.85 -31.11 28.04
C GLY G 12 42.51 -32.38 28.54
N GLY G 13 42.27 -33.52 27.91
CA GLY G 13 42.91 -34.75 28.30
C GLY G 13 44.05 -35.18 27.39
N GLY G 14 44.28 -36.49 27.30
CA GLY G 14 45.29 -37.04 26.43
C GLY G 14 46.26 -37.94 27.20
N SER G 15 47.52 -37.95 26.77
CA SER G 15 48.54 -38.81 27.32
C SER G 15 49.35 -38.08 28.38
N VAL G 16 49.38 -38.65 29.58
CA VAL G 16 50.13 -38.10 30.71
C VAL G 16 50.81 -39.27 31.42
N GLN G 17 51.78 -38.94 32.25
CA GLN G 17 52.49 -39.91 33.07
C GLN G 17 51.88 -39.98 34.46
N ALA G 18 52.01 -41.15 35.08
CA ALA G 18 51.69 -41.25 36.50
C ALA G 18 52.61 -40.34 37.29
N GLY G 19 52.04 -39.32 37.92
CA GLY G 19 52.79 -38.23 38.47
C GLY G 19 52.77 -36.96 37.65
N GLY G 20 52.05 -36.95 36.54
CA GLY G 20 51.79 -35.75 35.76
C GLY G 20 50.59 -35.01 36.30
N SER G 21 50.04 -34.13 35.47
CA SER G 21 48.82 -33.41 35.83
C SER G 21 48.02 -33.11 34.57
N LEU G 22 46.71 -32.97 34.75
CA LEU G 22 45.80 -32.65 33.66
C LEU G 22 44.73 -31.70 34.15
N ARG G 23 44.15 -30.95 33.22
CA ARG G 23 43.04 -30.03 33.49
C ARG G 23 41.95 -30.36 32.48
N LEU G 24 41.05 -31.27 32.86
CA LEU G 24 39.93 -31.60 31.99
C LEU G 24 38.90 -30.48 32.02
N SER G 25 38.10 -30.41 30.96
CA SER G 25 37.11 -29.36 30.83
C SER G 25 36.01 -29.80 29.87
N CYS G 26 34.88 -29.09 29.94
CA CYS G 26 33.78 -29.31 29.03
C CYS G 26 32.88 -28.08 29.06
N ALA G 27 32.45 -27.65 27.88
CA ALA G 27 31.54 -26.52 27.74
C ALA G 27 30.19 -27.02 27.24
N ALA G 28 29.14 -26.32 27.67
CA ALA G 28 27.77 -26.72 27.38
C ALA G 28 27.14 -25.72 26.42
N SER G 29 26.36 -26.23 25.47
CA SER G 29 25.64 -25.41 24.51
C SER G 29 24.21 -25.91 24.39
N GLY G 30 23.30 -25.01 24.03
CA GLY G 30 21.90 -25.38 23.90
C GLY G 30 21.05 -24.84 25.04
N TYR G 31 20.37 -25.74 25.75
CA TYR G 31 19.61 -25.35 26.94
C TYR G 31 20.48 -25.48 28.18
N ILE G 32 21.09 -24.36 28.58
CA ILE G 32 22.02 -24.38 29.71
C ILE G 32 21.31 -24.31 31.06
N TYR G 33 20.08 -23.79 31.09
CA TYR G 33 19.41 -23.59 32.37
C TYR G 33 18.76 -24.87 32.87
N GLN G 34 18.19 -25.68 31.97
CA GLN G 34 17.40 -26.84 32.37
C GLN G 34 18.23 -27.95 32.98
N ILE G 35 19.56 -27.87 32.91
CA ILE G 35 20.42 -28.94 33.40
C ILE G 35 20.53 -28.81 34.92
N GLU G 36 20.14 -29.87 35.63
CA GLU G 36 20.17 -29.88 37.08
C GLU G 36 21.41 -30.54 37.67
N TYR G 37 21.76 -31.73 37.19
CA TYR G 37 22.87 -32.50 37.75
C TYR G 37 23.98 -32.65 36.74
N LEU G 38 25.21 -32.38 37.17
CA LEU G 38 26.38 -32.41 36.34
C LEU G 38 27.45 -33.27 36.98
N GLY G 39 28.18 -34.00 36.15
CA GLY G 39 29.24 -34.88 36.63
C GLY G 39 30.08 -35.39 35.48
N TRP G 40 31.12 -36.14 35.83
CA TRP G 40 32.00 -36.74 34.85
C TRP G 40 31.83 -38.26 34.85
N PHE G 41 31.91 -38.87 33.67
CA PHE G 41 31.86 -40.32 33.53
C PHE G 41 33.06 -40.77 32.72
N ARG G 42 33.84 -41.70 33.28
CA ARG G 42 34.99 -42.26 32.61
C ARG G 42 34.70 -43.70 32.20
N GLN G 43 35.34 -44.15 31.14
CA GLN G 43 35.15 -45.50 30.63
C GLN G 43 36.49 -46.16 30.36
N ALA G 44 36.79 -47.22 31.11
CA ALA G 44 37.96 -48.03 30.85
C ALA G 44 37.80 -48.79 29.54
N PRO G 45 38.90 -49.23 28.93
CA PRO G 45 38.80 -49.84 27.59
C PRO G 45 38.09 -51.19 27.65
N GLY G 46 36.88 -51.23 27.10
CA GLY G 46 36.06 -52.42 27.14
C GLY G 46 35.29 -52.62 28.43
N LYS G 47 35.43 -51.73 29.41
CA LYS G 47 34.77 -51.85 30.69
C LYS G 47 33.64 -50.84 30.80
N GLU G 48 32.78 -51.07 31.79
CA GLU G 48 31.60 -50.24 32.00
C GLU G 48 32.01 -48.85 32.48
N ARG G 49 31.24 -47.84 32.05
CA ARG G 49 31.53 -46.47 32.41
C ARG G 49 31.32 -46.23 33.91
N GLU G 50 32.09 -45.31 34.45
CA GLU G 50 32.10 -45.02 35.88
C GLU G 50 31.80 -43.54 36.11
N GLY G 51 30.80 -43.27 36.95
CA GLY G 51 30.50 -41.91 37.34
C GLY G 51 31.60 -41.30 38.19
N VAL G 52 32.28 -40.30 37.65
CA VAL G 52 33.47 -39.77 38.32
C VAL G 52 33.08 -38.75 39.38
N ALA G 53 32.18 -37.81 39.03
CA ALA G 53 31.84 -36.72 39.94
C ALA G 53 30.36 -36.40 39.81
N ALA G 54 29.88 -35.54 40.72
CA ALA G 54 28.50 -35.07 40.70
C ALA G 54 28.41 -33.74 41.43
N LEU G 55 27.49 -32.89 40.97
CA LEU G 55 27.37 -31.54 41.50
C LEU G 55 25.93 -31.06 41.35
N ALA G 56 25.40 -30.44 42.40
CA ALA G 56 24.11 -29.79 42.34
C ALA G 56 24.24 -28.44 41.63
N THR G 57 23.24 -28.11 40.81
CA THR G 57 23.33 -26.91 39.98
C THR G 57 23.41 -25.64 40.82
N TRP G 58 22.45 -25.45 41.72
CA TRP G 58 22.43 -24.26 42.56
C TRP G 58 22.49 -24.59 44.04
N ASN G 59 21.97 -25.75 44.44
CA ASN G 59 22.22 -26.24 45.77
C ASN G 59 23.70 -26.42 46.04
N GLY G 60 24.50 -26.62 45.00
CA GLY G 60 25.94 -26.48 45.07
C GLY G 60 26.69 -27.60 45.74
N GLN G 61 26.03 -28.71 46.05
CA GLN G 61 26.69 -29.82 46.73
C GLN G 61 27.46 -30.65 45.71
N THR G 62 28.73 -30.92 46.01
CA THR G 62 29.63 -31.62 45.12
C THR G 62 29.78 -33.07 45.54
N TYR G 63 29.94 -33.95 44.55
CA TYR G 63 30.10 -35.38 44.81
C TYR G 63 31.18 -35.92 43.90
N TYR G 64 31.82 -37.01 44.33
CA TYR G 64 32.91 -37.61 43.58
C TYR G 64 32.93 -39.11 43.81
N ALA G 65 33.55 -39.83 42.87
CA ALA G 65 33.76 -41.25 43.04
C ALA G 65 34.93 -41.51 43.98
N ASP G 66 34.86 -42.63 44.70
CA ASP G 66 35.92 -42.99 45.64
C ASP G 66 37.26 -43.21 44.94
N SER G 67 37.26 -43.77 43.74
CA SER G 67 38.51 -44.07 43.05
C SER G 67 39.25 -42.80 42.66
N VAL G 68 38.55 -41.68 42.52
CA VAL G 68 39.15 -40.41 42.16
C VAL G 68 39.09 -39.39 43.30
N LYS G 69 38.52 -39.76 44.44
CA LYS G 69 38.38 -38.82 45.54
C LYS G 69 39.75 -38.37 46.04
N GLY G 70 39.87 -37.08 46.35
CA GLY G 70 41.11 -36.52 46.82
C GLY G 70 42.15 -36.28 45.74
N ARG G 71 41.88 -36.72 44.51
CA ARG G 71 42.78 -36.55 43.37
C ARG G 71 42.13 -35.80 42.23
N PHE G 72 40.85 -36.07 41.96
CA PHE G 72 40.11 -35.35 40.94
C PHE G 72 39.24 -34.27 41.58
N THR G 73 39.26 -33.08 40.99
CA THR G 73 38.52 -31.93 41.51
C THR G 73 37.64 -31.37 40.41
N VAL G 74 36.34 -31.29 40.65
CA VAL G 74 35.42 -30.74 39.66
C VAL G 74 35.53 -29.22 39.69
N SER G 75 35.24 -28.60 38.54
CA SER G 75 35.20 -27.16 38.44
C SER G 75 34.12 -26.76 37.44
N LEU G 76 33.36 -25.73 37.77
CA LEU G 76 32.30 -25.22 36.93
C LEU G 76 32.43 -23.71 36.80
N ASP G 77 32.26 -23.21 35.58
CA ASP G 77 32.32 -21.77 35.30
C ASP G 77 30.94 -21.35 34.83
N ASN G 78 30.14 -20.81 35.75
CA ASN G 78 28.79 -20.37 35.42
C ASN G 78 28.81 -19.26 34.38
N ALA G 79 29.86 -18.44 34.38
CA ALA G 79 29.93 -17.32 33.44
C ALA G 79 29.97 -17.82 32.00
N LYS G 80 30.75 -18.86 31.73
CA LYS G 80 30.92 -19.38 30.38
C LYS G 80 30.17 -20.68 30.14
N ASN G 81 29.37 -21.15 31.10
CA ASN G 81 28.65 -22.42 31.00
C ASN G 81 29.64 -23.55 30.69
N THR G 82 30.59 -23.71 31.60
CA THR G 82 31.69 -24.65 31.41
C THR G 82 31.86 -25.51 32.65
N VAL G 83 32.17 -26.78 32.44
CA VAL G 83 32.51 -27.69 33.53
C VAL G 83 33.93 -28.19 33.31
N TYR G 84 34.75 -28.03 34.34
CA TYR G 84 36.15 -28.45 34.28
C TYR G 84 36.36 -29.64 35.20
N LEU G 85 37.55 -30.22 35.12
CA LEU G 85 37.98 -31.27 36.04
C LEU G 85 39.49 -31.13 36.18
N GLN G 86 39.95 -30.72 37.35
CA GLN G 86 41.37 -30.50 37.61
C GLN G 86 41.90 -31.62 38.49
N MET G 87 42.91 -32.33 38.01
CA MET G 87 43.48 -33.46 38.72
C MET G 87 45.00 -33.44 38.58
N ASN G 88 45.68 -33.95 39.61
CA ASN G 88 47.14 -34.05 39.62
C ASN G 88 47.54 -35.38 40.25
N SER G 89 48.84 -35.70 40.13
CA SER G 89 49.40 -36.94 40.68
C SER G 89 48.63 -38.16 40.19
N LEU G 90 48.34 -38.19 38.90
CA LEU G 90 47.47 -39.21 38.33
C LEU G 90 48.12 -40.59 38.39
N LYS G 91 47.30 -41.61 38.15
CA LYS G 91 47.72 -43.01 38.21
C LYS G 91 47.29 -43.69 36.93
N PRO G 92 47.94 -44.80 36.56
CA PRO G 92 47.54 -45.52 35.33
C PRO G 92 46.10 -45.98 35.35
N GLU G 93 45.52 -46.11 36.54
CA GLU G 93 44.10 -46.44 36.66
C GLU G 93 43.19 -45.33 36.15
N ASP G 94 43.72 -44.13 35.91
CA ASP G 94 42.93 -43.03 35.37
C ASP G 94 42.89 -43.03 33.85
N THR G 95 43.56 -43.98 33.20
CA THR G 95 43.49 -44.09 31.75
C THR G 95 42.12 -44.64 31.35
N ALA G 96 41.27 -43.78 30.80
CA ALA G 96 39.90 -44.14 30.49
C ALA G 96 39.31 -43.08 29.57
N LEU G 97 38.12 -43.39 29.05
CA LEU G 97 37.40 -42.48 28.17
C LEU G 97 36.37 -41.70 28.97
N TYR G 98 36.53 -40.38 29.00
CA TYR G 98 35.72 -39.51 29.85
C TYR G 98 34.71 -38.78 29.00
N TYR G 99 33.45 -38.79 29.43
CA TYR G 99 32.35 -38.16 28.72
C TYR G 99 31.72 -37.08 29.58
N CYS G 100 31.41 -35.95 28.96
CA CYS G 100 30.70 -34.88 29.64
C CYS G 100 29.28 -35.33 29.94
N ALA G 101 28.85 -35.15 31.18
CA ALA G 101 27.58 -35.68 31.65
C ALA G 101 26.71 -34.57 32.22
N ALA G 102 25.47 -34.52 31.78
CA ALA G 102 24.50 -33.53 32.23
C ALA G 102 23.14 -34.19 32.43
N ALA G 103 22.45 -33.80 33.50
CA ALA G 103 21.15 -34.37 33.81
C ALA G 103 20.20 -33.25 34.20
N TYR G 104 18.99 -33.28 33.65
CA TYR G 104 17.98 -32.29 33.99
C TYR G 104 17.35 -32.63 35.34
N GLU G 105 16.28 -31.91 35.68
CA GLU G 105 15.72 -31.97 37.02
C GLU G 105 14.96 -33.27 37.26
N GLY G 106 14.74 -33.56 38.54
CA GLY G 106 14.01 -34.73 38.97
C GLY G 106 14.86 -35.93 39.31
N ASP G 107 16.09 -35.97 38.80
CA ASP G 107 16.98 -37.11 39.00
C ASP G 107 18.02 -36.81 40.07
N THR G 108 18.35 -37.83 40.85
CA THR G 108 19.34 -37.74 41.91
C THR G 108 20.40 -38.81 41.73
N SER G 109 20.88 -38.96 40.50
CA SER G 109 21.91 -39.94 40.18
C SER G 109 23.29 -39.27 40.26
N PRO G 110 24.03 -39.49 41.33
CA PRO G 110 25.36 -38.86 41.45
C PRO G 110 26.33 -39.38 40.40
N LEU G 111 26.54 -40.69 40.37
CA LEU G 111 27.54 -41.31 39.52
C LEU G 111 26.95 -42.39 38.62
N TYR G 112 25.64 -42.36 38.37
CA TYR G 112 24.96 -43.42 37.62
C TYR G 112 24.47 -42.83 36.30
N TYR G 113 24.90 -43.43 35.20
CA TYR G 113 24.54 -43.05 33.83
C TYR G 113 23.17 -43.50 33.45
N GLU G 114 22.42 -44.02 34.42
CA GLU G 114 21.10 -44.57 34.15
C GLU G 114 20.15 -43.50 33.62
N GLU G 115 20.17 -42.31 34.21
CA GLU G 115 19.17 -41.30 33.92
C GLU G 115 19.72 -40.01 33.32
N TYR G 116 21.03 -39.88 33.18
CA TYR G 116 21.57 -38.74 32.45
C TYR G 116 21.13 -38.82 31.00
N GLY G 117 20.75 -37.68 30.43
CA GLY G 117 20.14 -37.67 29.12
C GLY G 117 20.96 -37.01 28.03
N TYR G 118 22.19 -36.58 28.36
CA TYR G 118 23.04 -35.93 27.39
C TYR G 118 24.50 -36.27 27.67
N TRP G 119 25.24 -36.61 26.61
CA TRP G 119 26.63 -37.01 26.73
C TRP G 119 27.45 -36.28 25.67
N GLY G 120 28.72 -36.04 26.00
CA GLY G 120 29.63 -35.35 25.11
C GLY G 120 30.28 -36.30 24.13
N GLN G 121 31.27 -35.76 23.40
CA GLN G 121 31.99 -36.54 22.40
C GLN G 121 32.86 -37.63 23.01
N GLY G 122 33.55 -37.33 24.11
CA GLY G 122 34.44 -38.28 24.73
C GLY G 122 35.91 -37.98 24.47
N THR G 123 36.67 -37.75 25.54
CA THR G 123 38.09 -37.45 25.44
C THR G 123 38.89 -38.57 26.09
N GLN G 124 39.82 -39.13 25.33
CA GLN G 124 40.67 -40.20 25.84
C GLN G 124 41.72 -39.62 26.77
N VAL G 125 41.81 -40.19 27.96
CA VAL G 125 42.82 -39.81 28.94
C VAL G 125 43.76 -41.00 29.08
N THR G 126 45.06 -40.76 28.88
CA THR G 126 46.08 -41.80 28.98
C THR G 126 47.06 -41.44 30.09
N VAL G 127 47.14 -42.31 31.09
CA VAL G 127 48.14 -42.20 32.15
C VAL G 127 48.96 -43.48 32.13
N SER G 128 50.27 -43.35 31.91
CA SER G 128 51.16 -44.50 31.84
C SER G 128 51.87 -44.72 33.16
N GLN H 5 -37.78 -3.13 16.95
CA GLN H 5 -38.71 -2.72 15.91
C GLN H 5 -39.29 -1.35 16.21
N VAL H 6 -40.50 -1.35 16.77
CA VAL H 6 -41.23 -0.12 17.08
C VAL H 6 -41.50 -0.08 18.58
N GLN H 7 -41.18 1.04 19.21
CA GLN H 7 -41.38 1.24 20.63
C GLN H 7 -42.22 2.49 20.86
N LEU H 8 -42.99 2.48 21.93
CA LEU H 8 -43.87 3.58 22.27
C LEU H 8 -43.56 4.06 23.68
N VAL H 9 -43.58 5.38 23.86
CA VAL H 9 -43.35 6.00 25.15
C VAL H 9 -44.45 7.02 25.39
N GLU H 10 -45.06 6.99 26.58
CA GLU H 10 -46.25 7.76 26.87
C GLU H 10 -46.17 8.39 28.26
N SER H 11 -46.97 9.45 28.44
CA SER H 11 -47.10 10.12 29.73
C SER H 11 -48.31 11.04 29.66
N GLY H 12 -48.52 11.78 30.75
CA GLY H 12 -49.58 12.78 30.80
C GLY H 12 -50.78 12.43 31.63
N GLY H 13 -50.79 11.28 32.28
CA GLY H 13 -51.89 10.88 33.14
C GLY H 13 -51.59 11.10 34.61
N GLY H 14 -52.20 10.26 35.45
CA GLY H 14 -51.96 10.29 36.88
C GLY H 14 -53.28 10.36 37.66
N SER H 15 -53.24 11.06 38.79
CA SER H 15 -54.38 11.17 39.68
C SER H 15 -55.05 12.52 39.48
N VAL H 16 -56.35 12.48 39.18
CA VAL H 16 -57.16 13.66 38.94
C VAL H 16 -58.49 13.47 39.63
N GLN H 17 -59.26 14.55 39.74
CA GLN H 17 -60.59 14.52 40.33
C GLN H 17 -61.65 14.50 39.24
N ALA H 18 -62.84 14.04 39.61
CA ALA H 18 -63.99 14.20 38.74
C ALA H 18 -64.26 15.68 38.53
N GLY H 19 -64.05 16.14 37.31
CA GLY H 19 -64.02 17.55 37.02
C GLY H 19 -62.63 18.14 36.91
N GLY H 20 -61.59 17.31 37.07
CA GLY H 20 -60.23 17.71 36.78
C GLY H 20 -59.94 17.58 35.30
N SER H 21 -58.69 17.84 34.93
CA SER H 21 -58.29 17.77 33.54
C SER H 21 -56.93 17.10 33.43
N LEU H 22 -56.72 16.44 32.29
CA LEU H 22 -55.47 15.77 31.98
C LEU H 22 -55.14 15.96 30.51
N ARG H 23 -53.86 15.87 30.19
CA ARG H 23 -53.37 15.95 28.82
C ARG H 23 -52.51 14.72 28.59
N LEU H 24 -53.15 13.62 28.18
CA LEU H 24 -52.40 12.39 27.89
C LEU H 24 -51.64 12.54 26.58
N SER H 25 -50.55 11.79 26.47
CA SER H 25 -49.68 11.87 25.31
C SER H 25 -48.89 10.57 25.18
N CYS H 26 -48.35 10.36 23.99
CA CYS H 26 -47.45 9.23 23.73
C CYS H 26 -46.50 9.61 22.62
N ALA H 27 -45.21 9.48 22.89
CA ALA H 27 -44.16 9.76 21.90
C ALA H 27 -43.76 8.47 21.22
N ALA H 28 -43.64 8.53 19.90
CA ALA H 28 -43.40 7.34 19.08
C ALA H 28 -41.95 7.35 18.60
N SER H 29 -41.29 6.20 18.74
CA SER H 29 -39.92 6.02 18.27
C SER H 29 -39.82 4.72 17.48
N GLY H 30 -38.80 4.63 16.63
CA GLY H 30 -38.56 3.43 15.85
C GLY H 30 -38.94 3.64 14.39
N TYR H 31 -39.72 2.72 13.85
CA TYR H 31 -40.24 2.86 12.48
C TYR H 31 -41.53 3.66 12.53
N ILE H 32 -41.48 4.89 12.05
CA ILE H 32 -42.63 5.79 12.12
C ILE H 32 -43.48 5.76 10.86
N TYR H 33 -42.92 5.39 9.71
CA TYR H 33 -43.69 5.43 8.47
C TYR H 33 -44.66 4.27 8.35
N GLN H 34 -44.25 3.09 8.81
CA GLN H 34 -45.02 1.87 8.55
C GLN H 34 -46.33 1.81 9.30
N ILE H 35 -46.54 2.70 10.28
CA ILE H 35 -47.70 2.61 11.16
C ILE H 35 -48.88 3.28 10.46
N GLU H 36 -49.99 2.54 10.31
CA GLU H 36 -51.18 3.05 9.64
C GLU H 36 -52.29 3.41 10.61
N TYR H 37 -52.57 2.57 11.60
CA TYR H 37 -53.64 2.80 12.54
C TYR H 37 -53.08 3.14 13.91
N LEU H 38 -53.56 4.24 14.47
CA LEU H 38 -53.12 4.73 15.77
C LEU H 38 -54.32 5.02 16.64
N GLY H 39 -54.21 4.66 17.91
CA GLY H 39 -55.31 4.82 18.84
C GLY H 39 -54.86 4.65 20.27
N TRP H 40 -55.82 4.77 21.19
CA TRP H 40 -55.57 4.64 22.62
C TRP H 40 -56.30 3.42 23.16
N PHE H 41 -55.67 2.74 24.12
CA PHE H 41 -56.27 1.59 24.79
C PHE H 41 -56.16 1.79 26.30
N ARG H 42 -57.28 1.66 27.00
CA ARG H 42 -57.30 1.75 28.45
C ARG H 42 -57.71 0.40 29.04
N GLN H 43 -57.21 0.12 30.24
CA GLN H 43 -57.53 -1.13 30.92
C GLN H 43 -57.99 -0.85 32.34
N ALA H 44 -59.23 -1.22 32.63
CA ALA H 44 -59.77 -1.13 33.98
C ALA H 44 -59.06 -2.13 34.88
N PRO H 45 -59.08 -1.91 36.19
CA PRO H 45 -58.32 -2.78 37.11
C PRO H 45 -58.89 -4.20 37.12
N GLY H 46 -58.16 -5.13 36.52
CA GLY H 46 -58.58 -6.50 36.41
C GLY H 46 -59.51 -6.80 35.26
N LYS H 47 -59.93 -5.79 34.50
CA LYS H 47 -60.87 -5.95 33.40
C LYS H 47 -60.16 -5.87 32.06
N GLU H 48 -60.91 -6.20 31.02
CA GLU H 48 -60.39 -6.23 29.66
C GLU H 48 -60.07 -4.82 29.16
N ARG H 49 -59.04 -4.71 28.33
CA ARG H 49 -58.66 -3.43 27.77
C ARG H 49 -59.70 -2.93 26.77
N GLU H 50 -59.86 -1.61 26.74
CA GLU H 50 -60.83 -0.94 25.89
C GLU H 50 -60.12 -0.04 24.90
N GLY H 51 -60.38 -0.24 23.61
CA GLY H 51 -59.88 0.67 22.60
C GLY H 51 -60.51 2.04 22.74
N VAL H 52 -59.71 3.02 23.13
CA VAL H 52 -60.24 4.34 23.46
C VAL H 52 -60.49 5.14 22.19
N ALA H 53 -59.51 5.19 21.29
CA ALA H 53 -59.61 6.04 20.11
C ALA H 53 -58.95 5.36 18.92
N ALA H 54 -59.11 5.98 17.75
CA ALA H 54 -58.50 5.50 16.52
C ALA H 54 -58.39 6.63 15.51
N LEU H 55 -57.32 6.60 14.73
CA LEU H 55 -57.05 7.65 13.75
C LEU H 55 -56.25 7.07 12.59
N ALA H 56 -56.66 7.43 11.37
CA ALA H 56 -55.92 7.02 10.17
C ALA H 56 -54.64 7.82 10.05
N THR H 57 -53.58 7.17 9.54
CA THR H 57 -52.28 7.82 9.48
C THR H 57 -52.30 9.03 8.56
N TRP H 58 -52.77 8.85 7.33
CA TRP H 58 -52.81 9.95 6.37
C TRP H 58 -54.23 10.24 5.88
N ASN H 59 -55.08 9.22 5.82
CA ASN H 59 -56.49 9.45 5.55
C ASN H 59 -57.12 10.36 6.59
N GLY H 60 -56.57 10.38 7.81
CA GLY H 60 -56.86 11.39 8.80
C GLY H 60 -58.20 11.28 9.48
N GLN H 61 -58.91 10.17 9.34
CA GLN H 61 -60.22 10.01 9.95
C GLN H 61 -60.04 9.59 11.41
N THR H 62 -60.81 10.21 12.30
CA THR H 62 -60.69 9.99 13.73
C THR H 62 -61.82 9.10 14.22
N TYR H 63 -61.50 8.26 15.21
CA TYR H 63 -62.48 7.36 15.80
C TYR H 63 -62.28 7.33 17.31
N TYR H 64 -63.37 7.09 18.04
CA TYR H 64 -63.32 7.07 19.49
C TYR H 64 -64.35 6.08 20.03
N ALA H 65 -64.10 5.61 21.25
CA ALA H 65 -65.08 4.80 21.95
C ALA H 65 -66.21 5.67 22.49
N ASP H 66 -67.41 5.09 22.55
CA ASP H 66 -68.56 5.82 23.08
C ASP H 66 -68.38 6.26 24.52
N SER H 67 -67.66 5.50 25.33
CA SER H 67 -67.48 5.85 26.73
C SER H 67 -66.66 7.13 26.89
N VAL H 68 -65.76 7.41 25.95
CA VAL H 68 -64.94 8.62 26.00
C VAL H 68 -65.32 9.61 24.91
N LYS H 69 -66.38 9.32 24.15
CA LYS H 69 -66.80 10.20 23.08
C LYS H 69 -67.20 11.56 23.63
N GLY H 70 -66.68 12.62 23.00
CA GLY H 70 -67.01 13.98 23.39
C GLY H 70 -66.33 14.47 24.65
N ARG H 71 -65.60 13.61 25.35
CA ARG H 71 -64.86 14.00 26.55
C ARG H 71 -63.36 13.86 26.36
N PHE H 72 -62.92 12.83 25.65
CA PHE H 72 -61.51 12.68 25.28
C PHE H 72 -61.35 13.02 23.80
N THR H 73 -60.27 13.73 23.49
CA THR H 73 -59.99 14.14 22.12
C THR H 73 -58.56 13.74 21.78
N VAL H 74 -58.38 12.96 20.73
CA VAL H 74 -57.07 12.52 20.30
C VAL H 74 -56.40 13.64 19.51
N SER H 75 -55.09 13.76 19.67
CA SER H 75 -54.29 14.69 18.90
C SER H 75 -52.96 14.04 18.56
N LEU H 76 -52.52 14.24 17.32
CA LEU H 76 -51.25 13.70 16.84
C LEU H 76 -50.36 14.86 16.41
N ASP H 77 -49.08 14.77 16.74
CA ASP H 77 -48.08 15.76 16.34
C ASP H 77 -47.09 15.07 15.41
N ASN H 78 -47.30 15.22 14.10
CA ASN H 78 -46.44 14.59 13.10
C ASN H 78 -45.01 15.09 13.16
N ALA H 79 -44.80 16.31 13.65
CA ALA H 79 -43.46 16.88 13.69
C ALA H 79 -42.54 16.07 14.59
N LYS H 80 -43.04 15.63 15.75
CA LYS H 80 -42.21 14.98 16.75
C LYS H 80 -42.58 13.53 16.98
N ASN H 81 -43.42 12.95 16.12
CA ASN H 81 -43.86 11.56 16.26
C ASN H 81 -44.52 11.35 17.63
N THR H 82 -45.58 12.09 17.86
CA THR H 82 -46.26 12.07 19.15
C THR H 82 -47.76 11.97 18.94
N VAL H 83 -48.41 11.14 19.76
CA VAL H 83 -49.86 11.03 19.79
C VAL H 83 -50.32 11.47 21.16
N TYR H 84 -51.18 12.49 21.20
CA TYR H 84 -51.66 13.07 22.44
C TYR H 84 -53.09 12.59 22.72
N LEU H 85 -53.62 13.06 23.84
CA LEU H 85 -55.03 12.84 24.19
C LEU H 85 -55.42 13.94 25.15
N GLN H 86 -56.25 14.86 24.69
CA GLN H 86 -56.70 15.99 25.49
C GLN H 86 -58.02 15.63 26.16
N MET H 87 -58.09 15.81 27.47
CA MET H 87 -59.19 15.32 28.28
C MET H 87 -59.58 16.37 29.31
N ASN H 88 -60.88 16.60 29.46
CA ASN H 88 -61.42 17.53 30.44
C ASN H 88 -62.69 16.96 31.05
N SER H 89 -63.08 17.50 32.20
CA SER H 89 -64.32 17.12 32.89
C SER H 89 -64.39 15.60 33.10
N LEU H 90 -63.29 15.02 33.57
CA LEU H 90 -63.17 13.57 33.63
C LEU H 90 -64.11 12.98 34.69
N LYS H 91 -64.33 11.67 34.58
CA LYS H 91 -65.24 10.95 35.44
C LYS H 91 -64.49 9.80 36.08
N PRO H 92 -64.98 9.28 37.23
CA PRO H 92 -64.30 8.15 37.88
C PRO H 92 -64.22 6.92 37.00
N GLU H 93 -65.09 6.83 36.00
CA GLU H 93 -65.03 5.75 35.02
C GLU H 93 -63.79 5.81 34.15
N ASP H 94 -63.04 6.92 34.18
CA ASP H 94 -61.82 7.07 33.40
C ASP H 94 -60.59 6.55 34.13
N THR H 95 -60.76 6.03 35.35
CA THR H 95 -59.63 5.47 36.08
C THR H 95 -59.29 4.10 35.51
N ALA H 96 -58.17 4.03 34.80
CA ALA H 96 -57.78 2.81 34.09
C ALA H 96 -56.33 2.95 33.65
N LEU H 97 -55.78 1.84 33.17
CA LEU H 97 -54.41 1.80 32.65
C LEU H 97 -54.44 1.97 31.14
N TYR H 98 -53.80 3.03 30.65
CA TYR H 98 -53.86 3.42 29.26
C TYR H 98 -52.55 3.06 28.57
N TYR H 99 -52.65 2.37 27.44
CA TYR H 99 -51.48 1.91 26.69
C TYR H 99 -51.49 2.54 25.30
N CYS H 100 -50.31 2.99 24.87
CA CYS H 100 -50.16 3.53 23.53
C CYS H 100 -50.34 2.43 22.49
N ALA H 101 -51.14 2.71 21.47
CA ALA H 101 -51.50 1.70 20.48
C ALA H 101 -51.10 2.15 19.09
N ALA H 102 -50.39 1.28 18.36
CA ALA H 102 -49.96 1.55 17.00
C ALA H 102 -50.09 0.27 16.19
N ALA H 103 -50.57 0.40 14.95
CA ALA H 103 -50.77 -0.74 14.07
C ALA H 103 -50.25 -0.42 12.68
N TYR H 104 -49.51 -1.35 12.10
CA TYR H 104 -48.99 -1.17 10.74
C TYR H 104 -50.12 -1.32 9.72
N GLU H 105 -49.76 -1.21 8.45
CA GLU H 105 -50.73 -1.14 7.36
C GLU H 105 -51.46 -2.46 7.17
N GLY H 106 -52.61 -2.38 6.51
CA GLY H 106 -53.42 -3.54 6.20
C GLY H 106 -54.57 -3.78 7.15
N ASP H 107 -54.52 -3.20 8.35
CA ASP H 107 -55.54 -3.42 9.36
C ASP H 107 -56.51 -2.25 9.42
N THR H 108 -57.76 -2.57 9.74
CA THR H 108 -58.82 -1.58 9.91
C THR H 108 -59.49 -1.77 11.25
N SER H 109 -58.70 -1.92 12.30
CA SER H 109 -59.22 -2.14 13.65
C SER H 109 -59.22 -0.83 14.42
N PRO H 110 -60.38 -0.21 14.62
CA PRO H 110 -60.43 1.06 15.37
C PRO H 110 -60.05 0.90 16.83
N LEU H 111 -60.76 0.04 17.54
CA LEU H 111 -60.61 -0.10 18.98
C LEU H 111 -60.30 -1.53 19.41
N TYR H 112 -59.77 -2.36 18.52
CA TYR H 112 -59.55 -3.77 18.80
C TYR H 112 -58.05 -4.05 18.85
N TYR H 113 -57.60 -4.60 19.96
CA TYR H 113 -56.21 -4.96 20.19
C TYR H 113 -55.84 -6.28 19.57
N GLU H 114 -56.74 -6.81 18.74
CA GLU H 114 -56.52 -8.12 18.15
C GLU H 114 -55.32 -8.11 17.22
N GLU H 115 -55.15 -7.04 16.43
CA GLU H 115 -54.14 -7.03 15.38
C GLU H 115 -53.08 -5.95 15.55
N TYR H 116 -53.22 -5.06 16.51
CA TYR H 116 -52.14 -4.11 16.78
C TYR H 116 -50.90 -4.87 17.24
N GLY H 117 -49.73 -4.39 16.81
CA GLY H 117 -48.52 -5.14 17.05
C GLY H 117 -47.49 -4.46 17.94
N TYR H 118 -47.83 -3.32 18.51
CA TYR H 118 -46.90 -2.57 19.34
C TYR H 118 -47.65 -1.81 20.43
N TRP H 119 -47.14 -1.89 21.65
CA TRP H 119 -47.76 -1.27 22.80
C TRP H 119 -46.70 -0.59 23.66
N GLY H 120 -47.13 0.46 24.38
CA GLY H 120 -46.25 1.17 25.28
C GLY H 120 -46.21 0.57 26.66
N GLN H 121 -45.55 1.28 27.57
CA GLN H 121 -45.44 0.84 28.95
C GLN H 121 -46.75 0.88 29.70
N GLY H 122 -47.55 1.92 29.49
CA GLY H 122 -48.82 2.05 30.18
C GLY H 122 -48.79 3.08 31.29
N THR H 123 -49.67 4.08 31.22
CA THR H 123 -49.75 5.12 32.24
C THR H 123 -51.09 5.01 32.96
N GLN H 124 -51.02 4.98 34.29
CA GLN H 124 -52.20 4.88 35.12
C GLN H 124 -52.90 6.22 35.19
N VAL H 125 -54.21 6.22 34.98
CA VAL H 125 -55.03 7.41 35.11
C VAL H 125 -55.97 7.19 36.29
N THR H 126 -55.99 8.13 37.22
CA THR H 126 -56.83 8.04 38.41
C THR H 126 -57.78 9.22 38.46
N VAL H 127 -59.08 8.94 38.45
CA VAL H 127 -60.11 9.94 38.66
C VAL H 127 -60.95 9.49 39.85
N SER H 128 -61.08 10.38 40.83
CA SER H 128 -61.84 10.06 42.04
C SER H 128 -63.18 10.78 42.03
N GLN I 5 -7.15 -20.04 -35.56
CA GLN I 5 -5.89 -20.66 -35.93
C GLN I 5 -5.25 -19.94 -37.11
N VAL I 6 -5.37 -20.56 -38.30
CA VAL I 6 -4.78 -20.03 -39.52
C VAL I 6 -5.90 -19.76 -40.52
N GLN I 7 -5.89 -18.56 -41.10
CA GLN I 7 -6.91 -18.15 -42.05
C GLN I 7 -6.24 -17.64 -43.31
N LEU I 8 -6.94 -17.78 -44.44
CA LEU I 8 -6.44 -17.36 -45.73
C LEU I 8 -7.46 -16.46 -46.40
N VAL I 9 -6.96 -15.52 -47.21
CA VAL I 9 -7.80 -14.57 -47.94
C VAL I 9 -7.34 -14.54 -49.39
N GLU I 10 -8.30 -14.65 -50.32
CA GLU I 10 -8.00 -14.71 -51.74
C GLU I 10 -8.59 -13.50 -52.47
N SER I 11 -7.92 -13.14 -53.57
CA SER I 11 -8.38 -12.08 -54.46
C SER I 11 -7.59 -12.18 -55.77
N GLY I 12 -8.04 -11.42 -56.76
CA GLY I 12 -7.36 -11.36 -58.05
C GLY I 12 -7.97 -12.20 -59.14
N GLY I 13 -9.07 -12.90 -58.87
CA GLY I 13 -9.71 -13.73 -59.88
C GLY I 13 -10.94 -13.13 -60.51
N GLY I 14 -11.75 -13.97 -61.15
CA GLY I 14 -13.00 -13.55 -61.77
C GLY I 14 -13.10 -14.04 -63.21
N SER I 15 -14.04 -13.43 -63.94
CA SER I 15 -14.31 -13.80 -65.31
C SER I 15 -13.28 -13.16 -66.24
N VAL I 16 -12.66 -14.00 -67.08
CA VAL I 16 -11.67 -13.52 -68.04
C VAL I 16 -11.89 -14.28 -69.34
N GLN I 17 -11.32 -13.78 -70.43
CA GLN I 17 -11.42 -14.40 -71.74
C GLN I 17 -10.25 -15.35 -71.98
N ALA I 18 -10.49 -16.36 -72.80
CA ALA I 18 -9.37 -17.16 -73.29
C ALA I 18 -8.43 -16.28 -74.10
N GLY I 19 -7.24 -16.05 -73.56
CA GLY I 19 -6.34 -15.06 -74.08
C GLY I 19 -6.24 -13.80 -73.26
N GLY I 20 -6.95 -13.72 -72.14
CA GLY I 20 -6.83 -12.62 -71.20
C GLY I 20 -5.66 -12.82 -70.26
N SER I 21 -5.64 -12.04 -69.17
CA SER I 21 -4.61 -12.18 -68.16
C SER I 21 -5.26 -12.13 -66.79
N LEU I 22 -4.69 -12.91 -65.87
CA LEU I 22 -5.10 -12.93 -64.48
C LEU I 22 -3.86 -13.01 -63.60
N ARG I 23 -3.97 -12.40 -62.42
CA ARG I 23 -2.92 -12.47 -61.40
C ARG I 23 -3.62 -12.86 -60.10
N LEU I 24 -3.77 -14.17 -59.90
CA LEU I 24 -4.39 -14.65 -58.67
C LEU I 24 -3.44 -14.48 -57.49
N SER I 25 -4.01 -14.23 -56.32
CA SER I 25 -3.22 -13.98 -55.13
C SER I 25 -3.96 -14.49 -53.90
N CYS I 26 -3.20 -14.70 -52.83
CA CYS I 26 -3.77 -15.05 -51.54
C CYS I 26 -2.84 -14.55 -50.44
N ALA I 27 -3.42 -13.88 -49.46
CA ALA I 27 -2.68 -13.37 -48.31
C ALA I 27 -2.94 -14.26 -47.11
N ALA I 28 -1.89 -14.50 -46.33
CA ALA I 28 -1.93 -15.43 -45.23
C ALA I 28 -1.85 -14.68 -43.91
N SER I 29 -2.67 -15.09 -42.94
CA SER I 29 -2.66 -14.53 -41.59
C SER I 29 -2.74 -15.66 -40.58
N GLY I 30 -2.19 -15.40 -39.39
CA GLY I 30 -2.23 -16.38 -38.31
C GLY I 30 -0.87 -16.96 -37.98
N TYR I 31 -0.83 -18.27 -37.73
CA TYR I 31 0.44 -18.94 -37.48
C TYR I 31 1.18 -19.16 -38.79
N ILE I 32 1.89 -18.14 -39.26
CA ILE I 32 2.56 -18.19 -40.55
C ILE I 32 3.76 -19.13 -40.54
N TYR I 33 4.39 -19.36 -39.38
CA TYR I 33 5.61 -20.15 -39.34
C TYR I 33 5.32 -21.64 -39.48
N GLN I 34 4.24 -22.11 -38.85
CA GLN I 34 3.98 -23.55 -38.78
C GLN I 34 3.64 -24.18 -40.12
N ILE I 35 3.34 -23.37 -41.14
CA ILE I 35 2.90 -23.89 -42.43
C ILE I 35 4.11 -24.34 -43.24
N GLU I 36 4.11 -25.61 -43.64
CA GLU I 36 5.22 -26.17 -44.41
C GLU I 36 4.90 -26.28 -45.89
N TYR I 37 3.69 -26.70 -46.25
CA TYR I 37 3.33 -26.88 -47.64
C TYR I 37 2.22 -25.92 -48.04
N LEU I 38 2.46 -25.19 -49.12
CA LEU I 38 1.53 -24.23 -49.68
C LEU I 38 1.26 -24.58 -51.14
N GLY I 39 -0.01 -24.58 -51.52
CA GLY I 39 -0.39 -24.97 -52.86
C GLY I 39 -1.71 -24.32 -53.25
N TRP I 40 -2.03 -24.41 -54.53
CA TRP I 40 -3.27 -23.89 -55.06
C TRP I 40 -4.20 -25.02 -55.46
N PHE I 41 -5.49 -24.86 -55.18
CA PHE I 41 -6.51 -25.83 -55.53
C PHE I 41 -7.58 -25.15 -56.37
N ARG I 42 -8.03 -25.87 -57.41
CA ARG I 42 -9.13 -25.41 -58.24
C ARG I 42 -10.24 -26.45 -58.21
N GLN I 43 -11.49 -25.99 -58.30
CA GLN I 43 -12.64 -26.88 -58.25
C GLN I 43 -13.58 -26.55 -59.39
N ALA I 44 -13.76 -27.48 -60.31
CA ALA I 44 -14.77 -27.35 -61.35
C ALA I 44 -16.16 -27.42 -60.73
N PRO I 45 -17.17 -26.85 -61.38
CA PRO I 45 -18.50 -26.78 -60.75
C PRO I 45 -19.13 -28.16 -60.65
N GLY I 46 -19.22 -28.67 -59.41
CA GLY I 46 -19.76 -29.99 -59.16
C GLY I 46 -18.77 -31.13 -59.32
N LYS I 47 -17.53 -30.85 -59.72
CA LYS I 47 -16.53 -31.86 -59.95
C LYS I 47 -15.50 -31.87 -58.82
N GLU I 48 -14.65 -32.90 -58.85
CA GLU I 48 -13.57 -33.02 -57.87
C GLU I 48 -12.61 -31.85 -57.99
N ARG I 49 -12.19 -31.33 -56.84
CA ARG I 49 -11.22 -30.24 -56.83
C ARG I 49 -9.84 -30.74 -57.24
N GLU I 50 -9.03 -29.83 -57.77
CA GLU I 50 -7.73 -30.17 -58.33
C GLU I 50 -6.65 -29.31 -57.68
N GLY I 51 -5.63 -29.95 -57.12
CA GLY I 51 -4.47 -29.25 -56.63
C GLY I 51 -3.62 -28.68 -57.74
N VAL I 52 -3.59 -27.35 -57.84
CA VAL I 52 -2.96 -26.71 -59.00
C VAL I 52 -1.44 -26.68 -58.84
N ALA I 53 -0.96 -26.26 -57.67
CA ALA I 53 0.46 -26.05 -57.48
C ALA I 53 0.87 -26.50 -56.08
N ALA I 54 2.17 -26.51 -55.84
CA ALA I 54 2.72 -26.83 -54.53
C ALA I 54 4.13 -26.26 -54.42
N LEU I 55 4.51 -25.89 -53.19
CA LEU I 55 5.80 -25.28 -52.95
C LEU I 55 6.28 -25.63 -51.55
N ALA I 56 7.56 -26.00 -51.45
CA ALA I 56 8.18 -26.23 -50.14
C ALA I 56 8.48 -24.89 -49.48
N THR I 57 8.13 -24.79 -48.19
CA THR I 57 8.26 -23.51 -47.49
C THR I 57 9.71 -23.06 -47.41
N TRP I 58 10.59 -23.92 -46.90
CA TRP I 58 11.99 -23.56 -46.76
C TRP I 58 12.88 -24.29 -47.75
N ASN I 59 12.58 -25.55 -48.04
CA ASN I 59 13.31 -26.25 -49.08
C ASN I 59 13.13 -25.61 -50.44
N GLY I 60 12.05 -24.85 -50.64
CA GLY I 60 11.89 -23.98 -51.78
C GLY I 60 11.56 -24.66 -53.09
N GLN I 61 11.22 -25.94 -53.09
CA GLN I 61 10.92 -26.66 -54.33
C GLN I 61 9.46 -26.44 -54.69
N THR I 62 9.21 -26.11 -55.96
CA THR I 62 7.88 -25.84 -56.46
C THR I 62 7.31 -27.05 -57.20
N TYR I 63 5.98 -27.17 -57.18
CA TYR I 63 5.31 -28.29 -57.82
C TYR I 63 4.05 -27.78 -58.50
N TYR I 64 3.63 -28.49 -59.55
CA TYR I 64 2.47 -28.08 -60.32
C TYR I 64 1.77 -29.32 -60.89
N ALA I 65 0.50 -29.15 -61.24
CA ALA I 65 -0.25 -30.19 -61.91
C ALA I 65 0.04 -30.19 -63.41
N ASP I 66 -0.16 -31.36 -64.04
CA ASP I 66 0.12 -31.49 -65.46
C ASP I 66 -0.76 -30.57 -66.30
N SER I 67 -1.99 -30.33 -65.88
CA SER I 67 -2.92 -29.54 -66.69
C SER I 67 -2.56 -28.06 -66.74
N VAL I 68 -1.72 -27.59 -65.82
CA VAL I 68 -1.40 -26.17 -65.73
C VAL I 68 0.08 -25.87 -65.92
N LYS I 69 0.90 -26.86 -66.24
CA LYS I 69 2.32 -26.63 -66.40
C LYS I 69 2.59 -25.66 -67.55
N GLY I 70 3.59 -24.81 -67.36
CA GLY I 70 4.04 -23.89 -68.39
C GLY I 70 3.15 -22.69 -68.59
N ARG I 71 1.89 -22.80 -68.21
CA ARG I 71 0.92 -21.71 -68.29
C ARG I 71 0.62 -21.12 -66.92
N PHE I 72 0.77 -21.91 -65.86
CA PHE I 72 0.58 -21.44 -64.50
C PHE I 72 1.92 -21.27 -63.80
N THR I 73 2.04 -20.19 -63.04
CA THR I 73 3.24 -19.90 -62.26
C THR I 73 2.82 -19.52 -60.86
N VAL I 74 3.55 -20.04 -59.87
CA VAL I 74 3.29 -19.70 -58.47
C VAL I 74 4.33 -18.69 -58.02
N SER I 75 3.90 -17.79 -57.13
CA SER I 75 4.79 -16.81 -56.53
C SER I 75 4.38 -16.56 -55.10
N LEU I 76 5.37 -16.53 -54.21
CA LEU I 76 5.16 -16.32 -52.78
C LEU I 76 5.96 -15.10 -52.35
N ASP I 77 5.36 -14.29 -51.46
CA ASP I 77 6.02 -13.12 -50.90
C ASP I 77 6.17 -13.33 -49.41
N ASN I 78 7.37 -13.72 -48.98
CA ASN I 78 7.64 -13.96 -47.56
C ASN I 78 7.55 -12.70 -46.73
N ALA I 79 7.71 -11.53 -47.36
CA ALA I 79 7.68 -10.27 -46.61
C ALA I 79 6.31 -10.03 -45.99
N LYS I 80 5.24 -10.33 -46.71
CA LYS I 80 3.89 -10.00 -46.27
C LYS I 80 3.01 -11.24 -46.09
N ASN I 81 3.59 -12.44 -46.13
CA ASN I 81 2.84 -13.70 -46.01
C ASN I 81 1.76 -13.77 -47.10
N THR I 82 2.23 -13.74 -48.34
CA THR I 82 1.35 -13.72 -49.49
C THR I 82 1.74 -14.82 -50.46
N VAL I 83 0.74 -15.47 -51.04
CA VAL I 83 0.94 -16.48 -52.07
C VAL I 83 0.14 -16.06 -53.30
N TYR I 84 0.83 -15.89 -54.43
CA TYR I 84 0.21 -15.48 -55.68
C TYR I 84 0.16 -16.66 -56.63
N LEU I 85 -0.68 -16.51 -57.66
CA LEU I 85 -0.72 -17.44 -58.78
C LEU I 85 -0.88 -16.63 -60.06
N GLN I 86 0.18 -16.56 -60.86
CA GLN I 86 0.18 -15.77 -62.08
C GLN I 86 0.04 -16.71 -63.27
N MET I 87 -1.00 -16.50 -64.08
CA MET I 87 -1.26 -17.30 -65.26
C MET I 87 -1.78 -16.39 -66.36
N ASN I 88 -1.26 -16.55 -67.57
CA ASN I 88 -1.68 -15.80 -68.73
C ASN I 88 -2.03 -16.76 -69.87
N SER I 89 -2.55 -16.19 -70.95
CA SER I 89 -2.99 -16.97 -72.11
C SER I 89 -3.95 -18.08 -71.69
N LEU I 90 -4.91 -17.72 -70.85
CA LEU I 90 -5.77 -18.70 -70.20
C LEU I 90 -6.69 -19.39 -71.20
N LYS I 91 -7.28 -20.48 -70.76
CA LYS I 91 -8.14 -21.32 -71.58
C LYS I 91 -9.43 -21.59 -70.82
N PRO I 92 -10.50 -21.99 -71.53
CA PRO I 92 -11.75 -22.34 -70.84
C PRO I 92 -11.58 -23.45 -69.83
N GLU I 93 -10.55 -24.28 -70.01
CA GLU I 93 -10.25 -25.33 -69.05
C GLU I 93 -9.83 -24.79 -67.68
N ASP I 94 -9.63 -23.48 -67.56
CA ASP I 94 -9.25 -22.86 -66.29
C ASP I 94 -10.46 -22.38 -65.50
N THR I 95 -11.67 -22.61 -66.01
CA THR I 95 -12.89 -22.19 -65.33
C THR I 95 -13.18 -23.14 -64.17
N ALA I 96 -12.96 -22.66 -62.95
CA ALA I 96 -13.10 -23.50 -61.76
C ALA I 96 -13.07 -22.60 -60.53
N LEU I 97 -13.34 -23.21 -59.37
CA LEU I 97 -13.32 -22.51 -58.10
C LEU I 97 -11.97 -22.73 -57.42
N TYR I 98 -11.27 -21.63 -57.15
CA TYR I 98 -9.89 -21.68 -56.67
C TYR I 98 -9.85 -21.29 -55.20
N TYR I 99 -9.28 -22.15 -54.37
CA TYR I 99 -9.18 -21.94 -52.93
C TYR I 99 -7.71 -21.88 -52.51
N CYS I 100 -7.42 -21.01 -51.55
CA CYS I 100 -6.09 -20.94 -50.97
C CYS I 100 -5.85 -22.14 -50.06
N ALA I 101 -4.71 -22.80 -50.24
CA ALA I 101 -4.42 -24.03 -49.53
C ALA I 101 -3.09 -23.93 -48.81
N ALA I 102 -3.08 -24.34 -47.55
CA ALA I 102 -1.88 -24.35 -46.72
C ALA I 102 -1.86 -25.62 -45.89
N ALA I 103 -0.67 -26.20 -45.75
CA ALA I 103 -0.49 -27.43 -44.99
C ALA I 103 0.71 -27.31 -44.07
N TYR I 104 0.55 -27.74 -42.83
CA TYR I 104 1.64 -27.69 -41.85
C TYR I 104 2.61 -28.84 -42.11
N GLU I 105 3.55 -29.04 -41.19
CA GLU I 105 4.66 -29.95 -41.41
C GLU I 105 4.23 -31.41 -41.32
N GLY I 106 5.11 -32.29 -41.80
CA GLY I 106 4.91 -33.71 -41.77
C GLY I 106 4.31 -34.30 -43.03
N ASP I 107 3.69 -33.47 -43.85
CA ASP I 107 3.00 -33.95 -45.04
C ASP I 107 3.84 -33.73 -46.29
N THR I 108 3.71 -34.66 -47.24
CA THR I 108 4.32 -34.51 -48.55
C THR I 108 3.28 -34.61 -49.65
N SER I 109 2.12 -33.99 -49.46
CA SER I 109 1.06 -33.99 -50.45
C SER I 109 1.15 -32.73 -51.30
N PRO I 110 1.63 -32.84 -52.53
CA PRO I 110 1.75 -31.63 -53.38
C PRO I 110 0.39 -31.03 -53.72
N LEU I 111 -0.48 -31.82 -54.34
CA LEU I 111 -1.72 -31.33 -54.90
C LEU I 111 -2.95 -32.01 -54.33
N TYR I 112 -2.83 -32.70 -53.20
CA TYR I 112 -3.91 -33.51 -52.66
C TYR I 112 -4.46 -32.86 -51.40
N TYR I 113 -5.76 -32.58 -51.41
CA TYR I 113 -6.44 -31.96 -50.28
C TYR I 113 -6.66 -32.93 -49.13
N GLU I 114 -6.26 -34.19 -49.29
CA GLU I 114 -6.46 -35.18 -48.24
C GLU I 114 -5.78 -34.76 -46.95
N GLU I 115 -4.64 -34.08 -47.04
CA GLU I 115 -3.83 -33.76 -45.88
C GLU I 115 -3.50 -32.27 -45.84
N TYR I 116 -4.51 -31.43 -46.02
CA TYR I 116 -4.41 -30.01 -45.78
C TYR I 116 -5.42 -29.62 -44.70
N GLY I 117 -5.01 -28.71 -43.82
CA GLY I 117 -5.82 -28.41 -42.66
C GLY I 117 -6.42 -27.01 -42.63
N TYR I 118 -6.16 -26.20 -43.66
CA TYR I 118 -6.64 -24.84 -43.68
C TYR I 118 -6.97 -24.41 -45.10
N TRP I 119 -8.16 -23.82 -45.27
CA TRP I 119 -8.62 -23.33 -46.55
C TRP I 119 -9.21 -21.93 -46.40
N GLY I 120 -9.07 -21.14 -47.44
CA GLY I 120 -9.59 -19.78 -47.46
C GLY I 120 -10.99 -19.69 -48.00
N GLN I 121 -11.38 -18.47 -48.37
CA GLN I 121 -12.72 -18.23 -48.89
C GLN I 121 -12.95 -18.83 -50.27
N GLY I 122 -12.01 -18.64 -51.20
CA GLY I 122 -12.17 -19.14 -52.55
C GLY I 122 -12.72 -18.09 -53.49
N THR I 123 -12.07 -17.94 -54.65
CA THR I 123 -12.52 -16.99 -55.67
C THR I 123 -12.89 -17.74 -56.93
N GLN I 124 -14.06 -17.40 -57.48
CA GLN I 124 -14.53 -18.03 -58.70
C GLN I 124 -13.71 -17.53 -59.88
N VAL I 125 -13.21 -18.47 -60.68
CA VAL I 125 -12.47 -18.17 -61.90
C VAL I 125 -13.22 -18.77 -63.07
N THR I 126 -13.66 -17.91 -63.99
CA THR I 126 -14.38 -18.34 -65.18
C THR I 126 -13.64 -17.80 -66.40
N VAL I 127 -13.24 -18.70 -67.29
CA VAL I 127 -12.60 -18.33 -68.55
C VAL I 127 -13.47 -18.86 -69.69
N SER I 128 -13.83 -17.96 -70.60
CA SER I 128 -14.70 -18.31 -71.71
C SER I 128 -13.98 -18.11 -73.04
#